data_3FOK
#
_entry.id   3FOK
#
_cell.length_a   94.000
_cell.length_b   176.209
_cell.length_c   104.239
_cell.angle_alpha   90.00
_cell.angle_beta   101.94
_cell.angle_gamma   90.00
#
_symmetry.space_group_name_H-M   'P 1 21 1'
#
loop_
_entity.id
_entity.type
_entity.pdbx_description
1 polymer 'uncharacterized protein Cgl0159'
2 water water
#
_entity_poly.entity_id   1
_entity_poly.type   'polypeptide(L)'
_entity_poly.pdbx_seq_one_letter_code
;(MSE)TPPIISPESFEALRR(MSE)RAAEPT(MSE)VAERFKQRRKRELLGEDGKLFIVAADHPARGALAVGDNETA
(MSE)ANRYELLER(MSE)AIALSRPGVDGVLGTPDIIDDLAALGLLDDKIVVGS(MSE)NRGGLRGASFE(MSE)DDRY
TGYNVSS(MSE)VDRGVDFAKTLVRINLSDAGTAPTLEATAHAVNEAAAAQLPI(MSE)LEPF(MSE)SNWVNGKVVNDL
STDAVIQSVAIAAGLGNDSSYTW(MSE)KLPVVEE(MSE)ERV(MSE)ESTT(MSE)PTLLLGGEGGNDPDATFASWEHA
LTLPGVRGLTVGRTLLYPQDGDVAAAVDTAARLVHTDIQQFTSQSI
;
_entity_poly.pdbx_strand_id   A,B,C,D,E,F,G,H,I,J
#
# COMPACT_ATOMS: atom_id res chain seq x y z
N PRO A 3 25.74 -48.50 36.38
CA PRO A 3 25.58 -49.33 35.16
C PRO A 3 24.44 -48.76 34.32
N PRO A 4 24.70 -48.48 33.03
CA PRO A 4 23.69 -47.92 32.13
C PRO A 4 22.50 -48.84 31.90
N ILE A 5 21.32 -48.24 31.75
CA ILE A 5 20.11 -49.02 31.51
C ILE A 5 20.09 -49.48 30.06
N ILE A 6 20.68 -48.70 29.17
CA ILE A 6 20.71 -49.05 27.75
C ILE A 6 22.13 -49.35 27.28
N SER A 7 22.41 -50.61 27.00
CA SER A 7 23.72 -51.02 26.54
C SER A 7 23.96 -50.59 25.10
N PRO A 8 25.21 -50.30 24.74
CA PRO A 8 25.48 -49.88 23.36
C PRO A 8 24.98 -50.92 22.36
N GLU A 9 24.74 -52.14 22.84
CA GLU A 9 24.24 -53.20 21.99
C GLU A 9 22.76 -52.99 21.70
N SER A 10 22.03 -52.45 22.67
CA SER A 10 20.61 -52.18 22.47
C SER A 10 20.43 -51.01 21.51
N PHE A 11 21.35 -50.05 21.55
CA PHE A 11 21.29 -48.92 20.65
C PHE A 11 21.58 -49.34 19.23
N GLU A 12 22.48 -50.31 19.07
CA GLU A 12 22.79 -50.78 17.74
C GLU A 12 21.54 -51.43 17.16
N ALA A 13 20.80 -52.15 18.00
CA ALA A 13 19.58 -52.82 17.59
C ALA A 13 18.49 -51.79 17.23
N LEU A 14 18.39 -50.73 18.04
CA LEU A 14 17.40 -49.68 17.81
C LEU A 14 17.64 -48.99 16.47
N ARG A 15 18.86 -48.51 16.27
CA ARG A 15 19.22 -47.85 15.01
C ARG A 15 18.98 -48.83 13.88
N ARG A 16 19.50 -50.03 14.06
CA ARG A 16 19.39 -51.08 13.08
C ARG A 16 17.94 -51.48 12.83
N MSE A 17 17.09 -51.26 13.83
CA MSE A 17 15.68 -51.60 13.66
C MSE A 17 14.98 -50.58 12.76
O MSE A 17 14.36 -50.94 11.77
CB MSE A 17 14.97 -51.66 15.01
CG MSE A 17 13.57 -52.24 14.91
SE MSE A 17 12.48 -52.01 16.49
CE MSE A 17 13.37 -53.27 17.68
N ARG A 18 15.11 -49.31 13.13
CA ARG A 18 14.50 -48.22 12.37
C ARG A 18 14.88 -48.30 10.88
N ALA A 19 16.11 -48.73 10.63
CA ALA A 19 16.62 -48.83 9.27
C ALA A 19 15.99 -49.96 8.45
N ALA A 20 16.15 -51.19 8.92
CA ALA A 20 15.66 -52.35 8.19
C ALA A 20 14.33 -53.01 8.61
N GLU A 21 13.93 -52.87 9.88
CA GLU A 21 12.67 -53.46 10.33
C GLU A 21 11.80 -52.37 10.96
N PRO A 22 11.46 -51.33 10.19
CA PRO A 22 10.62 -50.24 10.71
C PRO A 22 9.26 -50.68 11.25
N THR A 23 8.71 -51.74 10.68
CA THR A 23 7.41 -52.23 11.12
C THR A 23 7.44 -52.69 12.57
N MSE A 24 8.62 -53.07 13.04
CA MSE A 24 8.75 -53.54 14.41
C MSE A 24 8.53 -52.45 15.45
O MSE A 24 8.17 -52.74 16.60
CB MSE A 24 10.11 -54.20 14.63
CG MSE A 24 10.27 -55.52 13.85
SE MSE A 24 8.71 -56.67 13.98
CE MSE A 24 8.13 -56.60 12.13
N VAL A 25 8.75 -51.19 15.08
CA VAL A 25 8.53 -50.11 16.03
C VAL A 25 7.06 -50.14 16.46
N ALA A 26 6.17 -50.12 15.48
CA ALA A 26 4.74 -50.14 15.77
C ALA A 26 4.32 -51.44 16.43
N GLU A 27 4.91 -52.56 15.99
CA GLU A 27 4.57 -53.85 16.56
C GLU A 27 4.94 -53.94 18.03
N ARG A 28 6.17 -53.54 18.37
CA ARG A 28 6.60 -53.57 19.77
C ARG A 28 5.78 -52.60 20.60
N PHE A 29 5.32 -51.54 19.95
CA PHE A 29 4.52 -50.52 20.62
C PHE A 29 3.18 -51.10 21.05
N LYS A 30 2.56 -51.88 20.17
CA LYS A 30 1.26 -52.46 20.44
C LYS A 30 1.29 -53.69 21.35
N GLN A 31 2.44 -54.36 21.42
CA GLN A 31 2.58 -55.53 22.28
C GLN A 31 2.89 -55.09 23.70
N ARG A 32 2.99 -53.78 23.86
CA ARG A 32 3.28 -53.13 25.13
C ARG A 32 2.23 -53.46 26.19
N ARG A 33 2.69 -53.74 27.41
CA ARG A 33 1.80 -54.03 28.52
C ARG A 33 1.20 -52.72 29.00
N LYS A 34 -0.12 -52.62 28.94
CA LYS A 34 -0.79 -51.40 29.38
C LYS A 34 -1.26 -51.45 30.82
N ARG A 35 -1.53 -50.28 31.38
CA ARG A 35 -1.99 -50.17 32.77
C ARG A 35 -3.09 -49.13 32.89
N GLU A 36 -3.75 -49.12 34.04
CA GLU A 36 -4.80 -48.14 34.29
C GLU A 36 -4.13 -46.78 34.38
N LEU A 37 -4.86 -45.74 34.04
CA LEU A 37 -4.32 -44.39 34.09
C LEU A 37 -3.91 -44.07 35.53
N LEU A 38 -4.88 -44.14 36.44
CA LEU A 38 -4.63 -43.85 37.84
C LEU A 38 -4.45 -45.10 38.67
N GLY A 39 -3.42 -45.09 39.51
CA GLY A 39 -3.15 -46.23 40.37
C GLY A 39 -4.06 -46.22 41.58
N GLU A 40 -3.70 -47.00 42.58
CA GLU A 40 -4.48 -47.10 43.80
C GLU A 40 -4.53 -45.79 44.60
N ASP A 41 -3.43 -45.03 44.60
CA ASP A 41 -3.40 -43.78 45.33
C ASP A 41 -3.91 -42.61 44.51
N GLY A 42 -4.36 -42.90 43.29
CA GLY A 42 -4.90 -41.87 42.41
C GLY A 42 -3.95 -40.78 41.98
N LYS A 43 -2.66 -40.95 42.25
CA LYS A 43 -1.67 -39.95 41.85
C LYS A 43 -0.93 -40.35 40.59
N LEU A 44 -0.32 -39.38 39.92
CA LEU A 44 0.40 -39.63 38.68
C LEU A 44 1.72 -38.85 38.65
N PHE A 45 2.78 -39.52 38.21
CA PHE A 45 4.10 -38.89 38.10
C PHE A 45 4.66 -39.23 36.73
N ILE A 46 4.80 -38.19 35.90
CA ILE A 46 5.28 -38.36 34.54
C ILE A 46 6.51 -37.51 34.23
N VAL A 47 7.50 -38.11 33.57
CA VAL A 47 8.71 -37.40 33.21
C VAL A 47 8.60 -36.90 31.77
N ALA A 48 8.84 -35.61 31.58
CA ALA A 48 8.72 -34.98 30.27
C ALA A 48 10.02 -34.77 29.50
N ALA A 49 9.95 -34.98 28.18
CA ALA A 49 11.10 -34.82 27.30
C ALA A 49 10.69 -34.45 25.89
N ASP A 50 9.72 -33.55 25.76
CA ASP A 50 9.26 -33.13 24.44
C ASP A 50 9.83 -31.76 24.03
N HIS A 51 10.83 -31.29 24.77
CA HIS A 51 11.45 -29.99 24.50
C HIS A 51 12.26 -29.89 23.21
N PRO A 52 13.13 -30.89 22.94
CA PRO A 52 13.95 -30.85 21.72
C PRO A 52 13.18 -30.51 20.45
N ALA A 53 12.08 -31.23 20.23
CA ALA A 53 11.24 -31.03 19.05
C ALA A 53 10.77 -29.59 18.88
N ARG A 54 10.82 -28.82 19.94
CA ARG A 54 10.38 -27.43 19.89
C ARG A 54 11.58 -26.50 19.73
N GLY A 55 12.76 -27.09 19.54
CA GLY A 55 13.98 -26.32 19.37
C GLY A 55 14.51 -25.77 20.67
N ALA A 56 14.22 -26.43 21.78
CA ALA A 56 14.69 -25.98 23.09
C ALA A 56 15.55 -27.04 23.78
N LEU A 57 16.86 -26.96 23.57
CA LEU A 57 17.79 -27.93 24.17
C LEU A 57 18.41 -27.47 25.49
N ALA A 58 18.14 -26.25 25.92
CA ALA A 58 18.76 -25.73 27.14
C ALA A 58 18.21 -26.18 28.50
N VAL A 59 19.07 -26.10 29.51
CA VAL A 59 18.75 -26.44 30.90
C VAL A 59 19.51 -25.46 31.81
N GLY A 60 20.70 -25.07 31.37
CA GLY A 60 21.56 -24.14 32.09
C GLY A 60 22.76 -24.10 31.16
N ASP A 61 22.75 -25.12 30.32
CA ASP A 61 23.73 -25.41 29.28
C ASP A 61 22.91 -25.28 27.99
N ASN A 62 23.22 -24.31 27.14
CA ASN A 62 22.48 -24.12 25.90
C ASN A 62 22.57 -25.33 24.97
N GLU A 63 23.59 -25.31 24.12
CA GLU A 63 23.81 -26.38 23.14
C GLU A 63 23.60 -27.76 23.73
N THR A 64 24.63 -28.29 24.41
CA THR A 64 24.52 -29.61 25.01
C THR A 64 23.24 -29.69 25.84
N ALA A 65 23.05 -30.81 26.53
CA ALA A 65 21.86 -31.02 27.33
C ALA A 65 20.71 -31.17 26.34
N MSE A 66 20.26 -32.41 26.18
CA MSE A 66 19.16 -32.74 25.27
C MSE A 66 19.62 -32.81 23.83
O MSE A 66 19.00 -33.49 23.01
CB MSE A 66 18.01 -31.73 25.43
CG MSE A 66 17.60 -31.54 26.89
SE MSE A 66 15.77 -30.95 27.18
CE MSE A 66 14.95 -32.68 27.42
N ALA A 67 20.72 -32.14 23.51
CA ALA A 67 21.26 -32.17 22.14
C ALA A 67 21.68 -33.59 21.80
N ASN A 68 22.24 -34.29 22.79
CA ASN A 68 22.67 -35.66 22.61
C ASN A 68 21.48 -36.56 22.90
N ARG A 69 20.87 -37.08 21.84
CA ARG A 69 19.70 -37.95 21.97
C ARG A 69 19.98 -39.26 22.69
N TYR A 70 21.19 -39.81 22.54
CA TYR A 70 21.53 -41.06 23.21
C TYR A 70 21.56 -40.87 24.72
N GLU A 71 22.10 -39.74 25.19
CA GLU A 71 22.14 -39.49 26.63
C GLU A 71 20.75 -39.17 27.12
N LEU A 72 19.96 -38.48 26.29
CA LEU A 72 18.60 -38.13 26.66
C LEU A 72 17.84 -39.42 26.94
N LEU A 73 17.99 -40.40 26.05
CA LEU A 73 17.32 -41.68 26.20
C LEU A 73 17.81 -42.41 27.44
N GLU A 74 19.11 -42.35 27.72
CA GLU A 74 19.66 -43.00 28.90
C GLU A 74 19.06 -42.39 30.16
N ARG A 75 19.11 -41.07 30.24
CA ARG A 75 18.56 -40.36 31.39
C ARG A 75 17.08 -40.70 31.56
N MSE A 76 16.40 -40.91 30.44
CA MSE A 76 14.98 -41.26 30.47
C MSE A 76 14.82 -42.68 30.99
O MSE A 76 13.97 -42.95 31.84
CB MSE A 76 14.38 -41.16 29.06
CG MSE A 76 13.33 -40.07 28.89
SE MSE A 76 11.82 -40.28 30.06
CE MSE A 76 12.58 -39.49 31.64
N ALA A 77 15.64 -43.59 30.48
CA ALA A 77 15.60 -44.99 30.89
C ALA A 77 15.80 -45.09 32.40
N ILE A 78 16.72 -44.30 32.94
CA ILE A 78 16.99 -44.30 34.36
C ILE A 78 15.74 -43.87 35.13
N ALA A 79 15.18 -42.74 34.73
CA ALA A 79 13.97 -42.21 35.36
C ALA A 79 12.86 -43.26 35.36
N LEU A 80 12.63 -43.88 34.21
CA LEU A 80 11.58 -44.89 34.07
C LEU A 80 11.83 -46.14 34.89
N SER A 81 13.08 -46.40 35.25
CA SER A 81 13.42 -47.59 36.02
C SER A 81 13.19 -47.40 37.51
N ARG A 82 13.15 -46.14 37.94
CA ARG A 82 12.95 -45.84 39.35
C ARG A 82 11.51 -46.09 39.76
N PRO A 83 11.29 -46.73 40.91
CA PRO A 83 9.91 -46.97 41.33
C PRO A 83 9.21 -45.63 41.56
N GLY A 84 7.92 -45.57 41.21
CA GLY A 84 7.19 -44.33 41.40
C GLY A 84 6.90 -43.57 40.13
N VAL A 85 7.68 -43.80 39.07
CA VAL A 85 7.45 -43.10 37.81
C VAL A 85 6.42 -43.86 36.97
N ASP A 86 5.25 -43.25 36.83
CA ASP A 86 4.15 -43.87 36.10
C ASP A 86 4.27 -43.78 34.58
N GLY A 87 4.99 -42.79 34.08
CA GLY A 87 5.09 -42.68 32.64
C GLY A 87 5.97 -41.57 32.10
N VAL A 88 5.88 -41.37 30.80
CA VAL A 88 6.68 -40.37 30.11
C VAL A 88 5.87 -39.57 29.08
N LEU A 89 6.28 -38.31 28.90
CA LEU A 89 5.64 -37.42 27.93
C LEU A 89 6.68 -37.11 26.86
N GLY A 90 6.34 -37.39 25.61
CA GLY A 90 7.28 -37.10 24.55
C GLY A 90 6.66 -37.00 23.18
N THR A 91 7.47 -36.54 22.24
CA THR A 91 7.05 -36.40 20.86
C THR A 91 7.18 -37.81 20.26
N PRO A 92 6.57 -38.06 19.09
CA PRO A 92 6.67 -39.42 18.51
C PRO A 92 8.06 -40.03 18.37
N ASP A 93 9.07 -39.23 18.03
CA ASP A 93 10.43 -39.77 17.86
C ASP A 93 11.04 -40.27 19.16
N ILE A 94 10.67 -39.65 20.28
CA ILE A 94 11.17 -40.03 21.59
C ILE A 94 10.45 -41.29 22.09
N ILE A 95 9.13 -41.31 21.92
CA ILE A 95 8.34 -42.45 22.36
C ILE A 95 8.65 -43.72 21.57
N ASP A 96 8.79 -43.60 20.25
CA ASP A 96 9.09 -44.77 19.44
C ASP A 96 10.40 -45.42 19.89
N ASP A 97 11.46 -44.63 20.09
CA ASP A 97 12.72 -45.21 20.54
C ASP A 97 12.49 -45.97 21.85
N LEU A 98 11.98 -45.27 22.86
CA LEU A 98 11.72 -45.91 24.15
C LEU A 98 10.85 -47.15 23.99
N ALA A 99 9.91 -47.11 23.05
CA ALA A 99 9.04 -48.26 22.83
C ALA A 99 9.83 -49.39 22.18
N ALA A 100 10.65 -49.03 21.19
CA ALA A 100 11.47 -50.00 20.49
C ALA A 100 12.43 -50.68 21.46
N LEU A 101 12.97 -49.90 22.39
CA LEU A 101 13.90 -50.42 23.40
C LEU A 101 13.18 -51.29 24.42
N GLY A 102 11.85 -51.29 24.35
CA GLY A 102 11.05 -52.07 25.28
C GLY A 102 11.01 -51.55 26.71
N LEU A 103 11.09 -50.24 26.88
CA LEU A 103 11.06 -49.64 28.21
C LEU A 103 9.71 -49.04 28.62
N LEU A 104 8.65 -49.34 27.86
CA LEU A 104 7.34 -48.77 28.16
C LEU A 104 6.24 -49.72 28.63
N ASP A 105 6.62 -50.85 29.23
CA ASP A 105 5.62 -51.79 29.73
C ASP A 105 5.10 -51.27 31.06
N ASP A 106 3.78 -51.27 31.24
CA ASP A 106 3.16 -50.80 32.47
C ASP A 106 3.45 -49.34 32.76
N LYS A 107 3.66 -48.56 31.71
CA LYS A 107 3.91 -47.14 31.89
C LYS A 107 2.85 -46.33 31.18
N ILE A 108 2.76 -45.06 31.55
CA ILE A 108 1.80 -44.15 30.95
C ILE A 108 2.52 -43.34 29.88
N VAL A 109 2.01 -43.39 28.66
CA VAL A 109 2.62 -42.63 27.58
C VAL A 109 1.79 -41.40 27.25
N VAL A 110 2.41 -40.24 27.33
CA VAL A 110 1.73 -38.98 27.03
C VAL A 110 2.37 -38.42 25.76
N GLY A 111 1.54 -38.13 24.77
CA GLY A 111 2.08 -37.60 23.53
C GLY A 111 1.85 -36.12 23.36
N SER A 112 2.94 -35.42 23.05
CA SER A 112 2.92 -33.98 22.81
C SER A 112 2.39 -33.75 21.39
N MSE A 113 1.39 -32.90 21.26
CA MSE A 113 0.78 -32.66 19.95
C MSE A 113 1.34 -31.50 19.13
O MSE A 113 1.54 -31.64 17.92
CB MSE A 113 -0.73 -32.45 20.12
CG MSE A 113 -1.43 -33.61 20.80
SE MSE A 113 -3.34 -33.32 20.95
CE MSE A 113 -3.88 -33.88 19.18
N ASN A 114 1.60 -30.35 19.77
CA ASN A 114 2.11 -29.20 19.04
C ASN A 114 3.48 -28.67 19.45
N ARG A 115 4.34 -28.51 18.44
CA ARG A 115 5.71 -28.03 18.63
C ARG A 115 6.06 -26.93 17.63
N GLY A 116 5.07 -26.48 16.87
CA GLY A 116 5.29 -25.45 15.87
C GLY A 116 5.91 -24.15 16.34
N GLY A 117 5.49 -23.68 17.51
CA GLY A 117 6.03 -22.44 18.05
C GLY A 117 7.44 -22.61 18.56
N LEU A 118 8.38 -22.74 17.62
CA LEU A 118 9.78 -22.95 17.95
C LEU A 118 10.38 -21.85 18.83
N ARG A 119 11.26 -22.25 19.73
CA ARG A 119 11.91 -21.30 20.62
C ARG A 119 12.72 -20.30 19.81
N GLY A 120 12.51 -19.01 20.09
CA GLY A 120 13.24 -17.96 19.40
C GLY A 120 12.69 -17.57 18.04
N ALA A 121 11.58 -18.16 17.64
CA ALA A 121 10.98 -17.85 16.34
C ALA A 121 10.11 -16.61 16.42
N SER A 122 10.06 -15.85 15.33
CA SER A 122 9.24 -14.66 15.30
C SER A 122 7.78 -15.12 15.32
N PHE A 123 7.59 -16.39 14.96
CA PHE A 123 6.27 -16.99 14.91
C PHE A 123 6.02 -18.00 16.02
N GLU A 124 6.72 -17.93 17.15
CA GLU A 124 6.48 -18.96 18.15
C GLU A 124 5.14 -18.89 18.91
N MSE A 125 4.35 -17.84 18.67
CA MSE A 125 3.05 -17.78 19.32
C MSE A 125 2.07 -18.57 18.45
O MSE A 125 0.99 -18.95 18.89
CB MSE A 125 2.57 -16.34 19.49
CG MSE A 125 3.31 -15.56 20.57
SE MSE A 125 3.62 -16.57 22.20
CE MSE A 125 1.77 -16.95 22.68
N ASP A 126 2.48 -18.81 17.20
CA ASP A 126 1.68 -19.56 16.24
C ASP A 126 2.14 -21.03 16.36
N ASP A 127 1.87 -21.60 17.52
CA ASP A 127 2.25 -22.97 17.88
C ASP A 127 1.44 -24.05 17.18
N ARG A 128 1.75 -24.29 15.91
CA ARG A 128 1.02 -25.29 15.11
C ARG A 128 1.19 -26.74 15.56
N TYR A 129 0.18 -27.56 15.23
CA TYR A 129 0.17 -28.97 15.58
C TYR A 129 1.01 -29.79 14.61
N THR A 130 2.22 -30.11 15.05
CA THR A 130 3.21 -30.82 14.27
C THR A 130 3.59 -32.23 14.73
N GLY A 131 3.07 -32.68 15.87
CA GLY A 131 3.44 -34.00 16.35
C GLY A 131 2.31 -35.02 16.36
N TYR A 132 2.04 -35.58 17.53
CA TYR A 132 0.99 -36.57 17.68
C TYR A 132 -0.37 -35.96 17.42
N ASN A 133 -1.29 -36.76 16.87
CA ASN A 133 -2.66 -36.32 16.68
C ASN A 133 -3.47 -37.47 17.29
N VAL A 134 -4.72 -37.19 17.64
CA VAL A 134 -5.55 -38.22 18.26
C VAL A 134 -5.58 -39.53 17.49
N SER A 135 -5.70 -39.44 16.17
CA SER A 135 -5.75 -40.63 15.34
C SER A 135 -4.60 -41.60 15.61
N SER A 136 -3.37 -41.09 15.55
CA SER A 136 -2.19 -41.93 15.76
C SER A 136 -2.05 -42.39 17.21
N MSE A 137 -2.52 -41.58 18.15
CA MSE A 137 -2.42 -41.94 19.56
C MSE A 137 -3.38 -43.09 19.85
O MSE A 137 -3.01 -44.06 20.52
CB MSE A 137 -2.74 -40.74 20.43
CG MSE A 137 -1.76 -39.60 20.26
SE MSE A 137 -1.89 -38.25 21.64
CE MSE A 137 -0.38 -38.78 22.66
N VAL A 138 -4.60 -42.98 19.36
CA VAL A 138 -5.59 -44.03 19.57
C VAL A 138 -5.08 -45.33 18.94
N ASP A 139 -4.58 -45.24 17.71
CA ASP A 139 -4.06 -46.40 17.00
C ASP A 139 -2.86 -47.05 17.70
N ARG A 140 -1.95 -46.22 18.19
CA ARG A 140 -0.74 -46.70 18.85
C ARG A 140 -0.96 -47.14 20.29
N GLY A 141 -1.96 -46.56 20.93
CA GLY A 141 -2.25 -46.92 22.31
C GLY A 141 -1.65 -45.98 23.33
N VAL A 142 -1.29 -44.75 22.93
CA VAL A 142 -0.74 -43.84 23.92
C VAL A 142 -1.93 -43.56 24.85
N ASP A 143 -1.65 -43.31 26.11
CA ASP A 143 -2.69 -43.09 27.10
C ASP A 143 -3.15 -41.67 27.36
N PHE A 144 -2.33 -40.71 26.99
CA PHE A 144 -2.61 -39.32 27.29
C PHE A 144 -2.14 -38.37 26.17
N ALA A 145 -2.84 -37.27 25.98
CA ALA A 145 -2.45 -36.28 24.98
C ALA A 145 -2.07 -35.00 25.73
N LYS A 146 -1.13 -34.23 25.18
CA LYS A 146 -0.71 -33.00 25.82
C LYS A 146 -0.52 -31.88 24.80
N THR A 147 -0.87 -30.67 25.20
CA THR A 147 -0.78 -29.49 24.35
C THR A 147 -0.18 -28.30 25.09
N LEU A 148 0.51 -27.43 24.35
CA LEU A 148 1.08 -26.23 24.94
C LEU A 148 0.18 -25.10 24.43
N VAL A 149 -0.45 -24.37 25.34
CA VAL A 149 -1.34 -23.28 24.94
C VAL A 149 -0.89 -21.95 25.52
N ARG A 150 0.06 -21.31 24.86
CA ARG A 150 0.53 -20.01 25.31
C ARG A 150 -0.35 -18.95 24.70
N ILE A 151 -0.88 -18.09 25.56
CA ILE A 151 -1.79 -17.04 25.14
C ILE A 151 -1.16 -15.65 25.20
N ASN A 152 -0.81 -15.11 24.03
CA ASN A 152 -0.20 -13.80 23.94
C ASN A 152 -1.20 -12.82 23.34
N LEU A 153 -1.79 -12.00 24.20
CA LEU A 153 -2.80 -11.03 23.80
C LEU A 153 -2.41 -10.04 22.69
N SER A 154 -1.13 -9.78 22.52
CA SER A 154 -0.72 -8.82 21.48
C SER A 154 -0.19 -9.50 20.22
N ASP A 155 -0.27 -10.82 20.17
CA ASP A 155 0.22 -11.56 19.01
C ASP A 155 -0.89 -12.36 18.31
N ALA A 156 -1.21 -11.97 17.09
CA ALA A 156 -2.25 -12.62 16.30
C ALA A 156 -2.08 -14.13 16.16
N GLY A 157 -0.84 -14.60 16.33
CA GLY A 157 -0.58 -16.03 16.22
C GLY A 157 -1.33 -16.84 17.26
N THR A 158 -1.70 -16.20 18.36
CA THR A 158 -2.44 -16.87 19.43
C THR A 158 -3.79 -17.35 18.93
N ALA A 159 -4.41 -16.55 18.07
CA ALA A 159 -5.73 -16.89 17.53
C ALA A 159 -5.79 -18.28 16.90
N PRO A 160 -4.99 -18.55 15.86
CA PRO A 160 -5.08 -19.90 15.31
C PRO A 160 -4.71 -21.01 16.29
N THR A 161 -3.89 -20.68 17.29
CA THR A 161 -3.50 -21.68 18.28
C THR A 161 -4.66 -22.03 19.20
N LEU A 162 -5.46 -21.04 19.55
CA LEU A 162 -6.62 -21.28 20.41
C LEU A 162 -7.59 -22.20 19.67
N GLU A 163 -7.83 -21.88 18.40
CA GLU A 163 -8.75 -22.68 17.59
C GLU A 163 -8.26 -24.10 17.36
N ALA A 164 -6.96 -24.25 17.08
CA ALA A 164 -6.39 -25.58 16.85
C ALA A 164 -6.43 -26.40 18.13
N THR A 165 -6.25 -25.74 19.27
CA THR A 165 -6.29 -26.44 20.56
C THR A 165 -7.71 -26.92 20.80
N ALA A 166 -8.69 -26.08 20.45
CA ALA A 166 -10.09 -26.44 20.63
C ALA A 166 -10.39 -27.69 19.81
N HIS A 167 -9.86 -27.73 18.59
CA HIS A 167 -10.08 -28.88 17.72
C HIS A 167 -9.44 -30.13 18.32
N ALA A 168 -8.25 -29.98 18.90
CA ALA A 168 -7.56 -31.10 19.50
C ALA A 168 -8.41 -31.69 20.63
N VAL A 169 -9.00 -30.82 21.44
CA VAL A 169 -9.84 -31.27 22.55
C VAL A 169 -11.08 -31.96 21.99
N ASN A 170 -11.65 -31.41 20.92
CA ASN A 170 -12.83 -32.01 20.29
C ASN A 170 -12.53 -33.47 20.01
N GLU A 171 -11.44 -33.71 19.30
CA GLU A 171 -11.01 -35.05 18.92
C GLU A 171 -10.64 -35.92 20.11
N ALA A 172 -9.89 -35.38 21.04
CA ALA A 172 -9.47 -36.15 22.21
C ALA A 172 -10.68 -36.59 23.03
N ALA A 173 -11.60 -35.67 23.28
CA ALA A 173 -12.80 -35.99 24.05
C ALA A 173 -13.65 -37.04 23.35
N ALA A 174 -13.86 -36.85 22.05
CA ALA A 174 -14.66 -37.80 21.27
C ALA A 174 -14.07 -39.19 21.28
N ALA A 175 -12.75 -39.29 21.45
CA ALA A 175 -12.09 -40.59 21.47
C ALA A 175 -11.88 -41.05 22.90
N GLN A 176 -12.37 -40.26 23.85
CA GLN A 176 -12.25 -40.58 25.27
C GLN A 176 -10.78 -40.72 25.66
N LEU A 177 -9.97 -39.85 25.09
CA LEU A 177 -8.54 -39.81 25.34
C LEU A 177 -8.23 -38.60 26.23
N PRO A 178 -7.74 -38.83 27.45
CA PRO A 178 -7.42 -37.71 28.33
C PRO A 178 -6.48 -36.73 27.63
N ILE A 179 -6.76 -35.44 27.76
CA ILE A 179 -5.93 -34.43 27.14
C ILE A 179 -5.50 -33.36 28.14
N MSE A 180 -4.18 -33.22 28.23
CA MSE A 180 -3.49 -32.31 29.14
C MSE A 180 -3.14 -30.98 28.46
O MSE A 180 -2.44 -30.95 27.46
CB MSE A 180 -2.20 -33.04 29.56
CG MSE A 180 -1.42 -32.52 30.73
SE MSE A 180 0.23 -33.57 30.77
CE MSE A 180 -0.48 -35.27 31.35
N LEU A 181 -3.66 -29.87 28.99
CA LEU A 181 -3.36 -28.56 28.40
C LEU A 181 -2.43 -27.77 29.32
N GLU A 182 -1.35 -27.24 28.76
CA GLU A 182 -0.39 -26.45 29.52
C GLU A 182 -0.60 -24.99 29.11
N PRO A 183 -1.40 -24.25 29.89
CA PRO A 183 -1.68 -22.84 29.58
C PRO A 183 -0.67 -21.86 30.19
N PHE A 184 -0.62 -20.68 29.59
CA PHE A 184 0.27 -19.60 30.02
C PHE A 184 -0.20 -18.32 29.37
N MSE A 185 0.04 -17.20 30.05
CA MSE A 185 -0.25 -15.90 29.48
C MSE A 185 1.18 -15.55 29.10
O MSE A 185 2.09 -15.73 29.92
CB MSE A 185 -0.78 -14.93 30.53
CG MSE A 185 -2.16 -15.26 31.08
SE MSE A 185 -3.60 -15.20 29.78
CE MSE A 185 -3.44 -16.98 29.11
N SER A 186 1.41 -15.08 27.88
CA SER A 186 2.77 -14.74 27.47
C SER A 186 2.84 -13.35 26.84
N ASN A 187 4.01 -12.73 26.96
CA ASN A 187 4.21 -11.40 26.39
C ASN A 187 5.54 -11.32 25.69
N TRP A 188 5.63 -10.38 24.75
CA TRP A 188 6.89 -10.16 24.04
C TRP A 188 7.62 -9.11 24.87
N VAL A 189 8.82 -9.46 25.32
CA VAL A 189 9.63 -8.55 26.13
C VAL A 189 11.05 -8.56 25.59
N ASN A 190 11.47 -7.45 24.99
CA ASN A 190 12.80 -7.34 24.43
C ASN A 190 13.00 -8.37 23.33
N GLY A 191 11.99 -8.55 22.49
CA GLY A 191 12.10 -9.49 21.39
C GLY A 191 12.05 -10.96 21.76
N LYS A 192 11.72 -11.26 23.02
CA LYS A 192 11.64 -12.66 23.46
C LYS A 192 10.31 -12.92 24.14
N VAL A 193 9.87 -14.17 24.12
CA VAL A 193 8.62 -14.54 24.74
C VAL A 193 8.85 -14.92 26.19
N VAL A 194 8.16 -14.24 27.11
CA VAL A 194 8.29 -14.55 28.53
C VAL A 194 6.92 -14.87 29.09
N ASN A 195 6.79 -16.01 29.75
CA ASN A 195 5.51 -16.40 30.34
C ASN A 195 5.30 -15.59 31.61
N ASP A 196 4.08 -15.11 31.81
CA ASP A 196 3.75 -14.33 33.00
C ASP A 196 3.39 -15.29 34.12
N LEU A 197 4.29 -15.45 35.08
CA LEU A 197 4.04 -16.38 36.18
C LEU A 197 3.35 -15.77 37.40
N SER A 198 2.77 -14.59 37.26
CA SER A 198 2.06 -13.99 38.39
C SER A 198 0.79 -14.78 38.62
N THR A 199 0.36 -14.86 39.87
CA THR A 199 -0.83 -15.60 40.25
C THR A 199 -2.06 -15.31 39.36
N ASP A 200 -2.38 -14.04 39.16
CA ASP A 200 -3.54 -13.69 38.36
C ASP A 200 -3.44 -14.08 36.89
N ALA A 201 -2.24 -14.07 36.33
CA ALA A 201 -2.06 -14.44 34.94
C ALA A 201 -2.33 -15.94 34.78
N VAL A 202 -1.80 -16.75 35.70
CA VAL A 202 -2.01 -18.19 35.65
C VAL A 202 -3.50 -18.49 35.74
N ILE A 203 -4.18 -17.79 36.64
CA ILE A 203 -5.61 -17.99 36.81
C ILE A 203 -6.37 -17.65 35.55
N GLN A 204 -6.01 -16.53 34.92
CA GLN A 204 -6.68 -16.12 33.70
C GLN A 204 -6.46 -17.12 32.56
N SER A 205 -5.26 -17.70 32.51
CA SER A 205 -4.94 -18.66 31.47
C SER A 205 -5.74 -19.94 31.65
N VAL A 206 -5.99 -20.32 32.89
CA VAL A 206 -6.76 -21.53 33.18
C VAL A 206 -8.22 -21.35 32.76
N ALA A 207 -8.78 -20.19 33.07
CA ALA A 207 -10.17 -19.90 32.73
C ALA A 207 -10.37 -19.96 31.21
N ILE A 208 -9.34 -19.55 30.47
CA ILE A 208 -9.41 -19.57 29.02
C ILE A 208 -9.23 -20.98 28.47
N ALA A 209 -8.18 -21.66 28.90
CA ALA A 209 -7.90 -23.01 28.43
C ALA A 209 -9.06 -23.97 28.73
N ALA A 210 -9.61 -23.89 29.94
CA ALA A 210 -10.70 -24.75 30.34
C ALA A 210 -11.89 -24.65 29.39
N GLY A 211 -12.08 -23.48 28.79
CA GLY A 211 -13.19 -23.29 27.88
C GLY A 211 -12.96 -23.74 26.44
N LEU A 212 -11.79 -24.29 26.15
CA LEU A 212 -11.47 -24.75 24.80
C LEU A 212 -11.96 -26.17 24.55
N GLY A 213 -12.67 -26.36 23.46
CA GLY A 213 -13.19 -27.68 23.14
C GLY A 213 -14.71 -27.70 23.24
N ASN A 214 -15.34 -28.68 22.62
CA ASN A 214 -16.80 -28.78 22.64
C ASN A 214 -17.26 -29.79 23.68
N ASP A 215 -16.31 -30.27 24.46
CA ASP A 215 -16.56 -31.24 25.51
C ASP A 215 -15.31 -31.19 26.39
N SER A 216 -15.43 -30.65 27.59
CA SER A 216 -14.27 -30.60 28.46
C SER A 216 -14.40 -31.55 29.64
N SER A 217 -14.63 -32.82 29.33
CA SER A 217 -14.79 -33.83 30.36
C SER A 217 -13.56 -34.74 30.40
N TYR A 218 -12.62 -34.51 29.50
CA TYR A 218 -11.41 -35.30 29.45
C TYR A 218 -10.18 -34.42 29.50
N THR A 219 -10.35 -33.16 29.85
CA THR A 219 -9.21 -32.27 29.87
C THR A 219 -8.61 -32.04 31.26
N TRP A 220 -7.28 -32.11 31.30
CA TRP A 220 -6.49 -31.92 32.51
C TRP A 220 -5.70 -30.62 32.33
N MSE A 221 -5.14 -30.15 33.43
CA MSE A 221 -4.34 -28.94 33.42
C MSE A 221 -2.92 -29.29 33.85
O MSE A 221 -2.72 -30.12 34.72
CB MSE A 221 -4.92 -27.89 34.37
CG MSE A 221 -6.26 -27.31 33.98
SE MSE A 221 -6.17 -26.04 32.53
CE MSE A 221 -6.96 -27.08 31.13
N LYS A 222 -1.95 -28.64 33.21
CA LYS A 222 -0.55 -28.83 33.54
C LYS A 222 -0.15 -27.40 33.88
N LEU A 223 -0.07 -27.12 35.18
CA LEU A 223 0.25 -25.77 35.63
C LEU A 223 1.59 -25.60 36.32
N PRO A 224 2.10 -24.36 36.36
CA PRO A 224 3.39 -24.05 36.99
C PRO A 224 3.14 -23.74 38.47
N VAL A 225 4.05 -24.18 39.34
CA VAL A 225 3.90 -23.89 40.76
C VAL A 225 4.24 -22.42 40.94
N VAL A 226 3.22 -21.63 41.26
CA VAL A 226 3.38 -20.20 41.41
C VAL A 226 2.97 -19.67 42.77
N GLU A 227 3.19 -18.38 42.98
CA GLU A 227 2.85 -17.70 44.22
C GLU A 227 1.34 -17.85 44.47
N GLU A 228 0.95 -18.04 45.74
CA GLU A 228 -0.47 -18.16 46.12
C GLU A 228 -1.27 -19.28 45.36
N MSE A 229 -0.75 -20.52 45.35
CA MSE A 229 -1.24 -21.71 44.63
C MSE A 229 -2.53 -22.40 45.01
O MSE A 229 -2.91 -23.43 44.41
CB MSE A 229 -0.21 -22.82 44.71
CG MSE A 229 0.80 -22.83 43.57
SE MSE A 229 0.02 -23.13 41.86
CE MSE A 229 0.23 -25.03 41.75
N GLU A 230 -3.21 -21.88 46.02
CA GLU A 230 -4.38 -22.56 46.53
C GLU A 230 -5.53 -21.72 46.07
N ARG A 231 -5.10 -20.59 45.53
CA ARG A 231 -5.94 -19.59 44.96
C ARG A 231 -5.96 -19.86 43.46
N VAL A 232 -4.87 -20.38 42.92
CA VAL A 232 -4.80 -20.71 41.51
C VAL A 232 -5.67 -21.94 41.34
N MSE A 233 -5.61 -22.84 42.32
CA MSE A 233 -6.39 -24.06 42.26
C MSE A 233 -7.89 -23.85 42.42
O MSE A 233 -8.68 -24.75 42.17
CB MSE A 233 -5.90 -25.06 43.31
CG MSE A 233 -4.55 -25.69 42.99
SE MSE A 233 -4.41 -26.32 41.16
CE MSE A 233 -3.06 -25.06 40.56
N GLU A 234 -8.28 -22.64 42.83
CA GLU A 234 -9.70 -22.34 42.97
C GLU A 234 -10.20 -21.91 41.60
N SER A 235 -9.32 -22.02 40.60
CA SER A 235 -9.63 -21.65 39.21
C SER A 235 -10.38 -22.73 38.45
N THR A 236 -10.08 -23.99 38.77
CA THR A 236 -10.75 -25.12 38.11
C THR A 236 -11.08 -26.27 39.02
N THR A 237 -11.87 -27.16 38.48
CA THR A 237 -12.33 -28.36 39.16
C THR A 237 -11.66 -29.52 38.46
N MSE A 238 -10.82 -29.19 37.47
CA MSE A 238 -10.14 -30.20 36.68
C MSE A 238 -8.88 -30.79 37.26
O MSE A 238 -8.13 -30.10 37.97
CB MSE A 238 -9.84 -29.63 35.29
CG MSE A 238 -11.09 -29.19 34.57
SE MSE A 238 -10.72 -28.25 32.95
CE MSE A 238 -12.37 -28.67 32.02
N PRO A 239 -8.61 -32.07 36.97
CA PRO A 239 -7.42 -32.75 37.47
C PRO A 239 -6.19 -31.98 36.99
N THR A 240 -5.29 -31.68 37.92
CA THR A 240 -4.10 -30.91 37.60
C THR A 240 -2.78 -31.61 37.91
N LEU A 241 -1.80 -31.37 37.05
CA LEU A 241 -0.47 -31.91 37.21
C LEU A 241 0.48 -30.73 37.22
N LEU A 242 1.49 -30.77 38.08
CA LEU A 242 2.43 -29.68 38.19
C LEU A 242 3.66 -29.87 37.32
N LEU A 243 4.22 -28.77 36.85
CA LEU A 243 5.40 -28.79 36.01
C LEU A 243 6.55 -28.08 36.72
N GLY A 244 7.78 -28.50 36.43
CA GLY A 244 8.94 -27.89 37.03
C GLY A 244 9.77 -27.24 35.94
N GLY A 245 9.52 -25.96 35.70
CA GLY A 245 10.22 -25.23 34.65
C GLY A 245 11.74 -25.15 34.70
N GLU A 246 12.22 -23.92 34.55
CA GLU A 246 13.64 -23.59 34.54
C GLU A 246 14.55 -24.41 35.46
N GLY A 247 14.35 -24.29 36.77
CA GLY A 247 15.17 -25.03 37.71
C GLY A 247 15.52 -24.30 38.99
N GLY A 248 16.31 -23.24 38.88
CA GLY A 248 16.70 -22.48 40.06
C GLY A 248 18.01 -22.94 40.65
N PRO A 251 16.92 -25.50 44.63
CA PRO A 251 16.74 -26.95 44.45
C PRO A 251 15.88 -27.57 45.54
N ASP A 252 16.30 -27.40 46.79
CA ASP A 252 15.52 -27.93 47.90
C ASP A 252 14.25 -27.12 47.98
N ALA A 253 14.39 -25.81 47.75
CA ALA A 253 13.25 -24.90 47.79
C ALA A 253 12.23 -25.32 46.74
N THR A 254 12.72 -25.75 45.58
CA THR A 254 11.85 -26.18 44.49
C THR A 254 11.00 -27.37 44.92
N PHE A 255 11.64 -28.40 45.46
CA PHE A 255 10.93 -29.59 45.90
C PHE A 255 9.90 -29.25 46.98
N ALA A 256 10.22 -28.27 47.82
CA ALA A 256 9.33 -27.85 48.90
C ALA A 256 8.06 -27.22 48.36
N SER A 257 8.18 -26.40 47.32
CA SER A 257 7.02 -25.76 46.73
C SER A 257 6.09 -26.78 46.10
N TRP A 258 6.68 -27.82 45.51
CA TRP A 258 5.89 -28.88 44.89
C TRP A 258 5.13 -29.63 45.97
N GLU A 259 5.85 -29.98 47.04
CA GLU A 259 5.27 -30.70 48.15
C GLU A 259 4.04 -29.99 48.70
N HIS A 260 4.11 -28.66 48.81
CA HIS A 260 2.97 -27.89 49.30
C HIS A 260 1.81 -27.90 48.31
N ALA A 261 2.10 -27.53 47.06
CA ALA A 261 1.08 -27.49 46.03
C ALA A 261 0.42 -28.85 45.84
N LEU A 262 1.22 -29.89 46.00
CA LEU A 262 0.76 -31.27 45.85
C LEU A 262 -0.38 -31.62 46.81
N THR A 263 -0.57 -30.81 47.85
CA THR A 263 -1.63 -31.05 48.83
C THR A 263 -2.93 -30.35 48.48
N LEU A 264 -2.86 -29.41 47.52
CA LEU A 264 -4.03 -28.64 47.11
C LEU A 264 -5.12 -29.45 46.42
N PRO A 265 -6.37 -29.00 46.54
CA PRO A 265 -7.54 -29.65 45.95
C PRO A 265 -7.44 -29.82 44.43
N GLY A 266 -7.60 -31.06 43.96
CA GLY A 266 -7.53 -31.29 42.53
C GLY A 266 -6.18 -31.65 41.96
N VAL A 267 -5.10 -31.33 42.68
CA VAL A 267 -3.77 -31.66 42.18
C VAL A 267 -3.58 -33.18 42.25
N ARG A 268 -3.23 -33.77 41.12
CA ARG A 268 -3.05 -35.21 41.01
C ARG A 268 -1.63 -35.70 40.83
N GLY A 269 -0.66 -34.79 40.77
CA GLY A 269 0.70 -35.22 40.61
C GLY A 269 1.65 -34.29 39.89
N LEU A 270 2.67 -34.88 39.28
CA LEU A 270 3.71 -34.14 38.57
C LEU A 270 3.95 -34.60 37.13
N THR A 271 4.40 -33.66 36.30
CA THR A 271 4.76 -33.90 34.91
C THR A 271 5.94 -32.95 34.72
N VAL A 272 7.09 -33.39 35.25
CA VAL A 272 8.32 -32.62 35.22
C VAL A 272 9.38 -33.19 34.28
N GLY A 273 10.17 -32.31 33.68
CA GLY A 273 11.21 -32.75 32.78
C GLY A 273 12.59 -32.18 33.04
N ARG A 274 12.83 -30.96 32.56
CA ARG A 274 14.12 -30.28 32.70
C ARG A 274 14.82 -30.50 34.05
N THR A 275 14.10 -30.33 35.15
CA THR A 275 14.67 -30.47 36.49
C THR A 275 15.06 -31.87 36.95
N LEU A 276 14.26 -32.88 36.60
CA LEU A 276 14.52 -34.25 37.00
C LEU A 276 15.60 -34.92 36.16
N LEU A 277 15.61 -34.61 34.86
CA LEU A 277 16.62 -35.13 33.94
C LEU A 277 17.56 -33.93 33.91
N TYR A 278 18.87 -34.15 33.87
CA TYR A 278 19.80 -33.01 33.84
C TYR A 278 19.68 -32.18 35.12
N PRO A 279 19.80 -32.81 36.30
CA PRO A 279 19.71 -31.99 37.51
C PRO A 279 20.93 -31.08 37.56
N GLN A 280 20.94 -30.12 38.48
CA GLN A 280 22.05 -29.19 38.62
C GLN A 280 23.36 -29.95 38.91
N ASP A 281 23.24 -31.09 39.57
CA ASP A 281 24.39 -31.93 39.89
C ASP A 281 24.33 -33.17 39.00
N GLY A 282 25.15 -34.16 39.32
CA GLY A 282 25.14 -35.36 38.51
C GLY A 282 24.46 -36.56 39.14
N ASP A 283 23.16 -36.47 39.40
CA ASP A 283 22.45 -37.61 39.98
C ASP A 283 20.96 -37.66 39.65
N VAL A 284 20.67 -38.21 38.47
CA VAL A 284 19.31 -38.34 37.97
C VAL A 284 18.47 -39.30 38.82
N ALA A 285 19.05 -40.44 39.17
CA ALA A 285 18.34 -41.43 39.98
C ALA A 285 17.88 -40.82 41.29
N ALA A 286 18.71 -39.96 41.87
CA ALA A 286 18.40 -39.32 43.14
C ALA A 286 17.29 -38.29 42.99
N ALA A 287 17.40 -37.43 41.99
CA ALA A 287 16.39 -36.40 41.77
C ALA A 287 15.02 -37.05 41.51
N VAL A 288 14.99 -38.06 40.65
CA VAL A 288 13.73 -38.74 40.33
C VAL A 288 13.09 -39.41 41.56
N ASP A 289 13.91 -39.96 42.46
CA ASP A 289 13.37 -40.62 43.65
C ASP A 289 12.71 -39.60 44.57
N THR A 290 13.37 -38.46 44.76
CA THR A 290 12.85 -37.40 45.60
C THR A 290 11.43 -37.08 45.12
N ALA A 291 11.33 -36.68 43.86
CA ALA A 291 10.07 -36.34 43.24
C ALA A 291 9.09 -37.50 43.37
N ALA A 292 9.57 -38.71 43.06
CA ALA A 292 8.75 -39.91 43.14
C ALA A 292 8.12 -40.09 44.52
N ARG A 293 8.96 -40.04 45.56
CA ARG A 293 8.50 -40.23 46.92
C ARG A 293 7.70 -39.03 47.44
N LEU A 294 7.56 -38.03 46.58
CA LEU A 294 6.81 -36.82 46.91
C LEU A 294 5.40 -37.00 46.37
N VAL A 295 5.29 -37.75 45.27
CA VAL A 295 4.02 -38.02 44.61
C VAL A 295 3.38 -39.29 45.17
N HIS A 296 4.14 -40.38 45.20
CA HIS A 296 3.63 -41.63 45.75
C HIS A 296 4.32 -41.86 47.09
N THR A 297 3.66 -41.38 48.14
CA THR A 297 4.20 -41.51 49.49
C THR A 297 4.27 -42.95 49.96
N ASP A 298 4.34 -43.88 49.01
CA ASP A 298 4.42 -45.31 49.30
C ASP A 298 3.55 -45.79 50.45
N ILE A 299 2.30 -45.34 50.50
CA ILE A 299 1.42 -45.77 51.58
C ILE A 299 0.88 -47.19 51.35
N PRO B 3 -26.50 -22.20 54.36
CA PRO B 3 -25.94 -23.45 53.79
C PRO B 3 -25.92 -23.37 52.27
N PRO B 4 -24.73 -23.51 51.66
CA PRO B 4 -24.57 -23.45 50.21
C PRO B 4 -25.25 -24.61 49.49
N ILE B 5 -25.77 -24.33 48.29
CA ILE B 5 -26.44 -25.37 47.51
C ILE B 5 -25.47 -26.52 47.27
N ILE B 6 -24.24 -26.18 46.93
CA ILE B 6 -23.21 -27.18 46.67
C ILE B 6 -22.32 -27.32 47.89
N SER B 7 -22.18 -28.55 48.37
CA SER B 7 -21.38 -28.82 49.55
C SER B 7 -19.93 -29.14 49.20
N PRO B 8 -19.05 -29.10 50.20
CA PRO B 8 -17.66 -29.42 49.88
C PRO B 8 -17.58 -30.87 49.39
N GLU B 9 -18.40 -31.74 49.97
CA GLU B 9 -18.43 -33.16 49.59
C GLU B 9 -18.76 -33.38 48.12
N SER B 10 -19.71 -32.63 47.58
CA SER B 10 -20.09 -32.79 46.18
C SER B 10 -18.98 -32.28 45.24
N PHE B 11 -18.28 -31.22 45.65
CA PHE B 11 -17.20 -30.68 44.83
C PHE B 11 -16.06 -31.69 44.77
N GLU B 12 -15.84 -32.39 45.88
CA GLU B 12 -14.78 -33.40 45.95
C GLU B 12 -15.22 -34.56 45.05
N ALA B 13 -16.51 -34.88 45.11
CA ALA B 13 -17.08 -35.94 44.29
C ALA B 13 -16.84 -35.56 42.84
N LEU B 14 -17.06 -34.30 42.51
CA LEU B 14 -16.87 -33.78 41.17
C LEU B 14 -15.42 -33.92 40.72
N ARG B 15 -14.49 -33.38 41.50
CA ARG B 15 -13.07 -33.46 41.17
C ARG B 15 -12.63 -34.88 40.90
N ARG B 16 -13.18 -35.82 41.68
CA ARG B 16 -12.82 -37.23 41.52
C ARG B 16 -13.46 -37.85 40.29
N MSE B 17 -14.65 -37.40 39.91
CA MSE B 17 -15.31 -37.95 38.73
C MSE B 17 -14.49 -37.57 37.51
O MSE B 17 -14.16 -38.42 36.69
CB MSE B 17 -16.72 -37.38 38.60
CG MSE B 17 -17.50 -37.96 37.43
SE MSE B 17 -19.27 -37.23 37.27
CE MSE B 17 -20.16 -38.28 38.62
N ARG B 18 -14.14 -36.30 37.40
CA ARG B 18 -13.35 -35.80 36.28
C ARG B 18 -12.02 -36.54 36.18
N ALA B 19 -11.47 -36.93 37.32
CA ALA B 19 -10.19 -37.62 37.34
C ALA B 19 -10.28 -39.11 37.03
N ALA B 20 -11.12 -39.84 37.73
CA ALA B 20 -11.23 -41.28 37.55
C ALA B 20 -12.45 -41.85 36.80
N GLU B 21 -13.51 -41.08 36.66
CA GLU B 21 -14.70 -41.55 35.95
C GLU B 21 -15.21 -40.52 34.96
N PRO B 22 -14.34 -40.03 34.08
CA PRO B 22 -14.74 -39.02 33.08
C PRO B 22 -15.98 -39.36 32.27
N THR B 23 -16.22 -40.65 32.04
CA THR B 23 -17.38 -41.09 31.27
C THR B 23 -18.68 -40.68 31.96
N MSE B 24 -18.65 -40.58 33.28
CA MSE B 24 -19.84 -40.21 34.04
C MSE B 24 -20.38 -38.82 33.74
O MSE B 24 -21.55 -38.55 33.98
CB MSE B 24 -19.58 -40.34 35.54
CG MSE B 24 -19.63 -41.76 36.09
SE MSE B 24 -21.27 -42.71 35.64
CE MSE B 24 -20.63 -43.74 34.14
N VAL B 25 -19.54 -37.95 33.20
CA VAL B 25 -19.99 -36.60 32.87
C VAL B 25 -21.02 -36.67 31.76
N ALA B 26 -20.66 -37.31 30.65
CA ALA B 26 -21.56 -37.45 29.52
C ALA B 26 -22.80 -38.26 29.88
N GLU B 27 -22.61 -39.31 30.68
CA GLU B 27 -23.73 -40.16 31.08
C GLU B 27 -24.76 -39.39 31.90
N ARG B 28 -24.30 -38.66 32.91
CA ARG B 28 -25.21 -37.87 33.74
C ARG B 28 -25.87 -36.78 32.91
N PHE B 29 -25.15 -36.32 31.90
CA PHE B 29 -25.65 -35.27 31.03
C PHE B 29 -26.85 -35.78 30.22
N LYS B 30 -26.74 -36.99 29.70
CA LYS B 30 -27.80 -37.57 28.90
C LYS B 30 -28.98 -38.11 29.69
N GLN B 31 -28.77 -38.42 30.97
CA GLN B 31 -29.84 -38.92 31.81
C GLN B 31 -30.66 -37.76 32.37
N ARG B 32 -30.22 -36.57 32.00
CA ARG B 32 -30.83 -35.31 32.39
C ARG B 32 -32.29 -35.23 31.95
N ARG B 33 -33.15 -34.72 32.84
CA ARG B 33 -34.56 -34.56 32.53
C ARG B 33 -34.71 -33.33 31.66
N LYS B 34 -35.23 -33.50 30.45
CA LYS B 34 -35.40 -32.38 29.54
C LYS B 34 -36.79 -31.77 29.62
N ARG B 35 -36.91 -30.54 29.10
CA ARG B 35 -38.18 -29.82 29.11
C ARG B 35 -38.37 -29.09 27.78
N GLU B 36 -39.58 -28.60 27.57
CA GLU B 36 -39.90 -27.86 26.36
C GLU B 36 -39.13 -26.54 26.45
N LEU B 37 -38.77 -25.99 25.29
CA LEU B 37 -38.03 -24.74 25.25
C LEU B 37 -38.85 -23.65 25.94
N LEU B 38 -40.05 -23.41 25.40
CA LEU B 38 -40.93 -22.38 25.95
C LEU B 38 -41.99 -22.97 26.86
N GLY B 39 -42.17 -22.33 28.01
CA GLY B 39 -43.17 -22.77 28.95
C GLY B 39 -44.55 -22.30 28.55
N GLU B 40 -45.49 -22.37 29.50
CA GLU B 40 -46.86 -21.96 29.24
C GLU B 40 -47.00 -20.46 28.94
N ASP B 41 -46.18 -19.63 29.59
CA ASP B 41 -46.26 -18.19 29.36
C ASP B 41 -45.38 -17.74 28.20
N GLY B 42 -44.74 -18.70 27.55
CA GLY B 42 -43.89 -18.41 26.40
C GLY B 42 -42.68 -17.54 26.65
N LYS B 43 -42.34 -17.32 27.92
CA LYS B 43 -41.19 -16.50 28.26
C LYS B 43 -40.00 -17.37 28.66
N LEU B 44 -38.81 -16.78 28.59
CA LEU B 44 -37.58 -17.51 28.93
C LEU B 44 -36.63 -16.64 29.76
N PHE B 45 -36.06 -17.23 30.80
CA PHE B 45 -35.11 -16.54 31.67
C PHE B 45 -33.89 -17.43 31.84
N ILE B 46 -32.76 -16.97 31.31
CA ILE B 46 -31.52 -17.73 31.35
C ILE B 46 -30.37 -16.96 31.99
N VAL B 47 -29.62 -17.62 32.86
CA VAL B 47 -28.49 -16.99 33.53
C VAL B 47 -27.21 -17.35 32.77
N ALA B 48 -26.43 -16.33 32.43
CA ALA B 48 -25.20 -16.51 31.66
C ALA B 48 -23.90 -16.52 32.46
N ALA B 49 -22.98 -17.38 32.06
CA ALA B 49 -21.69 -17.50 32.72
C ALA B 49 -20.61 -18.00 31.77
N ASP B 50 -20.60 -17.50 30.53
CA ASP B 50 -19.60 -17.93 29.56
C ASP B 50 -18.48 -16.89 29.39
N HIS B 51 -18.41 -15.94 30.31
CA HIS B 51 -17.40 -14.88 30.25
C HIS B 51 -15.95 -15.32 30.51
N PRO B 52 -15.73 -16.14 31.55
CA PRO B 52 -14.37 -16.58 31.87
C PRO B 52 -13.59 -17.12 30.66
N ALA B 53 -14.21 -18.03 29.92
CA ALA B 53 -13.58 -18.64 28.75
C ALA B 53 -13.10 -17.61 27.72
N ARG B 54 -13.62 -16.40 27.81
CA ARG B 54 -13.23 -15.35 26.87
C ARG B 54 -12.18 -14.44 27.50
N GLY B 55 -11.72 -14.82 28.68
CA GLY B 55 -10.71 -14.05 29.38
C GLY B 55 -11.27 -12.81 30.05
N ALA B 56 -12.54 -12.83 30.39
CA ALA B 56 -13.19 -11.69 31.04
C ALA B 56 -13.75 -12.05 32.41
N LEU B 57 -12.94 -11.86 33.46
CA LEU B 57 -13.37 -12.17 34.82
C LEU B 57 -13.93 -10.99 35.60
N ALA B 58 -13.92 -9.80 35.02
CA ALA B 58 -14.40 -8.61 35.75
C ALA B 58 -15.90 -8.38 35.88
N VAL B 59 -16.27 -7.62 36.90
CA VAL B 59 -17.65 -7.23 37.20
C VAL B 59 -17.63 -5.81 37.76
N GLY B 60 -16.58 -5.49 38.50
CA GLY B 60 -16.38 -4.18 39.11
C GLY B 60 -15.07 -4.42 39.84
N ASP B 61 -14.81 -5.71 39.96
CA ASP B 61 -13.64 -6.31 40.59
C ASP B 61 -12.96 -7.04 39.42
N ASN B 62 -11.76 -6.60 39.05
CA ASN B 62 -11.04 -7.24 37.95
C ASN B 62 -10.74 -8.71 38.19
N GLU B 63 -9.58 -8.96 38.80
CA GLU B 63 -9.13 -10.31 39.10
C GLU B 63 -10.23 -11.20 39.65
N THR B 64 -10.50 -11.09 40.95
CA THR B 64 -11.55 -11.89 41.57
C THR B 64 -12.83 -11.77 40.75
N ALA B 65 -13.91 -12.37 41.25
CA ALA B 65 -15.18 -12.34 40.55
C ALA B 65 -15.00 -13.20 39.30
N MSE B 66 -15.57 -14.39 39.34
CA MSE B 66 -15.49 -15.34 38.23
C MSE B 66 -14.15 -16.08 38.20
O MSE B 66 -14.06 -17.18 37.66
CB MSE B 66 -15.75 -14.63 36.90
CG MSE B 66 -17.03 -13.79 36.93
SE MSE B 66 -17.89 -13.50 35.22
CE MSE B 66 -19.13 -14.97 35.24
N ALA B 67 -13.12 -15.48 38.79
CA ALA B 67 -11.81 -16.11 38.83
C ALA B 67 -11.90 -17.40 39.65
N ASN B 68 -12.70 -17.36 40.71
CA ASN B 68 -12.89 -18.53 41.56
C ASN B 68 -14.03 -19.35 40.98
N ARG B 69 -13.68 -20.45 40.31
CA ARG B 69 -14.67 -21.32 39.68
C ARG B 69 -15.63 -21.97 40.67
N TYR B 70 -15.16 -22.28 41.87
CA TYR B 70 -16.03 -22.91 42.86
C TYR B 70 -17.14 -21.97 43.30
N GLU B 71 -16.81 -20.69 43.47
CA GLU B 71 -17.82 -19.72 43.86
C GLU B 71 -18.74 -19.45 42.69
N LEU B 72 -18.18 -19.45 41.49
CA LEU B 72 -18.98 -19.21 40.29
C LEU B 72 -20.06 -20.28 40.23
N LEU B 73 -19.66 -21.54 40.44
CA LEU B 73 -20.60 -22.65 40.42
C LEU B 73 -21.66 -22.51 41.52
N GLU B 74 -21.24 -22.07 42.70
CA GLU B 74 -22.18 -21.90 43.82
C GLU B 74 -23.21 -20.85 43.47
N ARG B 75 -22.74 -19.70 42.99
CA ARG B 75 -23.61 -18.60 42.62
C ARG B 75 -24.57 -19.07 41.53
N MSE B 76 -24.09 -19.95 40.65
CA MSE B 76 -24.91 -20.48 39.57
C MSE B 76 -25.97 -21.43 40.16
O MSE B 76 -27.13 -21.37 39.79
CB MSE B 76 -24.04 -21.26 38.58
CG MSE B 76 -23.97 -20.63 37.19
SE MSE B 76 -25.71 -20.48 36.34
CE MSE B 76 -26.27 -18.84 37.18
N ALA B 77 -25.53 -22.30 41.06
CA ALA B 77 -26.43 -23.26 41.71
C ALA B 77 -27.58 -22.53 42.39
N ILE B 78 -27.25 -21.42 43.05
CA ILE B 78 -28.26 -20.62 43.73
C ILE B 78 -29.27 -20.09 42.73
N ALA B 79 -28.77 -19.46 41.67
CA ALA B 79 -29.63 -18.91 40.63
C ALA B 79 -30.57 -19.98 40.07
N LEU B 80 -30.00 -21.15 39.75
CA LEU B 80 -30.79 -22.25 39.19
C LEU B 80 -31.83 -22.82 40.15
N SER B 81 -31.61 -22.63 41.45
CA SER B 81 -32.54 -23.16 42.45
C SER B 81 -33.75 -22.24 42.64
N ARG B 82 -33.61 -20.98 42.26
CA ARG B 82 -34.71 -20.03 42.41
C ARG B 82 -35.79 -20.29 41.38
N PRO B 83 -37.06 -20.25 41.81
CA PRO B 83 -38.14 -20.49 40.85
C PRO B 83 -38.12 -19.38 39.80
N GLY B 84 -38.42 -19.74 38.55
CA GLY B 84 -38.42 -18.76 37.50
C GLY B 84 -37.24 -18.84 36.55
N VAL B 85 -36.13 -19.45 36.98
CA VAL B 85 -34.97 -19.57 36.11
C VAL B 85 -35.08 -20.82 35.24
N ASP B 86 -35.28 -20.61 33.95
CA ASP B 86 -35.45 -21.70 33.00
C ASP B 86 -34.17 -22.41 32.59
N GLY B 87 -33.04 -21.71 32.66
CA GLY B 87 -31.80 -22.36 32.26
C GLY B 87 -30.54 -21.56 32.42
N VAL B 88 -29.47 -22.08 31.84
CA VAL B 88 -28.16 -21.46 31.94
C VAL B 88 -27.40 -21.47 30.60
N LEU B 89 -26.57 -20.46 30.40
CA LEU B 89 -25.75 -20.34 29.20
C LEU B 89 -24.31 -20.45 29.64
N GLY B 90 -23.57 -21.39 29.06
CA GLY B 90 -22.19 -21.54 29.44
C GLY B 90 -21.35 -22.27 28.42
N THR B 91 -20.05 -22.24 28.65
CA THR B 91 -19.10 -22.93 27.78
C THR B 91 -19.13 -24.39 28.25
N PRO B 92 -18.58 -25.32 27.46
CA PRO B 92 -18.60 -26.72 27.88
C PRO B 92 -18.09 -27.04 29.29
N ASP B 93 -17.06 -26.33 29.74
CA ASP B 93 -16.51 -26.59 31.07
C ASP B 93 -17.49 -26.26 32.18
N ILE B 94 -18.23 -25.17 32.00
CA ILE B 94 -19.22 -24.74 32.98
C ILE B 94 -20.42 -25.67 33.05
N ILE B 95 -20.99 -25.99 31.89
CA ILE B 95 -22.15 -26.86 31.83
C ILE B 95 -21.80 -28.26 32.31
N ASP B 96 -20.64 -28.77 31.90
CA ASP B 96 -20.21 -30.09 32.33
C ASP B 96 -20.22 -30.21 33.85
N ASP B 97 -19.66 -29.23 34.54
CA ASP B 97 -19.64 -29.27 35.99
C ASP B 97 -21.06 -29.28 36.55
N LEU B 98 -21.90 -28.36 36.08
CA LEU B 98 -23.28 -28.30 36.55
C LEU B 98 -23.96 -29.63 36.30
N ALA B 99 -23.74 -30.17 35.11
CA ALA B 99 -24.32 -31.44 34.72
C ALA B 99 -23.91 -32.52 35.72
N ALA B 100 -22.61 -32.66 35.95
CA ALA B 100 -22.09 -33.66 36.88
C ALA B 100 -22.68 -33.45 38.28
N LEU B 101 -22.80 -32.20 38.69
CA LEU B 101 -23.34 -31.85 39.99
C LEU B 101 -24.83 -32.21 40.12
N GLY B 102 -25.46 -32.53 38.99
CA GLY B 102 -26.87 -32.88 38.99
C GLY B 102 -27.81 -31.69 39.12
N LEU B 103 -27.37 -30.54 38.62
CA LEU B 103 -28.15 -29.31 38.72
C LEU B 103 -28.90 -28.87 37.46
N LEU B 104 -28.85 -29.68 36.39
CA LEU B 104 -29.50 -29.30 35.15
C LEU B 104 -30.78 -30.05 34.76
N ASP B 105 -31.47 -30.64 35.73
CA ASP B 105 -32.71 -31.34 35.43
C ASP B 105 -33.83 -30.33 35.23
N ASP B 106 -34.64 -30.55 34.21
CA ASP B 106 -35.76 -29.67 33.89
C ASP B 106 -35.26 -28.25 33.61
N LYS B 107 -34.08 -28.17 33.01
CA LYS B 107 -33.47 -26.89 32.67
C LYS B 107 -33.11 -26.81 31.19
N ILE B 108 -33.01 -25.58 30.72
CA ILE B 108 -32.65 -25.32 29.33
C ILE B 108 -31.16 -25.00 29.29
N VAL B 109 -30.41 -25.76 28.49
CA VAL B 109 -28.98 -25.53 28.40
C VAL B 109 -28.64 -24.84 27.08
N VAL B 110 -27.90 -23.74 27.19
CA VAL B 110 -27.48 -22.94 26.06
C VAL B 110 -25.95 -23.01 26.04
N GLY B 111 -25.36 -23.35 24.89
CA GLY B 111 -23.91 -23.45 24.83
C GLY B 111 -23.22 -22.36 24.05
N SER B 112 -22.22 -21.75 24.67
CA SER B 112 -21.46 -20.69 24.01
C SER B 112 -20.59 -21.33 22.95
N MSE B 113 -20.65 -20.78 21.74
CA MSE B 113 -19.89 -21.33 20.63
C MSE B 113 -18.52 -20.69 20.40
O MSE B 113 -17.52 -21.39 20.28
CB MSE B 113 -20.72 -21.25 19.34
CG MSE B 113 -21.96 -22.11 19.35
SE MSE B 113 -22.85 -22.12 17.62
CE MSE B 113 -21.77 -23.48 16.76
N ASN B 114 -18.45 -19.37 20.34
CA ASN B 114 -17.16 -18.73 20.12
C ASN B 114 -16.63 -17.87 21.26
N ARG B 115 -15.37 -18.10 21.61
CA ARG B 115 -14.68 -17.37 22.68
C ARG B 115 -13.28 -16.92 22.26
N GLY B 116 -12.97 -17.10 20.98
CA GLY B 116 -11.66 -16.73 20.46
C GLY B 116 -11.24 -15.29 20.64
N GLY B 117 -12.18 -14.36 20.48
CA GLY B 117 -11.86 -12.95 20.63
C GLY B 117 -11.67 -12.56 22.09
N LEU B 118 -10.55 -13.01 22.65
CA LEU B 118 -10.23 -12.75 24.05
C LEU B 118 -10.22 -11.28 24.42
N ARG B 119 -10.67 -10.98 25.63
CA ARG B 119 -10.70 -9.61 26.12
C ARG B 119 -9.29 -9.03 26.18
N GLY B 120 -9.11 -7.86 25.58
CA GLY B 120 -7.80 -7.22 25.60
C GLY B 120 -6.83 -7.69 24.54
N ALA B 121 -7.26 -8.60 23.67
CA ALA B 121 -6.38 -9.12 22.62
C ALA B 121 -6.36 -8.19 21.40
N SER B 122 -5.22 -8.13 20.73
CA SER B 122 -5.12 -7.30 19.54
C SER B 122 -6.00 -7.94 18.47
N PHE B 123 -6.31 -9.22 18.68
CA PHE B 123 -7.12 -9.98 17.75
C PHE B 123 -8.51 -10.30 18.26
N GLU B 124 -9.04 -9.53 19.22
CA GLU B 124 -10.37 -9.90 19.71
C GLU B 124 -11.55 -9.68 18.77
N MSE B 125 -11.33 -9.08 17.61
CA MSE B 125 -12.43 -8.92 16.66
C MSE B 125 -12.50 -10.21 15.84
O MSE B 125 -13.51 -10.49 15.19
CB MSE B 125 -12.22 -7.71 15.75
CG MSE B 125 -12.42 -6.36 16.44
SE MSE B 125 -14.00 -6.31 17.59
CE MSE B 125 -15.36 -6.71 16.30
N ASP B 126 -11.42 -10.98 15.89
CA ASP B 126 -11.32 -12.26 15.19
C ASP B 126 -11.78 -13.33 16.18
N ASP B 127 -13.06 -13.26 16.54
CA ASP B 127 -13.71 -14.15 17.50
C ASP B 127 -13.95 -15.57 16.99
N ARG B 128 -12.90 -16.38 16.95
CA ARG B 128 -12.99 -17.74 16.46
C ARG B 128 -13.84 -18.69 17.29
N TYR B 129 -14.36 -19.73 16.63
CA TYR B 129 -15.20 -20.73 17.28
C TYR B 129 -14.36 -21.77 18.00
N THR B 130 -14.28 -21.59 19.32
CA THR B 130 -13.49 -22.42 20.21
C THR B 130 -14.22 -23.28 21.23
N GLY B 131 -15.55 -23.14 21.31
CA GLY B 131 -16.29 -23.93 22.29
C GLY B 131 -17.19 -24.99 21.71
N TYR B 132 -18.47 -24.91 22.07
CA TYR B 132 -19.47 -25.85 21.57
C TYR B 132 -19.67 -25.71 20.08
N ASN B 133 -19.97 -26.82 19.42
CA ASN B 133 -20.29 -26.80 18.00
C ASN B 133 -21.59 -27.57 17.94
N VAL B 134 -22.34 -27.41 16.85
CA VAL B 134 -23.63 -28.09 16.73
C VAL B 134 -23.56 -29.59 16.97
N SER B 135 -22.54 -30.23 16.41
CA SER B 135 -22.37 -31.67 16.56
C SER B 135 -22.41 -32.12 18.01
N SER B 136 -21.59 -31.50 18.86
CA SER B 136 -21.54 -31.89 20.27
C SER B 136 -22.80 -31.49 21.03
N MSE B 137 -23.46 -30.41 20.61
CA MSE B 137 -24.67 -29.96 21.28
C MSE B 137 -25.81 -30.93 20.99
O MSE B 137 -26.54 -31.33 21.89
CB MSE B 137 -25.04 -28.55 20.83
CG MSE B 137 -23.99 -27.52 21.19
SE MSE B 137 -24.59 -25.70 21.00
CE MSE B 137 -24.93 -25.34 22.83
N VAL B 138 -25.93 -31.33 19.73
CA VAL B 138 -26.97 -32.28 19.34
C VAL B 138 -26.75 -33.59 20.09
N ASP B 139 -25.51 -34.06 20.10
CA ASP B 139 -25.16 -35.30 20.77
C ASP B 139 -25.40 -35.27 22.27
N ARG B 140 -25.06 -34.16 22.90
CA ARG B 140 -25.20 -33.99 24.34
C ARG B 140 -26.62 -33.67 24.78
N GLY B 141 -27.37 -33.02 23.90
CA GLY B 141 -28.73 -32.65 24.23
C GLY B 141 -28.89 -31.23 24.71
N VAL B 142 -27.93 -30.34 24.42
CA VAL B 142 -28.09 -28.97 24.85
C VAL B 142 -29.26 -28.46 24.02
N ASP B 143 -30.04 -27.55 24.58
CA ASP B 143 -31.23 -27.05 23.90
C ASP B 143 -31.09 -25.80 23.04
N PHE B 144 -30.02 -25.04 23.26
CA PHE B 144 -29.85 -23.78 22.58
C PHE B 144 -28.38 -23.48 22.28
N ALA B 145 -28.12 -22.78 21.17
CA ALA B 145 -26.75 -22.42 20.81
C ALA B 145 -26.66 -20.89 20.89
N LYS B 146 -25.48 -20.37 21.23
CA LYS B 146 -25.32 -18.92 21.32
C LYS B 146 -23.98 -18.48 20.74
N THR B 147 -23.99 -17.32 20.09
CA THR B 147 -22.80 -16.76 19.46
C THR B 147 -22.64 -15.28 19.74
N LEU B 148 -21.39 -14.83 19.77
CA LEU B 148 -21.12 -13.40 19.99
C LEU B 148 -20.70 -12.90 18.61
N VAL B 149 -21.41 -11.92 18.08
CA VAL B 149 -21.08 -11.38 16.77
C VAL B 149 -20.82 -9.89 16.82
N ARG B 150 -19.59 -9.52 17.19
CA ARG B 150 -19.22 -8.13 17.26
C ARG B 150 -18.74 -7.72 15.88
N ILE B 151 -19.31 -6.64 15.36
CA ILE B 151 -19.00 -6.15 14.03
C ILE B 151 -18.21 -4.84 14.07
N ASN B 152 -16.90 -4.93 13.80
CA ASN B 152 -16.03 -3.77 13.79
C ASN B 152 -15.63 -3.44 12.36
N LEU B 153 -16.27 -2.41 11.81
CA LEU B 153 -16.03 -2.00 10.44
C LEU B 153 -14.60 -1.68 10.04
N SER B 154 -13.75 -1.31 11.00
CA SER B 154 -12.38 -0.98 10.65
C SER B 154 -11.39 -2.11 10.96
N ASP B 155 -11.90 -3.27 11.38
CA ASP B 155 -11.05 -4.39 11.72
C ASP B 155 -11.32 -5.62 10.85
N ALA B 156 -10.35 -5.99 10.03
CA ALA B 156 -10.47 -7.14 9.13
C ALA B 156 -10.88 -8.43 9.82
N GLY B 157 -10.61 -8.52 11.12
CA GLY B 157 -10.97 -9.72 11.86
C GLY B 157 -12.47 -9.99 11.85
N THR B 158 -13.26 -8.95 11.63
CA THR B 158 -14.71 -9.10 11.60
C THR B 158 -15.12 -10.01 10.45
N ALA B 159 -14.43 -9.89 9.33
CA ALA B 159 -14.73 -10.68 8.15
C ALA B 159 -14.83 -12.18 8.43
N PRO B 160 -13.73 -12.80 8.90
CA PRO B 160 -13.86 -14.24 9.16
C PRO B 160 -14.90 -14.59 10.23
N THR B 161 -15.21 -13.65 11.12
CA THR B 161 -16.18 -13.91 12.17
C THR B 161 -17.60 -13.92 11.58
N LEU B 162 -17.85 -13.04 10.61
CA LEU B 162 -19.16 -13.01 9.98
C LEU B 162 -19.40 -14.33 9.26
N GLU B 163 -18.39 -14.78 8.53
CA GLU B 163 -18.49 -16.02 7.77
C GLU B 163 -18.63 -17.25 8.68
N ALA B 164 -17.87 -17.27 9.77
CA ALA B 164 -17.94 -18.41 10.69
C ALA B 164 -19.29 -18.44 11.38
N THR B 165 -19.86 -17.26 11.65
CA THR B 165 -21.16 -17.18 12.28
C THR B 165 -22.22 -17.70 11.32
N ALA B 166 -22.06 -17.37 10.04
CA ALA B 166 -23.00 -17.83 9.03
C ALA B 166 -22.98 -19.35 8.98
N HIS B 167 -21.78 -19.93 9.07
CA HIS B 167 -21.65 -21.38 9.04
C HIS B 167 -22.31 -21.99 10.27
N ALA B 168 -22.16 -21.34 11.42
CA ALA B 168 -22.76 -21.85 12.65
C ALA B 168 -24.27 -21.91 12.50
N VAL B 169 -24.86 -20.87 11.91
CA VAL B 169 -26.30 -20.82 11.71
C VAL B 169 -26.71 -21.90 10.72
N ASN B 170 -25.91 -22.10 9.67
CA ASN B 170 -26.20 -23.14 8.68
C ASN B 170 -26.41 -24.45 9.41
N GLU B 171 -25.42 -24.82 10.22
CA GLU B 171 -25.46 -26.06 10.98
C GLU B 171 -26.56 -26.12 12.01
N ALA B 172 -26.74 -25.03 12.77
CA ALA B 172 -27.78 -25.00 13.80
C ALA B 172 -29.16 -25.17 13.17
N ALA B 173 -29.43 -24.43 12.11
CA ALA B 173 -30.72 -24.50 11.44
C ALA B 173 -30.98 -25.90 10.89
N ALA B 174 -29.98 -26.46 10.21
CA ALA B 174 -30.10 -27.79 9.63
C ALA B 174 -30.39 -28.85 10.69
N ALA B 175 -29.94 -28.60 11.92
CA ALA B 175 -30.15 -29.55 13.01
C ALA B 175 -31.38 -29.16 13.82
N GLN B 176 -32.05 -28.10 13.39
CA GLN B 176 -33.25 -27.60 14.07
C GLN B 176 -32.93 -27.25 15.51
N LEU B 177 -31.75 -26.68 15.70
CA LEU B 177 -31.27 -26.26 17.00
C LEU B 177 -31.35 -24.74 17.09
N PRO B 178 -32.18 -24.21 18.00
CA PRO B 178 -32.28 -22.76 18.12
C PRO B 178 -30.91 -22.13 18.34
N ILE B 179 -30.63 -21.04 17.64
CA ILE B 179 -29.35 -20.37 17.78
C ILE B 179 -29.52 -18.87 18.06
N MSE B 180 -28.93 -18.47 19.18
CA MSE B 180 -28.97 -17.12 19.73
C MSE B 180 -27.74 -16.30 19.28
O MSE B 180 -26.61 -16.68 19.56
CB MSE B 180 -28.98 -17.28 21.25
CG MSE B 180 -29.35 -16.10 22.10
SE MSE B 180 -29.00 -16.67 23.93
CE MSE B 180 -30.49 -17.90 24.16
N LEU B 181 -27.96 -15.19 18.58
CA LEU B 181 -26.85 -14.34 18.15
C LEU B 181 -26.84 -13.04 18.95
N GLU B 182 -25.68 -12.70 19.50
CA GLU B 182 -25.52 -11.47 20.28
C GLU B 182 -24.72 -10.50 19.41
N PRO B 183 -25.41 -9.62 18.68
CA PRO B 183 -24.75 -8.65 17.79
C PRO B 183 -24.38 -7.34 18.47
N PHE B 184 -23.42 -6.66 17.87
CA PHE B 184 -22.92 -5.38 18.36
C PHE B 184 -22.11 -4.73 17.26
N MSE B 185 -22.10 -3.40 17.26
CA MSE B 185 -21.26 -2.66 16.33
C MSE B 185 -20.16 -2.30 17.31
O MSE B 185 -20.45 -1.86 18.43
CB MSE B 185 -21.96 -1.39 15.82
CG MSE B 185 -23.16 -1.64 14.92
SE MSE B 185 -22.73 -2.52 13.25
CE MSE B 185 -22.88 -4.33 13.85
N SER B 186 -18.90 -2.51 16.94
CA SER B 186 -17.81 -2.20 17.85
C SER B 186 -16.74 -1.36 17.19
N ASN B 187 -16.04 -0.56 17.99
CA ASN B 187 -14.97 0.29 17.47
C ASN B 187 -13.76 0.24 18.37
N TRP B 188 -12.60 0.54 17.80
CA TRP B 188 -11.38 0.58 18.57
C TRP B 188 -11.28 2.02 19.06
N VAL B 189 -11.22 2.18 20.39
CA VAL B 189 -11.12 3.50 20.99
C VAL B 189 -10.03 3.47 22.06
N ASN B 190 -8.93 4.16 21.79
CA ASN B 190 -7.81 4.20 22.72
C ASN B 190 -7.23 2.80 22.95
N GLY B 191 -7.12 2.03 21.87
CA GLY B 191 -6.57 0.69 21.98
C GLY B 191 -7.47 -0.35 22.63
N LYS B 192 -8.74 -0.01 22.86
CA LYS B 192 -9.66 -0.96 23.46
C LYS B 192 -10.93 -1.06 22.63
N VAL B 193 -11.61 -2.20 22.72
CA VAL B 193 -12.85 -2.41 21.98
C VAL B 193 -14.04 -1.93 22.79
N VAL B 194 -14.81 -1.01 22.22
CA VAL B 194 -16.00 -0.50 22.90
C VAL B 194 -17.22 -0.72 22.01
N ASN B 195 -18.24 -1.36 22.55
CA ASN B 195 -19.46 -1.60 21.78
C ASN B 195 -20.24 -0.30 21.70
N ASP B 196 -20.78 -0.01 20.52
CA ASP B 196 -21.57 1.20 20.31
C ASP B 196 -23.00 0.91 20.73
N LEU B 197 -23.42 1.43 21.87
CA LEU B 197 -24.77 1.19 22.36
C LEU B 197 -25.82 2.20 21.92
N SER B 198 -25.52 3.01 20.91
CA SER B 198 -26.49 3.98 20.43
C SER B 198 -27.59 3.22 19.70
N THR B 199 -28.81 3.73 19.77
CA THR B 199 -29.95 3.09 19.13
C THR B 199 -29.71 2.66 17.69
N ASP B 200 -29.20 3.55 16.86
CA ASP B 200 -28.96 3.22 15.46
C ASP B 200 -27.92 2.15 15.23
N ALA B 201 -26.91 2.08 16.09
CA ALA B 201 -25.87 1.06 15.94
C ALA B 201 -26.46 -0.31 16.23
N VAL B 202 -27.26 -0.40 17.29
CA VAL B 202 -27.87 -1.68 17.65
C VAL B 202 -28.76 -2.16 16.51
N ILE B 203 -29.52 -1.22 15.94
CA ILE B 203 -30.41 -1.56 14.82
C ILE B 203 -29.62 -2.06 13.63
N GLN B 204 -28.52 -1.39 13.31
CA GLN B 204 -27.69 -1.80 12.18
C GLN B 204 -27.10 -3.18 12.41
N SER B 205 -26.71 -3.48 13.65
CA SER B 205 -26.11 -4.77 13.96
C SER B 205 -27.14 -5.90 13.80
N VAL B 206 -28.39 -5.61 14.14
CA VAL B 206 -29.45 -6.61 14.02
C VAL B 206 -29.72 -6.94 12.56
N ALA B 207 -29.79 -5.90 11.72
CA ALA B 207 -30.04 -6.09 10.30
C ALA B 207 -28.95 -6.96 9.67
N ILE B 208 -27.73 -6.82 10.17
CA ILE B 208 -26.61 -7.59 9.66
C ILE B 208 -26.65 -9.04 10.17
N ALA B 209 -26.78 -9.18 11.48
CA ALA B 209 -26.81 -10.51 12.10
C ALA B 209 -27.96 -11.36 11.55
N ALA B 210 -29.13 -10.76 11.43
CA ALA B 210 -30.31 -11.47 10.94
C ALA B 210 -30.07 -12.10 9.56
N GLY B 211 -29.23 -11.46 8.76
CA GLY B 211 -28.94 -11.98 7.43
C GLY B 211 -27.88 -13.06 7.35
N LEU B 212 -27.31 -13.46 8.49
CA LEU B 212 -26.28 -14.48 8.51
C LEU B 212 -26.87 -15.88 8.56
N GLY B 213 -26.41 -16.75 7.67
CA GLY B 213 -26.92 -18.12 7.62
C GLY B 213 -27.71 -18.34 6.34
N ASN B 214 -27.89 -19.61 5.97
CA ASN B 214 -28.63 -19.94 4.75
C ASN B 214 -30.07 -20.32 5.07
N ASP B 215 -30.44 -20.14 6.33
CA ASP B 215 -31.77 -20.46 6.82
C ASP B 215 -31.85 -19.73 8.16
N SER B 216 -32.66 -18.68 8.24
CA SER B 216 -32.78 -17.97 9.50
C SER B 216 -34.15 -18.18 10.12
N SER B 217 -34.51 -19.44 10.32
CA SER B 217 -35.81 -19.78 10.90
C SER B 217 -35.62 -20.29 12.33
N TYR B 218 -34.38 -20.41 12.76
CA TYR B 218 -34.07 -20.89 14.10
C TYR B 218 -33.19 -19.90 14.85
N THR B 219 -33.06 -18.69 14.32
CA THR B 219 -32.19 -17.73 14.98
C THR B 219 -32.91 -16.72 15.86
N TRP B 220 -32.36 -16.52 17.05
CA TRP B 220 -32.87 -15.59 18.04
C TRP B 220 -31.88 -14.45 18.17
N MSE B 221 -32.29 -13.38 18.83
CA MSE B 221 -31.43 -12.23 19.05
C MSE B 221 -31.24 -12.04 20.55
O MSE B 221 -32.18 -12.25 21.32
CB MSE B 221 -32.04 -10.96 18.46
CG MSE B 221 -32.13 -10.91 16.93
SE MSE B 221 -30.43 -10.57 16.04
CE MSE B 221 -30.10 -12.34 15.33
N LYS B 222 -30.04 -11.67 20.94
CA LYS B 222 -29.72 -11.41 22.34
C LYS B 222 -29.24 -9.96 22.25
N LEU B 223 -30.11 -9.03 22.62
CA LEU B 223 -29.80 -7.61 22.51
C LEU B 223 -29.65 -6.88 23.84
N PRO B 224 -28.95 -5.72 23.81
CA PRO B 224 -28.74 -4.91 25.01
C PRO B 224 -29.90 -3.92 25.15
N VAL B 225 -30.34 -3.67 26.38
CA VAL B 225 -31.42 -2.73 26.59
C VAL B 225 -30.82 -1.35 26.38
N VAL B 226 -31.24 -0.70 25.30
CA VAL B 226 -30.72 0.60 24.91
C VAL B 226 -31.79 1.68 24.80
N GLU B 227 -31.34 2.91 24.56
CA GLU B 227 -32.22 4.06 24.40
C GLU B 227 -33.17 3.80 23.24
N GLU B 228 -34.43 4.24 23.38
CA GLU B 228 -35.45 4.06 22.32
C GLU B 228 -35.66 2.60 21.80
N MSE B 229 -35.89 1.65 22.73
CA MSE B 229 -36.02 0.18 22.53
C MSE B 229 -37.20 -0.42 21.79
O MSE B 229 -37.31 -1.66 21.66
CB MSE B 229 -36.03 -0.51 23.87
CG MSE B 229 -34.65 -0.94 24.39
SE MSE B 229 -33.78 -2.22 23.27
CE MSE B 229 -34.36 -3.83 24.15
N GLU B 230 -38.10 0.43 21.33
CA GLU B 230 -39.33 -0.09 20.74
C GLU B 230 -39.16 0.16 19.27
N ARG B 231 -38.08 0.90 19.05
CA ARG B 231 -37.64 1.29 17.76
C ARG B 231 -36.57 0.29 17.35
N VAL B 232 -35.84 -0.24 18.34
CA VAL B 232 -34.82 -1.23 18.08
C VAL B 232 -35.57 -2.51 17.74
N MSE B 233 -36.67 -2.74 18.44
CA MSE B 233 -37.48 -3.93 18.23
C MSE B 233 -38.21 -3.94 16.90
O MSE B 233 -38.75 -4.95 16.48
CB MSE B 233 -38.47 -4.13 19.36
CG MSE B 233 -37.83 -4.57 20.67
SE MSE B 233 -36.57 -6.01 20.41
CE MSE B 233 -34.97 -5.05 20.93
N GLU B 234 -38.25 -2.79 16.22
CA GLU B 234 -38.90 -2.71 14.91
C GLU B 234 -37.87 -3.16 13.88
N SER B 235 -36.72 -3.61 14.36
CA SER B 235 -35.63 -4.08 13.51
C SER B 235 -35.80 -5.52 13.04
N THR B 236 -36.40 -6.34 13.88
CA THR B 236 -36.63 -7.75 13.52
C THR B 236 -37.96 -8.28 13.97
N THR B 237 -38.26 -9.46 13.46
CA THR B 237 -39.48 -10.19 13.74
C THR B 237 -39.07 -11.40 14.54
N MSE B 238 -37.77 -11.50 14.82
CA MSE B 238 -37.22 -12.62 15.54
C MSE B 238 -37.31 -12.58 17.05
O MSE B 238 -37.28 -11.52 17.66
CB MSE B 238 -35.75 -12.82 15.14
CG MSE B 238 -35.60 -13.05 13.66
SE MSE B 238 -33.79 -13.02 13.08
CE MSE B 238 -33.97 -14.17 11.53
N PRO B 239 -37.47 -13.75 17.69
CA PRO B 239 -37.58 -13.85 19.14
C PRO B 239 -36.32 -13.23 19.75
N THR B 240 -36.52 -12.35 20.72
CA THR B 240 -35.40 -11.66 21.35
C THR B 240 -35.31 -11.85 22.86
N LEU B 241 -34.08 -11.91 23.34
CA LEU B 241 -33.79 -12.05 24.76
C LEU B 241 -32.90 -10.88 25.12
N LEU B 242 -33.13 -10.30 26.29
CA LEU B 242 -32.35 -9.16 26.73
C LEU B 242 -31.16 -9.55 27.59
N LEU B 243 -30.09 -8.77 27.49
CA LEU B 243 -28.88 -9.02 28.26
C LEU B 243 -28.62 -7.85 29.21
N GLY B 244 -27.98 -8.14 30.34
CA GLY B 244 -27.68 -7.10 31.30
C GLY B 244 -26.18 -6.98 31.43
N GLY B 245 -25.60 -6.08 30.64
CA GLY B 245 -24.16 -5.89 30.64
C GLY B 245 -23.46 -5.53 31.93
N GLU B 246 -22.63 -4.49 31.84
CA GLU B 246 -21.82 -3.96 32.93
C GLU B 246 -22.45 -4.00 34.33
N GLY B 247 -23.54 -3.27 34.53
CA GLY B 247 -24.19 -3.26 35.83
C GLY B 247 -24.76 -1.91 36.25
N GLY B 248 -23.88 -0.94 36.50
CA GLY B 248 -24.34 0.38 36.91
C GLY B 248 -24.38 0.53 38.42
N PRO B 251 -29.04 0.27 39.73
CA PRO B 251 -29.55 -1.07 40.07
C PRO B 251 -31.06 -1.18 39.92
N ASP B 252 -31.79 -0.30 40.61
CA ASP B 252 -33.24 -0.31 40.49
C ASP B 252 -33.59 0.19 39.10
N ALA B 253 -32.82 1.19 38.64
CA ALA B 253 -33.02 1.76 37.32
C ALA B 253 -32.83 0.69 36.26
N THR B 254 -31.85 -0.19 36.48
CA THR B 254 -31.56 -1.27 35.54
C THR B 254 -32.77 -2.19 35.40
N PHE B 255 -33.30 -2.66 36.53
CA PHE B 255 -34.46 -3.55 36.52
C PHE B 255 -35.66 -2.89 35.84
N ALA B 256 -35.78 -1.57 36.00
CA ALA B 256 -36.89 -0.83 35.41
C ALA B 256 -36.81 -0.81 33.90
N SER B 257 -35.60 -0.65 33.36
CA SER B 257 -35.43 -0.61 31.91
C SER B 257 -35.77 -1.97 31.30
N TRP B 258 -35.43 -3.04 32.03
CA TRP B 258 -35.72 -4.39 31.56
C TRP B 258 -37.23 -4.58 31.53
N GLU B 259 -37.88 -4.20 32.62
CA GLU B 259 -39.32 -4.32 32.75
C GLU B 259 -40.04 -3.66 31.58
N HIS B 260 -39.57 -2.49 31.17
CA HIS B 260 -40.19 -1.79 30.05
C HIS B 260 -39.95 -2.53 28.73
N ALA B 261 -38.68 -2.80 28.44
CA ALA B 261 -38.32 -3.49 27.20
C ALA B 261 -39.02 -4.85 27.10
N LEU B 262 -39.18 -5.49 28.25
CA LEU B 262 -39.82 -6.80 28.33
C LEU B 262 -41.25 -6.80 27.78
N THR B 263 -41.84 -5.61 27.64
CA THR B 263 -43.21 -5.50 27.12
C THR B 263 -43.25 -5.32 25.62
N LEU B 264 -42.11 -5.02 25.02
CA LEU B 264 -42.03 -4.80 23.58
C LEU B 264 -42.31 -6.03 22.72
N PRO B 265 -42.80 -5.82 21.49
CA PRO B 265 -43.13 -6.89 20.54
C PRO B 265 -41.94 -7.78 20.23
N GLY B 266 -42.13 -9.10 20.39
CA GLY B 266 -41.06 -10.03 20.09
C GLY B 266 -40.11 -10.38 21.22
N VAL B 267 -40.06 -9.55 22.26
CA VAL B 267 -39.18 -9.85 23.38
C VAL B 267 -39.75 -11.04 24.14
N ARG B 268 -38.91 -12.06 24.31
CA ARG B 268 -39.32 -13.29 24.99
C ARG B 268 -38.70 -13.54 26.35
N GLY B 269 -37.85 -12.63 26.81
CA GLY B 269 -37.25 -12.84 28.12
C GLY B 269 -35.87 -12.27 28.36
N LEU B 270 -35.14 -12.89 29.28
CA LEU B 270 -33.80 -12.46 29.66
C LEU B 270 -32.73 -13.54 29.58
N THR B 271 -31.49 -13.11 29.36
CA THR B 271 -30.31 -13.97 29.32
C THR B 271 -29.25 -13.07 29.92
N VAL B 272 -29.29 -12.95 31.23
CA VAL B 272 -28.39 -12.09 32.00
C VAL B 272 -27.39 -12.88 32.84
N GLY B 273 -26.20 -12.31 33.00
CA GLY B 273 -25.16 -12.97 33.77
C GLY B 273 -24.51 -12.11 34.85
N ARG B 274 -23.53 -11.30 34.42
CA ARG B 274 -22.78 -10.42 35.32
C ARG B 274 -23.60 -9.77 36.44
N THR B 275 -24.75 -9.20 36.10
CA THR B 275 -25.59 -8.51 37.08
C THR B 275 -26.33 -9.38 38.11
N LEU B 276 -26.85 -10.53 37.70
CA LEU B 276 -27.58 -11.41 38.61
C LEU B 276 -26.64 -12.26 39.45
N LEU B 277 -25.57 -12.72 38.83
CA LEU B 277 -24.55 -13.49 39.54
C LEU B 277 -23.60 -12.33 39.86
N TYR B 278 -23.11 -12.23 41.08
CA TYR B 278 -22.20 -11.12 41.43
C TYR B 278 -22.91 -9.76 41.52
N PRO B 279 -24.05 -9.69 42.21
CA PRO B 279 -24.74 -8.39 42.31
C PRO B 279 -23.92 -7.47 43.21
N GLN B 280 -24.10 -6.16 43.06
CA GLN B 280 -23.35 -5.22 43.88
C GLN B 280 -23.51 -5.52 45.37
N ASP B 281 -24.69 -5.97 45.79
CA ASP B 281 -24.91 -6.32 47.19
C ASP B 281 -24.59 -7.81 47.32
N GLY B 282 -24.54 -8.34 48.53
CA GLY B 282 -24.22 -9.75 48.67
C GLY B 282 -25.39 -10.71 48.53
N ASP B 283 -26.29 -10.46 47.57
CA ASP B 283 -27.46 -11.34 47.42
C ASP B 283 -27.80 -11.82 46.01
N VAL B 284 -27.41 -13.04 45.69
CA VAL B 284 -27.69 -13.62 44.38
C VAL B 284 -29.15 -14.05 44.28
N ALA B 285 -29.69 -14.60 45.36
CA ALA B 285 -31.08 -15.05 45.38
C ALA B 285 -32.04 -13.88 45.16
N ALA B 286 -31.83 -12.79 45.88
CA ALA B 286 -32.69 -11.61 45.76
C ALA B 286 -32.70 -11.09 44.32
N ALA B 287 -31.52 -10.79 43.81
CA ALA B 287 -31.38 -10.28 42.45
C ALA B 287 -32.07 -11.17 41.44
N VAL B 288 -31.79 -12.47 41.52
CA VAL B 288 -32.37 -13.44 40.61
C VAL B 288 -33.90 -13.48 40.67
N ASP B 289 -34.46 -13.46 41.88
CA ASP B 289 -35.91 -13.51 42.01
C ASP B 289 -36.55 -12.27 41.38
N THR B 290 -35.95 -11.11 41.61
CA THR B 290 -36.48 -9.87 41.05
C THR B 290 -36.57 -10.00 39.54
N ALA B 291 -35.52 -10.57 38.95
CA ALA B 291 -35.46 -10.77 37.51
C ALA B 291 -36.51 -11.81 37.10
N ALA B 292 -36.55 -12.91 37.84
CA ALA B 292 -37.49 -13.99 37.54
C ALA B 292 -38.94 -13.51 37.52
N ARG B 293 -39.33 -12.69 38.48
CA ARG B 293 -40.69 -12.17 38.56
C ARG B 293 -40.93 -11.13 37.46
N LEU B 294 -39.86 -10.62 36.89
CA LEU B 294 -39.97 -9.63 35.82
C LEU B 294 -40.26 -10.36 34.51
N VAL B 295 -39.79 -11.61 34.42
CA VAL B 295 -39.98 -12.42 33.24
C VAL B 295 -41.29 -13.21 33.32
N HIS B 296 -41.49 -13.92 34.42
CA HIS B 296 -42.72 -14.70 34.62
C HIS B 296 -43.53 -14.05 35.73
N THR B 297 -44.46 -13.20 35.33
CA THR B 297 -45.30 -12.49 36.28
C THR B 297 -46.34 -13.36 37.00
N ASP B 298 -46.34 -14.66 36.69
CA ASP B 298 -47.25 -15.63 37.31
C ASP B 298 -48.73 -15.43 36.97
N ILE B 299 -49.05 -15.26 35.69
CA ILE B 299 -50.43 -15.04 35.24
C ILE B 299 -51.38 -16.22 35.51
N PRO C 3 39.56 3.29 32.93
CA PRO C 3 39.24 4.70 33.22
C PRO C 3 38.65 5.35 31.97
N PRO C 4 37.35 5.73 32.02
CA PRO C 4 36.72 6.35 30.86
C PRO C 4 37.39 7.65 30.44
N ILE C 5 37.29 7.98 29.16
CA ILE C 5 37.87 9.21 28.64
C ILE C 5 36.96 10.36 29.09
N ILE C 6 35.66 10.08 29.15
CA ILE C 6 34.68 11.09 29.56
C ILE C 6 34.11 10.80 30.95
N SER C 7 34.63 11.51 31.95
CA SER C 7 34.17 11.33 33.32
C SER C 7 32.68 11.61 33.45
N PRO C 8 32.04 11.09 34.50
CA PRO C 8 30.61 11.36 34.65
C PRO C 8 30.36 12.84 34.96
N GLU C 9 31.38 13.52 35.48
CA GLU C 9 31.26 14.93 35.80
C GLU C 9 31.26 15.74 34.51
N SER C 10 32.05 15.30 33.54
CA SER C 10 32.11 16.00 32.25
C SER C 10 30.76 15.88 31.54
N PHE C 11 30.10 14.74 31.71
CA PHE C 11 28.80 14.54 31.09
C PHE C 11 27.76 15.47 31.69
N GLU C 12 27.80 15.62 33.01
CA GLU C 12 26.85 16.51 33.68
C GLU C 12 27.12 17.90 33.15
N ALA C 13 28.39 18.19 32.89
CA ALA C 13 28.78 19.49 32.35
C ALA C 13 28.12 19.67 30.99
N LEU C 14 28.20 18.65 30.14
CA LEU C 14 27.61 18.69 28.81
C LEU C 14 26.11 18.99 28.92
N ARG C 15 25.38 18.14 29.65
CA ARG C 15 23.94 18.33 29.83
C ARG C 15 23.60 19.72 30.35
N ARG C 16 24.33 20.13 31.39
CA ARG C 16 24.11 21.43 32.01
C ARG C 16 24.33 22.52 30.97
N MSE C 17 25.38 22.37 30.18
CA MSE C 17 25.70 23.35 29.15
C MSE C 17 24.56 23.48 28.14
O MSE C 17 24.09 24.58 27.87
CB MSE C 17 26.97 22.98 28.40
CG MSE C 17 27.35 24.00 27.34
SE MSE C 17 28.96 23.61 26.35
CE MSE C 17 30.25 23.70 27.79
N ARG C 18 24.12 22.35 27.59
CA ARG C 18 23.05 22.37 26.61
C ARG C 18 21.80 23.08 27.10
N ALA C 19 21.50 22.93 28.39
CA ALA C 19 20.31 23.53 28.97
C ALA C 19 20.43 25.01 29.31
N ALA C 20 21.50 25.37 30.02
CA ALA C 20 21.69 26.74 30.47
C ALA C 20 22.55 27.66 29.62
N GLU C 21 23.56 27.12 28.95
CA GLU C 21 24.42 27.96 28.12
C GLU C 21 24.67 27.34 26.75
N PRO C 22 23.62 27.22 25.94
CA PRO C 22 23.69 26.65 24.60
C PRO C 22 24.63 27.39 23.64
N THR C 23 24.95 28.65 23.93
CA THR C 23 25.86 29.38 23.06
C THR C 23 27.29 28.87 23.23
N MSE C 24 27.52 28.11 24.30
CA MSE C 24 28.84 27.56 24.58
C MSE C 24 29.21 26.46 23.60
O MSE C 24 30.38 26.22 23.34
CB MSE C 24 28.90 27.00 26.00
CG MSE C 24 29.08 28.05 27.08
SE MSE C 24 30.65 29.14 26.77
CE MSE C 24 29.77 30.85 26.51
N VAL C 25 28.19 25.81 23.05
CA VAL C 25 28.45 24.74 22.10
C VAL C 25 29.13 25.31 20.85
N ALA C 26 28.52 26.31 20.26
CA ALA C 26 29.08 26.94 19.07
C ALA C 26 30.41 27.62 19.36
N GLU C 27 30.53 28.24 20.52
CA GLU C 27 31.77 28.92 20.90
C GLU C 27 32.93 27.95 21.01
N ARG C 28 32.74 26.85 21.73
CA ARG C 28 33.79 25.86 21.88
C ARG C 28 34.12 25.22 20.54
N PHE C 29 33.12 25.16 19.68
CA PHE C 29 33.28 24.58 18.36
C PHE C 29 34.23 25.43 17.51
N LYS C 30 34.06 26.74 17.58
CA LYS C 30 34.88 27.66 16.81
C LYS C 30 36.28 27.91 17.38
N GLN C 31 36.45 27.67 18.67
CA GLN C 31 37.75 27.85 19.32
C GLN C 31 38.61 26.60 19.09
N ARG C 32 38.00 25.64 18.43
CA ARG C 32 38.62 24.36 18.09
C ARG C 32 39.89 24.53 17.25
N ARG C 33 40.92 23.78 17.60
CA ARG C 33 42.19 23.83 16.86
C ARG C 33 42.00 23.06 15.56
N LYS C 34 42.17 23.73 14.43
CA LYS C 34 42.00 23.08 13.14
C LYS C 34 43.31 22.56 12.57
N ARG C 35 43.20 21.64 11.61
CA ARG C 35 44.36 21.06 10.95
C ARG C 35 44.13 20.93 9.46
N GLU C 36 45.20 20.63 8.73
CA GLU C 36 45.11 20.45 7.29
C GLU C 36 44.30 19.18 7.06
N LEU C 37 43.62 19.11 5.92
CA LEU C 37 42.81 17.94 5.61
C LEU C 37 43.71 16.72 5.54
N LEU C 38 44.69 16.77 4.65
CA LEU C 38 45.62 15.66 4.47
C LEU C 38 46.95 15.89 5.19
N GLY C 39 47.40 14.87 5.89
CA GLY C 39 48.65 14.95 6.61
C GLY C 39 49.83 14.75 5.68
N GLU C 40 50.98 14.49 6.25
CA GLU C 40 52.20 14.29 5.47
C GLU C 40 52.15 13.06 4.57
N ASP C 41 51.51 11.99 5.04
CA ASP C 41 51.43 10.77 4.25
C ASP C 41 50.23 10.77 3.31
N GLY C 42 49.49 11.88 3.31
CA GLY C 42 48.33 12.02 2.43
C GLY C 42 47.18 11.06 2.65
N LYS C 43 47.21 10.32 3.76
CA LYS C 43 46.14 9.38 4.06
C LYS C 43 45.18 9.93 5.10
N LEU C 44 43.98 9.38 5.15
CA LEU C 44 42.95 9.84 6.07
C LEU C 44 42.21 8.66 6.71
N PHE C 45 42.00 8.75 8.02
CA PHE C 45 41.28 7.71 8.77
C PHE C 45 40.22 8.39 9.62
N ILE C 46 38.96 8.11 9.30
CA ILE C 46 37.84 8.71 9.99
C ILE C 46 36.87 7.70 10.56
N VAL C 47 36.44 7.92 11.81
CA VAL C 47 35.51 7.02 12.46
C VAL C 47 34.09 7.58 12.30
N ALA C 48 33.18 6.74 11.82
CA ALA C 48 31.80 7.15 11.57
C ALA C 48 30.79 6.75 12.64
N ALA C 49 29.85 7.66 12.91
CA ALA C 49 28.80 7.42 13.89
C ALA C 49 27.53 8.21 13.56
N ASP C 50 27.14 8.24 12.30
CA ASP C 50 25.94 8.95 11.89
C ASP C 50 24.76 8.02 11.65
N HIS C 51 24.88 6.77 12.09
CA HIS C 51 23.83 5.77 11.90
C HIS C 51 22.56 5.99 12.72
N PRO C 52 22.68 6.31 14.01
CA PRO C 52 21.50 6.51 14.86
C PRO C 52 20.45 7.44 14.25
N ALA C 53 20.88 8.61 13.78
CA ALA C 53 20.00 9.59 13.18
C ALA C 53 19.19 9.05 12.01
N ARG C 54 19.63 7.93 11.46
CA ARG C 54 18.93 7.33 10.33
C ARG C 54 18.04 6.18 10.81
N GLY C 55 17.95 6.04 12.13
CA GLY C 55 17.13 4.99 12.72
C GLY C 55 17.77 3.61 12.66
N ALA C 56 19.10 3.57 12.60
CA ALA C 56 19.81 2.31 12.52
C ALA C 56 20.76 2.11 13.70
N LEU C 57 20.27 1.48 14.77
CA LEU C 57 21.08 1.25 15.96
C LEU C 57 21.77 -0.12 16.01
N ALA C 58 21.52 -0.99 15.03
CA ALA C 58 22.11 -2.32 15.06
C ALA C 58 23.57 -2.51 14.65
N VAL C 59 24.16 -3.60 15.14
CA VAL C 59 25.54 -3.98 14.85
C VAL C 59 25.59 -5.52 14.78
N GLY C 60 24.77 -6.16 15.60
CA GLY C 60 24.66 -7.61 15.68
C GLY C 60 23.64 -7.77 16.78
N ASP C 61 23.50 -6.65 17.47
CA ASP C 61 22.60 -6.41 18.58
C ASP C 61 21.67 -5.33 18.04
N ASN C 62 20.39 -5.64 17.89
CA ASN C 62 19.43 -4.65 17.38
C ASN C 62 19.30 -3.42 18.27
N GLU C 63 18.38 -3.50 19.23
CA GLU C 63 18.12 -2.40 20.16
C GLU C 63 19.40 -1.76 20.68
N THR C 64 20.00 -2.36 21.69
CA THR C 64 21.24 -1.81 22.25
C THR C 64 22.23 -1.52 21.13
N ALA C 65 23.44 -1.12 21.49
CA ALA C 65 24.46 -0.78 20.50
C ALA C 65 23.99 0.48 19.81
N MSE C 66 24.62 1.59 20.17
CA MSE C 66 24.29 2.90 19.60
C MSE C 66 23.05 3.51 20.24
O MSE C 66 22.88 4.73 20.24
CB MSE C 66 24.11 2.80 18.08
CG MSE C 66 25.29 2.09 17.39
SE MSE C 66 25.54 2.57 15.53
CE MSE C 66 26.89 3.94 15.80
N ALA C 67 22.18 2.67 20.81
CA ALA C 67 20.98 3.16 21.47
C ALA C 67 21.39 4.02 22.67
N ASN C 68 22.45 3.60 23.35
CA ASN C 68 22.95 4.34 24.51
C ASN C 68 23.94 5.39 24.00
N ARG C 69 23.48 6.64 23.95
CA ARG C 69 24.30 7.73 23.46
C ARG C 69 25.55 8.00 24.32
N TYR C 70 25.45 7.78 25.63
CA TYR C 70 26.60 8.00 26.50
C TYR C 70 27.73 7.03 26.19
N GLU C 71 27.38 5.77 25.91
CA GLU C 71 28.40 4.78 25.59
C GLU C 71 28.93 5.06 24.19
N LEU C 72 28.05 5.52 23.30
CA LEU C 72 28.45 5.81 21.94
C LEU C 72 29.54 6.88 22.00
N LEU C 73 29.31 7.92 22.81
CA LEU C 73 30.27 8.99 22.96
C LEU C 73 31.58 8.50 23.57
N GLU C 74 31.49 7.60 24.55
CA GLU C 74 32.69 7.05 25.19
C GLU C 74 33.51 6.28 24.16
N ARG C 75 32.85 5.38 23.43
CA ARG C 75 33.52 4.59 22.42
C ARG C 75 34.16 5.50 21.37
N MSE C 76 33.50 6.63 21.10
CA MSE C 76 34.02 7.59 20.14
C MSE C 76 35.26 8.28 20.72
O MSE C 76 36.27 8.42 20.04
CB MSE C 76 32.96 8.65 19.83
CG MSE C 76 32.46 8.63 18.38
SE MSE C 76 33.86 8.92 17.07
CE MSE C 76 34.54 7.12 17.01
N ALA C 77 35.15 8.69 21.98
CA ALA C 77 36.25 9.36 22.66
C ALA C 77 37.50 8.48 22.65
N ILE C 78 37.30 7.19 22.87
CA ILE C 78 38.40 6.25 22.87
C ILE C 78 39.06 6.22 21.49
N ALA C 79 38.24 6.03 20.46
CA ALA C 79 38.74 5.99 19.10
C ALA C 79 39.54 7.25 18.76
N LEU C 80 38.98 8.42 19.11
CA LEU C 80 39.65 9.69 18.83
C LEU C 80 40.95 9.88 19.61
N SER C 81 41.10 9.17 20.73
CA SER C 81 42.30 9.32 21.54
C SER C 81 43.46 8.48 21.01
N ARG C 82 43.13 7.46 20.21
CA ARG C 82 44.16 6.59 19.66
C ARG C 82 44.93 7.30 18.54
N PRO C 83 46.26 7.17 18.55
CA PRO C 83 47.04 7.83 17.50
C PRO C 83 46.66 7.24 16.14
N GLY C 84 46.62 8.08 15.12
CA GLY C 84 46.26 7.61 13.80
C GLY C 84 44.86 8.00 13.33
N VAL C 85 43.96 8.32 14.27
CA VAL C 85 42.60 8.71 13.89
C VAL C 85 42.55 10.20 13.61
N ASP C 86 42.37 10.53 12.33
CA ASP C 86 42.33 11.92 11.90
C ASP C 86 41.03 12.66 12.18
N GLY C 87 39.93 11.93 12.29
CA GLY C 87 38.68 12.61 12.55
C GLY C 87 37.45 11.74 12.72
N VAL C 88 36.30 12.40 12.75
CA VAL C 88 35.03 11.72 12.94
C VAL C 88 33.94 12.22 12.01
N LEU C 89 33.02 11.33 11.66
CA LEU C 89 31.89 11.65 10.80
C LEU C 89 30.63 11.50 11.63
N GLY C 90 29.83 12.56 11.71
CA GLY C 90 28.61 12.46 12.48
C GLY C 90 27.58 13.48 12.13
N THR C 91 26.39 13.31 12.69
CA THR C 91 25.28 14.22 12.48
C THR C 91 25.54 15.36 13.46
N PRO C 92 24.86 16.51 13.29
CA PRO C 92 25.09 17.63 14.21
C PRO C 92 25.02 17.33 15.72
N ASP C 93 24.13 16.41 16.11
CA ASP C 93 23.98 16.06 17.52
C ASP C 93 25.19 15.32 18.09
N ILE C 94 25.86 14.53 17.25
CA ILE C 94 27.05 13.80 17.69
C ILE C 94 28.23 14.77 17.75
N ILE C 95 28.42 15.53 16.67
CA ILE C 95 29.51 16.49 16.58
C ILE C 95 29.43 17.60 17.65
N ASP C 96 28.22 18.13 17.89
CA ASP C 96 28.07 19.17 18.90
C ASP C 96 28.53 18.66 20.26
N ASP C 97 28.12 17.45 20.63
CA ASP C 97 28.51 16.90 21.92
C ASP C 97 30.02 16.65 22.01
N LEU C 98 30.62 16.10 20.96
CA LEU C 98 32.05 15.85 21.00
C LEU C 98 32.80 17.18 21.13
N ALA C 99 32.36 18.19 20.39
CA ALA C 99 32.98 19.50 20.42
C ALA C 99 32.86 20.11 21.80
N ALA C 100 31.65 20.09 22.35
CA ALA C 100 31.38 20.65 23.68
C ALA C 100 32.29 19.99 24.71
N LEU C 101 32.52 18.69 24.52
CA LEU C 101 33.37 17.92 25.42
C LEU C 101 34.85 18.30 25.22
N GLY C 102 35.14 19.02 24.13
CA GLY C 102 36.50 19.45 23.86
C GLY C 102 37.42 18.37 23.32
N LEU C 103 36.84 17.38 22.67
CA LEU C 103 37.58 16.25 22.10
C LEU C 103 37.89 16.42 20.62
N LEU C 104 37.47 17.52 20.03
CA LEU C 104 37.68 17.74 18.60
C LEU C 104 38.83 18.62 18.11
N ASP C 105 39.86 18.80 18.94
CA ASP C 105 41.00 19.61 18.51
C ASP C 105 41.87 18.79 17.56
N ASP C 106 42.39 19.44 16.52
CA ASP C 106 43.25 18.78 15.54
C ASP C 106 42.60 17.54 14.94
N LYS C 107 41.29 17.61 14.74
CA LYS C 107 40.54 16.50 14.15
C LYS C 107 39.84 16.97 12.90
N ILE C 108 39.58 16.04 11.99
CA ILE C 108 38.88 16.37 10.77
C ILE C 108 37.41 16.09 11.07
N VAL C 109 36.56 17.11 11.04
CA VAL C 109 35.14 16.90 11.29
C VAL C 109 34.40 16.78 9.96
N VAL C 110 33.61 15.71 9.85
CA VAL C 110 32.82 15.44 8.65
C VAL C 110 31.34 15.43 9.04
N GLY C 111 30.53 16.26 8.39
CA GLY C 111 29.12 16.30 8.74
C GLY C 111 28.19 15.58 7.80
N SER C 112 27.37 14.73 8.39
CA SER C 112 26.39 13.94 7.66
C SER C 112 25.25 14.87 7.25
N MSE C 113 24.87 14.81 5.97
CA MSE C 113 23.83 15.70 5.46
C MSE C 113 22.40 15.18 5.36
O MSE C 113 21.46 15.90 5.72
CB MSE C 113 24.26 16.22 4.09
CG MSE C 113 25.53 17.04 4.15
SE MSE C 113 26.01 17.66 2.41
CE MSE C 113 24.80 19.17 2.29
N ASN C 114 22.21 13.96 4.87
CA ASN C 114 20.86 13.43 4.73
C ASN C 114 20.64 12.15 5.53
N ARG C 115 19.55 12.14 6.29
CA ARG C 115 19.17 11.00 7.12
C ARG C 115 17.69 10.68 6.96
N GLY C 116 17.04 11.35 6.01
CA GLY C 116 15.62 11.15 5.78
C GLY C 116 15.16 9.74 5.48
N GLY C 117 15.95 9.00 4.69
CA GLY C 117 15.59 7.63 4.36
C GLY C 117 15.80 6.69 5.53
N LEU C 118 14.92 6.80 6.53
CA LEU C 118 14.99 5.99 7.73
C LEU C 118 14.99 4.49 7.47
N ARG C 119 15.75 3.76 8.28
CA ARG C 119 15.82 2.32 8.14
C ARG C 119 14.44 1.70 8.37
N GLY C 120 14.02 0.84 7.44
CA GLY C 120 12.73 0.19 7.57
C GLY C 120 11.53 0.99 7.11
N ALA C 121 11.76 2.19 6.59
CA ALA C 121 10.66 3.04 6.13
C ALA C 121 10.23 2.68 4.72
N SER C 122 8.95 2.85 4.42
CA SER C 122 8.44 2.55 3.09
C SER C 122 9.03 3.62 2.16
N PHE C 123 9.46 4.72 2.77
CA PHE C 123 10.03 5.83 2.03
C PHE C 123 11.54 5.99 2.20
N GLU C 124 12.27 4.93 2.57
CA GLU C 124 13.69 5.13 2.78
C GLU C 124 14.55 5.39 1.54
N MSE C 125 13.96 5.28 0.35
CA MSE C 125 14.74 5.58 -0.86
C MSE C 125 14.67 7.09 -1.08
O MSE C 125 15.46 7.67 -1.83
CB MSE C 125 14.19 4.84 -2.08
CG MSE C 125 14.48 3.34 -2.07
SE MSE C 125 16.27 2.88 -1.52
CE MSE C 125 17.27 3.85 -2.88
N ASP C 126 13.70 7.72 -0.42
CA ASP C 126 13.50 9.16 -0.50
C ASP C 126 14.29 9.76 0.67
N ASP C 127 15.60 9.62 0.58
CA ASP C 127 16.56 10.08 1.59
C ASP C 127 16.75 11.60 1.64
N ARG C 128 15.79 12.30 2.23
CA ARG C 128 15.83 13.75 2.32
C ARG C 128 16.95 14.34 3.19
N TYR C 129 17.33 15.57 2.87
CA TYR C 129 18.39 16.27 3.60
C TYR C 129 17.86 16.89 4.88
N THR C 130 18.15 16.19 5.98
CA THR C 130 17.69 16.55 7.31
C THR C 130 18.74 16.97 8.34
N GLY C 131 20.01 16.88 7.98
CA GLY C 131 21.05 17.24 8.94
C GLY C 131 21.84 18.49 8.58
N TYR C 132 23.15 18.34 8.50
CA TYR C 132 24.04 19.45 8.16
C TYR C 132 23.78 19.93 6.74
N ASN C 133 23.97 21.23 6.53
CA ASN C 133 23.87 21.81 5.20
C ASN C 133 25.16 22.60 5.07
N VAL C 134 25.56 22.93 3.86
CA VAL C 134 26.80 23.66 3.65
C VAL C 134 26.90 24.94 4.47
N SER C 135 25.81 25.69 4.52
CA SER C 135 25.78 26.93 5.28
C SER C 135 26.28 26.78 6.72
N SER C 136 25.68 25.83 7.45
CA SER C 136 26.06 25.61 8.84
C SER C 136 27.46 25.01 8.99
N MSE C 137 27.88 24.23 8.00
CA MSE C 137 29.20 23.61 8.07
C MSE C 137 30.27 24.68 7.87
O MSE C 137 31.26 24.70 8.60
CB MSE C 137 29.33 22.53 7.00
CG MSE C 137 28.35 21.38 7.19
SE MSE C 137 28.78 19.83 6.13
CE MSE C 137 29.59 18.79 7.48
N VAL C 138 30.07 25.55 6.90
CA VAL C 138 31.02 26.62 6.64
C VAL C 138 31.11 27.51 7.88
N ASP C 139 29.95 27.87 8.43
CA ASP C 139 29.89 28.73 9.60
C ASP C 139 30.56 28.10 10.83
N ARG C 140 30.32 26.81 11.02
CA ARG C 140 30.85 26.10 12.18
C ARG C 140 32.31 25.69 12.02
N GLY C 141 32.73 25.49 10.78
CA GLY C 141 34.11 25.11 10.53
C GLY C 141 34.29 23.61 10.34
N VAL C 142 33.24 22.87 10.01
CA VAL C 142 33.42 21.44 9.80
C VAL C 142 34.27 21.38 8.53
N ASP C 143 35.12 20.37 8.42
CA ASP C 143 36.02 20.24 7.30
C ASP C 143 35.55 19.44 6.10
N PHE C 144 34.55 18.61 6.29
CA PHE C 144 34.10 17.71 5.24
C PHE C 144 32.59 17.49 5.28
N ALA C 145 31.98 17.28 4.11
CA ALA C 145 30.55 17.01 4.04
C ALA C 145 30.37 15.58 3.53
N LYS C 146 29.31 14.91 3.96
CA LYS C 146 29.07 13.53 3.51
C LYS C 146 27.60 13.29 3.22
N THR C 147 27.35 12.50 2.17
CA THR C 147 26.00 12.19 1.74
C THR C 147 25.83 10.69 1.44
N LEU C 148 24.61 10.19 1.64
CA LEU C 148 24.31 8.80 1.35
C LEU C 148 23.47 8.86 0.07
N VAL C 149 23.95 8.22 -0.99
CA VAL C 149 23.23 8.24 -2.26
C VAL C 149 22.88 6.84 -2.73
N ARG C 150 21.79 6.29 -2.21
CA ARG C 150 21.36 4.97 -2.60
C ARG C 150 20.47 5.12 -3.83
N ILE C 151 20.80 4.37 -4.87
CA ILE C 151 20.10 4.44 -6.13
C ILE C 151 19.26 3.19 -6.39
N ASN C 152 17.94 3.32 -6.23
CA ASN C 152 17.02 2.21 -6.44
C ASN C 152 16.21 2.47 -7.72
N LEU C 153 16.59 1.79 -8.78
CA LEU C 153 15.96 1.95 -10.08
C LEU C 153 14.44 1.74 -10.13
N SER C 154 13.88 0.97 -9.20
CA SER C 154 12.44 0.73 -9.24
C SER C 154 11.67 1.60 -8.24
N ASP C 155 12.36 2.50 -7.56
CA ASP C 155 11.72 3.35 -6.57
C ASP C 155 11.82 4.84 -6.92
N ALA C 156 10.68 5.45 -7.21
CA ALA C 156 10.61 6.87 -7.57
C ALA C 156 11.29 7.80 -6.57
N GLY C 157 11.41 7.34 -5.33
CA GLY C 157 12.05 8.15 -4.31
C GLY C 157 13.49 8.48 -4.63
N THR C 158 14.11 7.66 -5.46
CA THR C 158 15.50 7.89 -5.85
C THR C 158 15.64 9.20 -6.60
N ALA C 159 14.65 9.50 -7.43
CA ALA C 159 14.67 10.73 -8.23
C ALA C 159 14.94 11.98 -7.41
N PRO C 160 14.06 12.31 -6.45
CA PRO C 160 14.36 13.53 -5.69
C PRO C 160 15.68 13.47 -4.91
N THR C 161 16.14 12.27 -4.59
CA THR C 161 17.41 12.14 -3.86
C THR C 161 18.59 12.46 -4.77
N LEU C 162 18.52 12.06 -6.03
CA LEU C 162 19.59 12.35 -6.97
C LEU C 162 19.70 13.86 -7.14
N GLU C 163 18.55 14.51 -7.33
CA GLU C 163 18.52 15.95 -7.51
C GLU C 163 18.99 16.72 -6.27
N ALA C 164 18.58 16.27 -5.08
CA ALA C 164 18.98 16.93 -3.85
C ALA C 164 20.48 16.76 -3.63
N THR C 165 21.00 15.61 -4.01
CA THR C 165 22.44 15.34 -3.87
C THR C 165 23.20 16.27 -4.81
N ALA C 166 22.67 16.46 -6.01
CA ALA C 166 23.30 17.33 -6.98
C ALA C 166 23.37 18.75 -6.41
N HIS C 167 22.30 19.19 -5.76
CA HIS C 167 22.27 20.51 -5.16
C HIS C 167 23.28 20.61 -4.03
N ALA C 168 23.41 19.55 -3.24
CA ALA C 168 24.38 19.56 -2.15
C ALA C 168 25.79 19.75 -2.68
N VAL C 169 26.10 19.06 -3.78
CA VAL C 169 27.43 19.18 -4.39
C VAL C 169 27.62 20.59 -4.94
N ASN C 170 26.57 21.16 -5.54
CA ASN C 170 26.64 22.51 -6.07
C ASN C 170 27.14 23.44 -4.97
N GLU C 171 26.44 23.40 -3.84
CA GLU C 171 26.78 24.23 -2.69
C GLU C 171 28.13 23.91 -2.08
N ALA C 172 28.44 22.63 -1.92
CA ALA C 172 29.72 22.25 -1.33
C ALA C 172 30.88 22.72 -2.19
N ALA C 173 30.78 22.50 -3.50
CA ALA C 173 31.84 22.89 -4.42
C ALA C 173 32.03 24.40 -4.42
N ALA C 174 30.92 25.13 -4.50
CA ALA C 174 30.96 26.60 -4.51
C ALA C 174 31.61 27.15 -3.25
N ALA C 175 31.51 26.41 -2.15
CA ALA C 175 32.09 26.86 -0.87
C ALA C 175 33.46 26.24 -0.69
N GLN C 176 33.91 25.47 -1.68
CA GLN C 176 35.21 24.81 -1.62
C GLN C 176 35.29 23.88 -0.40
N LEU C 177 34.17 23.22 -0.13
CA LEU C 177 34.05 22.29 0.98
C LEU C 177 34.04 20.87 0.42
N PRO C 178 35.06 20.07 0.76
CA PRO C 178 35.10 18.69 0.25
C PRO C 178 33.81 17.96 0.59
N ILE C 179 33.26 17.23 -0.37
CA ILE C 179 32.04 16.49 -0.16
C ILE C 179 32.18 15.03 -0.56
N MSE C 180 31.90 14.18 0.42
CA MSE C 180 32.00 12.72 0.34
C MSE C 180 30.65 12.09 -0.02
O MSE C 180 29.67 12.26 0.72
CB MSE C 180 32.46 12.26 1.73
CG MSE C 180 32.96 10.86 1.91
SE MSE C 180 33.25 10.61 3.82
CE MSE C 180 34.78 11.75 4.09
N LEU C 181 30.58 11.36 -1.13
CA LEU C 181 29.34 10.71 -1.52
C LEU C 181 29.45 9.20 -1.35
N GLU C 182 28.48 8.60 -0.67
CA GLU C 182 28.46 7.15 -0.44
C GLU C 182 27.38 6.58 -1.35
N PRO C 183 27.78 6.10 -2.54
CA PRO C 183 26.84 5.53 -3.50
C PRO C 183 26.58 4.04 -3.34
N PHE C 184 25.44 3.61 -3.84
CA PHE C 184 25.01 2.22 -3.79
C PHE C 184 23.88 2.02 -4.79
N MSE C 185 23.78 0.80 -5.31
CA MSE C 185 22.67 0.46 -6.18
C MSE C 185 21.87 -0.33 -5.15
O MSE C 185 22.44 -1.15 -4.43
CB MSE C 185 23.11 -0.46 -7.32
CG MSE C 185 24.03 0.18 -8.35
SE MSE C 185 23.21 1.65 -9.34
CE MSE C 185 23.64 3.06 -8.13
N SER C 186 20.58 -0.06 -5.03
CA SER C 186 19.77 -0.76 -4.05
C SER C 186 18.49 -1.32 -4.66
N ASN C 187 18.00 -2.41 -4.07
CA ASN C 187 16.78 -3.04 -4.56
C ASN C 187 15.87 -3.41 -3.41
N TRP C 188 14.59 -3.52 -3.70
CA TRP C 188 13.62 -3.93 -2.69
C TRP C 188 13.58 -5.45 -2.79
N VAL C 189 13.88 -6.13 -1.70
CA VAL C 189 13.86 -7.59 -1.67
C VAL C 189 13.14 -8.04 -0.41
N ASN C 190 11.96 -8.65 -0.61
CA ASN C 190 11.15 -9.13 0.52
C ASN C 190 10.76 -7.96 1.42
N GLY C 191 10.40 -6.81 0.83
CA GLY C 191 10.00 -5.65 1.60
C GLY C 191 11.11 -4.90 2.33
N LYS C 192 12.36 -5.25 2.04
CA LYS C 192 13.47 -4.58 2.68
C LYS C 192 14.47 -4.09 1.64
N VAL C 193 15.22 -3.04 1.97
CA VAL C 193 16.20 -2.48 1.06
C VAL C 193 17.55 -3.19 1.23
N VAL C 194 18.05 -3.77 0.15
CA VAL C 194 19.35 -4.43 0.20
C VAL C 194 20.28 -3.82 -0.85
N ASN C 195 21.46 -3.39 -0.41
CA ASN C 195 22.41 -2.80 -1.34
C ASN C 195 23.05 -3.92 -2.15
N ASP C 196 23.21 -3.68 -3.45
CA ASP C 196 23.83 -4.66 -4.33
C ASP C 196 25.34 -4.48 -4.27
N LEU C 197 26.02 -5.39 -3.59
CA LEU C 197 27.47 -5.30 -3.46
C LEU C 197 28.27 -5.99 -4.54
N SER C 198 27.65 -6.34 -5.66
CA SER C 198 28.38 -6.99 -6.74
C SER C 198 29.28 -5.94 -7.39
N THR C 199 30.42 -6.37 -7.89
CA THR C 199 31.39 -5.47 -8.52
C THR C 199 30.78 -4.50 -9.53
N ASP C 200 29.99 -5.02 -10.46
CA ASP C 200 29.39 -4.16 -11.48
C ASP C 200 28.39 -3.14 -10.96
N ALA C 201 27.68 -3.48 -9.89
CA ALA C 201 26.72 -2.55 -9.32
C ALA C 201 27.45 -1.38 -8.69
N VAL C 202 28.53 -1.67 -7.95
CA VAL C 202 29.30 -0.62 -7.31
C VAL C 202 29.86 0.32 -8.37
N ILE C 203 30.36 -0.26 -9.46
CA ILE C 203 30.93 0.53 -10.54
C ILE C 203 29.85 1.44 -11.15
N GLN C 204 28.67 0.89 -11.39
CA GLN C 204 27.59 1.67 -11.97
C GLN C 204 27.17 2.82 -11.05
N SER C 205 27.18 2.57 -9.74
CA SER C 205 26.80 3.59 -8.78
C SER C 205 27.80 4.74 -8.76
N VAL C 206 29.08 4.41 -8.94
CA VAL C 206 30.11 5.42 -8.95
C VAL C 206 29.98 6.32 -10.17
N ALA C 207 29.74 5.72 -11.33
CA ALA C 207 29.60 6.49 -12.56
C ALA C 207 28.45 7.47 -12.45
N ILE C 208 27.40 7.07 -11.74
CA ILE C 208 26.23 7.93 -11.55
C ILE C 208 26.52 9.04 -10.54
N ALA C 209 27.03 8.66 -9.37
CA ALA C 209 27.32 9.63 -8.32
C ALA C 209 28.32 10.68 -8.78
N ALA C 210 29.38 10.25 -9.46
CA ALA C 210 30.41 11.15 -9.95
C ALA C 210 29.83 12.26 -10.81
N GLY C 211 28.75 11.96 -11.52
CA GLY C 211 28.14 12.95 -12.40
C GLY C 211 27.17 13.92 -11.74
N LEU C 212 26.98 13.79 -10.43
CA LEU C 212 26.06 14.67 -9.70
C LEU C 212 26.74 15.96 -9.26
N GLY C 213 26.12 17.09 -9.57
CA GLY C 213 26.68 18.37 -9.22
C GLY C 213 27.08 19.15 -10.46
N ASN C 214 27.25 20.46 -10.33
CA ASN C 214 27.64 21.29 -11.48
C ASN C 214 29.12 21.59 -11.45
N ASP C 215 29.82 20.94 -10.53
CA ASP C 215 31.26 21.10 -10.36
C ASP C 215 31.67 19.91 -9.50
N SER C 216 32.39 18.96 -10.07
CA SER C 216 32.81 17.81 -9.29
C SER C 216 34.31 17.81 -9.06
N SER C 217 34.80 18.91 -8.50
CA SER C 217 36.22 19.06 -8.23
C SER C 217 36.49 18.94 -6.74
N TYR C 218 35.43 18.82 -5.95
CA TYR C 218 35.56 18.69 -4.51
C TYR C 218 34.85 17.44 -4.00
N THR C 219 34.49 16.54 -4.90
CA THR C 219 33.79 15.35 -4.46
C THR C 219 34.65 14.12 -4.31
N TRP C 220 34.44 13.43 -3.19
CA TRP C 220 35.16 12.20 -2.85
C TRP C 220 34.15 11.06 -2.91
N MSE C 221 34.66 9.84 -2.87
CA MSE C 221 33.82 8.65 -2.90
C MSE C 221 34.06 7.88 -1.61
O MSE C 221 35.18 7.80 -1.11
CB MSE C 221 34.15 7.76 -4.09
CG MSE C 221 33.81 8.35 -5.46
SE MSE C 221 31.92 8.31 -5.87
CE MSE C 221 31.51 10.18 -5.71
N LYS C 222 32.99 7.30 -1.07
CA LYS C 222 33.05 6.49 0.13
C LYS C 222 32.49 5.18 -0.39
N LEU C 223 33.36 4.22 -0.69
CA LEU C 223 32.92 2.95 -1.25
C LEU C 223 33.11 1.74 -0.35
N PRO C 224 32.35 0.66 -0.63
CA PRO C 224 32.44 -0.57 0.14
C PRO C 224 33.52 -1.47 -0.46
N VAL C 225 34.26 -2.17 0.39
CA VAL C 225 35.30 -3.07 -0.11
C VAL C 225 34.57 -4.27 -0.68
N VAL C 226 34.62 -4.41 -2.00
CA VAL C 226 33.93 -5.47 -2.71
C VAL C 226 34.84 -6.36 -3.54
N GLU C 227 34.25 -7.41 -4.11
CA GLU C 227 34.97 -8.35 -4.96
C GLU C 227 35.58 -7.59 -6.15
N GLU C 228 36.80 -7.98 -6.55
CA GLU C 228 37.48 -7.35 -7.69
C GLU C 228 37.63 -5.79 -7.62
N MSE C 229 38.17 -5.28 -6.50
CA MSE C 229 38.35 -3.85 -6.13
C MSE C 229 39.31 -2.95 -6.86
O MSE C 229 39.46 -1.75 -6.52
CB MSE C 229 38.79 -3.76 -4.69
CG MSE C 229 37.65 -3.65 -3.67
SE MSE C 229 36.57 -2.08 -3.87
CE MSE C 229 37.49 -0.92 -2.64
N GLU C 230 39.98 -3.48 -7.86
CA GLU C 230 41.02 -2.71 -8.53
C GLU C 230 40.43 -2.36 -9.85
N ARG C 231 39.29 -2.99 -10.04
CA ARG C 231 38.48 -2.86 -11.20
C ARG C 231 37.40 -1.84 -10.84
N VAL C 232 37.02 -1.80 -9.57
CA VAL C 232 36.02 -0.84 -9.11
C VAL C 232 36.74 0.51 -9.10
N MSE C 233 38.02 0.49 -8.71
CA MSE C 233 38.81 1.71 -8.66
C MSE C 233 39.13 2.29 -10.02
O MSE C 233 39.60 3.42 -10.13
CB MSE C 233 40.09 1.48 -7.87
CG MSE C 233 39.88 1.33 -6.37
SE MSE C 233 38.69 2.66 -5.62
CE MSE C 233 37.24 1.50 -5.13
N GLU C 234 38.90 1.51 -11.07
CA GLU C 234 39.15 2.00 -12.43
C GLU C 234 37.90 2.77 -12.86
N SER C 235 36.96 2.93 -11.93
CA SER C 235 35.71 3.65 -12.17
C SER C 235 35.84 5.15 -12.05
N THR C 236 36.72 5.61 -11.16
CA THR C 236 36.94 7.04 -10.99
C THR C 236 38.37 7.43 -10.76
N THR C 237 38.59 8.73 -10.83
CA THR C 237 39.89 9.34 -10.63
C THR C 237 39.80 10.11 -9.32
N MSE C 238 38.64 10.01 -8.68
CA MSE C 238 38.39 10.73 -7.44
C MSE C 238 38.92 10.08 -6.17
O MSE C 238 38.97 8.86 -6.05
CB MSE C 238 36.90 10.98 -7.29
CG MSE C 238 36.34 11.78 -8.45
SE MSE C 238 34.43 11.89 -8.43
CE MSE C 238 34.25 13.57 -9.38
N PRO C 239 39.33 10.92 -5.20
CA PRO C 239 39.85 10.41 -3.93
C PRO C 239 38.78 9.55 -3.27
N THR C 240 39.18 8.36 -2.85
CA THR C 240 38.24 7.42 -2.26
C THR C 240 38.59 6.98 -0.84
N LEU C 241 37.55 6.78 -0.04
CA LEU C 241 37.69 6.33 1.33
C LEU C 241 36.85 5.06 1.44
N LEU C 242 37.37 4.06 2.15
CA LEU C 242 36.67 2.81 2.30
C LEU C 242 35.80 2.76 3.55
N LEU C 243 34.69 2.02 3.46
CA LEU C 243 33.77 1.88 4.58
C LEU C 243 33.72 0.42 5.00
N GLY C 244 33.44 0.20 6.29
CA GLY C 244 33.35 -1.15 6.81
C GLY C 244 31.95 -1.39 7.29
N GLY C 245 31.10 -1.94 6.41
CA GLY C 245 29.71 -2.18 6.75
C GLY C 245 29.38 -3.07 7.93
N GLU C 246 28.49 -4.02 7.67
CA GLU C 246 28.00 -4.99 8.64
C GLU C 246 29.00 -5.48 9.70
N GLY C 247 30.04 -6.18 9.26
CA GLY C 247 31.03 -6.67 10.20
C GLY C 247 31.59 -8.05 9.87
N GLY C 248 30.76 -9.07 9.95
CA GLY C 248 31.22 -10.42 9.67
C GLY C 248 31.67 -11.17 10.91
N PRO C 251 36.53 -11.20 10.81
CA PRO C 251 37.20 -10.10 11.49
C PRO C 251 38.61 -9.86 10.97
N ASP C 252 39.45 -10.89 11.01
CA ASP C 252 40.81 -10.76 10.51
C ASP C 252 40.71 -10.64 9.00
N ALA C 253 39.78 -11.40 8.42
CA ALA C 253 39.55 -11.39 6.98
C ALA C 253 39.14 -9.99 6.54
N THR C 254 38.33 -9.33 7.37
CA THR C 254 37.87 -7.98 7.07
C THR C 254 39.04 -7.02 6.96
N PHE C 255 39.90 -7.01 7.98
CA PHE C 255 41.07 -6.13 7.99
C PHE C 255 41.97 -6.41 6.79
N ALA C 256 42.06 -7.67 6.38
CA ALA C 256 42.89 -8.05 5.25
C ALA C 256 42.38 -7.47 3.94
N SER C 257 41.07 -7.47 3.75
CA SER C 257 40.49 -6.92 2.53
C SER C 257 40.73 -5.42 2.45
N TRP C 258 40.69 -4.75 3.59
CA TRP C 258 40.92 -3.30 3.65
C TRP C 258 42.38 -3.03 3.27
N GLU C 259 43.28 -3.80 3.88
CA GLU C 259 44.70 -3.66 3.63
C GLU C 259 45.01 -3.76 2.14
N HIS C 260 44.37 -4.69 1.45
CA HIS C 260 44.60 -4.85 0.01
C HIS C 260 44.05 -3.66 -0.76
N ALA C 261 42.77 -3.35 -0.55
CA ALA C 261 42.11 -2.25 -1.25
C ALA C 261 42.85 -0.93 -0.98
N LEU C 262 43.39 -0.80 0.22
CA LEU C 262 44.10 0.40 0.62
C LEU C 262 45.32 0.69 -0.26
N THR C 263 45.76 -0.30 -1.02
CA THR C 263 46.91 -0.12 -1.91
C THR C 263 46.52 0.33 -3.31
N LEU C 264 45.23 0.23 -3.63
CA LEU C 264 44.73 0.60 -4.94
C LEU C 264 44.84 2.09 -5.27
N PRO C 265 44.96 2.41 -6.57
CA PRO C 265 45.08 3.78 -7.07
C PRO C 265 43.92 4.67 -6.64
N GLY C 266 44.23 5.81 -6.03
CA GLY C 266 43.19 6.73 -5.61
C GLY C 266 42.63 6.54 -4.21
N VAL C 267 42.80 5.36 -3.63
CA VAL C 267 42.30 5.13 -2.28
C VAL C 267 43.13 5.96 -1.31
N ARG C 268 42.46 6.77 -0.51
CA ARG C 268 43.12 7.65 0.44
C ARG C 268 42.94 7.30 1.92
N GLY C 269 42.19 6.24 2.20
CA GLY C 269 42.00 5.87 3.59
C GLY C 269 40.70 5.18 3.96
N LEU C 270 40.31 5.34 5.21
CA LEU C 270 39.11 4.72 5.76
C LEU C 270 38.14 5.69 6.44
N THR C 271 36.86 5.32 6.42
CA THR C 271 35.79 6.06 7.06
C THR C 271 34.86 4.94 7.54
N VAL C 272 35.29 4.30 8.62
CA VAL C 272 34.58 3.16 9.20
C VAL C 272 33.90 3.49 10.53
N GLY C 273 32.77 2.84 10.78
CA GLY C 273 32.05 3.08 12.01
C GLY C 273 31.66 1.84 12.79
N ARG C 274 30.56 1.21 12.39
CA ARG C 274 30.03 0.01 13.04
C ARG C 274 31.09 -0.99 13.53
N THR C 275 32.06 -1.32 12.67
CA THR C 275 33.10 -2.28 13.01
C THR C 275 34.18 -1.90 14.02
N LEU C 276 34.73 -0.69 13.92
CA LEU C 276 35.78 -0.28 14.85
C LEU C 276 35.21 0.05 16.23
N LEU C 277 34.07 0.75 16.24
CA LEU C 277 33.39 1.05 17.49
C LEU C 277 32.54 -0.21 17.57
N TYR C 278 32.23 -0.70 18.77
CA TYR C 278 31.43 -1.92 18.86
C TYR C 278 32.11 -3.14 18.25
N PRO C 279 33.38 -3.39 18.63
CA PRO C 279 34.01 -4.58 18.04
C PRO C 279 33.37 -5.79 18.70
N GLN C 280 33.27 -6.89 17.96
CA GLN C 280 32.67 -8.12 18.45
C GLN C 280 33.16 -8.50 19.86
N ASP C 281 34.44 -8.29 20.12
CA ASP C 281 35.03 -8.62 21.42
C ASP C 281 35.08 -7.45 22.40
N GLY C 282 34.50 -6.32 22.02
CA GLY C 282 34.47 -5.17 22.91
C GLY C 282 35.75 -4.40 23.16
N ASP C 283 36.79 -4.62 22.36
CA ASP C 283 38.06 -3.91 22.55
C ASP C 283 38.21 -2.81 21.50
N VAL C 284 37.60 -1.66 21.77
CA VAL C 284 37.64 -0.52 20.87
C VAL C 284 39.05 -0.06 20.49
N ALA C 285 39.94 0.03 21.47
CA ALA C 285 41.30 0.47 21.19
C ALA C 285 42.06 -0.48 20.28
N ALA C 286 41.93 -1.78 20.52
CA ALA C 286 42.62 -2.77 19.70
C ALA C 286 42.16 -2.69 18.24
N ALA C 287 40.84 -2.67 18.05
CA ALA C 287 40.26 -2.60 16.71
C ALA C 287 40.63 -1.28 16.03
N VAL C 288 40.46 -0.17 16.75
CA VAL C 288 40.78 1.13 16.18
C VAL C 288 42.27 1.24 15.89
N ASP C 289 43.11 0.80 16.83
CA ASP C 289 44.55 0.85 16.65
C ASP C 289 44.98 0.05 15.43
N THR C 290 44.32 -1.08 15.19
CA THR C 290 44.66 -1.92 14.06
C THR C 290 44.41 -1.19 12.75
N ALA C 291 43.23 -0.58 12.65
CA ALA C 291 42.85 0.16 11.46
C ALA C 291 43.86 1.27 11.23
N ALA C 292 44.15 2.00 12.31
CA ALA C 292 45.08 3.12 12.27
C ALA C 292 46.43 2.76 11.65
N ARG C 293 46.96 1.59 12.01
CA ARG C 293 48.25 1.17 11.46
C ARG C 293 48.10 0.68 10.02
N LEU C 294 46.87 0.33 9.66
CA LEU C 294 46.58 -0.14 8.31
C LEU C 294 46.54 1.05 7.35
N VAL C 295 46.22 2.24 7.88
CA VAL C 295 46.18 3.46 7.06
C VAL C 295 47.50 4.20 7.10
N HIS C 296 48.00 4.47 8.31
CA HIS C 296 49.27 5.16 8.48
C HIS C 296 50.33 4.16 8.90
N THR C 297 51.05 3.61 7.93
CA THR C 297 52.08 2.63 8.21
C THR C 297 53.27 3.15 9.02
N ASP C 298 53.29 4.46 9.27
CA ASP C 298 54.35 5.11 10.04
C ASP C 298 55.67 5.29 9.27
N ILE C 299 55.60 5.23 7.93
CA ILE C 299 56.80 5.38 7.08
C ILE C 299 57.31 6.82 6.95
N PRO D 3 51.99 4.38 -27.87
CA PRO D 3 52.36 5.58 -27.09
C PRO D 3 51.10 6.29 -26.62
N PRO D 4 50.63 5.98 -25.39
CA PRO D 4 49.43 6.57 -24.80
C PRO D 4 49.58 8.04 -24.40
N ILE D 5 48.57 8.83 -24.74
CA ILE D 5 48.59 10.27 -24.45
C ILE D 5 48.68 10.53 -22.94
N ILE D 6 47.95 9.77 -22.15
CA ILE D 6 47.97 9.94 -20.70
C ILE D 6 48.77 8.82 -20.05
N SER D 7 49.99 9.14 -19.63
CA SER D 7 50.89 8.18 -18.99
C SER D 7 50.41 7.89 -17.57
N PRO D 8 50.88 6.78 -16.98
CA PRO D 8 50.42 6.52 -15.61
C PRO D 8 50.92 7.55 -14.60
N GLU D 9 51.91 8.36 -14.98
CA GLU D 9 52.39 9.40 -14.09
C GLU D 9 51.39 10.54 -14.17
N SER D 10 50.87 10.77 -15.37
CA SER D 10 49.90 11.84 -15.57
C SER D 10 48.61 11.50 -14.83
N PHE D 11 48.17 10.25 -14.89
CA PHE D 11 46.96 9.87 -14.18
C PHE D 11 47.21 9.98 -12.68
N GLU D 12 48.36 9.49 -12.20
CA GLU D 12 48.67 9.59 -10.78
C GLU D 12 48.64 11.05 -10.36
N ALA D 13 49.03 11.93 -11.28
CA ALA D 13 49.04 13.35 -11.02
C ALA D 13 47.61 13.90 -10.97
N LEU D 14 46.73 13.30 -11.78
CA LEU D 14 45.34 13.74 -11.80
C LEU D 14 44.66 13.47 -10.46
N ARG D 15 44.87 12.26 -9.94
CA ARG D 15 44.29 11.85 -8.67
C ARG D 15 44.89 12.67 -7.52
N ARG D 16 46.21 12.80 -7.53
CA ARG D 16 46.89 13.53 -6.48
C ARG D 16 46.35 14.96 -6.39
N MSE D 17 45.95 15.51 -7.53
CA MSE D 17 45.42 16.88 -7.56
C MSE D 17 44.03 16.99 -6.94
O MSE D 17 43.78 17.84 -6.09
CB MSE D 17 45.39 17.42 -8.98
CG MSE D 17 44.78 18.79 -9.10
SE MSE D 17 44.62 19.34 -10.93
CE MSE D 17 46.45 19.89 -11.23
N ARG D 18 43.11 16.13 -7.37
CA ARG D 18 41.76 16.16 -6.83
C ARG D 18 41.80 16.07 -5.31
N ALA D 19 42.76 15.32 -4.80
CA ALA D 19 42.90 15.13 -3.36
C ALA D 19 43.64 16.22 -2.59
N ALA D 20 44.71 16.77 -3.15
CA ALA D 20 45.48 17.79 -2.45
C ALA D 20 45.43 19.22 -2.99
N GLU D 21 45.01 19.38 -4.23
CA GLU D 21 44.92 20.72 -4.82
C GLU D 21 43.66 20.88 -5.66
N PRO D 22 42.48 20.72 -5.04
CA PRO D 22 41.22 20.85 -5.80
C PRO D 22 41.06 22.19 -6.52
N THR D 23 41.68 23.24 -5.99
CA THR D 23 41.57 24.56 -6.62
C THR D 23 42.18 24.62 -8.01
N MSE D 24 43.18 23.78 -8.27
CA MSE D 24 43.83 23.78 -9.57
C MSE D 24 42.87 23.39 -10.70
O MSE D 24 43.10 23.75 -11.85
CB MSE D 24 45.03 22.84 -9.59
CG MSE D 24 46.23 23.32 -8.78
SE MSE D 24 46.91 25.06 -9.36
CE MSE D 24 46.04 26.18 -8.04
N VAL D 25 41.80 22.68 -10.36
CA VAL D 25 40.87 22.26 -11.39
C VAL D 25 40.20 23.49 -12.02
N ALA D 26 39.59 24.31 -11.18
CA ALA D 26 38.92 25.51 -11.66
C ALA D 26 39.91 26.50 -12.28
N GLU D 27 41.10 26.61 -11.68
CA GLU D 27 42.11 27.53 -12.19
C GLU D 27 42.57 27.14 -13.60
N ARG D 28 42.91 25.86 -13.78
CA ARG D 28 43.35 25.39 -15.09
C ARG D 28 42.21 25.52 -16.09
N PHE D 29 40.98 25.40 -15.60
CA PHE D 29 39.81 25.49 -16.46
C PHE D 29 39.66 26.90 -17.02
N LYS D 30 39.89 27.90 -16.18
CA LYS D 30 39.76 29.29 -16.60
C LYS D 30 40.95 29.83 -17.39
N GLN D 31 42.12 29.19 -17.26
CA GLN D 31 43.30 29.62 -18.00
C GLN D 31 43.28 29.00 -19.39
N ARG D 32 42.24 28.22 -19.63
CA ARG D 32 42.00 27.52 -20.89
C ARG D 32 41.90 28.49 -22.06
N ARG D 33 42.53 28.15 -23.18
CA ARG D 33 42.48 28.97 -24.38
C ARG D 33 41.13 28.76 -25.04
N LYS D 34 40.36 29.82 -25.18
CA LYS D 34 39.04 29.71 -25.79
C LYS D 34 39.05 30.01 -27.28
N ARG D 35 37.99 29.58 -27.97
CA ARG D 35 37.86 29.80 -29.40
C ARG D 35 36.44 30.18 -29.75
N GLU D 36 36.24 30.64 -30.98
CA GLU D 36 34.91 31.00 -31.45
C GLU D 36 34.11 29.71 -31.56
N LEU D 37 32.80 29.81 -31.40
CA LEU D 37 31.94 28.64 -31.47
C LEU D 37 32.07 28.01 -32.85
N LEU D 38 31.76 28.79 -33.88
CA LEU D 38 31.84 28.30 -35.25
C LEU D 38 33.10 28.75 -35.95
N GLY D 39 33.74 27.81 -36.63
CA GLY D 39 34.96 28.09 -37.36
C GLY D 39 34.65 28.76 -38.68
N GLU D 40 35.64 28.78 -39.57
CA GLU D 40 35.50 29.39 -40.88
C GLU D 40 34.47 28.68 -41.76
N ASP D 41 34.39 27.37 -41.66
CA ASP D 41 33.44 26.61 -42.48
C ASP D 41 32.07 26.50 -41.82
N GLY D 42 31.92 27.13 -40.66
CA GLY D 42 30.65 27.13 -39.95
C GLY D 42 30.14 25.78 -39.47
N LYS D 43 30.99 24.76 -39.52
CA LYS D 43 30.59 23.43 -39.08
C LYS D 43 31.14 23.11 -37.69
N LEU D 44 30.52 22.14 -37.03
CA LEU D 44 30.93 21.77 -35.68
C LEU D 44 30.95 20.26 -35.51
N PHE D 45 32.00 19.74 -34.89
CA PHE D 45 32.13 18.31 -34.64
C PHE D 45 32.50 18.12 -33.16
N ILE D 46 31.59 17.52 -32.41
CA ILE D 46 31.79 17.31 -30.98
C ILE D 46 31.65 15.84 -30.56
N VAL D 47 32.58 15.39 -29.72
CA VAL D 47 32.55 14.01 -29.25
C VAL D 47 31.86 13.97 -27.89
N ALA D 48 30.87 13.10 -27.76
CA ALA D 48 30.09 12.97 -26.53
C ALA D 48 30.48 11.83 -25.59
N ALA D 49 30.44 12.12 -24.29
CA ALA D 49 30.77 11.13 -23.27
C ALA D 49 30.05 11.40 -21.96
N ASP D 50 28.77 11.76 -22.04
CA ASP D 50 27.99 12.03 -20.83
C ASP D 50 27.06 10.88 -20.45
N HIS D 51 27.28 9.72 -21.07
CA HIS D 51 26.45 8.54 -20.82
C HIS D 51 26.61 7.90 -19.44
N PRO D 52 27.86 7.71 -18.97
CA PRO D 52 28.09 7.09 -17.66
C PRO D 52 27.23 7.68 -16.54
N ALA D 53 27.24 9.00 -16.42
CA ALA D 53 26.49 9.70 -15.38
C ALA D 53 24.99 9.37 -15.39
N ARG D 54 24.52 8.84 -16.51
CA ARG D 54 23.11 8.49 -16.61
C ARG D 54 22.90 6.99 -16.35
N GLY D 55 23.99 6.32 -15.94
CA GLY D 55 23.93 4.91 -15.66
C GLY D 55 23.92 4.03 -16.91
N ALA D 56 24.48 4.56 -18.00
CA ALA D 56 24.51 3.81 -19.26
C ALA D 56 25.95 3.58 -19.74
N LEU D 57 26.52 2.45 -19.35
CA LEU D 57 27.90 2.11 -19.74
C LEU D 57 28.02 1.23 -20.99
N ALA D 58 26.90 0.79 -21.55
CA ALA D 58 26.95 -0.11 -22.69
C ALA D 58 27.23 0.48 -24.08
N VAL D 59 27.73 -0.39 -24.97
CA VAL D 59 28.04 -0.05 -26.36
C VAL D 59 27.73 -1.27 -27.22
N GLY D 60 27.95 -2.46 -26.65
CA GLY D 60 27.70 -3.73 -27.30
C GLY D 60 28.15 -4.69 -26.22
N ASP D 61 28.89 -4.08 -25.30
CA ASP D 61 29.49 -4.67 -24.12
C ASP D 61 28.79 -3.93 -22.98
N ASN D 62 28.01 -4.64 -22.17
CA ASN D 62 27.31 -4.00 -21.06
C ASN D 62 28.24 -3.37 -20.04
N GLU D 63 28.63 -4.17 -19.05
CA GLU D 63 29.52 -3.72 -17.99
C GLU D 63 30.67 -2.88 -18.50
N THR D 64 31.73 -3.52 -18.98
CA THR D 64 32.88 -2.79 -19.49
C THR D 64 32.41 -1.72 -20.48
N ALA D 65 33.36 -1.05 -21.11
CA ALA D 65 33.03 0.01 -22.05
C ALA D 65 32.46 1.15 -21.23
N MSE D 66 33.24 2.19 -21.05
CA MSE D 66 32.84 3.37 -20.27
C MSE D 66 32.94 3.13 -18.77
O MSE D 66 33.08 4.09 -18.00
CB MSE D 66 31.41 3.80 -20.67
CG MSE D 66 31.24 3.93 -22.18
SE MSE D 66 29.86 5.17 -22.76
CE MSE D 66 30.95 6.74 -23.00
N ALA D 67 32.87 1.88 -18.35
CA ALA D 67 32.98 1.55 -16.93
C ALA D 67 34.36 1.96 -16.43
N ASN D 68 35.37 1.77 -17.28
CA ASN D 68 36.74 2.15 -16.93
C ASN D 68 36.95 3.61 -17.32
N ARG D 69 36.92 4.49 -16.31
CA ARG D 69 37.08 5.91 -16.54
C ARG D 69 38.43 6.30 -17.13
N TYR D 70 39.49 5.58 -16.76
CA TYR D 70 40.81 5.89 -17.28
C TYR D 70 40.88 5.64 -18.79
N GLU D 71 40.27 4.57 -19.26
CA GLU D 71 40.28 4.27 -20.68
C GLU D 71 39.35 5.24 -21.39
N LEU D 72 38.27 5.62 -20.73
CA LEU D 72 37.32 6.56 -21.33
C LEU D 72 38.08 7.85 -21.62
N LEU D 73 38.85 8.31 -20.64
CA LEU D 73 39.62 9.54 -20.79
C LEU D 73 40.67 9.41 -21.90
N GLU D 74 41.31 8.24 -21.99
CA GLU D 74 42.31 8.02 -23.02
C GLU D 74 41.66 8.11 -24.40
N ARG D 75 40.56 7.37 -24.57
CA ARG D 75 39.85 7.36 -25.83
C ARG D 75 39.39 8.78 -26.19
N MSE D 76 39.07 9.56 -25.17
CA MSE D 76 38.65 10.95 -25.37
C MSE D 76 39.84 11.79 -25.81
O MSE D 76 39.75 12.57 -26.74
CB MSE D 76 38.06 11.52 -24.08
CG MSE D 76 36.58 11.86 -24.15
SE MSE D 76 36.18 13.17 -25.53
CE MSE D 76 36.08 11.97 -27.01
N ALA D 77 40.97 11.61 -25.12
CA ALA D 77 42.18 12.33 -25.43
C ALA D 77 42.59 12.11 -26.88
N ILE D 78 42.46 10.87 -27.33
CA ILE D 78 42.80 10.52 -28.70
C ILE D 78 41.89 11.28 -29.66
N ALA D 79 40.58 11.20 -29.42
CA ALA D 79 39.62 11.89 -30.27
C ALA D 79 39.93 13.39 -30.35
N LEU D 80 40.17 14.01 -29.19
CA LEU D 80 40.48 15.43 -29.14
C LEU D 80 41.79 15.81 -29.82
N SER D 81 42.70 14.86 -29.98
CA SER D 81 43.99 15.13 -30.60
C SER D 81 43.90 15.10 -32.12
N ARG D 82 42.88 14.44 -32.64
CA ARG D 82 42.71 14.34 -34.08
C ARG D 82 42.24 15.66 -34.66
N PRO D 83 42.83 16.08 -35.80
CA PRO D 83 42.39 17.33 -36.39
C PRO D 83 40.93 17.21 -36.81
N GLY D 84 40.17 18.29 -36.66
CA GLY D 84 38.77 18.26 -37.04
C GLY D 84 37.80 18.20 -35.88
N VAL D 85 38.26 17.75 -34.71
CA VAL D 85 37.37 17.69 -33.56
C VAL D 85 37.36 19.03 -32.82
N ASP D 86 36.24 19.71 -32.90
CA ASP D 86 36.09 21.03 -32.27
C ASP D 86 35.86 21.01 -30.77
N GLY D 87 35.32 19.93 -30.24
CA GLY D 87 35.08 19.89 -28.81
C GLY D 87 34.53 18.61 -28.24
N VAL D 88 34.12 18.68 -26.98
CA VAL D 88 33.59 17.55 -26.26
C VAL D 88 32.37 17.89 -25.43
N LEU D 89 31.48 16.92 -25.27
CA LEU D 89 30.27 17.07 -24.48
C LEU D 89 30.39 16.12 -23.29
N GLY D 90 30.27 16.64 -22.10
CA GLY D 90 30.38 15.79 -20.94
C GLY D 90 29.77 16.36 -19.68
N THR D 91 29.67 15.52 -18.66
CA THR D 91 29.14 15.93 -17.37
C THR D 91 30.32 16.60 -16.67
N PRO D 92 30.07 17.35 -15.58
CA PRO D 92 31.18 18.01 -14.89
C PRO D 92 32.37 17.13 -14.51
N ASP D 93 32.10 15.88 -14.13
CA ASP D 93 33.16 14.95 -13.73
C ASP D 93 34.10 14.63 -14.89
N ILE D 94 33.54 14.47 -16.09
CA ILE D 94 34.32 14.19 -17.29
C ILE D 94 35.14 15.42 -17.66
N ILE D 95 34.47 16.55 -17.78
CA ILE D 95 35.11 17.80 -18.15
C ILE D 95 36.23 18.20 -17.19
N ASP D 96 35.94 18.27 -15.89
CA ASP D 96 36.96 18.66 -14.92
C ASP D 96 38.25 17.86 -15.08
N ASP D 97 38.12 16.58 -15.40
CA ASP D 97 39.29 15.73 -15.60
C ASP D 97 40.02 16.16 -16.87
N LEU D 98 39.27 16.32 -17.96
CA LEU D 98 39.87 16.74 -19.22
C LEU D 98 40.50 18.12 -19.01
N ALA D 99 39.86 18.95 -18.19
CA ALA D 99 40.38 20.29 -17.93
C ALA D 99 41.72 20.20 -17.19
N ALA D 100 41.76 19.46 -16.09
CA ALA D 100 42.99 19.33 -15.32
C ALA D 100 44.12 18.78 -16.20
N LEU D 101 43.79 17.84 -17.07
CA LEU D 101 44.78 17.26 -17.97
C LEU D 101 45.27 18.29 -18.99
N GLY D 102 44.47 19.33 -19.22
CA GLY D 102 44.84 20.38 -20.16
C GLY D 102 44.35 20.13 -21.57
N LEU D 103 43.59 19.04 -21.74
CA LEU D 103 43.05 18.65 -23.04
C LEU D 103 41.92 19.55 -23.56
N LEU D 104 41.68 20.68 -22.91
CA LEU D 104 40.58 21.54 -23.33
C LEU D 104 40.91 22.88 -24.02
N ASP D 105 42.18 23.13 -24.34
CA ASP D 105 42.54 24.36 -25.03
C ASP D 105 41.98 24.32 -26.45
N ASP D 106 41.56 25.48 -26.97
CA ASP D 106 41.01 25.59 -28.31
C ASP D 106 39.93 24.57 -28.64
N LYS D 107 39.06 24.30 -27.69
CA LYS D 107 37.97 23.36 -27.88
C LYS D 107 36.66 23.92 -27.38
N ILE D 108 35.57 23.41 -27.92
CA ILE D 108 34.24 23.82 -27.52
C ILE D 108 33.84 22.86 -26.40
N VAL D 109 33.56 23.40 -25.22
CA VAL D 109 33.15 22.56 -24.10
C VAL D 109 31.64 22.61 -23.96
N VAL D 110 31.01 21.43 -23.95
CA VAL D 110 29.56 21.34 -23.82
C VAL D 110 29.25 20.56 -22.56
N GLY D 111 28.41 21.11 -21.70
CA GLY D 111 28.10 20.41 -20.47
C GLY D 111 26.71 19.80 -20.41
N SER D 112 26.63 18.57 -19.90
CA SER D 112 25.37 17.87 -19.77
C SER D 112 24.68 18.39 -18.52
N MSE D 113 23.43 18.80 -18.67
CA MSE D 113 22.66 19.35 -17.56
C MSE D 113 21.83 18.32 -16.80
O MSE D 113 21.90 18.25 -15.57
CB MSE D 113 21.75 20.46 -18.07
CG MSE D 113 22.47 21.64 -18.69
SE MSE D 113 21.20 22.98 -19.32
CE MSE D 113 20.98 23.99 -17.67
N ASN D 114 21.02 17.54 -17.51
CA ASN D 114 20.17 16.57 -16.83
C ASN D 114 20.53 15.11 -17.06
N ARG D 115 20.63 14.36 -15.97
CA ARG D 115 20.96 12.94 -15.97
C ARG D 115 20.06 12.16 -15.00
N GLY D 116 19.06 12.83 -14.45
CA GLY D 116 18.17 12.19 -13.50
C GLY D 116 17.42 10.96 -13.98
N GLY D 117 16.99 10.96 -15.22
CA GLY D 117 16.27 9.82 -15.76
C GLY D 117 17.21 8.65 -16.05
N LEU D 118 17.68 8.02 -14.97
CA LEU D 118 18.60 6.89 -15.08
C LEU D 118 18.09 5.76 -15.94
N ARG D 119 19.01 5.12 -16.66
CA ARG D 119 18.65 3.99 -17.52
C ARG D 119 18.09 2.85 -16.69
N GLY D 120 16.92 2.34 -17.09
CA GLY D 120 16.31 1.25 -16.37
C GLY D 120 15.51 1.62 -15.14
N ALA D 121 15.39 2.91 -14.87
CA ALA D 121 14.64 3.36 -13.70
C ALA D 121 13.15 3.47 -13.99
N SER D 122 12.34 3.22 -12.97
CA SER D 122 10.89 3.31 -13.14
C SER D 122 10.55 4.77 -13.36
N PHE D 123 11.49 5.62 -12.94
CA PHE D 123 11.33 7.06 -13.05
C PHE D 123 12.21 7.71 -14.10
N GLU D 124 12.67 6.97 -15.11
CA GLU D 124 13.55 7.62 -16.07
C GLU D 124 12.93 8.64 -17.01
N MSE D 125 11.61 8.80 -16.98
CA MSE D 125 10.99 9.82 -17.82
C MSE D 125 11.03 11.13 -17.05
O MSE D 125 10.89 12.22 -17.61
CB MSE D 125 9.54 9.45 -18.16
CG MSE D 125 9.40 8.33 -19.18
SE MSE D 125 10.63 8.46 -20.67
CE MSE D 125 10.10 10.18 -21.37
N ASP D 126 11.27 11.02 -15.74
CA ASP D 126 11.37 12.18 -14.85
C ASP D 126 12.86 12.53 -14.80
N ASP D 127 13.39 12.96 -15.94
CA ASP D 127 14.79 13.32 -16.14
C ASP D 127 15.20 14.64 -15.47
N ARG D 128 15.39 14.61 -14.16
CA ARG D 128 15.75 15.81 -13.40
C ARG D 128 17.15 16.39 -13.71
N TYR D 129 17.28 17.69 -13.47
CA TYR D 129 18.54 18.40 -13.72
C TYR D 129 19.51 18.21 -12.57
N THR D 130 20.46 17.30 -12.80
CA THR D 130 21.46 16.90 -11.83
C THR D 130 22.91 17.26 -12.12
N GLY D 131 23.19 17.83 -13.29
CA GLY D 131 24.57 18.17 -13.61
C GLY D 131 24.87 19.64 -13.69
N TYR D 132 25.38 20.06 -14.84
CA TYR D 132 25.70 21.46 -15.08
C TYR D 132 24.46 22.33 -15.07
N ASN D 133 24.61 23.57 -14.61
CA ASN D 133 23.51 24.53 -14.66
C ASN D 133 24.17 25.75 -15.30
N VAL D 134 23.36 26.65 -15.84
CA VAL D 134 23.90 27.82 -16.51
C VAL D 134 24.89 28.61 -15.66
N SER D 135 24.57 28.78 -14.38
CA SER D 135 25.43 29.52 -13.47
C SER D 135 26.87 29.01 -13.48
N SER D 136 27.05 27.71 -13.29
CA SER D 136 28.40 27.13 -13.26
C SER D 136 29.07 27.11 -14.63
N MSE D 137 28.27 27.01 -15.69
CA MSE D 137 28.82 27.00 -17.04
C MSE D 137 29.36 28.37 -17.39
O MSE D 137 30.47 28.51 -17.91
CB MSE D 137 27.76 26.56 -18.04
CG MSE D 137 27.26 25.15 -17.81
SE MSE D 137 26.24 24.44 -19.29
CE MSE D 137 27.60 23.33 -20.04
N VAL D 138 28.58 29.41 -17.09
CA VAL D 138 29.01 30.77 -17.35
C VAL D 138 30.28 31.06 -16.56
N ASP D 139 30.28 30.69 -15.29
CA ASP D 139 31.44 30.91 -14.43
C ASP D 139 32.69 30.18 -14.89
N ARG D 140 32.51 28.93 -15.31
CA ARG D 140 33.61 28.09 -15.73
C ARG D 140 34.09 28.39 -17.15
N GLY D 141 33.18 28.89 -17.98
CA GLY D 141 33.55 29.19 -19.35
C GLY D 141 33.18 28.10 -20.34
N VAL D 142 32.27 27.20 -19.99
CA VAL D 142 31.90 26.17 -20.95
C VAL D 142 31.19 26.95 -22.06
N ASP D 143 31.30 26.46 -23.28
CA ASP D 143 30.74 27.15 -24.43
C ASP D 143 29.33 26.78 -24.85
N PHE D 144 28.87 25.61 -24.44
CA PHE D 144 27.58 25.09 -24.88
C PHE D 144 26.87 24.31 -23.80
N ALA D 145 25.54 24.36 -23.79
CA ALA D 145 24.76 23.60 -22.82
C ALA D 145 23.96 22.54 -23.59
N LYS D 146 23.70 21.39 -22.97
CA LYS D 146 22.95 20.34 -23.64
C LYS D 146 21.96 19.68 -22.68
N THR D 147 20.81 19.32 -23.23
CA THR D 147 19.73 18.70 -22.46
C THR D 147 19.12 17.51 -23.19
N LEU D 148 18.63 16.54 -22.44
CA LEU D 148 17.98 15.38 -23.02
C LEU D 148 16.49 15.61 -22.73
N VAL D 149 15.68 15.68 -23.77
CA VAL D 149 14.25 15.90 -23.59
C VAL D 149 13.42 14.79 -24.20
N ARG D 150 13.26 13.70 -23.46
CA ARG D 150 12.47 12.58 -23.94
C ARG D 150 11.02 12.84 -23.54
N ILE D 151 10.14 12.77 -24.53
CA ILE D 151 8.73 13.04 -24.32
C ILE D 151 7.88 11.77 -24.40
N ASN D 152 7.43 11.30 -23.24
CA ASN D 152 6.60 10.09 -23.16
C ASN D 152 5.18 10.49 -22.79
N LEU D 153 4.31 10.50 -23.79
CA LEU D 153 2.91 10.88 -23.61
C LEU D 153 2.12 10.14 -22.53
N SER D 154 2.51 8.92 -22.20
CA SER D 154 1.76 8.18 -21.19
C SER D 154 2.43 8.20 -19.81
N ASP D 155 3.50 8.96 -19.67
CA ASP D 155 4.22 9.01 -18.41
C ASP D 155 4.24 10.44 -17.82
N ALA D 156 3.57 10.61 -16.69
CA ALA D 156 3.49 11.92 -16.02
C ALA D 156 4.85 12.56 -15.75
N GLY D 157 5.89 11.75 -15.68
CA GLY D 157 7.22 12.27 -15.44
C GLY D 157 7.68 13.23 -16.51
N THR D 158 7.10 13.12 -17.71
CA THR D 158 7.46 13.99 -18.81
C THR D 158 7.12 15.44 -18.47
N ALA D 159 5.99 15.63 -17.79
CA ALA D 159 5.53 16.97 -17.42
C ALA D 159 6.61 17.80 -16.71
N PRO D 160 7.10 17.35 -15.55
CA PRO D 160 8.12 18.18 -14.91
C PRO D 160 9.38 18.36 -15.73
N THR D 161 9.66 17.41 -16.63
CA THR D 161 10.86 17.50 -17.47
C THR D 161 10.69 18.59 -18.52
N LEU D 162 9.49 18.72 -19.06
CA LEU D 162 9.24 19.75 -20.06
C LEU D 162 9.43 21.12 -19.41
N GLU D 163 8.85 21.28 -18.23
CA GLU D 163 8.94 22.54 -17.51
C GLU D 163 10.38 22.88 -17.08
N ALA D 164 11.12 21.88 -16.62
CA ALA D 164 12.50 22.11 -16.20
C ALA D 164 13.37 22.47 -17.41
N THR D 165 13.06 21.86 -18.55
CA THR D 165 13.81 22.15 -19.77
C THR D 165 13.53 23.58 -20.20
N ALA D 166 12.28 24.01 -20.05
CA ALA D 166 11.90 25.37 -20.41
C ALA D 166 12.70 26.34 -19.55
N HIS D 167 12.83 26.02 -18.27
CA HIS D 167 13.57 26.88 -17.35
C HIS D 167 15.04 26.93 -17.75
N ALA D 168 15.59 25.79 -18.16
CA ALA D 168 17.00 25.73 -18.56
C ALA D 168 17.23 26.66 -19.76
N VAL D 169 16.30 26.64 -20.72
CA VAL D 169 16.41 27.49 -21.89
C VAL D 169 16.30 28.95 -21.48
N ASN D 170 15.39 29.25 -20.55
CA ASN D 170 15.21 30.62 -20.07
C ASN D 170 16.57 31.15 -19.62
N GLU D 171 17.22 30.40 -18.74
CA GLU D 171 18.51 30.77 -18.21
C GLU D 171 19.63 30.81 -19.26
N ALA D 172 19.67 29.80 -20.11
CA ALA D 172 20.70 29.74 -21.14
C ALA D 172 20.59 30.92 -22.10
N ALA D 173 19.38 31.21 -22.55
CA ALA D 173 19.16 32.32 -23.47
C ALA D 173 19.53 33.64 -22.81
N ALA D 174 19.07 33.86 -21.59
CA ALA D 174 19.35 35.09 -20.87
C ALA D 174 20.85 35.31 -20.68
N ALA D 175 21.61 34.22 -20.64
CA ALA D 175 23.06 34.32 -20.46
C ALA D 175 23.76 34.27 -21.82
N GLN D 176 22.97 34.20 -22.89
CA GLN D 176 23.51 34.13 -24.24
C GLN D 176 24.42 32.92 -24.41
N LEU D 177 24.00 31.83 -23.78
CA LEU D 177 24.73 30.56 -23.81
C LEU D 177 23.98 29.61 -24.74
N PRO D 178 24.61 29.20 -25.85
CA PRO D 178 23.94 28.27 -26.76
C PRO D 178 23.47 27.02 -26.01
N ILE D 179 22.25 26.58 -26.26
CA ILE D 179 21.72 25.39 -25.60
C ILE D 179 21.17 24.38 -26.60
N MSE D 180 21.73 23.19 -26.52
CA MSE D 180 21.44 22.04 -27.37
C MSE D 180 20.38 21.13 -26.76
O MSE D 180 20.59 20.60 -25.65
CB MSE D 180 22.77 21.29 -27.54
CG MSE D 180 22.89 20.26 -28.63
SE MSE D 180 24.62 19.39 -28.36
CE MSE D 180 25.80 20.83 -28.89
N LEU D 181 19.26 20.93 -27.44
CA LEU D 181 18.20 20.06 -26.92
C LEU D 181 18.13 18.77 -27.74
N GLU D 182 18.15 17.63 -27.07
CA GLU D 182 18.08 16.33 -27.73
C GLU D 182 16.67 15.79 -27.47
N PRO D 183 15.74 16.02 -28.41
CA PRO D 183 14.36 15.54 -28.26
C PRO D 183 14.11 14.14 -28.78
N PHE D 184 13.05 13.53 -28.27
CA PHE D 184 12.64 12.18 -28.64
C PHE D 184 11.22 11.97 -28.17
N MSE D 185 10.49 11.12 -28.88
CA MSE D 185 9.16 10.74 -28.46
C MSE D 185 9.52 9.37 -27.91
O MSE D 185 10.25 8.63 -28.56
CB MSE D 185 8.21 10.59 -29.66
CG MSE D 185 7.87 11.90 -30.37
SE MSE D 185 6.91 13.18 -29.28
CE MSE D 185 8.40 14.04 -28.49
N SER D 186 9.06 9.04 -26.71
CA SER D 186 9.40 7.75 -26.12
C SER D 186 8.19 7.02 -25.60
N ASN D 187 8.25 5.70 -25.59
CA ASN D 187 7.14 4.89 -25.10
C ASN D 187 7.64 3.78 -24.22
N TRP D 188 6.76 3.30 -23.34
CA TRP D 188 7.10 2.18 -22.48
C TRP D 188 6.71 0.94 -23.26
N VAL D 189 7.67 0.06 -23.51
CA VAL D 189 7.42 -1.17 -24.24
C VAL D 189 8.07 -2.33 -23.50
N ASN D 190 7.25 -3.19 -22.93
CA ASN D 190 7.74 -4.34 -22.18
C ASN D 190 8.57 -3.89 -20.98
N GLY D 191 8.09 -2.86 -20.30
CA GLY D 191 8.79 -2.37 -19.13
C GLY D 191 10.08 -1.59 -19.40
N LYS D 192 10.35 -1.27 -20.65
CA LYS D 192 11.55 -0.51 -20.99
C LYS D 192 11.20 0.69 -21.85
N VAL D 193 12.04 1.72 -21.79
CA VAL D 193 11.82 2.92 -22.56
C VAL D 193 12.46 2.80 -23.95
N VAL D 194 11.66 2.95 -25.00
CA VAL D 194 12.19 2.87 -26.35
C VAL D 194 11.83 4.16 -27.10
N ASN D 195 12.85 4.80 -27.67
CA ASN D 195 12.61 6.02 -28.42
C ASN D 195 12.00 5.68 -29.76
N ASP D 196 10.99 6.44 -30.17
CA ASP D 196 10.34 6.21 -31.46
C ASP D 196 11.14 6.93 -32.54
N LEU D 197 11.86 6.17 -33.34
CA LEU D 197 12.68 6.75 -34.39
C LEU D 197 11.99 6.93 -35.75
N SER D 198 10.67 6.83 -35.78
CA SER D 198 9.96 7.00 -37.05
C SER D 198 10.02 8.48 -37.41
N THR D 199 10.05 8.76 -38.70
CA THR D 199 10.13 10.14 -39.20
C THR D 199 9.14 11.10 -38.53
N ASP D 200 7.87 10.72 -38.47
CA ASP D 200 6.86 11.60 -37.88
C ASP D 200 7.04 11.86 -36.39
N ALA D 201 7.57 10.88 -35.66
CA ALA D 201 7.78 11.05 -34.23
C ALA D 201 8.89 12.07 -34.00
N VAL D 202 9.97 11.94 -34.76
CA VAL D 202 11.09 12.87 -34.63
C VAL D 202 10.61 14.29 -34.92
N ILE D 203 9.81 14.44 -35.97
CA ILE D 203 9.27 15.74 -36.34
C ILE D 203 8.41 16.32 -35.22
N GLN D 204 7.55 15.49 -34.64
CA GLN D 204 6.68 15.95 -33.57
C GLN D 204 7.50 16.38 -32.34
N SER D 205 8.58 15.67 -32.07
CA SER D 205 9.43 15.99 -30.92
C SER D 205 10.13 17.32 -31.12
N VAL D 206 10.50 17.62 -32.35
CA VAL D 206 11.18 18.88 -32.64
C VAL D 206 10.23 20.05 -32.46
N ALA D 207 9.01 19.91 -32.96
CA ALA D 207 8.01 20.98 -32.84
C ALA D 207 7.74 21.31 -31.38
N ILE D 208 7.81 20.28 -30.53
CA ILE D 208 7.58 20.46 -29.10
C ILE D 208 8.79 21.10 -28.42
N ALA D 209 9.97 20.53 -28.65
CA ALA D 209 11.20 21.04 -28.05
C ALA D 209 11.47 22.49 -28.43
N ALA D 210 11.29 22.80 -29.71
CA ALA D 210 11.53 24.16 -30.21
C ALA D 210 10.71 25.20 -29.44
N GLY D 211 9.54 24.80 -28.97
CA GLY D 211 8.67 25.72 -28.25
C GLY D 211 8.98 25.90 -26.77
N LEU D 212 10.00 25.20 -26.28
CA LEU D 212 10.36 25.28 -24.87
C LEU D 212 11.30 26.46 -24.59
N GLY D 213 10.93 27.27 -23.60
CA GLY D 213 11.75 28.43 -23.26
C GLY D 213 11.01 29.72 -23.57
N ASN D 214 11.44 30.82 -22.98
CA ASN D 214 10.79 32.10 -23.20
C ASN D 214 11.56 32.94 -24.22
N ASP D 215 12.56 32.30 -24.82
CA ASP D 215 13.42 32.93 -25.82
C ASP D 215 14.13 31.76 -26.50
N SER D 216 13.79 31.48 -27.74
CA SER D 216 14.45 30.38 -28.44
C SER D 216 15.34 30.88 -29.55
N SER D 217 16.28 31.76 -29.18
CA SER D 217 17.20 32.33 -30.15
C SER D 217 18.60 31.76 -29.94
N TYR D 218 18.75 30.93 -28.92
CA TYR D 218 20.03 30.30 -28.63
C TYR D 218 19.92 28.79 -28.56
N THR D 219 18.80 28.25 -29.03
CA THR D 219 18.63 26.82 -28.95
C THR D 219 18.94 26.06 -30.23
N TRP D 220 19.67 24.97 -30.08
CA TRP D 220 20.07 24.10 -31.17
C TRP D 220 19.33 22.78 -30.99
N MSE D 221 19.37 21.95 -32.02
CA MSE D 221 18.74 20.64 -31.97
C MSE D 221 19.81 19.57 -32.16
O MSE D 221 20.75 19.76 -32.93
CB MSE D 221 17.69 20.50 -33.08
CG MSE D 221 16.47 21.39 -32.94
SE MSE D 221 15.20 20.77 -31.60
CE MSE D 221 15.52 22.11 -30.24
N LYS D 222 19.67 18.47 -31.43
CA LYS D 222 20.59 17.36 -31.54
C LYS D 222 19.63 16.24 -31.92
N LEU D 223 19.61 15.91 -33.21
CA LEU D 223 18.68 14.90 -33.72
C LEU D 223 19.32 13.60 -34.21
N PRO D 224 18.52 12.52 -34.26
CA PRO D 224 19.00 11.22 -34.72
C PRO D 224 18.82 11.14 -36.24
N VAL D 225 19.77 10.51 -36.93
CA VAL D 225 19.65 10.37 -38.37
C VAL D 225 18.60 9.31 -38.60
N VAL D 226 17.46 9.73 -39.14
CA VAL D 226 16.33 8.84 -39.36
C VAL D 226 15.87 8.80 -40.81
N GLU D 227 14.90 7.91 -41.08
CA GLU D 227 14.33 7.75 -42.41
C GLU D 227 13.74 9.08 -42.87
N GLU D 228 13.89 9.39 -44.16
CA GLU D 228 13.33 10.63 -44.74
C GLU D 228 13.76 11.97 -44.03
N MSE D 229 15.08 12.15 -43.84
CA MSE D 229 15.75 13.26 -43.12
C MSE D 229 15.73 14.69 -43.63
O MSE D 229 16.34 15.60 -43.02
CB MSE D 229 17.22 12.94 -42.95
CG MSE D 229 17.57 12.18 -41.67
SE MSE D 229 17.17 13.16 -40.08
CE MSE D 229 18.90 14.00 -39.80
N GLU D 230 15.08 14.89 -44.77
CA GLU D 230 15.15 16.20 -45.39
C GLU D 230 13.79 16.79 -45.16
N ARG D 231 12.98 15.88 -44.65
CA ARG D 231 11.62 16.13 -44.30
C ARG D 231 11.62 16.41 -42.81
N VAL D 232 12.55 15.81 -42.07
CA VAL D 232 12.65 16.03 -40.65
C VAL D 232 13.24 17.43 -40.51
N MSE D 233 14.18 17.76 -41.40
CA MSE D 233 14.82 19.07 -41.37
C MSE D 233 13.90 20.22 -41.76
O MSE D 233 14.24 21.38 -41.57
CB MSE D 233 16.06 19.07 -42.26
CG MSE D 233 17.22 18.27 -41.70
SE MSE D 233 17.55 18.64 -39.82
CE MSE D 233 17.10 16.90 -39.12
N GLU D 234 12.73 19.90 -42.31
CA GLU D 234 11.78 20.93 -42.69
C GLU D 234 10.95 21.25 -41.43
N SER D 235 11.35 20.65 -40.31
CA SER D 235 10.69 20.85 -39.03
C SER D 235 11.13 22.11 -38.31
N THR D 236 12.39 22.49 -38.48
CA THR D 236 12.92 23.69 -37.84
C THR D 236 13.86 24.49 -38.71
N THR D 237 14.15 25.68 -38.22
CA THR D 237 15.04 26.62 -38.87
C THR D 237 16.27 26.72 -37.98
N MSE D 238 16.26 25.93 -36.92
CA MSE D 238 17.35 25.94 -35.96
C MSE D 238 18.57 25.12 -36.31
O MSE D 238 18.48 24.07 -36.94
CB MSE D 238 16.82 25.52 -34.59
CG MSE D 238 15.71 26.42 -34.10
SE MSE D 238 14.84 25.76 -32.53
CE MSE D 238 14.26 27.46 -31.81
N PRO D 239 19.75 25.58 -35.88
CA PRO D 239 21.00 24.87 -36.14
C PRO D 239 20.91 23.48 -35.55
N THR D 240 21.24 22.47 -36.35
CA THR D 240 21.14 21.09 -35.91
C THR D 240 22.45 20.31 -35.96
N LEU D 241 22.61 19.42 -35.00
CA LEU D 241 23.78 18.56 -34.91
C LEU D 241 23.25 17.13 -34.87
N LEU D 242 23.92 16.23 -35.57
CA LEU D 242 23.47 14.85 -35.63
C LEU D 242 24.14 13.97 -34.57
N LEU D 243 23.41 12.97 -34.10
CA LEU D 243 23.91 12.06 -33.09
C LEU D 243 23.99 10.65 -33.67
N GLY D 244 24.93 9.85 -33.16
CA GLY D 244 25.08 8.48 -33.63
C GLY D 244 24.79 7.55 -32.48
N GLY D 245 23.54 7.11 -32.39
CA GLY D 245 23.13 6.24 -31.30
C GLY D 245 23.83 4.90 -31.13
N GLU D 246 23.01 3.86 -31.01
CA GLU D 246 23.44 2.48 -30.80
C GLU D 246 24.72 2.05 -31.52
N GLY D 247 24.70 2.04 -32.85
CA GLY D 247 25.89 1.65 -33.59
C GLY D 247 25.62 0.86 -34.85
N GLY D 248 25.10 -0.36 -34.71
CA GLY D 248 24.82 -1.18 -35.87
C GLY D 248 25.96 -2.12 -36.23
N PRO D 251 28.15 -0.20 -40.11
CA PRO D 251 29.26 0.71 -39.85
C PRO D 251 29.52 1.67 -41.02
N ASP D 252 29.76 1.11 -42.20
CA ASP D 252 29.98 1.95 -43.38
C ASP D 252 28.64 2.59 -43.71
N ALA D 253 27.57 1.83 -43.55
CA ALA D 253 26.23 2.31 -43.82
C ALA D 253 25.91 3.49 -42.90
N THR D 254 26.37 3.41 -41.67
CA THR D 254 26.14 4.46 -40.68
C THR D 254 26.78 5.77 -41.15
N PHE D 255 28.07 5.72 -41.50
CA PHE D 255 28.78 6.90 -41.96
C PHE D 255 28.12 7.50 -43.20
N ALA D 256 27.58 6.64 -44.06
CA ALA D 256 26.93 7.09 -45.28
C ALA D 256 25.66 7.89 -44.99
N SER D 257 24.88 7.45 -44.01
CA SER D 257 23.65 8.15 -43.66
C SER D 257 23.97 9.53 -43.09
N TRP D 258 25.07 9.63 -42.34
CA TRP D 258 25.49 10.89 -41.76
C TRP D 258 25.90 11.83 -42.89
N GLU D 259 26.71 11.31 -43.80
CA GLU D 259 27.19 12.08 -44.94
C GLU D 259 26.03 12.71 -45.72
N HIS D 260 24.96 11.95 -45.91
CA HIS D 260 23.80 12.47 -46.62
C HIS D 260 23.09 13.55 -45.82
N ALA D 261 22.73 13.23 -44.58
CA ALA D 261 22.03 14.17 -43.70
C ALA D 261 22.84 15.45 -43.51
N LEU D 262 24.15 15.30 -43.48
CA LEU D 262 25.06 16.41 -43.30
C LEU D 262 24.91 17.48 -44.38
N THR D 263 24.29 17.13 -45.50
CA THR D 263 24.10 18.07 -46.60
C THR D 263 22.78 18.83 -46.50
N LEU D 264 21.89 18.37 -45.63
CA LEU D 264 20.59 19.01 -45.47
C LEU D 264 20.64 20.42 -44.88
N PRO D 265 19.62 21.24 -45.21
CA PRO D 265 19.51 22.63 -44.75
C PRO D 265 19.49 22.75 -43.23
N GLY D 266 20.38 23.58 -42.70
CA GLY D 266 20.43 23.77 -41.26
C GLY D 266 21.34 22.85 -40.46
N VAL D 267 21.70 21.71 -41.04
CA VAL D 267 22.59 20.79 -40.33
C VAL D 267 23.98 21.42 -40.25
N ARG D 268 24.50 21.53 -39.03
CA ARG D 268 25.81 22.14 -38.80
C ARG D 268 26.93 21.20 -38.37
N GLY D 269 26.62 19.91 -38.24
CA GLY D 269 27.67 18.98 -37.84
C GLY D 269 27.25 17.75 -37.06
N LEU D 270 28.18 17.25 -36.26
CA LEU D 270 27.98 16.04 -35.46
C LEU D 270 28.28 16.20 -33.97
N THR D 271 27.60 15.40 -33.16
CA THR D 271 27.78 15.34 -31.72
C THR D 271 27.55 13.87 -31.42
N VAL D 272 28.57 13.07 -31.74
CA VAL D 272 28.52 11.63 -31.59
C VAL D 272 29.42 11.11 -30.47
N GLY D 273 28.99 10.03 -29.83
CA GLY D 273 29.76 9.46 -28.75
C GLY D 273 30.01 7.96 -28.84
N ARG D 274 29.02 7.17 -28.42
CA ARG D 274 29.11 5.72 -28.41
C ARG D 274 29.86 5.11 -29.62
N THR D 275 29.50 5.54 -30.83
CA THR D 275 30.11 5.01 -32.05
C THR D 275 31.57 5.36 -32.35
N LEU D 276 32.03 6.58 -32.07
CA LEU D 276 33.41 6.97 -32.36
C LEU D 276 34.42 6.57 -31.28
N LEU D 277 34.03 6.68 -30.02
CA LEU D 277 34.90 6.23 -28.93
C LEU D 277 34.38 4.80 -28.90
N TYR D 278 35.25 3.81 -28.73
CA TYR D 278 34.76 2.43 -28.70
C TYR D 278 34.37 1.89 -30.08
N PRO D 279 35.29 2.00 -31.07
CA PRO D 279 35.00 1.50 -32.43
C PRO D 279 35.04 -0.03 -32.45
N GLN D 280 34.54 -0.61 -33.55
CA GLN D 280 34.51 -2.06 -33.69
C GLN D 280 35.93 -2.66 -33.56
N ASP D 281 36.94 -1.89 -33.97
CA ASP D 281 38.32 -2.34 -33.87
C ASP D 281 39.06 -1.44 -32.88
N GLY D 282 40.33 -1.74 -32.65
CA GLY D 282 41.10 -0.93 -31.72
C GLY D 282 41.65 0.31 -32.39
N ASP D 283 40.76 1.20 -32.83
CA ASP D 283 41.23 2.41 -33.51
C ASP D 283 40.31 3.61 -33.36
N VAL D 284 40.52 4.37 -32.28
CA VAL D 284 39.71 5.57 -32.04
C VAL D 284 40.09 6.66 -33.04
N ALA D 285 41.38 6.76 -33.36
CA ALA D 285 41.86 7.75 -34.31
C ALA D 285 41.23 7.59 -35.69
N ALA D 286 41.18 6.37 -36.19
CA ALA D 286 40.61 6.10 -37.51
C ALA D 286 39.13 6.42 -37.57
N ALA D 287 38.38 6.05 -36.55
CA ALA D 287 36.94 6.31 -36.51
C ALA D 287 36.71 7.81 -36.42
N VAL D 288 37.43 8.47 -35.52
CA VAL D 288 37.30 9.91 -35.36
C VAL D 288 37.60 10.63 -36.67
N ASP D 289 38.72 10.31 -37.31
CA ASP D 289 39.09 10.96 -38.57
C ASP D 289 37.96 10.83 -39.60
N THR D 290 37.42 9.63 -39.75
CA THR D 290 36.34 9.39 -40.71
C THR D 290 35.18 10.35 -40.50
N ALA D 291 34.88 10.64 -39.23
CA ALA D 291 33.79 11.54 -38.89
C ALA D 291 34.16 13.00 -39.13
N ALA D 292 35.37 13.36 -38.74
CA ALA D 292 35.85 14.73 -38.90
C ALA D 292 35.93 15.13 -40.37
N ARG D 293 36.32 14.20 -41.24
CA ARG D 293 36.42 14.51 -42.66
C ARG D 293 35.02 14.62 -43.28
N LEU D 294 34.03 14.12 -42.56
CA LEU D 294 32.64 14.14 -43.03
C LEU D 294 31.98 15.47 -42.66
N VAL D 295 32.38 16.04 -41.52
CA VAL D 295 31.82 17.32 -41.08
C VAL D 295 32.67 18.45 -41.68
N HIS D 296 33.99 18.23 -41.68
CA HIS D 296 34.95 19.19 -42.21
C HIS D 296 35.64 18.62 -43.45
N THR D 297 35.08 18.88 -44.62
CA THR D 297 35.62 18.38 -45.88
C THR D 297 36.98 19.00 -46.23
N ASP D 298 37.80 19.24 -45.22
CA ASP D 298 39.13 19.85 -45.35
C ASP D 298 39.20 21.13 -46.16
N ILE D 299 38.14 21.43 -46.91
CA ILE D 299 38.10 22.64 -47.75
C ILE D 299 38.54 23.88 -46.95
N PRO E 3 -14.29 32.56 42.65
CA PRO E 3 -14.56 33.51 41.54
C PRO E 3 -13.60 33.29 40.38
N PRO E 4 -14.08 33.47 39.13
CA PRO E 4 -13.25 33.28 37.95
C PRO E 4 -12.05 34.23 37.90
N ILE E 5 -10.91 33.72 37.46
CA ILE E 5 -9.71 34.55 37.35
C ILE E 5 -9.95 35.60 36.28
N ILE E 6 -10.82 35.28 35.33
CA ILE E 6 -11.13 36.19 34.23
C ILE E 6 -12.58 36.67 34.25
N SER E 7 -12.78 37.88 34.76
CA SER E 7 -14.11 38.47 34.84
C SER E 7 -14.79 38.48 33.47
N PRO E 8 -16.12 38.40 33.44
CA PRO E 8 -16.77 38.41 32.12
C PRO E 8 -16.51 39.75 31.43
N GLU E 9 -16.13 40.76 32.22
CA GLU E 9 -15.83 42.06 31.67
C GLU E 9 -14.50 41.98 30.93
N SER E 10 -13.59 41.13 31.41
CA SER E 10 -12.30 40.96 30.76
C SER E 10 -12.41 40.29 29.40
N PHE E 11 -13.31 39.31 29.27
CA PHE E 11 -13.49 38.66 27.98
C PHE E 11 -14.09 39.64 26.99
N GLU E 12 -15.13 40.36 27.41
CA GLU E 12 -15.76 41.35 26.54
C GLU E 12 -14.67 42.28 26.00
N ALA E 13 -13.80 42.73 26.91
CA ALA E 13 -12.70 43.61 26.53
C ALA E 13 -11.83 42.89 25.51
N LEU E 14 -11.52 41.62 25.79
CA LEU E 14 -10.70 40.83 24.87
C LEU E 14 -11.35 40.81 23.50
N ARG E 15 -12.60 40.34 23.44
CA ARG E 15 -13.31 40.29 22.16
C ARG E 15 -13.26 41.65 21.50
N ARG E 16 -13.68 42.66 22.24
CA ARG E 16 -13.73 44.02 21.73
C ARG E 16 -12.39 44.51 21.21
N MSE E 17 -11.30 44.10 21.86
CA MSE E 17 -9.98 44.53 21.41
C MSE E 17 -9.66 43.89 20.07
O MSE E 17 -9.21 44.56 19.15
CB MSE E 17 -8.92 44.12 22.43
CG MSE E 17 -7.63 44.91 22.27
SE MSE E 17 -6.12 44.01 23.06
CE MSE E 17 -6.72 43.98 24.90
N ARG E 18 -9.92 42.59 19.94
CA ARG E 18 -9.65 41.89 18.70
C ARG E 18 -10.38 42.52 17.52
N ALA E 19 -11.64 42.88 17.73
CA ALA E 19 -12.45 43.47 16.66
C ALA E 19 -12.12 44.92 16.34
N ALA E 20 -12.02 45.77 17.36
CA ALA E 20 -11.75 47.18 17.18
C ALA E 20 -10.27 47.59 17.15
N GLU E 21 -9.54 47.29 18.22
CA GLU E 21 -8.12 47.65 18.31
C GLU E 21 -7.16 46.46 18.17
N PRO E 22 -7.15 45.77 17.01
CA PRO E 22 -6.25 44.64 16.87
C PRO E 22 -4.74 44.90 17.06
N THR E 23 -4.29 46.14 16.88
CA THR E 23 -2.88 46.44 17.05
C THR E 23 -2.45 46.24 18.50
N MSE E 24 -3.43 46.31 19.41
CA MSE E 24 -3.13 46.15 20.83
C MSE E 24 -2.65 44.77 21.28
O MSE E 24 -1.97 44.67 22.31
CB MSE E 24 -4.36 46.57 21.65
CG MSE E 24 -4.55 48.08 21.75
SE MSE E 24 -2.99 48.98 22.49
CE MSE E 24 -2.43 49.95 20.90
N VAL E 25 -2.98 43.73 20.53
CA VAL E 25 -2.56 42.38 20.88
C VAL E 25 -1.03 42.30 20.85
N ALA E 26 -0.45 42.70 19.73
CA ALA E 26 1.00 42.68 19.56
C ALA E 26 1.69 43.62 20.54
N GLU E 27 1.08 44.78 20.77
CA GLU E 27 1.66 45.77 21.67
C GLU E 27 1.74 45.22 23.11
N ARG E 28 0.64 44.68 23.60
CA ARG E 28 0.63 44.12 24.95
C ARG E 28 1.57 42.94 25.05
N PHE E 29 1.74 42.24 23.93
CA PHE E 29 2.63 41.08 23.89
C PHE E 29 4.07 41.50 24.08
N LYS E 30 4.47 42.60 23.44
CA LYS E 30 5.84 43.09 23.53
C LYS E 30 6.16 43.85 24.81
N GLN E 31 5.14 44.38 25.48
CA GLN E 31 5.34 45.10 26.73
C GLN E 31 5.41 44.11 27.89
N ARG E 32 5.26 42.84 27.54
CA ARG E 32 5.30 41.72 28.46
C ARG E 32 6.62 41.65 29.21
N ARG E 33 6.56 41.39 30.51
CA ARG E 33 7.76 41.26 31.33
C ARG E 33 8.38 39.90 31.07
N LYS E 34 9.61 39.88 30.57
CA LYS E 34 10.28 38.62 30.28
C LYS E 34 11.15 38.12 31.42
N ARG E 35 11.47 36.83 31.37
CA ARG E 35 12.30 36.21 32.39
C ARG E 35 13.30 35.26 31.76
N GLU E 36 14.27 34.82 32.56
CA GLU E 36 15.28 33.87 32.09
C GLU E 36 14.56 32.56 31.83
N LEU E 37 15.09 31.78 30.89
CA LEU E 37 14.47 30.49 30.57
C LEU E 37 14.48 29.61 31.80
N LEU E 38 15.66 29.36 32.34
CA LEU E 38 15.80 28.51 33.50
C LEU E 38 15.97 29.32 34.79
N GLY E 39 15.23 28.92 35.81
CA GLY E 39 15.30 29.60 37.09
C GLY E 39 16.52 29.15 37.87
N GLU E 40 16.52 29.45 39.16
CA GLU E 40 17.62 29.09 40.03
C GLU E 40 17.81 27.58 40.19
N ASP E 41 16.70 26.84 40.21
CA ASP E 41 16.79 25.39 40.37
C ASP E 41 16.96 24.67 39.03
N GLY E 42 17.05 25.46 37.96
CA GLY E 42 17.24 24.89 36.63
C GLY E 42 16.12 24.01 36.10
N LYS E 43 14.98 24.00 36.77
CA LYS E 43 13.85 23.19 36.32
C LYS E 43 12.80 24.04 35.61
N LEU E 44 11.96 23.38 34.82
CA LEU E 44 10.94 24.07 34.05
C LEU E 44 9.61 23.31 34.10
N PHE E 45 8.51 24.05 34.30
CA PHE E 45 7.18 23.45 34.34
C PHE E 45 6.28 24.29 33.44
N ILE E 46 5.82 23.67 32.36
CA ILE E 46 4.97 24.34 31.38
C ILE E 46 3.65 23.63 31.14
N VAL E 47 2.57 24.40 31.08
CA VAL E 47 1.25 23.84 30.85
C VAL E 47 0.92 23.97 29.36
N ALA E 48 0.52 22.84 28.76
CA ALA E 48 0.21 22.80 27.33
C ALA E 48 -1.28 22.87 26.96
N ALA E 49 -1.56 23.58 25.88
CA ALA E 49 -2.93 23.73 25.40
C ALA E 49 -2.98 23.97 23.89
N ASP E 50 -2.16 23.25 23.14
CA ASP E 50 -2.13 23.41 21.69
C ASP E 50 -2.88 22.29 20.97
N HIS E 51 -3.68 21.53 21.71
CA HIS E 51 -4.43 20.42 21.14
C HIS E 51 -5.59 20.80 20.23
N PRO E 52 -6.42 21.78 20.64
CA PRO E 52 -7.56 22.20 19.81
C PRO E 52 -7.21 22.43 18.33
N ALA E 53 -6.17 23.23 18.10
CA ALA E 53 -5.73 23.57 16.75
C ALA E 53 -5.43 22.34 15.89
N ARG E 54 -5.23 21.20 16.54
CA ARG E 54 -4.94 19.98 15.82
C ARG E 54 -6.20 19.13 15.66
N GLY E 55 -7.33 19.70 16.08
CA GLY E 55 -8.60 19.01 15.98
C GLY E 55 -8.80 17.95 17.05
N ALA E 56 -8.13 18.12 18.18
CA ALA E 56 -8.24 17.16 19.28
C ALA E 56 -8.77 17.81 20.55
N LEU E 57 -10.10 17.77 20.72
CA LEU E 57 -10.74 18.36 21.90
C LEU E 57 -10.99 17.38 23.05
N ALA E 58 -10.70 16.10 22.86
CA ALA E 58 -10.98 15.11 23.90
C ALA E 58 -10.04 15.00 25.10
N VAL E 59 -10.58 14.47 26.20
CA VAL E 59 -9.84 14.25 27.43
C VAL E 59 -10.38 12.95 28.07
N GLY E 60 -11.66 12.72 27.89
CA GLY E 60 -12.35 11.54 28.40
C GLY E 60 -13.77 11.81 27.93
N ASP E 61 -13.92 13.09 27.60
CA ASP E 61 -15.12 13.72 27.09
C ASP E 61 -14.71 14.16 25.68
N ASN E 62 -15.34 13.60 24.66
CA ASN E 62 -15.01 13.96 23.27
C ASN E 62 -15.26 15.43 22.97
N GLU E 63 -16.49 15.70 22.53
CA GLU E 63 -16.90 17.07 22.17
C GLU E 63 -16.43 18.10 23.17
N THR E 64 -17.17 18.26 24.26
CA THR E 64 -16.79 19.23 25.28
C THR E 64 -15.33 19.04 25.66
N ALA E 65 -14.86 19.80 26.64
CA ALA E 65 -13.48 19.73 27.07
C ALA E 65 -12.66 20.33 25.94
N MSE E 66 -12.17 21.54 26.15
CA MSE E 66 -11.37 22.26 25.18
C MSE E 66 -12.22 22.88 24.08
O MSE E 66 -11.81 23.86 23.45
CB MSE E 66 -10.30 21.33 24.58
CG MSE E 66 -9.50 20.59 25.64
SE MSE E 66 -7.73 20.02 25.11
CE MSE E 66 -6.74 21.54 25.77
N ALA E 67 -13.41 22.33 23.86
CA ALA E 67 -14.31 22.87 22.84
C ALA E 67 -14.71 24.29 23.23
N ASN E 68 -14.89 24.51 24.53
CA ASN E 68 -15.26 25.83 25.05
C ASN E 68 -13.98 26.60 25.31
N ARG E 69 -13.66 27.53 24.41
CA ARG E 69 -12.44 28.31 24.52
C ARG E 69 -12.39 29.22 25.76
N TYR E 70 -13.55 29.71 26.19
CA TYR E 70 -13.58 30.58 27.37
C TYR E 70 -13.20 29.80 28.62
N GLU E 71 -13.65 28.55 28.74
CA GLU E 71 -13.31 27.74 29.90
C GLU E 71 -11.86 27.31 29.79
N LEU E 72 -11.40 27.07 28.57
CA LEU E 72 -10.02 26.66 28.35
C LEU E 72 -9.12 27.76 28.89
N LEU E 73 -9.44 29.00 28.53
CA LEU E 73 -8.67 30.15 28.98
C LEU E 73 -8.71 30.30 30.51
N GLU E 74 -9.88 30.06 31.10
CA GLU E 74 -10.03 30.17 32.55
C GLU E 74 -9.13 29.13 33.23
N ARG E 75 -9.24 27.89 32.78
CA ARG E 75 -8.46 26.80 33.34
C ARG E 75 -6.97 27.11 33.18
N MSE E 76 -6.62 27.79 32.09
CA MSE E 76 -5.23 28.17 31.84
C MSE E 76 -4.82 29.26 32.81
O MSE E 76 -3.74 29.20 33.39
CB MSE E 76 -5.07 28.67 30.39
CG MSE E 76 -4.19 27.79 29.52
SE MSE E 76 -2.38 27.60 30.20
CE MSE E 76 -2.72 26.19 31.45
N ALA E 77 -5.68 30.26 32.97
CA ALA E 77 -5.42 31.37 33.88
C ALA E 77 -5.16 30.86 35.29
N ILE E 78 -5.95 29.87 35.70
CA ILE E 78 -5.79 29.29 37.03
C ILE E 78 -4.41 28.65 37.15
N ALA E 79 -4.08 27.80 36.18
CA ALA E 79 -2.79 27.13 36.18
C ALA E 79 -1.65 28.13 36.26
N LEU E 80 -1.71 29.18 35.44
CA LEU E 80 -0.66 30.20 35.42
C LEU E 80 -0.57 31.02 36.70
N SER E 81 -1.65 31.05 37.48
CA SER E 81 -1.65 31.81 38.72
C SER E 81 -1.02 31.05 39.87
N ARG E 82 -0.96 29.72 39.74
CA ARG E 82 -0.38 28.89 40.78
C ARG E 82 1.13 29.02 40.80
N PRO E 83 1.72 29.15 42.00
CA PRO E 83 3.18 29.27 42.07
C PRO E 83 3.82 28.00 41.53
N GLY E 84 4.93 28.13 40.83
CA GLY E 84 5.60 26.97 40.28
C GLY E 84 5.44 26.78 38.78
N VAL E 85 4.42 27.39 38.18
CA VAL E 85 4.22 27.26 36.74
C VAL E 85 5.01 28.34 36.01
N ASP E 86 6.05 27.90 35.30
CA ASP E 86 6.94 28.81 34.58
C ASP E 86 6.38 29.34 33.26
N GLY E 87 5.47 28.60 32.64
CA GLY E 87 4.94 29.06 31.37
C GLY E 87 3.86 28.22 30.73
N VAL E 88 3.56 28.58 29.49
CA VAL E 88 2.52 27.89 28.74
C VAL E 88 2.93 27.61 27.29
N LEU E 89 2.40 26.52 26.74
CA LEU E 89 2.67 26.13 25.37
C LEU E 89 1.35 26.21 24.62
N GLY E 90 1.33 26.98 23.55
CA GLY E 90 0.10 27.11 22.79
C GLY E 90 0.28 27.57 21.37
N THR E 91 -0.79 27.50 20.60
CA THR E 91 -0.79 27.95 19.22
C THR E 91 -0.98 29.47 19.31
N PRO E 92 -0.70 30.21 18.22
CA PRO E 92 -0.85 31.67 18.27
C PRO E 92 -2.18 32.21 18.81
N ASP E 93 -3.28 31.55 18.51
CA ASP E 93 -4.57 32.04 18.99
C ASP E 93 -4.74 31.90 20.49
N ILE E 94 -4.05 30.93 21.09
CA ILE E 94 -4.13 30.72 22.54
C ILE E 94 -3.23 31.74 23.24
N ILE E 95 -1.98 31.80 22.80
CA ILE E 95 -1.00 32.70 23.37
C ILE E 95 -1.43 34.17 23.22
N ASP E 96 -2.03 34.52 22.09
CA ASP E 96 -2.47 35.89 21.89
C ASP E 96 -3.50 36.32 22.92
N ASP E 97 -4.51 35.49 23.15
CA ASP E 97 -5.53 35.85 24.13
C ASP E 97 -4.88 36.02 25.49
N LEU E 98 -4.10 35.03 25.92
CA LEU E 98 -3.41 35.09 27.20
C LEU E 98 -2.55 36.34 27.27
N ALA E 99 -2.11 36.83 26.11
CA ALA E 99 -1.27 38.02 26.06
C ALA E 99 -2.08 39.30 26.22
N ALA E 100 -3.26 39.34 25.62
CA ALA E 100 -4.11 40.53 25.72
C ALA E 100 -4.71 40.61 27.12
N LEU E 101 -4.91 39.45 27.75
CA LEU E 101 -5.46 39.39 29.10
C LEU E 101 -4.40 39.73 30.14
N GLY E 102 -3.18 39.97 29.70
CA GLY E 102 -2.10 40.32 30.62
C GLY E 102 -1.66 39.21 31.57
N LEU E 103 -2.00 37.97 31.25
CA LEU E 103 -1.63 36.84 32.09
C LEU E 103 -0.25 36.26 31.74
N LEU E 104 0.52 36.97 30.91
CA LEU E 104 1.81 36.43 30.50
C LEU E 104 3.08 37.09 31.03
N ASP E 105 2.95 37.99 32.00
CA ASP E 105 4.12 38.64 32.57
C ASP E 105 4.94 37.62 33.36
N ASP E 106 6.26 37.65 33.17
CA ASP E 106 7.20 36.75 33.83
C ASP E 106 6.97 35.26 33.58
N LYS E 107 6.47 34.92 32.40
CA LYS E 107 6.23 33.53 32.03
C LYS E 107 7.04 33.16 30.79
N ILE E 108 7.21 31.86 30.60
CA ILE E 108 7.92 31.34 29.45
C ILE E 108 6.83 30.95 28.47
N VAL E 109 6.81 31.57 27.30
CA VAL E 109 5.80 31.27 26.29
C VAL E 109 6.34 30.28 25.27
N VAL E 110 5.68 29.13 25.12
CA VAL E 110 6.12 28.13 24.16
C VAL E 110 5.14 28.10 22.99
N GLY E 111 5.67 28.25 21.78
CA GLY E 111 4.81 28.27 20.61
C GLY E 111 4.80 27.03 19.72
N SER E 112 3.60 26.48 19.58
CA SER E 112 3.36 25.30 18.76
C SER E 112 3.54 25.71 17.29
N MSE E 113 4.31 24.93 16.53
CA MSE E 113 4.58 25.25 15.13
C MSE E 113 3.77 24.47 14.07
O MSE E 113 3.31 25.05 13.10
CB MSE E 113 6.07 25.08 14.83
CG MSE E 113 7.00 25.97 15.61
SE MSE E 113 8.84 25.63 15.13
CE MSE E 113 8.93 26.70 13.50
N ASN E 114 3.64 23.16 14.26
CA ASN E 114 2.90 22.34 13.30
C ASN E 114 1.68 21.65 13.89
N ARG E 115 0.56 21.81 13.20
CA ARG E 115 -0.72 21.22 13.60
C ARG E 115 -1.43 20.60 12.39
N GLY E 116 -0.73 20.54 11.26
CA GLY E 116 -1.31 20.00 10.04
C GLY E 116 -1.85 18.58 10.12
N GLY E 117 -1.15 17.71 10.83
CA GLY E 117 -1.59 16.32 10.96
C GLY E 117 -2.80 16.20 11.88
N LEU E 118 -3.95 16.66 11.40
CA LEU E 118 -5.18 16.63 12.17
C LEU E 118 -5.57 15.25 12.67
N ARG E 119 -6.13 15.20 13.87
CA ARG E 119 -6.56 13.94 14.46
C ARG E 119 -7.64 13.30 13.60
N GLY E 120 -7.44 12.03 13.26
CA GLY E 120 -8.41 11.31 12.46
C GLY E 120 -8.31 11.52 10.95
N ALA E 121 -7.32 12.28 10.52
CA ALA E 121 -7.14 12.55 9.10
C ALA E 121 -6.37 11.41 8.41
N SER E 122 -6.70 11.16 7.15
CA SER E 122 -6.00 10.13 6.40
C SER E 122 -4.57 10.62 6.20
N PHE E 123 -4.40 11.93 6.32
CA PHE E 123 -3.12 12.57 6.14
C PHE E 123 -2.48 13.08 7.43
N GLU E 124 -2.84 12.53 8.59
CA GLU E 124 -2.23 13.07 9.80
C GLU E 124 -0.76 12.78 10.03
N MSE E 125 -0.14 11.95 9.19
CA MSE E 125 1.29 11.71 9.35
C MSE E 125 2.02 12.83 8.62
O MSE E 125 3.21 13.06 8.84
CB MSE E 125 1.69 10.34 8.79
CG MSE E 125 1.23 9.15 9.63
SE MSE E 125 1.51 9.37 11.54
CE MSE E 125 3.42 9.67 11.56
N ASP E 126 1.30 13.52 7.74
CA ASP E 126 1.83 14.65 6.98
C ASP E 126 1.53 15.91 7.80
N ASP E 127 2.17 15.98 8.97
CA ASP E 127 2.01 17.07 9.93
C ASP E 127 2.65 18.39 9.51
N ARG E 128 2.00 19.10 8.59
CA ARG E 128 2.53 20.36 8.08
C ARG E 128 2.61 21.51 9.09
N TYR E 129 3.53 22.44 8.83
CA TYR E 129 3.74 23.59 9.70
C TYR E 129 2.71 24.68 9.41
N THR E 130 1.72 24.74 10.29
CA THR E 130 0.60 25.65 10.17
C THR E 130 0.46 26.74 11.25
N GLY E 131 1.32 26.72 12.26
CA GLY E 131 1.20 27.72 13.31
C GLY E 131 2.34 28.70 13.39
N TYR E 132 2.98 28.77 14.55
CA TYR E 132 4.10 29.68 14.77
C TYR E 132 5.28 29.29 13.91
N ASN E 133 6.06 30.28 13.49
CA ASN E 133 7.28 30.04 12.75
C ASN E 133 8.30 30.87 13.50
N VAL E 134 9.58 30.57 13.32
CA VAL E 134 10.62 31.30 14.04
C VAL E 134 10.53 32.81 13.88
N SER E 135 10.26 33.26 12.66
CA SER E 135 10.15 34.69 12.39
C SER E 135 9.18 35.40 13.34
N SER E 136 7.96 34.90 13.44
CA SER E 136 6.96 35.52 14.30
C SER E 136 7.26 35.35 15.79
N MSE E 137 7.93 34.25 16.15
CA MSE E 137 8.27 34.03 17.54
C MSE E 137 9.35 35.02 17.99
O MSE E 137 9.25 35.61 19.05
CB MSE E 137 8.74 32.59 17.75
CG MSE E 137 7.67 31.56 17.42
SE MSE E 137 8.10 29.78 18.02
CE MSE E 137 7.01 29.78 19.59
N VAL E 138 10.37 35.18 17.15
CA VAL E 138 11.44 36.11 17.46
C VAL E 138 10.86 37.51 17.59
N ASP E 139 10.03 37.89 16.62
CA ASP E 139 9.41 39.22 16.61
C ASP E 139 8.51 39.46 17.83
N ARG E 140 7.73 38.46 18.19
CA ARG E 140 6.80 38.57 19.31
C ARG E 140 7.45 38.41 20.67
N GLY E 141 8.55 37.68 20.71
CA GLY E 141 9.24 37.47 21.96
C GLY E 141 8.90 36.17 22.66
N VAL E 142 8.36 35.19 21.93
CA VAL E 142 8.06 33.93 22.59
C VAL E 142 9.43 33.36 22.93
N ASP E 143 9.50 32.61 24.03
CA ASP E 143 10.78 32.08 24.49
C ASP E 143 11.18 30.71 24.01
N PHE E 144 10.22 29.92 23.54
CA PHE E 144 10.49 28.53 23.18
C PHE E 144 9.65 28.10 21.98
N ALA E 145 10.20 27.20 21.16
CA ALA E 145 9.47 26.68 20.02
C ALA E 145 9.22 25.19 20.27
N LYS E 146 8.11 24.65 19.76
CA LYS E 146 7.82 23.23 19.95
C LYS E 146 7.26 22.61 18.68
N THR E 147 7.62 21.36 18.45
CA THR E 147 7.20 20.61 17.27
C THR E 147 6.77 19.20 17.61
N LEU E 148 5.84 18.66 16.83
CA LEU E 148 5.38 17.30 17.01
C LEU E 148 6.01 16.52 15.87
N VAL E 149 6.82 15.52 16.19
CA VAL E 149 7.48 14.74 15.15
C VAL E 149 7.13 13.26 15.25
N ARG E 150 5.98 12.89 14.70
CA ARG E 150 5.56 11.50 14.73
C ARG E 150 6.17 10.81 13.51
N ILE E 151 6.86 9.70 13.76
CA ILE E 151 7.54 8.96 12.72
C ILE E 151 6.85 7.64 12.40
N ASN E 152 6.14 7.60 11.28
CA ASN E 152 5.43 6.39 10.85
C ASN E 152 6.15 5.79 9.65
N LEU E 153 6.91 4.73 9.90
CA LEU E 153 7.69 4.06 8.87
C LEU E 153 6.93 3.59 7.63
N SER E 154 5.64 3.33 7.75
CA SER E 154 4.89 2.85 6.59
C SER E 154 4.07 3.94 5.91
N ASP E 155 4.23 5.18 6.37
CA ASP E 155 3.47 6.30 5.79
C ASP E 155 4.38 7.36 5.18
N ALA E 156 4.31 7.51 3.86
CA ALA E 156 5.13 8.48 3.13
C ALA E 156 5.02 9.90 3.67
N GLY E 157 3.92 10.21 4.36
CA GLY E 157 3.73 11.53 4.91
C GLY E 157 4.81 11.91 5.92
N THR E 158 5.44 10.89 6.52
CA THR E 158 6.49 11.13 7.49
C THR E 158 7.67 11.84 6.85
N ALA E 159 7.97 11.48 5.61
CA ALA E 159 9.09 12.07 4.89
C ALA E 159 9.07 13.61 4.89
N PRO E 160 8.03 14.22 4.31
CA PRO E 160 8.04 15.69 4.33
C PRO E 160 8.05 16.30 5.73
N THR E 161 7.54 15.56 6.72
CA THR E 161 7.51 16.05 8.09
C THR E 161 8.92 16.06 8.69
N LEU E 162 9.71 15.05 8.36
CA LEU E 162 11.08 14.99 8.88
C LEU E 162 11.86 16.18 8.32
N GLU E 163 11.70 16.40 7.02
CA GLU E 163 12.42 17.50 6.36
C GLU E 163 11.96 18.87 6.87
N ALA E 164 10.66 19.05 7.06
CA ALA E 164 10.14 20.33 7.55
C ALA E 164 10.61 20.58 8.98
N THR E 165 10.71 19.52 9.77
CA THR E 165 11.17 19.64 11.15
C THR E 165 12.64 20.05 11.14
N ALA E 166 13.41 19.49 10.22
CA ALA E 166 14.82 19.82 10.11
C ALA E 166 14.96 21.31 9.80
N HIS E 167 14.11 21.80 8.91
CA HIS E 167 14.14 23.21 8.54
C HIS E 167 13.78 24.07 9.74
N ALA E 168 12.81 23.63 10.53
CA ALA E 168 12.40 24.39 11.70
C ALA E 168 13.58 24.52 12.68
N VAL E 169 14.32 23.44 12.87
CA VAL E 169 15.47 23.45 13.76
C VAL E 169 16.55 24.37 13.19
N ASN E 170 16.74 24.32 11.88
CA ASN E 170 17.74 25.19 11.23
C ASN E 170 17.46 26.62 11.65
N GLU E 171 16.23 27.07 11.43
CA GLU E 171 15.82 28.42 11.76
C GLU E 171 15.86 28.74 13.24
N ALA E 172 15.37 27.81 14.07
CA ALA E 172 15.35 28.04 15.51
C ALA E 172 16.78 28.18 16.04
N ALA E 173 17.68 27.29 15.62
CA ALA E 173 19.05 27.33 16.08
C ALA E 173 19.74 28.63 15.64
N ALA E 174 19.56 28.99 14.38
CA ALA E 174 20.18 30.19 13.84
C ALA E 174 19.70 31.44 14.57
N ALA E 175 18.50 31.39 15.13
CA ALA E 175 17.95 32.53 15.86
C ALA E 175 18.20 32.37 17.37
N GLN E 176 18.90 31.30 17.73
CA GLN E 176 19.20 31.02 19.13
C GLN E 176 17.93 30.90 19.96
N LEU E 177 16.92 30.29 19.35
CA LEU E 177 15.63 30.08 19.96
C LEU E 177 15.50 28.61 20.33
N PRO E 178 15.40 28.31 21.64
CA PRO E 178 15.27 26.91 22.05
C PRO E 178 14.10 26.24 21.34
N ILE E 179 14.32 25.02 20.85
CA ILE E 179 13.27 24.30 20.15
C ILE E 179 13.07 22.90 20.72
N MSE E 180 11.84 22.66 21.13
CA MSE E 180 11.37 21.43 21.76
C MSE E 180 10.75 20.47 20.74
O MSE E 180 9.79 20.82 20.07
CB MSE E 180 10.31 21.86 22.79
CG MSE E 180 9.86 20.88 23.83
SE MSE E 180 8.37 21.74 24.77
CE MSE E 180 9.34 23.11 25.75
N LEU E 181 11.32 19.26 20.62
CA LEU E 181 10.78 18.29 19.67
C LEU E 181 10.09 17.15 20.43
N GLU E 182 8.86 16.84 20.05
CA GLU E 182 8.10 15.76 20.67
C GLU E 182 8.09 14.60 19.68
N PRO E 183 9.02 13.64 19.83
CA PRO E 183 9.11 12.49 18.93
C PRO E 183 8.25 11.30 19.35
N PHE E 184 7.95 10.46 18.37
CA PHE E 184 7.15 9.26 18.57
C PHE E 184 7.32 8.35 17.37
N MSE E 185 7.20 7.05 17.59
CA MSE E 185 7.23 6.10 16.49
C MSE E 185 5.72 5.86 16.44
O MSE E 185 5.10 5.66 17.48
CB MSE E 185 7.97 4.82 16.87
CG MSE E 185 9.47 4.98 17.07
SE MSE E 185 10.44 5.54 15.48
CE MSE E 185 10.24 7.41 15.67
N SER E 186 5.13 5.90 15.26
CA SER E 186 3.69 5.69 15.16
C SER E 186 3.34 4.68 14.08
N ASN E 187 2.22 3.98 14.28
CA ASN E 187 1.78 2.99 13.31
C ASN E 187 0.28 3.13 13.05
N TRP E 188 -0.14 2.64 11.89
CA TRP E 188 -1.55 2.64 11.55
C TRP E 188 -2.09 1.31 12.07
N VAL E 189 -3.08 1.39 12.95
CA VAL E 189 -3.68 0.19 13.52
C VAL E 189 -5.19 0.34 13.47
N ASN E 190 -5.83 -0.46 12.63
CA ASN E 190 -7.29 -0.41 12.47
C ASN E 190 -7.74 0.97 11.99
N GLY E 191 -6.99 1.51 11.04
CA GLY E 191 -7.34 2.82 10.49
C GLY E 191 -7.08 4.01 11.38
N LYS E 192 -6.39 3.81 12.50
CA LYS E 192 -6.09 4.91 13.41
C LYS E 192 -4.60 4.95 13.73
N VAL E 193 -4.10 6.12 14.07
CA VAL E 193 -2.70 6.29 14.40
C VAL E 193 -2.47 6.04 15.89
N VAL E 194 -1.60 5.09 16.21
CA VAL E 194 -1.30 4.80 17.60
C VAL E 194 0.21 4.93 17.83
N ASN E 195 0.59 5.73 18.82
CA ASN E 195 2.00 5.91 19.11
C ASN E 195 2.52 4.68 19.84
N ASP E 196 3.71 4.22 19.46
CA ASP E 196 4.30 3.05 20.10
C ASP E 196 5.04 3.51 21.35
N LEU E 197 4.48 3.22 22.51
CA LEU E 197 5.08 3.64 23.77
C LEU E 197 6.05 2.64 24.39
N SER E 198 6.50 1.65 23.62
CA SER E 198 7.44 0.68 24.16
C SER E 198 8.79 1.38 24.31
N THR E 199 9.56 0.97 25.30
CA THR E 199 10.87 1.57 25.58
C THR E 199 11.76 1.72 24.35
N ASP E 200 11.91 0.65 23.57
CA ASP E 200 12.76 0.71 22.39
C ASP E 200 12.28 1.65 21.30
N ALA E 201 10.97 1.80 21.16
CA ALA E 201 10.43 2.70 20.14
C ALA E 201 10.74 4.14 20.52
N VAL E 202 10.55 4.48 21.79
CA VAL E 202 10.84 5.83 22.25
C VAL E 202 12.31 6.15 22.02
N ILE E 203 13.17 5.20 22.33
CA ILE E 203 14.61 5.38 22.15
C ILE E 203 14.94 5.61 20.68
N GLN E 204 14.34 4.82 19.80
CA GLN E 204 14.59 4.96 18.38
C GLN E 204 14.13 6.32 17.87
N SER E 205 13.01 6.81 18.40
CA SER E 205 12.47 8.10 17.96
C SER E 205 13.38 9.24 18.39
N VAL E 206 14.01 9.10 19.55
CA VAL E 206 14.90 10.13 20.04
C VAL E 206 16.15 10.22 19.18
N ALA E 207 16.72 9.07 18.83
CA ALA E 207 17.92 9.02 18.01
C ALA E 207 17.68 9.68 16.66
N ILE E 208 16.46 9.54 16.16
CA ILE E 208 16.10 10.13 14.87
C ILE E 208 15.87 11.63 15.01
N ALA E 209 15.05 12.02 15.97
CA ALA E 209 14.74 13.44 16.18
C ALA E 209 16.00 14.26 16.47
N ALA E 210 16.85 13.73 17.34
CA ALA E 210 18.08 14.42 17.71
C ALA E 210 18.93 14.78 16.50
N GLY E 211 18.86 13.95 15.45
CA GLY E 211 19.65 14.20 14.27
C GLY E 211 19.05 15.18 13.27
N LEU E 212 17.89 15.73 13.58
CA LEU E 212 17.21 16.66 12.67
C LEU E 212 17.71 18.09 12.89
N GLY E 213 18.10 18.75 11.80
CA GLY E 213 18.59 20.11 11.89
C GLY E 213 20.07 20.17 11.54
N ASN E 214 20.56 21.35 11.20
CA ASN E 214 21.96 21.51 10.83
C ASN E 214 22.78 22.04 12.00
N ASP E 215 22.13 22.12 13.15
CA ASP E 215 22.73 22.61 14.38
C ASP E 215 21.79 22.15 15.48
N SER E 216 22.21 21.18 16.29
CA SER E 216 21.36 20.72 17.36
C SER E 216 21.89 21.12 18.72
N SER E 217 22.10 22.41 18.89
CA SER E 217 22.62 22.95 20.14
C SER E 217 21.53 23.70 20.90
N TYR E 218 20.36 23.81 20.28
CA TYR E 218 19.23 24.48 20.90
C TYR E 218 18.01 23.59 20.97
N THR E 219 18.19 22.30 20.72
CA THR E 219 17.04 21.41 20.73
C THR E 219 16.84 20.61 22.02
N TRP E 220 15.58 20.60 22.46
CA TRP E 220 15.17 19.90 23.67
C TRP E 220 14.29 18.74 23.24
N MSE E 221 14.04 17.82 24.16
CA MSE E 221 13.18 16.68 23.90
C MSE E 221 11.98 16.75 24.83
O MSE E 221 12.10 17.15 25.98
CB MSE E 221 13.92 15.37 24.16
CG MSE E 221 15.07 15.08 23.19
SE MSE E 221 14.46 14.48 21.44
CE MSE E 221 14.89 16.05 20.41
N LYS E 222 10.82 16.38 24.30
CA LYS E 222 9.58 16.35 25.07
C LYS E 222 9.20 14.88 24.92
N LEU E 223 9.48 14.09 25.95
CA LEU E 223 9.21 12.66 25.91
C LEU E 223 8.11 12.16 26.83
N PRO E 224 7.55 10.99 26.53
CA PRO E 224 6.48 10.38 27.33
C PRO E 224 7.12 9.52 28.42
N VAL E 225 6.53 9.52 29.61
CA VAL E 225 7.07 8.70 30.70
C VAL E 225 6.69 7.27 30.36
N VAL E 226 7.70 6.47 30.03
CA VAL E 226 7.50 5.08 29.64
C VAL E 226 8.24 4.08 30.50
N GLU E 227 7.99 2.80 30.22
CA GLU E 227 8.63 1.70 30.94
C GLU E 227 10.15 1.82 30.79
N GLU E 228 10.90 1.50 31.85
CA GLU E 228 12.38 1.55 31.82
C GLU E 228 13.00 2.92 31.36
N MSE E 229 12.58 4.02 32.00
CA MSE E 229 12.93 5.43 31.70
C MSE E 229 14.33 5.98 31.93
O MSE E 229 14.59 7.19 31.70
CB MSE E 229 12.05 6.36 32.52
CG MSE E 229 10.75 6.76 31.81
SE MSE E 229 11.03 7.74 30.20
CE MSE E 229 10.94 9.54 30.92
N GLU E 230 15.23 5.14 32.40
CA GLU E 230 16.54 5.62 32.77
C GLU E 230 17.44 5.10 31.70
N ARG E 231 16.79 4.27 30.91
CA ARG E 231 17.37 3.61 29.78
C ARG E 231 16.98 4.45 28.57
N VAL E 232 15.81 5.09 28.64
CA VAL E 232 15.36 5.95 27.56
C VAL E 232 16.23 7.19 27.64
N MSE E 233 16.52 7.61 28.87
CA MSE E 233 17.34 8.80 29.08
C MSE E 233 18.80 8.62 28.70
O MSE E 233 19.54 9.59 28.61
CB MSE E 233 17.24 9.27 30.54
CG MSE E 233 15.90 9.89 30.88
SE MSE E 233 15.29 11.18 29.56
CE MSE E 233 13.73 10.21 28.95
N GLU E 234 19.21 7.38 28.46
CA GLU E 234 20.58 7.12 28.04
C GLU E 234 20.63 7.30 26.53
N SER E 235 19.52 7.76 25.95
CA SER E 235 19.39 7.98 24.52
C SER E 235 19.95 9.32 24.08
N THR E 236 19.85 10.34 24.94
CA THR E 236 20.38 11.65 24.61
C THR E 236 21.04 12.36 25.77
N THR E 237 21.71 13.44 25.42
CA THR E 237 22.41 14.29 26.36
C THR E 237 21.65 15.60 26.40
N MSE E 238 20.56 15.65 25.65
CA MSE E 238 19.75 16.85 25.56
C MSE E 238 18.74 17.08 26.67
O MSE E 238 18.18 16.13 27.23
CB MSE E 238 19.02 16.86 24.21
CG MSE E 238 19.99 16.82 23.04
SE MSE E 238 19.12 16.58 21.36
CE MSE E 238 20.43 17.43 20.24
N PRO E 239 18.50 18.36 27.01
CA PRO E 239 17.55 18.72 28.05
C PRO E 239 16.19 18.13 27.68
N THR E 240 15.57 17.45 28.64
CA THR E 240 14.29 16.81 28.39
C THR E 240 13.17 17.26 29.32
N LEU E 241 11.96 17.31 28.77
CA LEU E 241 10.77 17.69 29.51
C LEU E 241 9.78 16.55 29.32
N LEU E 242 9.08 16.20 30.38
CA LEU E 242 8.13 15.10 30.33
C LEU E 242 6.72 15.56 30.01
N LEU E 243 5.97 14.70 29.31
CA LEU E 243 4.60 15.00 28.94
C LEU E 243 3.66 14.01 29.61
N GLY E 244 2.44 14.45 29.88
CA GLY E 244 1.45 13.59 30.49
C GLY E 244 0.30 13.38 29.53
N GLY E 245 0.38 12.31 28.74
CA GLY E 245 -0.64 12.03 27.74
C GLY E 245 -2.08 11.85 28.18
N GLU E 246 -2.67 10.76 27.72
CA GLU E 246 -4.06 10.38 27.99
C GLU E 246 -4.60 10.71 29.38
N GLY E 247 -4.04 10.10 30.41
CA GLY E 247 -4.50 10.37 31.76
C GLY E 247 -4.51 9.16 32.69
N GLY E 248 -5.39 8.19 32.40
CA GLY E 248 -5.47 7.01 33.24
C GLY E 248 -6.53 7.12 34.32
N PRO E 251 -4.15 7.94 38.49
CA PRO E 251 -3.94 9.35 38.84
C PRO E 251 -2.76 9.52 39.80
N ASP E 252 -2.81 8.85 40.94
CA ASP E 252 -1.71 8.94 41.89
C ASP E 252 -0.53 8.21 41.26
N ALA E 253 -0.82 7.11 40.59
CA ALA E 253 0.22 6.32 39.93
C ALA E 253 0.92 7.17 38.88
N THR E 254 0.15 8.00 38.19
CA THR E 254 0.70 8.88 37.16
C THR E 254 1.72 9.85 37.75
N PHE E 255 1.33 10.54 38.82
CA PHE E 255 2.23 11.48 39.48
C PHE E 255 3.49 10.80 39.98
N ALA E 256 3.35 9.55 40.42
CA ALA E 256 4.49 8.79 40.93
C ALA E 256 5.51 8.50 39.83
N SER E 257 5.03 8.15 38.64
CA SER E 257 5.93 7.85 37.53
C SER E 257 6.70 9.10 37.12
N TRP E 258 6.04 10.25 37.19
CA TRP E 258 6.69 11.52 36.84
C TRP E 258 7.78 11.81 37.86
N GLU E 259 7.43 11.66 39.13
CA GLU E 259 8.35 11.90 40.23
C GLU E 259 9.63 11.10 40.06
N HIS E 260 9.51 9.83 39.64
CA HIS E 260 10.67 9.00 39.44
C HIS E 260 11.50 9.47 38.25
N ALA E 261 10.86 9.61 37.10
CA ALA E 261 11.52 10.03 35.88
C ALA E 261 12.18 11.39 36.07
N LEU E 262 11.54 12.25 36.86
CA LEU E 262 12.04 13.59 37.14
C LEU E 262 13.43 13.58 37.77
N THR E 263 13.85 12.44 38.32
CA THR E 263 15.16 12.34 38.95
C THR E 263 16.25 11.89 37.98
N LEU E 264 15.85 11.41 36.81
CA LEU E 264 16.80 10.93 35.81
C LEU E 264 17.69 12.00 35.21
N PRO E 265 18.90 11.61 34.77
CA PRO E 265 19.89 12.51 34.16
C PRO E 265 19.35 13.26 32.95
N GLY E 266 19.46 14.58 32.97
CA GLY E 266 19.00 15.37 31.84
C GLY E 266 17.57 15.85 31.87
N VAL E 267 16.73 15.22 32.69
CA VAL E 267 15.34 15.65 32.78
C VAL E 267 15.28 16.99 33.50
N ARG E 268 14.66 17.98 32.84
CA ARG E 268 14.57 19.32 33.37
C ARG E 268 13.19 19.77 33.83
N GLY E 269 12.19 18.91 33.69
CA GLY E 269 10.86 19.31 34.12
C GLY E 269 9.68 18.68 33.40
N LEU E 270 8.58 19.42 33.40
CA LEU E 270 7.33 18.97 32.79
C LEU E 270 6.72 19.95 31.79
N THR E 271 5.98 19.39 30.83
CA THR E 271 5.26 20.15 29.82
C THR E 271 4.00 19.30 29.62
N VAL E 272 3.10 19.42 30.58
CA VAL E 272 1.86 18.65 30.61
C VAL E 272 0.62 19.50 30.32
N GLY E 273 -0.38 18.89 29.69
CA GLY E 273 -1.59 19.61 29.37
C GLY E 273 -2.88 18.91 29.78
N ARG E 274 -3.33 17.97 28.95
CA ARG E 274 -4.57 17.23 29.17
C ARG E 274 -4.84 16.85 30.64
N THR E 275 -3.83 16.30 31.32
CA THR E 275 -4.00 15.87 32.71
C THR E 275 -4.14 16.94 33.79
N LEU E 276 -3.41 18.05 33.67
CA LEU E 276 -3.48 19.13 34.65
C LEU E 276 -4.64 20.08 34.42
N LEU E 277 -4.95 20.32 33.15
CA LEU E 277 -6.10 21.13 32.80
C LEU E 277 -7.13 20.02 32.67
N TYR E 278 -8.41 20.32 32.83
CA TYR E 278 -9.43 19.27 32.70
C TYR E 278 -9.14 18.00 33.51
N PRO E 279 -8.81 18.14 34.80
CA PRO E 279 -8.53 16.98 35.65
C PRO E 279 -9.79 16.09 35.75
N GLN E 280 -9.59 14.80 35.97
CA GLN E 280 -10.71 13.87 36.07
C GLN E 280 -11.69 14.31 37.15
N ASP E 281 -11.19 15.12 38.09
CA ASP E 281 -12.03 15.63 39.18
C ASP E 281 -12.30 17.11 38.94
N GLY E 282 -12.49 17.87 40.01
CA GLY E 282 -12.76 19.29 39.84
C GLY E 282 -11.76 20.17 40.58
N ASP E 283 -10.48 20.08 40.22
CA ASP E 283 -9.49 20.91 40.88
C ASP E 283 -8.25 21.21 40.07
N VAL E 284 -8.40 22.13 39.11
CA VAL E 284 -7.27 22.52 38.27
C VAL E 284 -6.10 22.98 39.14
N ALA E 285 -6.40 23.81 40.13
CA ALA E 285 -5.37 24.34 41.03
C ALA E 285 -4.68 23.25 41.85
N ALA E 286 -5.41 22.19 42.16
CA ALA E 286 -4.82 21.11 42.95
C ALA E 286 -3.80 20.30 42.14
N ALA E 287 -4.21 19.87 40.96
CA ALA E 287 -3.35 19.09 40.09
C ALA E 287 -2.09 19.85 39.72
N VAL E 288 -2.26 21.13 39.37
CA VAL E 288 -1.12 21.97 39.01
C VAL E 288 -0.16 22.09 40.18
N ASP E 289 -0.69 22.40 41.36
CA ASP E 289 0.16 22.55 42.54
C ASP E 289 0.96 21.27 42.81
N THR E 290 0.35 20.12 42.54
CA THR E 290 1.02 18.84 42.78
C THR E 290 2.21 18.68 41.86
N ALA E 291 2.00 18.95 40.57
CA ALA E 291 3.06 18.84 39.58
C ALA E 291 4.14 19.89 39.83
N ALA E 292 3.71 21.10 40.16
CA ALA E 292 4.65 22.20 40.43
C ALA E 292 5.64 21.77 41.49
N ARG E 293 5.14 21.11 42.54
CA ARG E 293 5.98 20.65 43.64
C ARG E 293 6.94 19.56 43.18
N LEU E 294 6.50 18.75 42.21
CA LEU E 294 7.34 17.68 41.69
C LEU E 294 8.52 18.21 40.88
N VAL E 295 8.29 19.32 40.17
CA VAL E 295 9.32 19.95 39.35
C VAL E 295 10.19 20.88 40.18
N HIS E 296 9.55 21.74 40.96
CA HIS E 296 10.25 22.69 41.81
C HIS E 296 10.14 22.29 43.27
N THR E 297 11.09 21.49 43.75
CA THR E 297 11.06 21.05 45.14
C THR E 297 11.48 22.17 46.10
N ASP E 298 11.88 23.30 45.54
CA ASP E 298 12.31 24.45 46.32
C ASP E 298 13.57 24.19 47.13
N ILE E 299 14.56 23.53 46.53
CA ILE E 299 15.81 23.23 47.24
C ILE E 299 16.64 24.50 47.41
N PRO F 3 -55.38 0.92 4.85
CA PRO F 3 -55.61 -0.54 4.78
C PRO F 3 -54.30 -1.23 4.39
N PRO F 4 -53.52 -1.69 5.39
CA PRO F 4 -52.24 -2.37 5.14
C PRO F 4 -52.40 -3.80 4.60
N ILE F 5 -51.41 -4.24 3.81
CA ILE F 5 -51.45 -5.59 3.24
C ILE F 5 -51.20 -6.61 4.35
N ILE F 6 -50.36 -6.24 5.31
CA ILE F 6 -50.06 -7.13 6.43
C ILE F 6 -50.68 -6.55 7.68
N SER F 7 -51.70 -7.22 8.19
CA SER F 7 -52.37 -6.78 9.39
C SER F 7 -51.48 -7.04 10.60
N PRO F 8 -51.67 -6.27 11.67
CA PRO F 8 -50.85 -6.48 12.86
C PRO F 8 -51.08 -7.85 13.52
N GLU F 9 -52.22 -8.47 13.23
CA GLU F 9 -52.50 -9.79 13.80
C GLU F 9 -51.67 -10.80 13.02
N SER F 10 -51.32 -10.43 11.80
CA SER F 10 -50.51 -11.28 10.93
C SER F 10 -49.08 -11.25 11.45
N PHE F 11 -48.58 -10.06 11.74
CA PHE F 11 -47.22 -9.94 12.25
C PHE F 11 -47.08 -10.65 13.58
N GLU F 12 -48.04 -10.49 14.48
CA GLU F 12 -47.96 -11.17 15.76
C GLU F 12 -47.88 -12.67 15.53
N ALA F 13 -48.66 -13.16 14.55
CA ALA F 13 -48.65 -14.58 14.24
C ALA F 13 -47.29 -14.98 13.66
N LEU F 14 -46.63 -14.05 12.98
CA LEU F 14 -45.33 -14.32 12.39
C LEU F 14 -44.27 -14.49 13.48
N ARG F 15 -44.27 -13.60 14.47
CA ARG F 15 -43.33 -13.66 15.57
C ARG F 15 -43.54 -14.91 16.42
N ARG F 16 -44.80 -15.16 16.74
CA ARG F 16 -45.19 -16.30 17.55
C ARG F 16 -44.77 -17.60 16.88
N MSE F 17 -44.77 -17.62 15.55
CA MSE F 17 -44.38 -18.79 14.79
C MSE F 17 -42.87 -19.00 14.91
O MSE F 17 -42.40 -20.10 15.25
CB MSE F 17 -44.75 -18.64 13.33
CG MSE F 17 -44.52 -19.88 12.49
SE MSE F 17 -44.75 -19.57 10.59
CE MSE F 17 -46.65 -19.17 10.59
N ARG F 18 -42.11 -17.96 14.62
CA ARG F 18 -40.65 -18.02 14.71
C ARG F 18 -40.21 -18.47 16.10
N ALA F 19 -41.01 -18.13 17.11
CA ALA F 19 -40.68 -18.46 18.49
C ALA F 19 -41.06 -19.86 18.99
N ALA F 20 -42.29 -20.30 18.74
CA ALA F 20 -42.74 -21.60 19.22
C ALA F 20 -43.00 -22.68 18.17
N GLU F 21 -42.90 -22.32 16.89
CA GLU F 21 -43.12 -23.29 15.82
C GLU F 21 -42.16 -22.99 14.68
N PRO F 22 -40.85 -22.99 14.94
CA PRO F 22 -39.91 -22.70 13.85
C PRO F 22 -40.01 -23.67 12.67
N THR F 23 -40.53 -24.88 12.92
CA THR F 23 -40.66 -25.85 11.84
C THR F 23 -41.60 -25.33 10.75
N MSE F 24 -42.60 -24.56 11.15
CA MSE F 24 -43.58 -24.03 10.19
C MSE F 24 -43.02 -23.15 9.09
O MSE F 24 -43.53 -23.17 7.96
CB MSE F 24 -44.70 -23.30 10.93
CG MSE F 24 -45.66 -24.22 11.66
SE MSE F 24 -46.36 -25.65 10.56
CE MSE F 24 -45.14 -27.05 11.10
N VAL F 25 -41.99 -22.35 9.38
CA VAL F 25 -41.41 -21.49 8.36
C VAL F 25 -41.04 -22.31 7.13
N ALA F 26 -40.27 -23.36 7.35
CA ALA F 26 -39.85 -24.23 6.25
C ALA F 26 -41.04 -24.95 5.61
N GLU F 27 -42.00 -25.36 6.43
CA GLU F 27 -43.18 -26.06 5.92
C GLU F 27 -43.99 -25.17 4.99
N ARG F 28 -44.29 -23.95 5.42
CA ARG F 28 -45.06 -23.02 4.60
C ARG F 28 -44.28 -22.67 3.34
N PHE F 29 -42.96 -22.68 3.46
CA PHE F 29 -42.08 -22.37 2.34
C PHE F 29 -42.20 -23.43 1.24
N LYS F 30 -42.23 -24.69 1.65
CA LYS F 30 -42.32 -25.79 0.70
C LYS F 30 -43.72 -26.03 0.13
N GLN F 31 -44.75 -25.57 0.84
CA GLN F 31 -46.12 -25.75 0.38
C GLN F 31 -46.47 -24.63 -0.60
N ARG F 32 -45.49 -23.76 -0.80
CA ARG F 32 -45.59 -22.61 -1.68
C ARG F 32 -45.89 -23.03 -3.13
N ARG F 33 -46.79 -22.31 -3.78
CA ARG F 33 -47.14 -22.59 -5.16
C ARG F 33 -46.03 -22.05 -6.06
N LYS F 34 -45.39 -22.93 -6.82
CA LYS F 34 -44.31 -22.51 -7.68
C LYS F 34 -44.77 -22.20 -9.11
N ARG F 35 -43.93 -21.49 -9.84
CA ARG F 35 -44.23 -21.11 -11.22
C ARG F 35 -42.99 -21.23 -12.08
N GLU F 36 -43.19 -21.16 -13.39
CA GLU F 36 -42.09 -21.22 -14.34
C GLU F 36 -41.27 -19.96 -14.16
N LEU F 37 -39.97 -20.04 -14.43
CA LEU F 37 -39.09 -18.90 -14.28
C LEU F 37 -39.59 -17.77 -15.20
N LEU F 38 -39.63 -18.06 -16.50
CA LEU F 38 -40.06 -17.08 -17.48
C LEU F 38 -41.51 -17.27 -17.90
N GLY F 39 -42.25 -16.18 -17.93
CA GLY F 39 -43.64 -16.23 -18.32
C GLY F 39 -43.77 -16.29 -19.83
N GLU F 40 -44.98 -16.02 -20.32
CA GLU F 40 -45.25 -16.06 -21.75
C GLU F 40 -44.48 -15.00 -22.54
N ASP F 41 -44.29 -13.82 -21.95
CA ASP F 41 -43.57 -12.76 -22.65
C ASP F 41 -42.06 -12.85 -22.43
N GLY F 42 -41.63 -13.88 -21.71
CA GLY F 42 -40.21 -14.08 -21.46
C GLY F 42 -39.51 -13.01 -20.65
N LYS F 43 -40.25 -12.09 -20.06
CA LYS F 43 -39.66 -11.03 -19.26
C LYS F 43 -39.76 -11.32 -17.76
N LEU F 44 -38.92 -10.66 -16.98
CA LEU F 44 -38.90 -10.87 -15.54
C LEU F 44 -38.76 -9.55 -14.79
N PHE F 45 -39.56 -9.37 -13.74
CA PHE F 45 -39.51 -8.17 -12.91
C PHE F 45 -39.44 -8.60 -11.45
N ILE F 46 -38.31 -8.30 -10.83
CA ILE F 46 -38.06 -8.68 -9.44
C ILE F 46 -37.72 -7.49 -8.54
N VAL F 47 -38.34 -7.46 -7.36
CA VAL F 47 -38.07 -6.39 -6.41
C VAL F 47 -37.02 -6.86 -5.41
N ALA F 48 -35.98 -6.04 -5.23
CA ALA F 48 -34.87 -6.38 -4.34
C ALA F 48 -34.90 -5.72 -2.96
N ALA F 49 -34.51 -6.49 -1.96
CA ALA F 49 -34.47 -6.01 -0.58
C ALA F 49 -33.41 -6.73 0.26
N ASP F 50 -32.23 -6.96 -0.33
CA ASP F 50 -31.17 -7.64 0.39
C ASP F 50 -30.09 -6.68 0.91
N HIS F 51 -30.41 -5.39 0.88
CA HIS F 51 -29.46 -4.36 1.33
C HIS F 51 -29.18 -4.32 2.83
N PRO F 52 -30.22 -4.41 3.68
CA PRO F 52 -30.01 -4.38 5.12
C PRO F 52 -28.91 -5.31 5.63
N ALA F 53 -28.98 -6.57 5.22
CA ALA F 53 -28.01 -7.58 5.62
C ALA F 53 -26.56 -7.19 5.32
N ARG F 54 -26.39 -6.22 4.41
CA ARG F 54 -25.05 -5.78 4.05
C ARG F 54 -24.69 -4.50 4.81
N GLY F 55 -25.56 -4.12 5.74
CA GLY F 55 -25.33 -2.92 6.52
C GLY F 55 -25.62 -1.63 5.77
N ALA F 56 -26.49 -1.70 4.78
CA ALA F 56 -26.85 -0.52 3.99
C ALA F 56 -28.34 -0.21 4.08
N LEU F 57 -28.71 0.64 5.04
CA LEU F 57 -30.11 1.02 5.22
C LEU F 57 -30.52 2.31 4.52
N ALA F 58 -29.58 3.01 3.89
CA ALA F 58 -29.90 4.28 3.24
C ALA F 58 -30.62 4.28 1.89
N VAL F 59 -31.29 5.39 1.61
CA VAL F 59 -32.01 5.61 0.35
C VAL F 59 -31.88 7.10 -0.01
N GLY F 60 -31.85 7.94 1.02
CA GLY F 60 -31.72 9.38 0.87
C GLY F 60 -31.77 9.81 2.32
N ASP F 61 -32.26 8.84 3.09
CA ASP F 61 -32.46 8.89 4.53
C ASP F 61 -31.51 7.79 5.03
N ASN F 62 -30.48 8.16 5.79
CA ASN F 62 -29.52 7.19 6.30
C ASN F 62 -30.17 6.16 7.21
N GLU F 63 -30.20 6.47 8.51
CA GLU F 63 -30.77 5.59 9.51
C GLU F 63 -32.07 4.95 9.08
N THR F 64 -33.18 5.67 9.21
CA THR F 64 -34.48 5.15 8.81
C THR F 64 -34.38 4.58 7.40
N ALA F 65 -35.52 4.15 6.86
CA ALA F 65 -35.54 3.58 5.52
C ALA F 65 -34.82 2.24 5.62
N MSE F 66 -35.60 1.16 5.60
CA MSE F 66 -35.07 -0.19 5.69
C MSE F 66 -34.71 -0.58 7.12
O MSE F 66 -34.68 -1.76 7.46
CB MSE F 66 -33.85 -0.35 4.77
CG MSE F 66 -34.12 0.13 3.35
SE MSE F 66 -33.02 -0.69 1.97
CE MSE F 66 -34.25 -2.10 1.45
N ALA F 67 -34.45 0.41 7.97
CA ALA F 67 -34.12 0.14 9.37
C ALA F 67 -35.32 -0.51 10.04
N ASN F 68 -36.52 -0.05 9.67
CA ASN F 68 -37.75 -0.62 10.22
C ASN F 68 -38.15 -1.81 9.37
N ARG F 69 -37.90 -3.01 9.90
CA ARG F 69 -38.21 -4.23 9.18
C ARG F 69 -39.69 -4.44 8.90
N TYR F 70 -40.55 -3.99 9.82
CA TYR F 70 -41.99 -4.14 9.62
C TYR F 70 -42.48 -3.32 8.43
N GLU F 71 -41.95 -2.11 8.27
CA GLU F 71 -42.35 -1.27 7.14
C GLU F 71 -41.73 -1.84 5.87
N LEU F 72 -40.52 -2.38 5.98
CA LEU F 72 -39.85 -2.96 4.82
C LEU F 72 -40.74 -4.06 4.28
N LEU F 73 -41.23 -4.92 5.18
CA LEU F 73 -42.09 -6.02 4.79
C LEU F 73 -43.41 -5.53 4.17
N GLU F 74 -43.98 -4.47 4.74
CA GLU F 74 -45.22 -3.90 4.22
C GLU F 74 -44.99 -3.40 2.80
N ARG F 75 -43.95 -2.60 2.61
CA ARG F 75 -43.62 -2.05 1.31
C ARG F 75 -43.39 -3.19 0.30
N MSE F 76 -42.83 -4.29 0.80
CA MSE F 76 -42.58 -5.45 -0.05
C MSE F 76 -43.91 -6.11 -0.41
O MSE F 76 -44.14 -6.47 -1.57
CB MSE F 76 -41.68 -6.46 0.68
CG MSE F 76 -40.31 -6.66 0.06
SE MSE F 76 -40.41 -7.29 -1.77
CE MSE F 76 -40.67 -5.59 -2.61
N ALA F 77 -44.77 -6.29 0.59
CA ALA F 77 -46.07 -6.91 0.38
C ALA F 77 -46.86 -6.14 -0.68
N ILE F 78 -46.78 -4.81 -0.62
CA ILE F 78 -47.48 -3.97 -1.58
C ILE F 78 -46.94 -4.25 -2.99
N ALA F 79 -45.62 -4.19 -3.12
CA ALA F 79 -44.97 -4.43 -4.41
C ALA F 79 -45.40 -5.79 -4.97
N LEU F 80 -45.35 -6.82 -4.14
CA LEU F 80 -45.72 -8.18 -4.57
C LEU F 80 -47.18 -8.34 -4.93
N SER F 81 -48.03 -7.44 -4.43
CA SER F 81 -49.46 -7.53 -4.70
C SER F 81 -49.82 -6.89 -6.05
N ARG F 82 -48.95 -6.02 -6.54
CA ARG F 82 -49.19 -5.34 -7.80
C ARG F 82 -49.00 -6.29 -8.97
N PRO F 83 -49.92 -6.26 -9.95
CA PRO F 83 -49.76 -7.16 -11.09
C PRO F 83 -48.47 -6.80 -11.83
N GLY F 84 -47.78 -7.80 -12.35
CA GLY F 84 -46.55 -7.55 -13.07
C GLY F 84 -45.28 -7.91 -12.32
N VAL F 85 -45.35 -7.98 -10.98
CA VAL F 85 -44.16 -8.33 -10.21
C VAL F 85 -44.03 -9.85 -10.09
N ASP F 86 -43.03 -10.38 -10.77
CA ASP F 86 -42.79 -11.82 -10.78
C ASP F 86 -42.14 -12.39 -9.53
N GLY F 87 -41.40 -11.57 -8.80
CA GLY F 87 -40.77 -12.10 -7.61
C GLY F 87 -39.98 -11.12 -6.76
N VAL F 88 -39.24 -11.67 -5.81
CA VAL F 88 -38.45 -10.86 -4.89
C VAL F 88 -37.05 -11.45 -4.66
N LEU F 89 -36.10 -10.56 -4.40
CA LEU F 89 -34.72 -10.95 -4.11
C LEU F 89 -34.43 -10.55 -2.68
N GLY F 90 -34.02 -11.50 -1.86
CA GLY F 90 -33.72 -11.18 -0.49
C GLY F 90 -32.82 -12.17 0.21
N THR F 91 -32.38 -11.80 1.39
CA THR F 91 -31.52 -12.65 2.21
C THR F 91 -32.49 -13.61 2.89
N PRO F 92 -31.99 -14.72 3.47
CA PRO F 92 -32.89 -15.68 4.13
C PRO F 92 -33.88 -15.11 5.14
N ASP F 93 -33.47 -14.12 5.92
CA ASP F 93 -34.41 -13.57 6.90
C ASP F 93 -35.55 -12.85 6.22
N ILE F 94 -35.30 -12.25 5.07
CA ILE F 94 -36.35 -11.55 4.33
C ILE F 94 -37.31 -12.56 3.71
N ILE F 95 -36.78 -13.48 2.92
CA ILE F 95 -37.61 -14.48 2.27
C ILE F 95 -38.45 -15.32 3.23
N ASP F 96 -37.87 -15.76 4.34
CA ASP F 96 -38.60 -16.55 5.31
C ASP F 96 -39.87 -15.87 5.81
N ASP F 97 -39.77 -14.58 6.12
CA ASP F 97 -40.93 -13.83 6.59
C ASP F 97 -42.04 -13.80 5.56
N LEU F 98 -41.69 -13.45 4.32
CA LEU F 98 -42.68 -13.41 3.26
C LEU F 98 -43.31 -14.79 3.16
N ALA F 99 -42.46 -15.82 3.10
CA ALA F 99 -42.93 -17.19 3.02
C ALA F 99 -43.92 -17.50 4.13
N ALA F 100 -43.54 -17.23 5.37
CA ALA F 100 -44.41 -17.50 6.51
C ALA F 100 -45.66 -16.64 6.48
N LEU F 101 -45.54 -15.45 5.88
CA LEU F 101 -46.66 -14.53 5.76
C LEU F 101 -47.56 -14.98 4.61
N GLY F 102 -47.09 -15.97 3.86
CA GLY F 102 -47.85 -16.50 2.73
C GLY F 102 -47.97 -15.60 1.51
N LEU F 103 -46.93 -14.80 1.25
CA LEU F 103 -46.94 -13.89 0.11
C LEU F 103 -46.04 -14.32 -1.03
N LEU F 104 -45.61 -15.59 -1.02
CA LEU F 104 -44.72 -16.07 -2.07
C LEU F 104 -45.32 -17.07 -3.05
N ASP F 105 -46.63 -17.19 -3.08
CA ASP F 105 -47.28 -18.11 -4.02
C ASP F 105 -47.23 -17.53 -5.42
N ASP F 106 -46.84 -18.35 -6.38
CA ASP F 106 -46.77 -17.94 -7.78
C ASP F 106 -45.75 -16.81 -8.00
N LYS F 107 -44.76 -16.76 -7.11
CA LYS F 107 -43.72 -15.74 -7.18
C LYS F 107 -42.34 -16.37 -7.37
N ILE F 108 -41.43 -15.62 -7.98
CA ILE F 108 -40.07 -16.09 -8.19
C ILE F 108 -39.24 -15.62 -7.00
N VAL F 109 -38.55 -16.55 -6.36
CA VAL F 109 -37.73 -16.24 -5.19
C VAL F 109 -36.24 -16.29 -5.52
N VAL F 110 -35.56 -15.17 -5.29
CA VAL F 110 -34.13 -15.07 -5.55
C VAL F 110 -33.42 -14.82 -4.24
N GLY F 111 -32.47 -15.69 -3.91
CA GLY F 111 -31.75 -15.54 -2.66
C GLY F 111 -30.37 -14.95 -2.85
N SER F 112 -30.03 -14.01 -1.97
CA SER F 112 -28.73 -13.35 -2.01
C SER F 112 -27.75 -14.24 -1.26
N MSE F 113 -26.62 -14.54 -1.90
CA MSE F 113 -25.62 -15.41 -1.30
C MSE F 113 -24.56 -14.71 -0.43
O MSE F 113 -24.26 -15.18 0.66
CB MSE F 113 -24.93 -16.23 -2.39
CG MSE F 113 -25.85 -17.19 -3.11
SE MSE F 113 -24.96 -18.06 -4.59
CE MSE F 113 -24.04 -19.44 -3.61
N ASN F 114 -24.02 -13.60 -0.92
CA ASN F 114 -22.97 -12.92 -0.16
C ASN F 114 -23.26 -11.50 0.34
N ARG F 115 -22.94 -11.27 1.61
CA ARG F 115 -23.16 -9.98 2.26
C ARG F 115 -21.98 -9.59 3.15
N GLY F 116 -20.90 -10.37 3.09
CA GLY F 116 -19.73 -10.10 3.90
C GLY F 116 -19.09 -8.74 3.76
N GLY F 117 -19.03 -8.22 2.54
CA GLY F 117 -18.43 -6.92 2.31
C GLY F 117 -19.33 -5.80 2.80
N LEU F 118 -19.43 -5.65 4.11
CA LEU F 118 -20.27 -4.65 4.72
C LEU F 118 -19.96 -3.22 4.27
N ARG F 119 -21.01 -2.41 4.15
CA ARG F 119 -20.85 -1.03 3.74
C ARG F 119 -20.00 -0.28 4.76
N GLY F 120 -18.98 0.41 4.28
CA GLY F 120 -18.12 1.19 5.16
C GLY F 120 -17.01 0.40 5.85
N ALA F 121 -16.91 -0.88 5.56
CA ALA F 121 -15.88 -1.70 6.18
C ALA F 121 -14.54 -1.60 5.46
N SER F 122 -13.45 -1.69 6.20
CA SER F 122 -12.13 -1.63 5.60
C SER F 122 -11.96 -2.88 4.76
N PHE F 123 -12.79 -3.87 5.05
CA PHE F 123 -12.75 -5.15 4.35
C PHE F 123 -13.94 -5.38 3.43
N GLU F 124 -14.62 -4.34 2.97
CA GLU F 124 -15.78 -4.61 2.12
C GLU F 124 -15.51 -5.15 0.73
N MSE F 125 -14.25 -5.23 0.31
CA MSE F 125 -13.96 -5.79 -1.00
C MSE F 125 -13.87 -7.32 -0.82
O MSE F 125 -13.93 -8.07 -1.79
CB MSE F 125 -12.65 -5.24 -1.58
CG MSE F 125 -12.74 -3.81 -2.06
SE MSE F 125 -14.38 -3.41 -3.07
CE MSE F 125 -14.16 -4.69 -4.51
N ASP F 126 -13.71 -7.73 0.42
CA ASP F 126 -13.63 -9.15 0.78
C ASP F 126 -15.06 -9.59 1.12
N ASP F 127 -15.91 -9.56 0.10
CA ASP F 127 -17.34 -9.90 0.20
C ASP F 127 -17.62 -11.39 0.37
N ARG F 128 -17.43 -11.89 1.59
CA ARG F 128 -17.62 -13.31 1.89
C ARG F 128 -19.07 -13.80 1.79
N TYR F 129 -19.21 -15.10 1.53
CA TYR F 129 -20.53 -15.74 1.39
C TYR F 129 -21.12 -16.05 2.76
N THR F 130 -22.04 -15.20 3.17
CA THR F 130 -22.69 -15.28 4.47
C THR F 130 -24.18 -15.57 4.49
N GLY F 131 -24.81 -15.66 3.32
CA GLY F 131 -26.24 -15.92 3.30
C GLY F 131 -26.65 -17.25 2.74
N TYR F 132 -27.50 -17.23 1.72
CA TYR F 132 -27.96 -18.44 1.06
C TYR F 132 -26.82 -19.16 0.37
N ASN F 133 -26.90 -20.49 0.32
CA ASN F 133 -25.93 -21.28 -0.40
C ASN F 133 -26.81 -22.20 -1.26
N VAL F 134 -26.25 -22.76 -2.31
CA VAL F 134 -27.03 -23.61 -3.20
C VAL F 134 -27.78 -24.72 -2.47
N SER F 135 -27.12 -25.36 -1.53
CA SER F 135 -27.72 -26.44 -0.77
C SER F 135 -29.09 -26.05 -0.18
N SER F 136 -29.11 -24.95 0.57
CA SER F 136 -30.35 -24.50 1.20
C SER F 136 -31.39 -24.00 0.21
N MSE F 137 -30.92 -23.44 -0.91
CA MSE F 137 -31.84 -22.93 -1.92
C MSE F 137 -32.54 -24.09 -2.61
O MSE F 137 -33.75 -24.07 -2.81
CB MSE F 137 -31.09 -22.08 -2.93
CG MSE F 137 -30.45 -20.84 -2.32
SE MSE F 137 -29.86 -19.56 -3.64
CE MSE F 137 -31.31 -18.33 -3.47
N VAL F 138 -31.77 -25.11 -2.97
CA VAL F 138 -32.33 -26.28 -3.62
C VAL F 138 -33.35 -26.93 -2.68
N ASP F 139 -32.95 -27.10 -1.42
CA ASP F 139 -33.82 -27.71 -0.43
C ASP F 139 -35.10 -26.92 -0.17
N ARG F 140 -34.98 -25.60 -0.10
CA ARG F 140 -36.11 -24.73 0.17
C ARG F 140 -36.99 -24.48 -1.04
N GLY F 141 -36.38 -24.55 -2.23
CA GLY F 141 -37.14 -24.32 -3.44
C GLY F 141 -37.01 -22.91 -3.99
N VAL F 142 -35.98 -22.17 -3.59
CA VAL F 142 -35.84 -20.82 -4.14
C VAL F 142 -35.54 -21.05 -5.62
N ASP F 143 -35.98 -20.15 -6.46
CA ASP F 143 -35.80 -20.29 -7.90
C ASP F 143 -34.55 -19.69 -8.53
N PHE F 144 -33.93 -18.76 -7.83
CA PHE F 144 -32.79 -18.04 -8.39
C PHE F 144 -31.75 -17.71 -7.34
N ALA F 145 -30.48 -17.67 -7.73
CA ALA F 145 -29.40 -17.31 -6.82
C ALA F 145 -28.81 -15.98 -7.30
N LYS F 146 -28.31 -15.17 -6.38
CA LYS F 146 -27.71 -13.89 -6.77
C LYS F 146 -26.46 -13.60 -5.97
N THR F 147 -25.48 -12.98 -6.63
CA THR F 147 -24.20 -12.65 -6.03
C THR F 147 -23.75 -11.24 -6.37
N LEU F 148 -23.00 -10.62 -5.47
CA LEU F 148 -22.47 -9.29 -5.71
C LEU F 148 -20.99 -9.51 -5.97
N VAL F 149 -20.52 -9.13 -7.16
CA VAL F 149 -19.11 -9.32 -7.50
C VAL F 149 -18.43 -8.00 -7.82
N ARG F 150 -17.99 -7.28 -6.80
CA ARG F 150 -17.30 -6.02 -7.00
C ARG F 150 -15.83 -6.33 -7.18
N ILE F 151 -15.26 -5.82 -8.27
CA ILE F 151 -13.87 -6.06 -8.59
C ILE F 151 -13.00 -4.82 -8.41
N ASN F 152 -12.21 -4.82 -7.33
CA ASN F 152 -11.33 -3.70 -7.03
C ASN F 152 -9.89 -4.12 -7.27
N LEU F 153 -9.34 -3.69 -8.40
CA LEU F 153 -7.98 -4.04 -8.79
C LEU F 153 -6.86 -3.73 -7.79
N SER F 154 -7.06 -2.76 -6.91
CA SER F 154 -6.01 -2.42 -5.95
C SER F 154 -6.25 -3.02 -4.57
N ASP F 155 -7.29 -3.84 -4.43
CA ASP F 155 -7.61 -4.44 -3.14
C ASP F 155 -7.56 -5.97 -3.17
N ALA F 156 -6.59 -6.54 -2.45
CA ALA F 156 -6.40 -7.99 -2.40
C ALA F 156 -7.67 -8.76 -2.02
N GLY F 157 -8.60 -8.11 -1.35
CA GLY F 157 -9.83 -8.75 -0.95
C GLY F 157 -10.65 -9.24 -2.14
N THR F 158 -10.41 -8.65 -3.30
CA THR F 158 -11.12 -9.04 -4.51
C THR F 158 -10.79 -10.48 -4.88
N ALA F 159 -9.53 -10.86 -4.69
CA ALA F 159 -9.07 -12.19 -5.02
C ALA F 159 -9.94 -13.30 -4.42
N PRO F 160 -10.04 -13.37 -3.08
CA PRO F 160 -10.89 -14.45 -2.55
C PRO F 160 -12.36 -14.36 -2.98
N THR F 161 -12.83 -13.16 -3.31
CA THR F 161 -14.20 -12.98 -3.74
C THR F 161 -14.42 -13.56 -5.14
N LEU F 162 -13.43 -13.40 -6.00
CA LEU F 162 -13.54 -13.94 -7.35
C LEU F 162 -13.61 -15.46 -7.27
N GLU F 163 -12.75 -16.04 -6.46
CA GLU F 163 -12.70 -17.50 -6.30
C GLU F 163 -13.96 -18.05 -5.64
N ALA F 164 -14.49 -17.35 -4.64
CA ALA F 164 -15.70 -17.81 -3.96
C ALA F 164 -16.89 -17.71 -4.90
N THR F 165 -16.88 -16.70 -5.77
CA THR F 165 -17.97 -16.52 -6.72
C THR F 165 -17.92 -17.67 -7.73
N ALA F 166 -16.71 -18.03 -8.13
CA ALA F 166 -16.53 -19.12 -9.08
C ALA F 166 -17.10 -20.39 -8.49
N HIS F 167 -16.84 -20.61 -7.20
CA HIS F 167 -17.34 -21.80 -6.53
C HIS F 167 -18.87 -21.77 -6.47
N ALA F 168 -19.44 -20.60 -6.23
CA ALA F 168 -20.89 -20.48 -6.17
C ALA F 168 -21.51 -20.87 -7.50
N VAL F 169 -20.89 -20.43 -8.60
CA VAL F 169 -21.39 -20.75 -9.93
C VAL F 169 -21.25 -22.25 -10.18
N ASN F 170 -20.13 -22.84 -9.73
CA ASN F 170 -19.92 -24.27 -9.91
C ASN F 170 -21.12 -25.00 -9.33
N GLU F 171 -21.43 -24.70 -8.07
CA GLU F 171 -22.55 -25.33 -7.39
C GLU F 171 -23.91 -25.02 -7.99
N ALA F 172 -24.15 -23.75 -8.32
CA ALA F 172 -25.42 -23.36 -8.91
C ALA F 172 -25.66 -24.07 -10.24
N ALA F 173 -24.64 -24.09 -11.09
CA ALA F 173 -24.76 -24.73 -12.39
C ALA F 173 -25.02 -26.23 -12.24
N ALA F 174 -24.23 -26.87 -11.39
CA ALA F 174 -24.37 -28.31 -11.16
C ALA F 174 -25.77 -28.67 -10.65
N ALA F 175 -26.42 -27.73 -9.97
CA ALA F 175 -27.76 -27.98 -9.45
C ALA F 175 -28.82 -27.44 -10.41
N GLN F 176 -28.36 -26.91 -11.54
CA GLN F 176 -29.25 -26.34 -12.54
C GLN F 176 -30.10 -25.23 -11.94
N LEU F 177 -29.45 -24.44 -11.08
CA LEU F 177 -30.09 -23.32 -10.42
C LEU F 177 -29.58 -22.03 -11.05
N PRO F 178 -30.47 -21.25 -11.69
CA PRO F 178 -30.03 -20.00 -12.31
C PRO F 178 -29.30 -19.12 -11.30
N ILE F 179 -28.18 -18.55 -11.71
CA ILE F 179 -27.42 -17.68 -10.82
C ILE F 179 -27.12 -16.34 -11.46
N MSE F 180 -27.54 -15.30 -10.76
CA MSE F 180 -27.45 -13.89 -11.15
C MSE F 180 -26.19 -13.24 -10.54
O MSE F 180 -26.05 -13.20 -9.32
CB MSE F 180 -28.72 -13.22 -10.61
CG MSE F 180 -29.08 -11.85 -11.11
SE MSE F 180 -30.60 -11.28 -10.04
CE MSE F 180 -31.96 -12.46 -10.74
N LEU F 181 -25.30 -12.73 -11.39
CA LEU F 181 -24.10 -12.06 -10.89
C LEU F 181 -24.19 -10.56 -11.13
N GLU F 182 -23.95 -9.78 -10.08
CA GLU F 182 -23.99 -8.31 -10.18
C GLU F 182 -22.54 -7.84 -10.14
N PRO F 183 -21.92 -7.62 -11.32
CA PRO F 183 -20.53 -7.17 -11.40
C PRO F 183 -20.36 -5.66 -11.37
N PHE F 184 -19.16 -5.24 -11.01
CA PHE F 184 -18.80 -3.83 -10.91
C PHE F 184 -17.29 -3.73 -10.83
N MSE F 185 -16.74 -2.63 -11.33
CA MSE F 185 -15.32 -2.37 -11.19
C MSE F 185 -15.43 -1.35 -10.07
O MSE F 185 -16.27 -0.45 -10.14
CB MSE F 185 -14.74 -1.71 -12.45
CG MSE F 185 -14.70 -2.61 -13.68
SE MSE F 185 -13.56 -4.15 -13.52
CE MSE F 185 -14.82 -5.34 -12.72
N SER F 186 -14.63 -1.50 -9.02
CA SER F 186 -14.71 -0.56 -7.91
C SER F 186 -13.35 -0.03 -7.51
N ASN F 187 -13.33 1.18 -6.96
CA ASN F 187 -12.08 1.79 -6.53
C ASN F 187 -12.23 2.45 -5.18
N TRP F 188 -11.11 2.60 -4.49
CA TRP F 188 -11.12 3.27 -3.19
C TRP F 188 -10.89 4.74 -3.51
N VAL F 189 -11.82 5.58 -3.10
CA VAL F 189 -11.71 7.02 -3.34
C VAL F 189 -12.05 7.75 -2.05
N ASN F 190 -11.06 8.38 -1.45
CA ASN F 190 -11.24 9.11 -0.20
C ASN F 190 -11.72 8.18 0.90
N GLY F 191 -11.13 6.98 0.95
CA GLY F 191 -11.49 6.02 1.99
C GLY F 191 -12.84 5.34 1.82
N LYS F 192 -13.48 5.53 0.68
CA LYS F 192 -14.78 4.90 0.43
C LYS F 192 -14.77 4.15 -0.89
N VAL F 193 -15.61 3.13 -1.00
CA VAL F 193 -15.69 2.35 -2.22
C VAL F 193 -16.70 2.96 -3.18
N VAL F 194 -16.25 3.28 -4.39
CA VAL F 194 -17.13 3.85 -5.40
C VAL F 194 -17.09 2.99 -6.65
N ASN F 195 -18.26 2.56 -7.11
CA ASN F 195 -18.32 1.74 -8.32
C ASN F 195 -18.11 2.63 -9.53
N ASP F 196 -17.31 2.15 -10.48
CA ASP F 196 -17.03 2.89 -11.70
C ASP F 196 -18.15 2.62 -12.70
N LEU F 197 -19.03 3.59 -12.90
CA LEU F 197 -20.15 3.41 -13.81
C LEU F 197 -19.89 3.83 -15.25
N SER F 198 -18.63 4.01 -15.63
CA SER F 198 -18.32 4.39 -17.00
C SER F 198 -18.57 3.17 -17.88
N THR F 199 -18.99 3.41 -19.12
CA THR F 199 -19.28 2.34 -20.05
C THR F 199 -18.22 1.25 -20.14
N ASP F 200 -16.96 1.65 -20.31
CA ASP F 200 -15.88 0.66 -20.42
C ASP F 200 -15.64 -0.16 -19.17
N ALA F 201 -15.87 0.42 -17.99
CA ALA F 201 -15.68 -0.31 -16.75
C ALA F 201 -16.74 -1.40 -16.62
N VAL F 202 -17.98 -1.05 -16.94
CA VAL F 202 -19.06 -2.03 -16.86
C VAL F 202 -18.78 -3.18 -17.81
N ILE F 203 -18.32 -2.86 -19.01
CA ILE F 203 -18.00 -3.87 -20.00
C ILE F 203 -16.89 -4.79 -19.49
N GLN F 204 -15.85 -4.20 -18.92
CA GLN F 204 -14.74 -5.00 -18.39
C GLN F 204 -15.19 -5.92 -17.26
N SER F 205 -16.11 -5.43 -16.43
CA SER F 205 -16.60 -6.23 -15.32
C SER F 205 -17.41 -7.42 -15.81
N VAL F 206 -18.15 -7.24 -16.90
CA VAL F 206 -18.95 -8.31 -17.46
C VAL F 206 -18.07 -9.41 -18.04
N ALA F 207 -17.02 -9.01 -18.75
CA ALA F 207 -16.10 -9.98 -19.36
C ALA F 207 -15.46 -10.84 -18.27
N ILE F 208 -15.20 -10.24 -17.12
CA ILE F 208 -14.59 -10.95 -16.01
C ILE F 208 -15.60 -11.87 -15.31
N ALA F 209 -16.75 -11.32 -14.95
CA ALA F 209 -17.77 -12.10 -14.27
C ALA F 209 -18.23 -13.31 -15.10
N ALA F 210 -18.45 -13.08 -16.39
CA ALA F 210 -18.90 -14.15 -17.28
C ALA F 210 -17.98 -15.35 -17.26
N GLY F 211 -16.69 -15.10 -17.03
CA GLY F 211 -15.72 -16.18 -17.01
C GLY F 211 -15.59 -16.93 -15.70
N LEU F 212 -16.38 -16.54 -14.70
CA LEU F 212 -16.33 -17.20 -13.39
C LEU F 212 -17.20 -18.44 -13.34
N GLY F 213 -16.63 -19.56 -12.90
CA GLY F 213 -17.39 -20.80 -12.82
C GLY F 213 -16.85 -21.81 -13.80
N ASN F 214 -17.16 -23.08 -13.60
CA ASN F 214 -16.68 -24.13 -14.49
C ASN F 214 -17.75 -24.54 -15.49
N ASP F 215 -18.85 -23.79 -15.47
CA ASP F 215 -19.99 -24.02 -16.35
C ASP F 215 -20.80 -22.73 -16.28
N SER F 216 -20.80 -21.96 -17.36
CA SER F 216 -21.56 -20.72 -17.34
C SER F 216 -22.78 -20.80 -18.25
N SER F 217 -23.61 -21.81 -18.01
CA SER F 217 -24.81 -22.01 -18.81
C SER F 217 -26.05 -21.65 -18.00
N TYR F 218 -25.86 -21.29 -16.74
CA TYR F 218 -26.95 -20.92 -15.87
C TYR F 218 -26.74 -19.54 -15.26
N THR F 219 -25.77 -18.80 -15.77
CA THR F 219 -25.49 -17.49 -15.19
C THR F 219 -26.11 -16.32 -15.95
N TRP F 220 -26.71 -15.42 -15.16
CA TRP F 220 -27.34 -14.22 -15.65
C TRP F 220 -26.51 -13.03 -15.18
N MSE F 221 -26.79 -11.86 -15.75
CA MSE F 221 -26.09 -10.65 -15.39
C MSE F 221 -27.11 -9.66 -14.84
O MSE F 221 -28.24 -9.58 -15.31
CB MSE F 221 -25.40 -10.02 -16.60
CG MSE F 221 -24.25 -10.82 -17.18
SE MSE F 221 -22.61 -10.70 -16.14
CE MSE F 221 -22.61 -12.48 -15.37
N LYS F 222 -26.70 -8.93 -13.80
CA LYS F 222 -27.54 -7.91 -13.18
C LYS F 222 -26.66 -6.68 -13.37
N LEU F 223 -26.99 -5.86 -14.37
CA LEU F 223 -26.19 -4.68 -14.67
C LEU F 223 -26.86 -3.35 -14.42
N PRO F 224 -26.05 -2.29 -14.27
CA PRO F 224 -26.56 -0.94 -14.03
C PRO F 224 -26.82 -0.26 -15.37
N VAL F 225 -27.88 0.53 -15.46
CA VAL F 225 -28.18 1.23 -16.70
C VAL F 225 -27.17 2.37 -16.78
N VAL F 226 -26.26 2.24 -17.73
CA VAL F 226 -25.19 3.22 -17.92
C VAL F 226 -25.17 3.87 -19.30
N GLU F 227 -24.27 4.83 -19.46
CA GLU F 227 -24.09 5.54 -20.72
C GLU F 227 -23.74 4.54 -21.82
N GLU F 228 -24.26 4.75 -23.02
CA GLU F 228 -23.98 3.86 -24.17
C GLU F 228 -24.26 2.34 -23.95
N MSE F 229 -25.48 2.01 -23.49
CA MSE F 229 -25.98 0.67 -23.10
C MSE F 229 -26.20 -0.43 -24.11
O MSE F 229 -26.66 -1.55 -23.76
CB MSE F 229 -27.33 0.81 -22.42
CG MSE F 229 -27.26 0.98 -20.89
SE MSE F 229 -26.47 -0.51 -19.99
CE MSE F 229 -28.09 -1.49 -19.57
N GLU F 230 -25.92 -0.14 -25.37
CA GLU F 230 -26.24 -1.10 -26.41
C GLU F 230 -24.91 -1.66 -26.82
N ARG F 231 -23.94 -0.97 -26.26
CA ARG F 231 -22.55 -1.25 -26.44
C ARG F 231 -22.13 -2.10 -25.25
N VAL F 232 -22.77 -1.89 -24.10
CA VAL F 232 -22.48 -2.67 -22.91
C VAL F 232 -23.09 -4.03 -23.17
N MSE F 233 -24.25 -4.04 -23.81
CA MSE F 233 -24.94 -5.29 -24.11
C MSE F 233 -24.24 -6.13 -25.16
O MSE F 233 -24.59 -7.30 -25.36
CB MSE F 233 -26.39 -5.02 -24.54
CG MSE F 233 -27.29 -4.58 -23.40
SE MSE F 233 -27.08 -5.66 -21.80
CE MSE F 233 -26.34 -4.31 -20.64
N GLU F 234 -23.27 -5.56 -25.86
CA GLU F 234 -22.53 -6.30 -26.86
C GLU F 234 -21.40 -7.03 -26.12
N SER F 235 -21.44 -6.96 -24.80
CA SER F 235 -20.43 -7.60 -23.95
C SER F 235 -20.73 -9.06 -23.69
N THR F 236 -22.01 -9.41 -23.61
CA THR F 236 -22.40 -10.80 -23.38
C THR F 236 -23.60 -11.25 -24.18
N THR F 237 -23.80 -12.56 -24.14
CA THR F 237 -24.90 -13.22 -24.83
C THR F 237 -25.82 -13.72 -23.73
N MSE F 238 -25.46 -13.42 -22.49
CA MSE F 238 -26.22 -13.87 -21.34
C MSE F 238 -27.44 -13.04 -20.97
O MSE F 238 -27.47 -11.82 -21.15
CB MSE F 238 -25.30 -13.98 -20.14
CG MSE F 238 -24.16 -14.93 -20.38
SE MSE F 238 -22.83 -14.89 -19.00
CE MSE F 238 -22.18 -16.70 -19.20
N PRO F 239 -28.49 -13.71 -20.45
CA PRO F 239 -29.72 -13.04 -20.05
C PRO F 239 -29.36 -11.98 -19.00
N THR F 240 -29.85 -10.76 -19.21
CA THR F 240 -29.54 -9.66 -18.32
C THR F 240 -30.77 -9.01 -17.68
N LEU F 241 -30.59 -8.57 -16.44
CA LEU F 241 -31.62 -7.88 -15.68
C LEU F 241 -31.02 -6.57 -15.25
N LEU F 242 -31.80 -5.50 -15.31
CA LEU F 242 -31.31 -4.17 -14.95
C LEU F 242 -31.59 -3.83 -13.50
N LEU F 243 -30.70 -3.05 -12.91
CA LEU F 243 -30.84 -2.63 -11.52
C LEU F 243 -30.99 -1.11 -11.45
N GLY F 244 -31.70 -0.64 -10.43
CA GLY F 244 -31.90 0.80 -10.26
C GLY F 244 -31.23 1.22 -8.97
N GLY F 245 -29.98 1.64 -9.07
CA GLY F 245 -29.22 2.05 -7.89
C GLY F 245 -29.75 3.17 -7.03
N GLU F 246 -28.87 4.13 -6.75
CA GLU F 246 -29.14 5.29 -5.91
C GLU F 246 -30.55 5.89 -5.99
N GLY F 247 -30.92 6.42 -7.16
CA GLY F 247 -32.24 7.00 -7.31
C GLY F 247 -32.29 8.24 -8.19
N GLY F 248 -31.69 9.33 -7.73
CA GLY F 248 -31.69 10.55 -8.51
C GLY F 248 -32.82 11.48 -8.12
N PRO F 251 -36.15 11.13 -11.64
CA PRO F 251 -37.20 10.11 -11.45
C PRO F 251 -37.83 9.68 -12.77
N ASP F 252 -38.37 10.63 -13.51
CA ASP F 252 -38.96 10.31 -14.80
C ASP F 252 -37.83 9.93 -15.74
N ALA F 253 -36.71 10.64 -15.60
CA ALA F 253 -35.53 10.38 -16.42
C ALA F 253 -35.04 8.96 -16.17
N THR F 254 -35.12 8.52 -14.92
CA THR F 254 -34.68 7.18 -14.54
C THR F 254 -35.51 6.12 -15.27
N PHE F 255 -36.83 6.24 -15.19
CA PHE F 255 -37.72 5.29 -15.86
C PHE F 255 -37.48 5.27 -17.37
N ALA F 256 -37.16 6.42 -17.93
CA ALA F 256 -36.91 6.53 -19.36
C ALA F 256 -35.66 5.75 -19.79
N SER F 257 -34.61 5.82 -18.97
CA SER F 257 -33.38 5.11 -19.29
C SER F 257 -33.61 3.60 -19.25
N TRP F 258 -34.45 3.15 -18.32
CA TRP F 258 -34.77 1.74 -18.18
C TRP F 258 -35.53 1.30 -19.43
N GLU F 259 -36.54 2.08 -19.79
CA GLU F 259 -37.37 1.80 -20.95
C GLU F 259 -36.52 1.59 -22.19
N HIS F 260 -35.51 2.43 -22.38
CA HIS F 260 -34.63 2.30 -23.54
C HIS F 260 -33.78 1.02 -23.46
N ALA F 261 -33.07 0.86 -22.36
CA ALA F 261 -32.21 -0.30 -22.16
C ALA F 261 -33.00 -1.60 -22.27
N LEU F 262 -34.25 -1.54 -21.80
CA LEU F 262 -35.13 -2.71 -21.82
C LEU F 262 -35.37 -3.26 -23.22
N THR F 263 -35.06 -2.45 -24.24
CA THR F 263 -35.26 -2.88 -25.63
C THR F 263 -34.03 -3.54 -26.22
N LEU F 264 -32.89 -3.41 -25.54
CA LEU F 264 -31.63 -3.97 -26.00
C LEU F 264 -31.59 -5.50 -26.04
N PRO F 265 -30.78 -6.06 -26.94
CA PRO F 265 -30.62 -7.51 -27.11
C PRO F 265 -30.18 -8.22 -25.84
N GLY F 266 -30.93 -9.24 -25.43
CA GLY F 266 -30.56 -9.98 -24.24
C GLY F 266 -31.14 -9.50 -22.93
N VAL F 267 -31.59 -8.25 -22.87
CA VAL F 267 -32.18 -7.74 -21.63
C VAL F 267 -33.53 -8.42 -21.42
N ARG F 268 -33.69 -9.03 -20.25
CA ARG F 268 -34.91 -9.76 -19.91
C ARG F 268 -35.78 -9.12 -18.85
N GLY F 269 -35.38 -7.98 -18.32
CA GLY F 269 -36.21 -7.35 -17.30
C GLY F 269 -35.51 -6.50 -16.26
N LEU F 270 -36.14 -6.40 -15.09
CA LEU F 270 -35.64 -5.60 -13.99
C LEU F 270 -35.51 -6.36 -12.66
N THR F 271 -34.57 -5.90 -11.83
CA THR F 271 -34.34 -6.42 -10.49
C THR F 271 -33.95 -5.17 -9.72
N VAL F 272 -34.96 -4.37 -9.40
CA VAL F 272 -34.79 -3.10 -8.71
C VAL F 272 -35.29 -3.12 -7.27
N GLY F 273 -34.62 -2.35 -6.41
CA GLY F 273 -35.02 -2.30 -5.01
C GLY F 273 -35.19 -0.91 -4.44
N ARG F 274 -34.08 -0.28 -4.05
CA ARG F 274 -34.08 1.05 -3.45
C ARG F 274 -35.09 2.03 -4.06
N THR F 275 -35.13 2.12 -5.39
CA THR F 275 -36.02 3.06 -6.08
C THR F 275 -37.53 2.78 -6.08
N LEU F 276 -37.92 1.54 -6.31
CA LEU F 276 -39.35 1.21 -6.34
C LEU F 276 -39.93 1.18 -4.93
N LEU F 277 -39.17 0.63 -3.98
CA LEU F 277 -39.59 0.62 -2.60
C LEU F 277 -39.02 1.94 -2.13
N TYR F 278 -39.65 2.62 -1.18
CA TYR F 278 -39.11 3.90 -0.72
C TYR F 278 -38.97 4.89 -1.87
N PRO F 279 -40.05 5.14 -2.63
CA PRO F 279 -39.93 6.10 -3.73
C PRO F 279 -39.73 7.50 -3.13
N GLN F 280 -39.16 8.42 -3.91
CA GLN F 280 -38.92 9.78 -3.43
C GLN F 280 -40.15 10.34 -2.71
N ASP F 281 -41.33 9.86 -3.10
CA ASP F 281 -42.59 10.29 -2.48
C ASP F 281 -43.17 9.09 -1.73
N GLY F 282 -44.47 9.13 -1.44
CA GLY F 282 -45.06 8.00 -0.72
C GLY F 282 -45.97 7.11 -1.53
N ASP F 283 -45.56 6.76 -2.75
CA ASP F 283 -46.38 5.90 -3.60
C ASP F 283 -45.65 4.68 -4.12
N VAL F 284 -45.57 3.65 -3.28
CA VAL F 284 -44.90 2.40 -3.64
C VAL F 284 -45.64 1.77 -4.81
N ALA F 285 -46.95 1.59 -4.64
CA ALA F 285 -47.79 0.99 -5.67
C ALA F 285 -47.63 1.72 -6.99
N ALA F 286 -47.57 3.04 -6.95
CA ALA F 286 -47.41 3.85 -8.15
C ALA F 286 -46.06 3.61 -8.81
N ALA F 287 -45.01 3.49 -8.00
CA ALA F 287 -43.67 3.27 -8.53
C ALA F 287 -43.56 1.87 -9.11
N VAL F 288 -44.12 0.88 -8.42
CA VAL F 288 -44.05 -0.49 -8.90
C VAL F 288 -44.83 -0.67 -10.22
N ASP F 289 -46.06 -0.16 -10.27
CA ASP F 289 -46.87 -0.29 -11.48
C ASP F 289 -46.19 0.30 -12.69
N THR F 290 -45.42 1.36 -12.47
CA THR F 290 -44.69 2.01 -13.56
C THR F 290 -43.65 1.05 -14.08
N ALA F 291 -42.87 0.49 -13.16
CA ALA F 291 -41.80 -0.44 -13.51
C ALA F 291 -42.38 -1.70 -14.16
N ALA F 292 -43.47 -2.20 -13.59
CA ALA F 292 -44.12 -3.40 -14.10
C ALA F 292 -44.54 -3.25 -15.56
N ARG F 293 -45.33 -2.21 -15.84
CA ARG F 293 -45.81 -1.97 -17.21
C ARG F 293 -44.65 -1.79 -18.18
N LEU F 294 -43.51 -1.34 -17.66
CA LEU F 294 -42.32 -1.11 -18.47
C LEU F 294 -41.70 -2.43 -18.90
N VAL F 295 -41.69 -3.40 -17.98
CA VAL F 295 -41.13 -4.73 -18.25
C VAL F 295 -42.15 -5.59 -18.99
N HIS F 296 -43.39 -5.52 -18.54
CA HIS F 296 -44.49 -6.29 -19.12
C HIS F 296 -45.56 -5.37 -19.74
N THR F 297 -45.41 -5.07 -21.02
CA THR F 297 -46.37 -4.20 -21.71
C THR F 297 -47.78 -4.77 -21.81
N ASP F 298 -48.21 -5.48 -20.76
CA ASP F 298 -49.54 -6.10 -20.71
C ASP F 298 -49.86 -7.05 -21.86
N ILE F 299 -48.91 -7.25 -22.77
CA ILE F 299 -49.14 -8.14 -23.91
C ILE F 299 -48.90 -9.59 -23.46
N PRO G 3 -21.03 -11.59 -45.74
CA PRO G 3 -21.84 -12.67 -45.14
C PRO G 3 -21.09 -13.23 -43.93
N PRO G 4 -21.68 -13.12 -42.73
CA PRO G 4 -21.03 -13.63 -41.52
C PRO G 4 -21.30 -15.11 -41.27
N ILE G 5 -20.35 -15.79 -40.64
CA ILE G 5 -20.51 -17.21 -40.35
C ILE G 5 -21.70 -17.41 -39.41
N ILE G 6 -21.96 -16.42 -38.56
CA ILE G 6 -23.07 -16.49 -37.63
C ILE G 6 -24.06 -15.37 -37.91
N SER G 7 -25.29 -15.74 -38.24
CA SER G 7 -26.35 -14.78 -38.54
C SER G 7 -27.08 -14.36 -37.28
N PRO G 8 -27.60 -13.12 -37.26
CA PRO G 8 -28.31 -12.63 -36.08
C PRO G 8 -29.42 -13.57 -35.61
N GLU G 9 -30.01 -14.33 -36.53
CA GLU G 9 -31.05 -15.28 -36.16
C GLU G 9 -30.42 -16.30 -35.24
N SER G 10 -29.21 -16.73 -35.60
CA SER G 10 -28.46 -17.71 -34.83
C SER G 10 -28.07 -17.16 -33.45
N PHE G 11 -27.73 -15.87 -33.39
CA PHE G 11 -27.38 -15.27 -32.11
C PHE G 11 -28.63 -15.15 -31.24
N GLU G 12 -29.74 -14.82 -31.88
CA GLU G 12 -31.02 -14.66 -31.20
C GLU G 12 -31.40 -15.97 -30.53
N ALA G 13 -31.12 -17.08 -31.21
CA ALA G 13 -31.41 -18.39 -30.68
C ALA G 13 -30.49 -18.67 -29.50
N LEU G 14 -29.21 -18.30 -29.65
CA LEU G 14 -28.24 -18.49 -28.58
C LEU G 14 -28.71 -17.78 -27.32
N ARG G 15 -29.11 -16.53 -27.48
CA ARG G 15 -29.60 -15.76 -26.34
C ARG G 15 -30.85 -16.39 -25.76
N ARG G 16 -31.80 -16.71 -26.62
CA ARG G 16 -33.05 -17.31 -26.18
C ARG G 16 -32.80 -18.61 -25.43
N MSE G 17 -31.89 -19.43 -25.95
CA MSE G 17 -31.59 -20.70 -25.31
C MSE G 17 -31.08 -20.51 -23.87
O MSE G 17 -31.66 -21.06 -22.94
CB MSE G 17 -30.54 -21.47 -26.11
CG MSE G 17 -30.33 -22.89 -25.64
SE MSE G 17 -28.88 -23.74 -26.55
CE MSE G 17 -29.72 -24.00 -28.27
N ARG G 18 -30.00 -19.75 -23.71
CA ARG G 18 -29.44 -19.49 -22.39
C ARG G 18 -30.50 -19.07 -21.40
N ALA G 19 -31.31 -18.10 -21.82
CA ALA G 19 -32.37 -17.57 -20.98
C ALA G 19 -33.55 -18.51 -20.74
N ALA G 20 -34.07 -19.12 -21.81
CA ALA G 20 -35.25 -19.97 -21.73
C ALA G 20 -35.08 -21.48 -21.52
N GLU G 21 -33.97 -22.05 -21.97
CA GLU G 21 -33.76 -23.49 -21.81
C GLU G 21 -32.27 -23.80 -21.63
N PRO G 22 -31.70 -23.35 -20.50
CA PRO G 22 -30.28 -23.57 -20.19
C PRO G 22 -29.80 -25.01 -20.40
N THR G 23 -30.67 -25.97 -20.10
CA THR G 23 -30.33 -27.39 -20.25
C THR G 23 -29.79 -27.74 -21.63
N MSE G 24 -30.18 -26.97 -22.64
CA MSE G 24 -29.73 -27.22 -24.00
C MSE G 24 -28.24 -26.98 -24.27
O MSE G 24 -27.68 -27.55 -25.21
CB MSE G 24 -30.56 -26.42 -25.01
CG MSE G 24 -31.85 -27.10 -25.44
SE MSE G 24 -31.58 -28.92 -26.11
CE MSE G 24 -32.56 -29.87 -24.72
N VAL G 25 -27.61 -26.14 -23.47
CA VAL G 25 -26.20 -25.86 -23.64
C VAL G 25 -25.38 -27.14 -23.39
N ALA G 26 -25.61 -27.76 -22.23
CA ALA G 26 -24.90 -28.98 -21.88
C ALA G 26 -25.25 -30.12 -22.82
N GLU G 27 -26.53 -30.19 -23.24
CA GLU G 27 -26.96 -31.25 -24.13
C GLU G 27 -26.26 -31.17 -25.48
N ARG G 28 -26.25 -29.98 -26.08
CA ARG G 28 -25.59 -29.80 -27.37
C ARG G 28 -24.10 -30.03 -27.24
N PHE G 29 -23.57 -29.75 -26.05
CA PHE G 29 -22.15 -29.92 -25.79
C PHE G 29 -21.78 -31.40 -25.83
N LYS G 30 -22.62 -32.24 -25.23
CA LYS G 30 -22.36 -33.67 -25.17
C LYS G 30 -22.68 -34.43 -26.46
N GLN G 31 -23.55 -33.86 -27.30
CA GLN G 31 -23.91 -34.49 -28.57
C GLN G 31 -22.85 -34.16 -29.62
N ARG G 32 -21.88 -33.36 -29.19
CA ARG G 32 -20.76 -32.90 -30.00
C ARG G 32 -19.95 -34.07 -30.56
N ARG G 33 -19.58 -34.00 -31.83
CA ARG G 33 -18.78 -35.03 -32.47
C ARG G 33 -17.34 -34.86 -32.02
N LYS G 34 -16.79 -35.87 -31.36
CA LYS G 34 -15.42 -35.79 -30.87
C LYS G 34 -14.41 -36.38 -31.84
N ARG G 35 -13.14 -36.02 -31.64
CA ARG G 35 -12.07 -36.50 -32.49
C ARG G 35 -10.84 -36.85 -31.65
N GLU G 36 -9.88 -37.52 -32.27
CA GLU G 36 -8.64 -37.88 -31.59
C GLU G 36 -7.90 -36.59 -31.32
N LEU G 37 -7.08 -36.57 -30.26
CA LEU G 37 -6.33 -35.38 -29.92
C LEU G 37 -5.39 -35.03 -31.07
N LEU G 38 -4.51 -35.98 -31.40
CA LEU G 38 -3.55 -35.76 -32.48
C LEU G 38 -4.00 -36.41 -33.79
N GLY G 39 -3.88 -35.65 -34.88
CA GLY G 39 -4.26 -36.16 -36.17
C GLY G 39 -3.17 -37.04 -36.75
N GLU G 40 -3.24 -37.29 -38.04
CA GLU G 40 -2.27 -38.12 -38.73
C GLU G 40 -0.86 -37.54 -38.73
N ASP G 41 -0.76 -36.22 -38.85
CA ASP G 41 0.56 -35.58 -38.87
C ASP G 41 1.08 -35.27 -37.46
N GLY G 42 0.30 -35.65 -36.45
CA GLY G 42 0.69 -35.43 -35.07
C GLY G 42 0.84 -33.99 -34.62
N LYS G 43 0.38 -33.05 -35.44
CA LYS G 43 0.46 -31.64 -35.09
C LYS G 43 -0.87 -31.11 -34.59
N LEU G 44 -0.83 -29.99 -33.87
CA LEU G 44 -2.03 -29.39 -33.32
C LEU G 44 -2.02 -27.88 -33.48
N PHE G 45 -3.15 -27.31 -33.89
CA PHE G 45 -3.29 -25.87 -34.07
C PHE G 45 -4.56 -25.43 -33.36
N ILE G 46 -4.40 -24.63 -32.30
CA ILE G 46 -5.53 -24.18 -31.50
C ILE G 46 -5.59 -22.65 -31.38
N VAL G 47 -6.79 -22.10 -31.55
CA VAL G 47 -6.98 -20.66 -31.44
C VAL G 47 -7.45 -20.32 -30.04
N ALA G 48 -6.77 -19.37 -29.40
CA ALA G 48 -7.07 -18.97 -28.03
C ALA G 48 -7.91 -17.71 -27.87
N ALA G 49 -8.82 -17.73 -26.91
CA ALA G 49 -9.68 -16.58 -26.63
C ALA G 49 -10.11 -16.55 -25.16
N ASP G 50 -9.19 -16.83 -24.24
CA ASP G 50 -9.53 -16.83 -22.82
C ASP G 50 -9.04 -15.57 -22.11
N HIS G 51 -8.65 -14.56 -22.90
CA HIS G 51 -8.14 -13.31 -22.35
C HIS G 51 -9.17 -12.43 -21.63
N PRO G 52 -10.35 -12.23 -22.22
CA PRO G 52 -11.37 -11.40 -21.60
C PRO G 52 -11.62 -11.70 -20.12
N ALA G 53 -11.82 -12.98 -19.82
CA ALA G 53 -12.09 -13.42 -18.45
C ALA G 53 -11.01 -13.00 -17.46
N ARG G 54 -9.83 -12.65 -17.98
CA ARG G 54 -8.74 -12.24 -17.11
C ARG G 54 -8.65 -10.71 -17.07
N GLY G 55 -9.63 -10.05 -17.68
CA GLY G 55 -9.66 -8.60 -17.69
C GLY G 55 -8.69 -7.99 -18.69
N ALA G 56 -8.36 -8.74 -19.74
CA ALA G 56 -7.43 -8.25 -20.75
C ALA G 56 -8.09 -8.21 -22.14
N LEU G 57 -8.66 -7.06 -22.49
CA LEU G 57 -9.32 -6.90 -23.78
C LEU G 57 -8.45 -6.28 -24.88
N ALA G 58 -7.23 -5.87 -24.54
CA ALA G 58 -6.37 -5.22 -25.52
C ALA G 58 -5.65 -6.08 -26.57
N VAL G 59 -5.30 -5.43 -27.68
CA VAL G 59 -4.57 -6.05 -28.79
C VAL G 59 -3.63 -5.00 -29.38
N GLY G 60 -4.08 -3.75 -29.35
CA GLY G 60 -3.33 -2.60 -29.85
C GLY G 60 -4.32 -1.48 -29.60
N ASP G 61 -5.54 -1.96 -29.39
CA ASP G 61 -6.74 -1.19 -29.12
C ASP G 61 -7.11 -1.66 -27.71
N ASN G 62 -7.08 -0.75 -26.73
CA ASN G 62 -7.41 -1.12 -25.36
C ASN G 62 -8.85 -1.60 -25.22
N GLU G 63 -9.76 -0.66 -24.96
CA GLU G 63 -11.16 -0.95 -24.77
C GLU G 63 -11.70 -1.95 -25.78
N THR G 64 -12.05 -1.48 -26.98
CA THR G 64 -12.56 -2.36 -28.02
C THR G 64 -11.63 -3.56 -28.17
N ALA G 65 -11.92 -4.42 -29.14
CA ALA G 65 -11.12 -5.61 -29.37
C ALA G 65 -11.39 -6.53 -28.19
N MSE G 66 -12.17 -7.58 -28.44
CA MSE G 66 -12.54 -8.55 -27.42
C MSE G 66 -13.64 -8.04 -26.50
O MSE G 66 -14.38 -8.83 -25.91
CB MSE G 66 -11.30 -8.96 -26.60
CG MSE G 66 -10.12 -9.36 -27.48
SE MSE G 66 -8.86 -10.57 -26.68
CE MSE G 66 -9.59 -12.23 -27.32
N ALA G 67 -13.78 -6.72 -26.40
CA ALA G 67 -14.83 -6.13 -25.56
C ALA G 67 -16.19 -6.54 -26.12
N ASN G 68 -16.29 -6.58 -27.45
CA ASN G 68 -17.53 -6.96 -28.11
C ASN G 68 -17.53 -8.48 -28.26
N ARG G 69 -18.30 -9.15 -27.41
CA ARG G 69 -18.37 -10.60 -27.42
C ARG G 69 -18.96 -11.17 -28.71
N TYR G 70 -19.89 -10.47 -29.33
CA TYR G 70 -20.49 -10.95 -30.57
C TYR G 70 -19.46 -10.99 -31.69
N GLU G 71 -18.59 -9.99 -31.76
CA GLU G 71 -17.56 -9.97 -32.80
C GLU G 71 -16.51 -11.01 -32.47
N LEU G 72 -16.25 -11.18 -31.17
CA LEU G 72 -15.24 -12.15 -30.74
C LEU G 72 -15.68 -13.52 -31.24
N LEU G 73 -16.97 -13.83 -31.03
CA LEU G 73 -17.51 -15.11 -31.46
C LEU G 73 -17.45 -15.27 -32.98
N GLU G 74 -17.73 -14.19 -33.71
CA GLU G 74 -17.69 -14.22 -35.17
C GLU G 74 -16.28 -14.53 -35.63
N ARG G 75 -15.31 -13.78 -35.10
CA ARG G 75 -13.91 -13.97 -35.46
C ARG G 75 -13.48 -15.38 -35.13
N MSE G 76 -14.04 -15.94 -34.06
CA MSE G 76 -13.72 -17.31 -33.65
C MSE G 76 -14.34 -18.29 -34.65
O MSE G 76 -13.69 -19.24 -35.08
CB MSE G 76 -14.29 -17.59 -32.26
CG MSE G 76 -13.22 -17.84 -31.19
SE MSE G 76 -12.08 -19.35 -31.60
CE MSE G 76 -10.86 -18.45 -32.77
N ALA G 77 -15.60 -18.05 -35.00
CA ALA G 77 -16.30 -18.91 -35.95
C ALA G 77 -15.55 -18.98 -37.27
N ILE G 78 -15.02 -17.84 -37.71
CA ILE G 78 -14.25 -17.78 -38.94
C ILE G 78 -13.02 -18.66 -38.82
N ALA G 79 -12.25 -18.45 -37.75
CA ALA G 79 -11.04 -19.23 -37.52
C ALA G 79 -11.35 -20.73 -37.53
N LEU G 80 -12.39 -21.12 -36.81
CA LEU G 80 -12.77 -22.53 -36.72
C LEU G 80 -13.25 -23.12 -38.05
N SER G 81 -13.69 -22.27 -38.97
CA SER G 81 -14.18 -22.75 -40.26
C SER G 81 -13.05 -23.00 -41.24
N ARG G 82 -11.90 -22.39 -41.01
CA ARG G 82 -10.76 -22.54 -41.89
C ARG G 82 -10.13 -23.92 -41.72
N PRO G 83 -9.80 -24.58 -42.83
CA PRO G 83 -9.18 -25.91 -42.70
C PRO G 83 -7.85 -25.77 -41.98
N GLY G 84 -7.52 -26.75 -41.14
CA GLY G 84 -6.26 -26.70 -40.43
C GLY G 84 -6.39 -26.36 -38.95
N VAL G 85 -7.49 -25.73 -38.55
CA VAL G 85 -7.68 -25.39 -37.14
C VAL G 85 -8.32 -26.56 -36.39
N ASP G 86 -7.53 -27.18 -35.53
CA ASP G 86 -7.98 -28.33 -34.76
C ASP G 86 -8.89 -28.02 -33.58
N GLY G 87 -8.77 -26.83 -33.03
CA GLY G 87 -9.61 -26.51 -31.88
C GLY G 87 -9.51 -25.11 -31.33
N VAL G 88 -10.13 -24.92 -30.17
CA VAL G 88 -10.15 -23.63 -29.51
C VAL G 88 -9.90 -23.73 -28.01
N LEU G 89 -9.30 -22.69 -27.45
CA LEU G 89 -9.02 -22.60 -26.03
C LEU G 89 -9.84 -21.46 -25.47
N GLY G 90 -10.67 -21.74 -24.48
CA GLY G 90 -11.48 -20.69 -23.91
C GLY G 90 -11.98 -20.97 -22.51
N THR G 91 -12.56 -19.95 -21.90
CA THR G 91 -13.13 -20.06 -20.57
C THR G 91 -14.51 -20.67 -20.81
N PRO G 92 -15.16 -21.19 -19.76
CA PRO G 92 -16.50 -21.79 -19.94
C PRO G 92 -17.52 -20.94 -20.70
N ASP G 93 -17.45 -19.63 -20.53
CA ASP G 93 -18.40 -18.76 -21.21
C ASP G 93 -18.15 -18.66 -22.71
N ILE G 94 -16.90 -18.88 -23.13
CA ILE G 94 -16.56 -18.84 -24.56
C ILE G 94 -16.85 -20.17 -25.23
N ILE G 95 -16.55 -21.25 -24.52
CA ILE G 95 -16.76 -22.61 -25.02
C ILE G 95 -18.24 -22.95 -25.15
N ASP G 96 -19.01 -22.59 -24.13
CA ASP G 96 -20.44 -22.87 -24.14
C ASP G 96 -21.12 -22.22 -25.34
N ASP G 97 -20.79 -20.96 -25.60
CA ASP G 97 -21.37 -20.24 -26.72
C ASP G 97 -21.03 -20.95 -28.03
N LEU G 98 -19.74 -21.21 -28.24
CA LEU G 98 -19.31 -21.88 -29.45
C LEU G 98 -19.99 -23.24 -29.58
N ALA G 99 -20.32 -23.85 -28.46
CA ALA G 99 -20.97 -25.15 -28.44
C ALA G 99 -22.45 -25.02 -28.80
N ALA G 100 -23.18 -24.21 -28.03
CA ALA G 100 -24.61 -24.01 -28.26
C ALA G 100 -24.87 -23.51 -29.68
N LEU G 101 -23.86 -22.90 -30.28
CA LEU G 101 -23.97 -22.38 -31.64
C LEU G 101 -23.71 -23.49 -32.65
N GLY G 102 -23.28 -24.64 -32.13
CA GLY G 102 -23.00 -25.80 -32.97
C GLY G 102 -21.74 -25.68 -33.82
N LEU G 103 -20.68 -25.14 -33.25
CA LEU G 103 -19.43 -24.96 -33.99
C LEU G 103 -18.26 -25.79 -33.49
N LEU G 104 -18.49 -26.70 -32.55
CA LEU G 104 -17.40 -27.49 -32.02
C LEU G 104 -17.29 -28.94 -32.48
N ASP G 105 -17.99 -29.29 -33.55
CA ASP G 105 -17.94 -30.66 -34.07
C ASP G 105 -16.58 -30.95 -34.69
N ASP G 106 -15.98 -32.07 -34.26
CA ASP G 106 -14.69 -32.48 -34.76
C ASP G 106 -13.59 -31.47 -34.43
N LYS G 107 -13.72 -30.83 -33.27
CA LYS G 107 -12.74 -29.85 -32.82
C LYS G 107 -12.23 -30.25 -31.43
N ILE G 108 -11.00 -29.87 -31.14
CA ILE G 108 -10.39 -30.16 -29.85
C ILE G 108 -10.69 -28.98 -28.93
N VAL G 109 -11.30 -29.24 -27.78
CA VAL G 109 -11.64 -28.17 -26.85
C VAL G 109 -10.68 -28.08 -25.68
N VAL G 110 -10.21 -26.86 -25.41
CA VAL G 110 -9.27 -26.64 -24.32
C VAL G 110 -9.87 -25.63 -23.36
N GLY G 111 -9.96 -26.00 -22.08
CA GLY G 111 -10.54 -25.11 -21.11
C GLY G 111 -9.55 -24.35 -20.26
N SER G 112 -9.82 -23.06 -20.08
CA SER G 112 -8.95 -22.21 -19.27
C SER G 112 -9.35 -22.44 -17.82
N MSE G 113 -8.37 -22.81 -16.99
CA MSE G 113 -8.65 -23.06 -15.59
C MSE G 113 -8.55 -21.85 -14.69
O MSE G 113 -9.49 -21.58 -13.92
CB MSE G 113 -7.74 -24.17 -15.08
CG MSE G 113 -8.13 -25.54 -15.57
SE MSE G 113 -6.88 -26.88 -14.98
CE MSE G 113 -7.80 -27.48 -13.39
N ASN G 114 -7.45 -21.11 -14.76
CA ASN G 114 -7.29 -19.96 -13.87
C ASN G 114 -7.27 -18.60 -14.54
N ARG G 115 -8.07 -17.69 -13.99
CA ARG G 115 -8.19 -16.32 -14.47
C ARG G 115 -8.19 -15.30 -13.34
N GLY G 116 -7.94 -15.78 -12.12
CA GLY G 116 -7.94 -14.90 -10.96
C GLY G 116 -6.98 -13.72 -10.99
N GLY G 117 -5.78 -13.92 -11.53
CA GLY G 117 -4.82 -12.84 -11.61
C GLY G 117 -5.18 -11.84 -12.68
N LEU G 118 -6.22 -11.05 -12.40
CA LEU G 118 -6.72 -10.05 -13.34
C LEU G 118 -5.66 -9.04 -13.78
N ARG G 119 -5.74 -8.65 -15.04
CA ARG G 119 -4.80 -7.68 -15.58
C ARG G 119 -4.90 -6.35 -14.84
N GLY G 120 -3.77 -5.84 -14.38
CA GLY G 120 -3.75 -4.58 -13.67
C GLY G 120 -4.07 -4.65 -12.19
N ALA G 121 -4.30 -5.85 -11.67
CA ALA G 121 -4.64 -6.01 -10.26
C ALA G 121 -3.38 -6.04 -9.40
N SER G 122 -3.50 -5.53 -8.17
CA SER G 122 -2.37 -5.53 -7.25
C SER G 122 -2.11 -6.98 -6.89
N PHE G 123 -3.13 -7.81 -7.09
CA PHE G 123 -3.06 -9.23 -6.78
C PHE G 123 -2.98 -10.13 -8.00
N GLU G 124 -2.53 -9.63 -9.16
CA GLU G 124 -2.52 -10.52 -10.31
C GLU G 124 -1.50 -11.65 -10.31
N MSE G 125 -0.60 -11.70 -9.33
CA MSE G 125 0.35 -12.79 -9.27
C MSE G 125 -0.33 -13.94 -8.52
O MSE G 125 0.09 -15.09 -8.60
CB MSE G 125 1.63 -12.39 -8.54
CG MSE G 125 2.53 -11.46 -9.34
SE MSE G 125 2.70 -11.97 -11.20
CE MSE G 125 3.46 -13.75 -10.99
N ASP G 126 -1.42 -13.61 -7.83
CA ASP G 126 -2.21 -14.58 -7.08
C ASP G 126 -3.32 -15.04 -8.03
N ASP G 127 -2.91 -15.72 -9.09
CA ASP G 127 -3.79 -16.22 -10.15
C ASP G 127 -4.65 -17.42 -9.74
N ARG G 128 -5.70 -17.16 -8.98
CA ARG G 128 -6.59 -18.22 -8.51
C ARG G 128 -7.38 -18.97 -9.58
N TYR G 129 -7.76 -20.20 -9.27
CA TYR G 129 -8.52 -21.04 -10.18
C TYR G 129 -9.99 -20.71 -10.13
N THR G 130 -10.42 -19.96 -11.14
CA THR G 130 -11.79 -19.46 -11.26
C THR G 130 -12.63 -19.98 -12.43
N GLY G 131 -12.04 -20.79 -13.30
CA GLY G 131 -12.81 -21.29 -14.43
C GLY G 131 -13.07 -22.78 -14.42
N TYR G 132 -12.65 -23.44 -15.49
CA TYR G 132 -12.82 -24.89 -15.62
C TYR G 132 -12.01 -25.63 -14.57
N ASN G 133 -12.54 -26.77 -14.12
CA ASN G 133 -11.81 -27.62 -13.20
C ASN G 133 -11.90 -28.99 -13.87
N VAL G 134 -11.02 -29.92 -13.49
CA VAL G 134 -11.03 -31.24 -14.10
C VAL G 134 -12.39 -31.92 -14.08
N SER G 135 -13.08 -31.84 -12.94
CA SER G 135 -14.38 -32.45 -12.80
C SER G 135 -15.34 -32.07 -13.94
N SER G 136 -15.52 -30.78 -14.16
CA SER G 136 -16.44 -30.31 -15.21
C SER G 136 -15.92 -30.61 -16.61
N MSE G 137 -14.61 -30.64 -16.79
CA MSE G 137 -14.05 -30.92 -18.10
C MSE G 137 -14.28 -32.39 -18.46
O MSE G 137 -14.69 -32.71 -19.58
CB MSE G 137 -12.56 -30.60 -18.12
CG MSE G 137 -12.26 -29.13 -17.87
SE MSE G 137 -10.45 -28.61 -18.31
CE MSE G 137 -10.78 -27.80 -19.98
N VAL G 138 -14.03 -33.27 -17.52
CA VAL G 138 -14.24 -34.69 -17.74
C VAL G 138 -15.71 -34.93 -18.05
N ASP G 139 -16.59 -34.34 -17.25
CA ASP G 139 -18.03 -34.49 -17.43
C ASP G 139 -18.53 -33.95 -18.77
N ARG G 140 -18.01 -32.79 -19.16
CA ARG G 140 -18.42 -32.15 -20.40
C ARG G 140 -17.77 -32.74 -21.65
N GLY G 141 -16.58 -33.30 -21.47
CA GLY G 141 -15.89 -33.88 -22.60
C GLY G 141 -14.86 -32.97 -23.23
N VAL G 142 -14.39 -31.96 -22.51
CA VAL G 142 -13.37 -31.10 -23.10
C VAL G 142 -12.14 -32.01 -23.21
N ASP G 143 -11.32 -31.78 -24.22
CA ASP G 143 -10.16 -32.62 -24.46
C ASP G 143 -8.85 -32.22 -23.82
N PHE G 144 -8.73 -30.95 -23.44
CA PHE G 144 -7.47 -30.44 -22.93
C PHE G 144 -7.68 -29.40 -21.83
N ALA G 145 -6.75 -29.33 -20.89
CA ALA G 145 -6.83 -28.35 -19.80
C ALA G 145 -5.65 -27.40 -19.97
N LYS G 146 -5.83 -26.14 -19.59
CA LYS G 146 -4.75 -25.17 -19.71
C LYS G 146 -4.67 -24.26 -18.48
N THR G 147 -3.45 -23.91 -18.11
CA THR G 147 -3.18 -23.08 -16.93
C THR G 147 -2.14 -22.00 -17.22
N LEU G 148 -2.26 -20.87 -16.54
CA LEU G 148 -1.31 -19.79 -16.69
C LEU G 148 -0.48 -19.83 -15.41
N VAL G 149 0.82 -20.04 -15.52
CA VAL G 149 1.68 -20.11 -14.35
C VAL G 149 2.77 -19.06 -14.39
N ARG G 150 2.44 -17.84 -13.98
CA ARG G 150 3.42 -16.77 -13.96
C ARG G 150 4.14 -16.84 -12.61
N ILE G 151 5.47 -16.87 -12.68
CA ILE G 151 6.30 -16.98 -11.49
C ILE G 151 7.04 -15.69 -11.17
N ASN G 152 6.57 -14.97 -10.16
CA ASN G 152 7.18 -13.71 -9.74
C ASN G 152 7.89 -13.91 -8.41
N LEU G 153 9.21 -14.03 -8.48
CA LEU G 153 10.02 -14.27 -7.29
C LEU G 153 9.89 -13.28 -6.14
N SER G 154 9.46 -12.05 -6.42
CA SER G 154 9.33 -11.07 -5.35
C SER G 154 7.90 -10.89 -4.87
N ASP G 155 6.99 -11.70 -5.40
CA ASP G 155 5.58 -11.57 -5.03
C ASP G 155 5.04 -12.85 -4.37
N ALA G 156 4.69 -12.76 -3.09
CA ALA G 156 4.17 -13.89 -2.34
C ALA G 156 2.98 -14.59 -2.99
N GLY G 157 2.26 -13.86 -3.85
CA GLY G 157 1.11 -14.44 -4.51
C GLY G 157 1.48 -15.63 -5.40
N THR G 158 2.74 -15.70 -5.81
CA THR G 158 3.20 -16.79 -6.65
C THR G 158 3.09 -18.11 -5.91
N ALA G 159 3.39 -18.08 -4.61
CA ALA G 159 3.34 -19.28 -3.79
C ALA G 159 2.03 -20.04 -3.90
N PRO G 160 0.89 -19.43 -3.54
CA PRO G 160 -0.35 -20.21 -3.67
C PRO G 160 -0.67 -20.64 -5.10
N THR G 161 -0.15 -19.90 -6.08
CA THR G 161 -0.41 -20.24 -7.47
C THR G 161 0.37 -21.50 -7.88
N LEU G 162 1.59 -21.64 -7.37
CA LEU G 162 2.40 -22.80 -7.68
C LEU G 162 1.71 -24.04 -7.11
N GLU G 163 1.25 -23.92 -5.87
CA GLU G 163 0.58 -25.04 -5.20
C GLU G 163 -0.75 -25.39 -5.86
N ALA G 164 -1.52 -24.40 -6.27
CA ALA G 164 -2.81 -24.65 -6.91
C ALA G 164 -2.59 -25.29 -8.28
N THR G 165 -1.51 -24.89 -8.96
CA THR G 165 -1.20 -25.45 -10.26
C THR G 165 -0.82 -26.92 -10.08
N ALA G 166 -0.08 -27.21 -9.02
CA ALA G 166 0.34 -28.58 -8.74
C ALA G 166 -0.90 -29.44 -8.53
N HIS G 167 -1.87 -28.89 -7.81
CA HIS G 167 -3.11 -29.62 -7.55
C HIS G 167 -3.87 -29.87 -8.85
N ALA G 168 -3.88 -28.87 -9.73
CA ALA G 168 -4.56 -29.01 -11.02
C ALA G 168 -3.94 -30.16 -11.81
N VAL G 169 -2.62 -30.24 -11.81
CA VAL G 169 -1.94 -31.31 -12.53
C VAL G 169 -2.25 -32.66 -11.88
N ASN G 170 -2.30 -32.69 -10.56
CA ASN G 170 -2.63 -33.93 -9.84
C ASN G 170 -3.94 -34.48 -10.41
N GLU G 171 -4.96 -33.62 -10.41
CA GLU G 171 -6.28 -34.00 -10.90
C GLU G 171 -6.31 -34.33 -12.38
N ALA G 172 -5.66 -33.50 -13.19
CA ALA G 172 -5.65 -33.71 -14.63
C ALA G 172 -4.99 -35.04 -14.98
N ALA G 173 -3.83 -35.32 -14.37
CA ALA G 173 -3.11 -36.55 -14.63
C ALA G 173 -3.94 -37.76 -14.20
N ALA G 174 -4.50 -37.70 -13.00
CA ALA G 174 -5.31 -38.79 -12.48
C ALA G 174 -6.51 -39.11 -13.36
N ALA G 175 -6.99 -38.09 -14.08
CA ALA G 175 -8.15 -38.27 -14.97
C ALA G 175 -7.67 -38.53 -16.40
N GLN G 176 -6.36 -38.60 -16.58
CA GLN G 176 -5.78 -38.83 -17.89
C GLN G 176 -6.21 -37.75 -18.88
N LEU G 177 -6.27 -36.52 -18.37
CA LEU G 177 -6.65 -35.36 -19.14
C LEU G 177 -5.41 -34.52 -19.42
N PRO G 178 -5.03 -34.38 -20.70
CA PRO G 178 -3.84 -33.58 -21.02
C PRO G 178 -3.95 -32.19 -20.42
N ILE G 179 -2.88 -31.71 -19.81
CA ILE G 179 -2.88 -30.38 -19.21
C ILE G 179 -1.71 -29.54 -19.70
N MSE G 180 -2.07 -28.40 -20.26
CA MSE G 180 -1.17 -27.41 -20.87
C MSE G 180 -0.79 -26.31 -19.86
O MSE G 180 -1.66 -25.60 -19.36
CB MSE G 180 -1.92 -26.81 -22.06
CG MSE G 180 -1.16 -26.03 -23.07
SE MSE G 180 -2.48 -25.26 -24.29
CE MSE G 180 -3.06 -26.88 -25.20
N LEU G 181 0.50 -26.16 -19.56
CA LEU G 181 0.94 -25.12 -18.63
C LEU G 181 1.67 -24.02 -19.39
N GLU G 182 1.27 -22.77 -19.16
CA GLU G 182 1.90 -21.61 -19.79
C GLU G 182 2.73 -20.92 -18.73
N PRO G 183 4.04 -21.25 -18.66
CA PRO G 183 4.93 -20.65 -17.67
C PRO G 183 5.58 -19.35 -18.12
N PHE G 184 6.02 -18.57 -17.14
CA PHE G 184 6.67 -17.28 -17.36
C PHE G 184 7.35 -16.86 -16.07
N MSE G 185 8.43 -16.11 -16.21
CA MSE G 185 9.10 -15.55 -15.04
C MSE G 185 8.56 -14.13 -15.18
O MSE G 185 8.56 -13.59 -16.29
CB MSE G 185 10.62 -15.55 -15.21
CG MSE G 185 11.27 -16.93 -15.21
SE MSE G 185 11.08 -17.91 -13.54
CE MSE G 185 9.39 -18.73 -13.90
N SER G 186 8.05 -13.55 -14.11
CA SER G 186 7.50 -12.21 -14.19
C SER G 186 8.04 -11.30 -13.10
N ASN G 187 8.08 -10.00 -13.40
CA ASN G 187 8.58 -9.03 -12.43
C ASN G 187 7.68 -7.81 -12.40
N TRP G 188 7.72 -7.10 -11.27
CA TRP G 188 6.96 -5.88 -11.14
C TRP G 188 7.89 -4.78 -11.64
N VAL G 189 7.45 -4.05 -12.65
CA VAL G 189 8.25 -2.96 -13.20
C VAL G 189 7.35 -1.75 -13.37
N ASN G 190 7.59 -0.71 -12.58
CA ASN G 190 6.80 0.51 -12.64
C ASN G 190 5.34 0.21 -12.32
N GLY G 191 5.11 -0.62 -11.31
CA GLY G 191 3.76 -0.95 -10.91
C GLY G 191 2.98 -1.86 -11.86
N LYS G 192 3.66 -2.43 -12.84
CA LYS G 192 2.99 -3.32 -13.79
C LYS G 192 3.75 -4.63 -13.90
N VAL G 193 3.05 -5.70 -14.26
CA VAL G 193 3.66 -7.01 -14.39
C VAL G 193 4.19 -7.20 -15.81
N VAL G 194 5.49 -7.48 -15.93
CA VAL G 194 6.08 -7.70 -17.24
C VAL G 194 6.76 -9.07 -17.26
N ASN G 195 6.41 -9.89 -18.24
CA ASN G 195 7.01 -11.22 -18.34
C ASN G 195 8.42 -11.07 -18.90
N ASP G 196 9.36 -11.82 -18.33
CA ASP G 196 10.74 -11.77 -18.77
C ASP G 196 10.90 -12.74 -19.95
N LEU G 197 11.01 -12.20 -21.15
CA LEU G 197 11.13 -13.04 -22.33
C LEU G 197 12.57 -13.41 -22.73
N SER G 198 13.52 -13.20 -21.84
CA SER G 198 14.91 -13.56 -22.16
C SER G 198 15.00 -15.08 -22.17
N THR G 199 15.88 -15.61 -23.03
CA THR G 199 16.07 -17.05 -23.15
C THR G 199 16.21 -17.79 -21.82
N ASP G 200 17.10 -17.31 -20.95
CA ASP G 200 17.31 -17.97 -19.67
C ASP G 200 16.11 -17.95 -18.72
N ALA G 201 15.30 -16.90 -18.78
CA ALA G 201 14.12 -16.82 -17.93
C ALA G 201 13.10 -17.86 -18.37
N VAL G 202 12.90 -17.98 -19.68
CA VAL G 202 11.95 -18.96 -20.20
C VAL G 202 12.38 -20.35 -19.79
N ILE G 203 13.67 -20.63 -19.90
CA ILE G 203 14.21 -21.94 -19.55
C ILE G 203 13.97 -22.22 -18.07
N GLN G 204 14.23 -21.23 -17.22
CA GLN G 204 14.04 -21.40 -15.79
C GLN G 204 12.58 -21.66 -15.45
N SER G 205 11.67 -20.99 -16.16
CA SER G 205 10.24 -21.16 -15.91
C SER G 205 9.79 -22.56 -16.28
N VAL G 206 10.38 -23.12 -17.34
CA VAL G 206 10.02 -24.46 -17.78
C VAL G 206 10.46 -25.51 -16.76
N ALA G 207 11.68 -25.36 -16.25
CA ALA G 207 12.21 -26.30 -15.27
C ALA G 207 11.33 -26.32 -14.03
N ILE G 208 10.76 -25.16 -13.68
CA ILE G 208 9.91 -25.06 -12.51
C ILE G 208 8.53 -25.65 -12.80
N ALA G 209 7.91 -25.22 -13.89
CA ALA G 209 6.58 -25.72 -14.25
C ALA G 209 6.55 -27.23 -14.43
N ALA G 210 7.55 -27.76 -15.12
CA ALA G 210 7.64 -29.20 -15.37
C ALA G 210 7.59 -30.02 -14.08
N GLY G 211 8.11 -29.44 -13.00
CA GLY G 211 8.13 -30.15 -11.73
C GLY G 211 6.86 -30.05 -10.90
N LEU G 212 5.84 -29.36 -11.41
CA LEU G 212 4.58 -29.20 -10.69
C LEU G 212 3.64 -30.38 -10.94
N GLY G 213 3.13 -30.96 -9.86
CA GLY G 213 2.23 -32.10 -9.99
C GLY G 213 2.87 -33.35 -9.43
N ASN G 214 2.07 -34.36 -9.12
CA ASN G 214 2.59 -35.61 -8.58
C ASN G 214 2.71 -36.67 -9.66
N ASP G 215 2.48 -36.25 -10.89
CA ASP G 215 2.53 -37.12 -12.06
C ASP G 215 2.60 -36.17 -13.24
N SER G 216 3.75 -36.09 -13.90
CA SER G 216 3.86 -35.20 -15.05
C SER G 216 3.97 -35.98 -16.34
N SER G 217 3.00 -36.84 -16.59
CA SER G 217 2.98 -37.65 -17.79
C SER G 217 1.90 -37.17 -18.76
N TYR G 218 1.13 -36.18 -18.31
CA TYR G 218 0.07 -35.62 -19.14
C TYR G 218 0.23 -34.12 -19.30
N THR G 219 1.38 -33.59 -18.93
CA THR G 219 1.56 -32.15 -19.03
C THR G 219 2.32 -31.69 -20.27
N TRP G 220 1.77 -30.64 -20.89
CA TRP G 220 2.33 -30.02 -22.08
C TRP G 220 2.82 -28.64 -21.69
N MSE G 221 3.59 -28.02 -22.57
CA MSE G 221 4.10 -26.68 -22.34
C MSE G 221 3.56 -25.77 -23.43
O MSE G 221 3.43 -26.16 -24.57
CB MSE G 221 5.63 -26.67 -22.39
CG MSE G 221 6.32 -27.41 -21.25
SE MSE G 221 6.31 -26.45 -19.57
CE MSE G 221 5.03 -27.53 -18.61
N LYS G 222 3.22 -24.55 -23.04
CA LYS G 222 2.74 -23.54 -23.97
C LYS G 222 3.78 -22.44 -23.77
N LEU G 223 4.73 -22.35 -24.69
CA LEU G 223 5.81 -21.38 -24.57
C LEU G 223 5.81 -20.26 -25.60
N PRO G 224 6.49 -19.15 -25.28
CA PRO G 224 6.58 -18.00 -26.19
C PRO G 224 7.80 -18.19 -27.10
N VAL G 225 7.66 -17.78 -28.36
CA VAL G 225 8.77 -17.90 -29.30
C VAL G 225 9.76 -16.82 -28.90
N VAL G 226 10.91 -17.24 -28.38
CA VAL G 226 11.93 -16.32 -27.90
C VAL G 226 13.28 -16.50 -28.57
N GLU G 227 14.22 -15.61 -28.24
CA GLU G 227 15.56 -15.65 -28.77
C GLU G 227 16.21 -16.99 -28.41
N GLU G 228 17.00 -17.55 -29.33
CA GLU G 228 17.70 -18.84 -29.09
C GLU G 228 16.79 -20.03 -28.66
N MSE G 229 15.72 -20.30 -29.44
CA MSE G 229 14.65 -21.30 -29.20
C MSE G 229 14.92 -22.78 -29.28
O MSE G 229 14.00 -23.61 -29.12
CB MSE G 229 13.52 -21.09 -30.20
CG MSE G 229 12.43 -20.13 -29.72
SE MSE G 229 11.49 -20.75 -28.17
CE MSE G 229 10.03 -21.66 -29.03
N GLU G 230 16.15 -23.15 -29.55
CA GLU G 230 16.46 -24.56 -29.77
C GLU G 230 17.21 -24.97 -28.54
N ARG G 231 17.48 -23.92 -27.79
CA ARG G 231 18.17 -23.99 -26.55
C ARG G 231 17.10 -23.99 -25.47
N VAL G 232 15.97 -23.33 -25.75
CA VAL G 232 14.87 -23.31 -24.81
C VAL G 232 14.25 -24.68 -24.87
N MSE G 233 14.21 -25.26 -26.07
CA MSE G 233 13.62 -26.59 -26.25
C MSE G 233 14.46 -27.70 -25.65
O MSE G 233 14.00 -28.84 -25.54
CB MSE G 233 13.39 -26.85 -27.74
CG MSE G 233 12.23 -26.06 -28.33
SE MSE G 233 10.63 -26.09 -27.23
CE MSE G 233 10.60 -24.22 -26.74
N GLU G 234 15.69 -27.39 -25.26
CA GLU G 234 16.55 -28.39 -24.65
C GLU G 234 16.22 -28.41 -23.16
N SER G 235 15.18 -27.65 -22.80
CA SER G 235 14.73 -27.54 -21.41
C SER G 235 13.81 -28.69 -20.99
N THR G 236 13.01 -29.19 -21.93
CA THR G 236 12.10 -30.29 -21.63
C THR G 236 11.99 -31.30 -22.74
N THR G 237 11.36 -32.42 -22.39
CA THR G 237 11.12 -33.52 -23.29
C THR G 237 9.62 -33.55 -23.54
N MSE G 238 8.93 -32.58 -22.95
CA MSE G 238 7.48 -32.50 -23.07
C MSE G 238 6.94 -31.86 -24.33
O MSE G 238 7.54 -30.95 -24.89
CB MSE G 238 6.92 -31.79 -21.84
CG MSE G 238 7.28 -32.49 -20.55
SE MSE G 238 6.84 -31.49 -18.99
CE MSE G 238 6.60 -32.96 -17.77
N PRO G 239 5.77 -32.34 -24.79
CA PRO G 239 5.14 -31.80 -25.98
C PRO G 239 4.89 -30.31 -25.76
N THR G 240 5.30 -29.50 -26.73
CA THR G 240 5.17 -28.06 -26.63
C THR G 240 4.35 -27.41 -27.74
N LEU G 241 3.61 -26.37 -27.36
CA LEU G 241 2.80 -25.61 -28.29
C LEU G 241 3.25 -24.16 -28.16
N LEU G 242 3.35 -23.46 -29.27
CA LEU G 242 3.80 -22.08 -29.26
C LEU G 242 2.66 -21.08 -29.19
N LEU G 243 2.91 -19.95 -28.54
CA LEU G 243 1.92 -18.91 -28.39
C LEU G 243 2.39 -17.65 -29.11
N GLY G 244 1.43 -16.85 -29.57
CA GLY G 244 1.77 -15.61 -30.26
C GLY G 244 1.22 -14.44 -29.45
N GLY G 245 2.07 -13.90 -28.57
CA GLY G 245 1.65 -12.81 -27.71
C GLY G 245 1.14 -11.53 -28.34
N GLU G 246 1.71 -10.42 -27.87
CA GLU G 246 1.38 -9.07 -28.31
C GLU G 246 1.01 -8.88 -29.79
N GLY G 247 1.97 -9.13 -30.68
CA GLY G 247 1.69 -8.98 -32.09
C GLY G 247 2.83 -8.42 -32.92
N GLY G 248 3.19 -7.16 -32.68
CA GLY G 248 4.27 -6.54 -33.42
C GLY G 248 3.79 -5.79 -34.65
N PRO G 251 4.87 -8.57 -38.50
CA PRO G 251 3.82 -9.51 -38.93
C PRO G 251 4.40 -10.68 -39.72
N ASP G 252 5.11 -10.39 -40.80
CA ASP G 252 5.72 -11.44 -41.60
C ASP G 252 6.84 -12.03 -40.75
N ALA G 253 7.55 -11.16 -40.04
CA ALA G 253 8.65 -11.59 -39.18
C ALA G 253 8.13 -12.53 -38.11
N THR G 254 6.93 -12.26 -37.60
CA THR G 254 6.32 -13.09 -36.57
C THR G 254 6.09 -14.50 -37.09
N PHE G 255 5.45 -14.61 -38.25
CA PHE G 255 5.18 -15.91 -38.85
C PHE G 255 6.47 -16.69 -39.12
N ALA G 256 7.53 -15.96 -39.48
CA ALA G 256 8.82 -16.58 -39.75
C ALA G 256 9.43 -17.21 -38.51
N SER G 257 9.32 -16.53 -37.37
CA SER G 257 9.88 -17.04 -36.13
C SER G 257 9.15 -18.32 -35.71
N TRP G 258 7.84 -18.36 -35.96
CA TRP G 258 7.04 -19.53 -35.62
C TRP G 258 7.47 -20.70 -36.50
N GLU G 259 7.60 -20.42 -37.80
CA GLU G 259 8.01 -21.42 -38.77
C GLU G 259 9.32 -22.09 -38.35
N HIS G 260 10.27 -21.30 -37.87
CA HIS G 260 11.55 -21.84 -37.43
C HIS G 260 11.40 -22.69 -36.18
N ALA G 261 10.80 -22.11 -35.15
CA ALA G 261 10.59 -22.81 -33.88
C ALA G 261 9.80 -24.09 -34.07
N LEU G 262 8.85 -24.05 -35.02
CA LEU G 262 8.00 -25.19 -35.33
C LEU G 262 8.79 -26.42 -35.76
N THR G 263 10.06 -26.23 -36.14
CA THR G 263 10.89 -27.35 -36.57
C THR G 263 11.68 -27.97 -35.43
N LEU G 264 11.73 -27.29 -34.29
CA LEU G 264 12.48 -27.76 -33.14
C LEU G 264 11.93 -29.03 -32.50
N PRO G 265 12.80 -29.83 -31.87
CA PRO G 265 12.45 -31.09 -31.21
C PRO G 265 11.38 -30.92 -30.14
N GLY G 266 10.30 -31.70 -30.24
CA GLY G 266 9.25 -31.62 -29.25
C GLY G 266 8.12 -30.65 -29.53
N VAL G 267 8.35 -29.68 -30.41
CA VAL G 267 7.30 -28.71 -30.72
C VAL G 267 6.22 -29.42 -31.53
N ARG G 268 4.98 -29.35 -31.06
CA ARG G 268 3.85 -30.00 -31.70
C ARG G 268 2.84 -29.08 -32.37
N GLY G 269 3.06 -27.77 -32.32
CA GLY G 269 2.12 -26.89 -32.96
C GLY G 269 1.95 -25.49 -32.37
N LEU G 270 0.77 -24.93 -32.57
CA LEU G 270 0.43 -23.59 -32.12
C LEU G 270 -0.84 -23.49 -31.29
N THR G 271 -0.86 -22.50 -30.40
CA THR G 271 -2.02 -22.20 -29.57
C THR G 271 -1.95 -20.68 -29.48
N VAL G 272 -2.39 -20.04 -30.57
CA VAL G 272 -2.36 -18.59 -30.72
C VAL G 272 -3.73 -17.94 -30.67
N GLY G 273 -3.80 -16.73 -30.13
CA GLY G 273 -5.06 -16.03 -30.04
C GLY G 273 -5.05 -14.61 -30.58
N ARG G 274 -4.60 -13.68 -29.75
CA ARG G 274 -4.55 -12.25 -30.08
C ARG G 274 -4.16 -11.94 -31.54
N THR G 275 -3.10 -12.57 -32.03
CA THR G 275 -2.61 -12.32 -33.39
C THR G 275 -3.42 -12.84 -34.58
N LEU G 276 -4.06 -13.97 -34.52
CA LEU G 276 -4.87 -14.37 -35.56
C LEU G 276 -6.32 -14.01 -35.51
N LEU G 277 -6.83 -13.78 -34.37
CA LEU G 277 -8.07 -13.26 -34.18
C LEU G 277 -7.70 -11.92 -33.95
N TYR G 278 -8.37 -10.93 -34.44
CA TYR G 278 -7.76 -9.58 -34.36
C TYR G 278 -6.49 -9.20 -35.19
N PRO G 279 -6.40 -9.53 -36.50
CA PRO G 279 -5.14 -9.24 -37.18
C PRO G 279 -5.08 -7.75 -37.46
N GLN G 280 -3.87 -7.22 -37.55
CA GLN G 280 -3.67 -5.79 -37.80
C GLN G 280 -4.46 -5.28 -39.01
N ASP G 281 -4.58 -6.09 -40.05
CA ASP G 281 -5.29 -5.70 -41.26
C ASP G 281 -6.79 -6.02 -41.29
N GLY G 282 -7.22 -6.96 -40.46
CA GLY G 282 -8.64 -7.28 -40.43
C GLY G 282 -9.01 -8.64 -41.02
N ASP G 283 -8.19 -9.13 -41.93
CA ASP G 283 -8.46 -10.42 -42.57
C ASP G 283 -8.12 -11.55 -41.62
N VAL G 284 -9.12 -12.10 -40.96
CA VAL G 284 -8.92 -13.20 -40.03
C VAL G 284 -8.60 -14.46 -40.83
N ALA G 285 -9.52 -14.85 -41.70
CA ALA G 285 -9.34 -16.05 -42.52
C ALA G 285 -7.93 -16.13 -43.12
N ALA G 286 -7.43 -15.02 -43.66
CA ALA G 286 -6.10 -15.04 -44.25
C ALA G 286 -5.05 -15.33 -43.18
N ALA G 287 -5.14 -14.63 -42.07
CA ALA G 287 -4.21 -14.80 -40.95
C ALA G 287 -4.22 -16.23 -40.45
N VAL G 288 -5.42 -16.76 -40.23
CA VAL G 288 -5.57 -18.11 -39.75
C VAL G 288 -4.94 -19.12 -40.70
N ASP G 289 -5.33 -19.07 -41.98
CA ASP G 289 -4.78 -19.99 -42.97
C ASP G 289 -3.26 -19.98 -42.98
N THR G 290 -2.67 -18.78 -42.94
CA THR G 290 -1.22 -18.68 -42.92
C THR G 290 -0.72 -19.58 -41.80
N ALA G 291 -1.20 -19.31 -40.59
CA ALA G 291 -0.83 -20.08 -39.41
C ALA G 291 -1.00 -21.58 -39.62
N ALA G 292 -2.19 -21.98 -40.05
CA ALA G 292 -2.51 -23.38 -40.28
C ALA G 292 -1.51 -24.08 -41.21
N ARG G 293 -1.25 -23.47 -42.37
CA ARG G 293 -0.32 -24.06 -43.33
C ARG G 293 1.08 -24.26 -42.75
N LEU G 294 1.38 -23.55 -41.66
CA LEU G 294 2.66 -23.66 -40.99
C LEU G 294 2.65 -24.88 -40.08
N VAL G 295 1.49 -25.18 -39.50
CA VAL G 295 1.33 -26.33 -38.61
C VAL G 295 1.22 -27.63 -39.39
N HIS G 296 0.19 -27.73 -40.23
CA HIS G 296 0.00 -28.93 -41.06
C HIS G 296 0.47 -28.62 -42.46
N THR G 297 1.71 -29.00 -42.78
CA THR G 297 2.27 -28.73 -44.10
C THR G 297 1.81 -29.74 -45.15
N ASP G 298 0.67 -30.38 -44.91
CA ASP G 298 0.10 -31.37 -45.82
C ASP G 298 1.07 -32.47 -46.26
N ILE G 299 2.00 -32.84 -45.38
CA ILE G 299 2.98 -33.88 -45.70
C ILE G 299 2.27 -35.24 -45.85
N PRO H 3 30.16 -41.90 -27.21
CA PRO H 3 29.05 -42.87 -27.26
C PRO H 3 28.16 -42.67 -26.05
N PRO H 4 27.09 -41.88 -26.20
CA PRO H 4 26.13 -41.58 -25.13
C PRO H 4 25.19 -42.72 -24.79
N ILE H 5 24.95 -42.93 -23.50
CA ILE H 5 24.04 -43.98 -23.06
C ILE H 5 22.66 -43.80 -23.68
N ILE H 6 22.30 -42.55 -23.96
CA ILE H 6 21.00 -42.25 -24.54
C ILE H 6 21.12 -41.68 -25.96
N SER H 7 20.78 -42.51 -26.94
CA SER H 7 20.82 -42.12 -28.34
C SER H 7 19.77 -41.07 -28.64
N PRO H 8 19.90 -40.38 -29.77
CA PRO H 8 18.86 -39.38 -30.07
C PRO H 8 17.56 -40.08 -30.46
N GLU H 9 17.66 -41.37 -30.77
CA GLU H 9 16.48 -42.16 -31.13
C GLU H 9 15.64 -42.40 -29.88
N SER H 10 16.31 -42.80 -28.80
CA SER H 10 15.63 -43.04 -27.54
C SER H 10 14.92 -41.75 -27.11
N PHE H 11 15.62 -40.62 -27.26
CA PHE H 11 15.04 -39.34 -26.91
C PHE H 11 13.86 -39.00 -27.80
N GLU H 12 13.90 -39.47 -29.04
CA GLU H 12 12.81 -39.23 -29.97
C GLU H 12 11.63 -40.06 -29.48
N ALA H 13 11.91 -41.29 -29.05
CA ALA H 13 10.89 -42.18 -28.53
C ALA H 13 10.28 -41.59 -27.26
N LEU H 14 11.12 -40.97 -26.42
CA LEU H 14 10.63 -40.36 -25.19
C LEU H 14 9.61 -39.25 -25.49
N ARG H 15 10.03 -38.27 -26.28
CA ARG H 15 9.13 -37.17 -26.64
C ARG H 15 7.85 -37.69 -27.26
N ARG H 16 8.00 -38.45 -28.33
CA ARG H 16 6.87 -39.01 -29.06
C ARG H 16 5.87 -39.70 -28.13
N MSE H 17 6.38 -40.54 -27.24
CA MSE H 17 5.54 -41.27 -26.28
C MSE H 17 4.74 -40.31 -25.38
O MSE H 17 3.55 -40.53 -25.13
CB MSE H 17 6.40 -42.18 -25.40
CG MSE H 17 5.61 -42.96 -24.35
SE MSE H 17 6.74 -43.86 -23.03
CE MSE H 17 7.30 -45.38 -24.09
N ARG H 18 5.40 -39.27 -24.89
CA ARG H 18 4.75 -38.29 -24.02
C ARG H 18 3.57 -37.62 -24.69
N ALA H 19 3.66 -37.40 -26.00
CA ALA H 19 2.58 -36.75 -26.73
C ALA H 19 1.58 -37.76 -27.27
N ALA H 20 2.07 -38.95 -27.65
CA ALA H 20 1.24 -39.99 -28.23
C ALA H 20 0.69 -41.06 -27.27
N GLU H 21 1.54 -41.59 -26.41
CA GLU H 21 1.10 -42.62 -25.47
C GLU H 21 1.38 -42.24 -24.03
N PRO H 22 0.68 -41.23 -23.51
CA PRO H 22 0.98 -40.88 -22.12
C PRO H 22 0.78 -42.03 -21.13
N THR H 23 -0.17 -42.92 -21.36
CA THR H 23 -0.37 -44.03 -20.43
C THR H 23 0.86 -44.93 -20.35
N MSE H 24 1.68 -44.92 -21.40
CA MSE H 24 2.87 -45.76 -21.42
C MSE H 24 3.90 -45.41 -20.36
O MSE H 24 4.56 -46.30 -19.81
CB MSE H 24 3.51 -45.79 -22.80
CG MSE H 24 2.95 -46.86 -23.71
SE MSE H 24 2.47 -48.50 -22.74
CE MSE H 24 0.54 -48.29 -22.80
N VAL H 25 4.06 -44.13 -20.08
CA VAL H 25 5.00 -43.71 -19.06
C VAL H 25 4.69 -44.49 -17.78
N ALA H 26 3.43 -44.45 -17.36
CA ALA H 26 3.00 -45.16 -16.16
C ALA H 26 3.17 -46.68 -16.31
N GLU H 27 2.87 -47.19 -17.49
CA GLU H 27 2.98 -48.63 -17.73
C GLU H 27 4.42 -49.11 -17.58
N ARG H 28 5.35 -48.42 -18.24
CA ARG H 28 6.76 -48.81 -18.14
C ARG H 28 7.26 -48.64 -16.73
N PHE H 29 6.67 -47.69 -16.01
CA PHE H 29 7.05 -47.42 -14.64
C PHE H 29 6.69 -48.60 -13.74
N LYS H 30 5.50 -49.15 -13.94
CA LYS H 30 5.03 -50.26 -13.13
C LYS H 30 5.63 -51.63 -13.51
N GLN H 31 6.12 -51.74 -14.74
CA GLN H 31 6.73 -52.99 -15.21
C GLN H 31 8.18 -53.04 -14.77
N ARG H 32 8.59 -51.97 -14.10
CA ARG H 32 9.93 -51.79 -13.58
C ARG H 32 10.31 -52.89 -12.58
N ARG H 33 11.53 -53.40 -12.69
CA ARG H 33 12.02 -54.43 -11.79
C ARG H 33 12.39 -53.77 -10.47
N LYS H 34 11.74 -54.18 -9.39
CA LYS H 34 12.00 -53.60 -8.09
C LYS H 34 13.03 -54.37 -7.28
N ARG H 35 13.58 -53.73 -6.26
CA ARG H 35 14.58 -54.35 -5.40
C ARG H 35 14.34 -53.97 -3.95
N GLU H 36 15.03 -54.65 -3.05
CA GLU H 36 14.92 -54.36 -1.63
C GLU H 36 15.55 -52.99 -1.41
N LEU H 37 15.08 -52.28 -0.40
CA LEU H 37 15.61 -50.96 -0.10
C LEU H 37 17.10 -51.08 0.21
N LEU H 38 17.41 -51.86 1.23
CA LEU H 38 18.80 -52.05 1.64
C LEU H 38 19.39 -53.34 1.11
N GLY H 39 20.61 -53.24 0.58
CA GLY H 39 21.27 -54.41 0.04
C GLY H 39 21.90 -55.22 1.16
N GLU H 40 22.81 -56.11 0.78
CA GLU H 40 23.49 -56.96 1.74
C GLU H 40 24.37 -56.20 2.73
N ASP H 41 25.02 -55.13 2.26
CA ASP H 41 25.89 -54.35 3.14
C ASP H 41 25.12 -53.27 3.89
N GLY H 42 23.80 -53.22 3.69
CA GLY H 42 22.97 -52.26 4.37
C GLY H 42 23.22 -50.79 4.06
N LYS H 43 24.03 -50.52 3.04
CA LYS H 43 24.33 -49.14 2.66
C LYS H 43 23.51 -48.70 1.45
N LEU H 44 23.38 -47.39 1.28
CA LEU H 44 22.60 -46.84 0.18
C LEU H 44 23.32 -45.65 -0.46
N PHE H 45 23.34 -45.62 -1.79
CA PHE H 45 23.96 -44.52 -2.54
C PHE H 45 22.97 -44.05 -3.60
N ILE H 46 22.50 -42.82 -3.44
CA ILE H 46 21.52 -42.25 -4.35
C ILE H 46 21.98 -40.94 -4.97
N VAL H 47 21.76 -40.80 -6.28
CA VAL H 47 22.14 -39.58 -6.97
C VAL H 47 20.92 -38.66 -7.08
N ALA H 48 21.09 -37.42 -6.67
CA ALA H 48 20.01 -36.43 -6.66
C ALA H 48 19.97 -35.45 -7.83
N ALA H 49 18.77 -35.16 -8.31
CA ALA H 49 18.58 -34.23 -9.42
C ALA H 49 17.22 -33.54 -9.35
N ASP H 50 16.80 -33.14 -8.16
CA ASP H 50 15.52 -32.46 -8.01
C ASP H 50 15.67 -30.94 -7.86
N HIS H 51 16.86 -30.43 -8.16
CA HIS H 51 17.13 -29.00 -8.05
C HIS H 51 16.42 -28.09 -9.06
N PRO H 52 16.42 -28.48 -10.35
CA PRO H 52 15.75 -27.66 -11.38
C PRO H 52 14.34 -27.20 -11.00
N ALA H 53 13.51 -28.16 -10.58
CA ALA H 53 12.14 -27.87 -10.20
C ALA H 53 12.02 -26.79 -9.13
N ARG H 54 13.09 -26.54 -8.41
CA ARG H 54 13.07 -25.53 -7.36
C ARG H 54 13.66 -24.21 -7.87
N GLY H 55 13.93 -24.18 -9.17
CA GLY H 55 14.49 -22.98 -9.78
C GLY H 55 15.97 -22.79 -9.50
N ALA H 56 16.68 -23.89 -9.25
CA ALA H 56 18.11 -23.82 -8.95
C ALA H 56 18.92 -24.62 -9.96
N LEU H 57 19.37 -23.95 -11.03
CA LEU H 57 20.17 -24.62 -12.06
C LEU H 57 21.67 -24.48 -11.90
N ALA H 58 22.14 -23.74 -10.90
CA ALA H 58 23.57 -23.52 -10.72
C ALA H 58 24.41 -24.63 -10.09
N VAL H 59 25.71 -24.59 -10.39
CA VAL H 59 26.70 -25.53 -9.86
C VAL H 59 28.02 -24.76 -9.66
N GLY H 60 28.26 -23.80 -10.53
CA GLY H 60 29.44 -22.95 -10.48
C GLY H 60 29.21 -22.08 -11.71
N ASP H 61 28.30 -22.61 -12.51
CA ASP H 61 27.81 -22.07 -13.76
C ASP H 61 26.33 -21.81 -13.46
N ASN H 62 25.91 -20.56 -13.48
CA ASN H 62 24.51 -20.22 -13.20
C ASN H 62 23.55 -20.84 -14.20
N GLU H 63 23.29 -20.09 -15.28
CA GLU H 63 22.36 -20.52 -16.33
C GLU H 63 22.55 -21.98 -16.70
N THR H 64 23.52 -22.26 -17.56
CA THR H 64 23.78 -23.64 -17.98
C THR H 64 23.87 -24.54 -16.74
N ALA H 65 24.20 -25.81 -16.97
CA ALA H 65 24.30 -26.76 -15.86
C ALA H 65 22.88 -26.98 -15.37
N MSE H 66 22.31 -28.13 -15.71
CA MSE H 66 20.96 -28.49 -15.32
C MSE H 66 19.90 -27.82 -16.19
O MSE H 66 18.78 -28.32 -16.33
CB MSE H 66 20.72 -28.16 -13.83
CG MSE H 66 21.82 -28.72 -12.93
SE MSE H 66 21.31 -29.09 -11.10
CE MSE H 66 20.84 -30.95 -11.29
N ALA H 67 20.26 -26.69 -16.80
CA ALA H 67 19.32 -25.98 -17.68
C ALA H 67 18.98 -26.87 -18.87
N ASN H 68 19.98 -27.61 -19.35
CA ASN H 68 19.79 -28.52 -20.48
C ASN H 68 19.33 -29.87 -19.93
N ARG H 69 18.03 -30.12 -20.06
CA ARG H 69 17.45 -31.37 -19.55
C ARG H 69 17.99 -32.62 -20.22
N TYR H 70 18.33 -32.54 -21.51
CA TYR H 70 18.86 -33.70 -22.21
C TYR H 70 20.22 -34.10 -21.66
N GLU H 71 21.06 -33.13 -21.33
CA GLU H 71 22.38 -33.44 -20.77
C GLU H 71 22.21 -33.92 -19.35
N LEU H 72 21.24 -33.35 -18.64
CA LEU H 72 20.98 -33.74 -17.26
C LEU H 72 20.65 -35.23 -17.26
N LEU H 73 19.77 -35.63 -18.17
CA LEU H 73 19.38 -37.04 -18.27
C LEU H 73 20.57 -37.93 -18.64
N GLU H 74 21.43 -37.46 -19.53
CA GLU H 74 22.60 -38.24 -19.94
C GLU H 74 23.51 -38.45 -18.74
N ARG H 75 23.82 -37.36 -18.04
CA ARG H 75 24.67 -37.41 -16.87
C ARG H 75 24.08 -38.35 -15.83
N MSE H 76 22.75 -38.38 -15.76
CA MSE H 76 22.05 -39.24 -14.82
C MSE H 76 22.19 -40.70 -15.27
O MSE H 76 22.48 -41.58 -14.47
CB MSE H 76 20.57 -38.87 -14.75
CG MSE H 76 20.11 -38.33 -13.41
SE MSE H 76 20.40 -39.58 -11.93
CE MSE H 76 22.25 -39.17 -11.61
N ALA H 77 21.99 -40.93 -16.57
CA ALA H 77 22.08 -42.27 -17.13
C ALA H 77 23.47 -42.85 -16.85
N ILE H 78 24.49 -42.02 -16.99
CA ILE H 78 25.86 -42.46 -16.74
C ILE H 78 26.00 -42.89 -15.29
N ALA H 79 25.58 -42.01 -14.37
CA ALA H 79 25.66 -42.30 -12.95
C ALA H 79 24.95 -43.61 -12.61
N LEU H 80 23.74 -43.78 -13.13
CA LEU H 80 22.97 -44.99 -12.88
C LEU H 80 23.58 -46.27 -13.47
N SER H 81 24.42 -46.11 -14.48
CA SER H 81 25.05 -47.27 -15.13
C SER H 81 26.26 -47.76 -14.35
N ARG H 82 26.84 -46.89 -13.53
CA ARG H 82 28.02 -47.25 -12.75
C ARG H 82 27.65 -48.19 -11.61
N PRO H 83 28.44 -49.24 -11.40
CA PRO H 83 28.12 -50.16 -10.31
C PRO H 83 28.21 -49.41 -8.98
N GLY H 84 27.33 -49.75 -8.05
CA GLY H 84 27.36 -49.09 -6.76
C GLY H 84 26.23 -48.07 -6.55
N VAL H 85 25.65 -47.55 -7.62
CA VAL H 85 24.57 -46.59 -7.48
C VAL H 85 23.23 -47.31 -7.34
N ASP H 86 22.67 -47.22 -6.14
CA ASP H 86 21.40 -47.89 -5.83
C ASP H 86 20.15 -47.20 -6.37
N GLY H 87 20.22 -45.89 -6.58
CA GLY H 87 19.05 -45.20 -7.07
C GLY H 87 19.18 -43.73 -7.36
N VAL H 88 18.04 -43.10 -7.61
CA VAL H 88 18.00 -41.69 -7.93
C VAL H 88 16.86 -40.95 -7.20
N LEU H 89 17.10 -39.67 -6.92
CA LEU H 89 16.12 -38.82 -6.27
C LEU H 89 15.73 -37.74 -7.26
N GLY H 90 14.44 -37.62 -7.55
CA GLY H 90 14.02 -36.61 -8.49
C GLY H 90 12.56 -36.25 -8.37
N THR H 91 12.19 -35.18 -9.09
CA THR H 91 10.82 -34.71 -9.12
C THR H 91 10.13 -35.62 -10.15
N PRO H 92 8.79 -35.64 -10.19
CA PRO H 92 8.08 -36.51 -11.15
C PRO H 92 8.52 -36.39 -12.60
N ASP H 93 8.79 -35.18 -13.05
CA ASP H 93 9.20 -34.97 -14.43
C ASP H 93 10.51 -35.70 -14.70
N ILE H 94 11.43 -35.67 -13.74
CA ILE H 94 12.73 -36.34 -13.88
C ILE H 94 12.58 -37.85 -13.85
N ILE H 95 11.79 -38.37 -12.90
CA ILE H 95 11.59 -39.81 -12.77
C ILE H 95 10.88 -40.41 -13.97
N ASP H 96 9.77 -39.79 -14.38
CA ASP H 96 9.01 -40.29 -15.52
C ASP H 96 9.91 -40.52 -16.72
N ASP H 97 10.76 -39.53 -17.03
CA ASP H 97 11.67 -39.67 -18.16
C ASP H 97 12.63 -40.85 -18.00
N LEU H 98 13.25 -40.96 -16.83
CA LEU H 98 14.17 -42.06 -16.56
C LEU H 98 13.41 -43.38 -16.59
N ALA H 99 12.09 -43.31 -16.38
CA ALA H 99 11.26 -44.49 -16.38
C ALA H 99 11.00 -44.96 -17.81
N ALA H 100 10.52 -44.05 -18.65
CA ALA H 100 10.21 -44.36 -20.05
C ALA H 100 11.46 -44.60 -20.89
N LEU H 101 12.62 -44.28 -20.33
CA LEU H 101 13.89 -44.48 -21.01
C LEU H 101 14.48 -45.82 -20.59
N GLY H 102 13.73 -46.54 -19.77
CA GLY H 102 14.15 -47.85 -19.28
C GLY H 102 15.35 -47.87 -18.36
N LEU H 103 15.69 -46.73 -17.78
CA LEU H 103 16.86 -46.63 -16.92
C LEU H 103 16.62 -46.89 -15.43
N LEU H 104 15.42 -47.32 -15.06
CA LEU H 104 15.10 -47.54 -13.65
C LEU H 104 15.08 -48.95 -13.06
N ASP H 105 15.64 -49.92 -13.77
CA ASP H 105 15.67 -51.29 -13.26
C ASP H 105 16.52 -51.42 -12.00
N ASP H 106 16.12 -52.33 -11.12
CA ASP H 106 16.85 -52.59 -9.88
C ASP H 106 17.32 -51.33 -9.18
N LYS H 107 16.57 -50.23 -9.33
CA LYS H 107 16.95 -48.98 -8.68
C LYS H 107 15.95 -48.51 -7.64
N ILE H 108 16.46 -47.77 -6.67
CA ILE H 108 15.62 -47.22 -5.61
C ILE H 108 15.20 -45.83 -6.07
N VAL H 109 13.91 -45.56 -6.09
CA VAL H 109 13.38 -44.26 -6.51
C VAL H 109 12.90 -43.42 -5.33
N VAL H 110 13.48 -42.23 -5.18
CA VAL H 110 13.08 -41.31 -4.11
C VAL H 110 12.39 -40.16 -4.81
N GLY H 111 11.24 -39.74 -4.30
CA GLY H 111 10.54 -38.64 -4.95
C GLY H 111 10.50 -37.37 -4.13
N SER H 112 10.92 -36.28 -4.73
CA SER H 112 10.91 -35.00 -4.06
C SER H 112 9.45 -34.57 -3.95
N MSE H 113 9.04 -34.08 -2.78
CA MSE H 113 7.66 -33.67 -2.56
C MSE H 113 7.43 -32.16 -2.65
O MSE H 113 6.54 -31.70 -3.37
CB MSE H 113 7.17 -34.16 -1.19
CG MSE H 113 7.28 -35.66 -0.97
SE MSE H 113 6.59 -36.20 0.76
CE MSE H 113 4.72 -36.27 0.28
N ASN H 114 8.24 -31.39 -1.92
CA ASN H 114 8.10 -29.93 -1.92
C ASN H 114 9.21 -29.17 -2.65
N ARG H 115 8.81 -28.27 -3.55
CA ARG H 115 9.73 -27.43 -4.33
C ARG H 115 9.23 -25.98 -4.38
N GLY H 116 8.19 -25.68 -3.60
CA GLY H 116 7.61 -24.35 -3.58
C GLY H 116 8.55 -23.21 -3.23
N GLY H 117 9.45 -23.44 -2.28
CA GLY H 117 10.39 -22.39 -1.88
C GLY H 117 11.46 -22.17 -2.93
N LEU H 118 11.06 -21.58 -4.05
CA LEU H 118 11.97 -21.31 -5.15
C LEU H 118 13.21 -20.51 -4.77
N ARG H 119 14.32 -20.84 -5.39
CA ARG H 119 15.58 -20.14 -5.12
C ARG H 119 15.45 -18.66 -5.50
N GLY H 120 15.82 -17.78 -4.59
CA GLY H 120 15.75 -16.35 -4.84
C GLY H 120 14.39 -15.71 -4.64
N ALA H 121 13.42 -16.49 -4.19
CA ALA H 121 12.08 -15.96 -3.97
C ALA H 121 11.94 -15.30 -2.60
N SER H 122 11.11 -14.27 -2.53
CA SER H 122 10.89 -13.59 -1.27
C SER H 122 10.17 -14.55 -0.35
N PHE H 123 9.54 -15.54 -0.97
CA PHE H 123 8.77 -16.54 -0.25
C PHE H 123 9.43 -17.92 -0.22
N GLU H 124 10.75 -18.01 -0.38
CA GLU H 124 11.32 -19.36 -0.39
C GLU H 124 11.36 -20.10 0.94
N MSE H 125 10.98 -19.46 2.04
CA MSE H 125 10.94 -20.17 3.31
C MSE H 125 9.59 -20.86 3.40
O MSE H 125 9.39 -21.78 4.20
CB MSE H 125 11.13 -19.21 4.50
CG MSE H 125 12.54 -18.68 4.66
SE MSE H 125 13.90 -20.05 4.42
CE MSE H 125 13.40 -21.28 5.83
N ASP H 126 8.65 -20.42 2.56
CA ASP H 126 7.31 -20.99 2.49
C ASP H 126 7.36 -22.08 1.40
N ASP H 127 8.14 -23.12 1.69
CA ASP H 127 8.38 -24.26 0.79
C ASP H 127 7.20 -25.20 0.64
N ARG H 128 6.20 -24.79 -0.14
CA ARG H 128 5.00 -25.59 -0.34
C ARG H 128 5.19 -26.91 -1.08
N TYR H 129 4.29 -27.86 -0.82
CA TYR H 129 4.33 -29.18 -1.43
C TYR H 129 3.73 -29.16 -2.83
N THR H 130 4.63 -29.14 -3.81
CA THR H 130 4.29 -29.03 -5.22
C THR H 130 4.62 -30.23 -6.11
N GLY H 131 5.28 -31.25 -5.57
CA GLY H 131 5.62 -32.39 -6.40
C GLY H 131 4.91 -33.68 -6.03
N TYR H 132 5.69 -34.72 -5.74
CA TYR H 132 5.14 -36.01 -5.37
C TYR H 132 4.39 -35.94 -4.04
N ASN H 133 3.36 -36.75 -3.92
CA ASN H 133 2.62 -36.86 -2.66
C ASN H 133 2.56 -38.35 -2.42
N VAL H 134 2.32 -38.76 -1.18
CA VAL H 134 2.29 -40.18 -0.86
C VAL H 134 1.38 -41.00 -1.76
N SER H 135 0.20 -40.46 -2.03
CA SER H 135 -0.77 -41.14 -2.88
C SER H 135 -0.16 -41.59 -4.22
N SER H 136 0.45 -40.67 -4.95
CA SER H 136 1.03 -40.99 -6.24
C SER H 136 2.27 -41.88 -6.14
N MSE H 137 3.01 -41.76 -5.04
CA MSE H 137 4.20 -42.57 -4.86
C MSE H 137 3.80 -44.01 -4.59
O MSE H 137 4.39 -44.95 -5.17
CB MSE H 137 5.03 -42.03 -3.70
CG MSE H 137 5.55 -40.62 -3.94
SE MSE H 137 6.93 -40.06 -2.70
CE MSE H 137 8.42 -40.33 -3.83
N VAL H 138 2.81 -44.21 -3.73
CA VAL H 138 2.34 -45.55 -3.43
C VAL H 138 1.79 -46.20 -4.71
N ASP H 139 1.00 -45.44 -5.46
CA ASP H 139 0.41 -45.93 -6.69
C ASP H 139 1.46 -46.27 -7.76
N ARG H 140 2.47 -45.42 -7.88
CA ARG H 140 3.51 -45.60 -8.88
C ARG H 140 4.57 -46.62 -8.48
N GLY H 141 4.77 -46.77 -7.17
CA GLY H 141 5.75 -47.72 -6.70
C GLY H 141 7.09 -47.09 -6.36
N VAL H 142 7.14 -45.77 -6.13
CA VAL H 142 8.41 -45.17 -5.76
C VAL H 142 8.71 -45.76 -4.38
N ASP H 143 9.99 -45.94 -4.08
CA ASP H 143 10.39 -46.56 -2.83
C ASP H 143 10.66 -45.64 -1.64
N PHE H 144 10.90 -44.37 -1.91
CA PHE H 144 11.27 -43.44 -0.86
C PHE H 144 10.71 -42.03 -1.11
N ALA H 145 10.40 -41.32 -0.03
CA ALA H 145 9.89 -39.95 -0.14
C ALA H 145 10.95 -39.01 0.45
N LYS H 146 11.05 -37.80 -0.06
CA LYS H 146 12.04 -36.86 0.46
C LYS H 146 11.45 -35.45 0.55
N THR H 147 11.85 -34.74 1.60
CA THR H 147 11.38 -33.38 1.86
C THR H 147 12.51 -32.43 2.25
N LEU H 148 12.36 -31.16 1.91
CA LEU H 148 13.34 -30.15 2.27
C LEU H 148 12.68 -29.38 3.41
N VAL H 149 13.32 -29.37 4.58
CA VAL H 149 12.74 -28.65 5.72
C VAL H 149 13.70 -27.59 6.24
N ARG H 150 13.68 -26.43 5.61
CA ARG H 150 14.54 -25.33 6.05
C ARG H 150 13.78 -24.56 7.13
N ILE H 151 14.44 -24.37 8.26
CA ILE H 151 13.83 -23.69 9.40
C ILE H 151 14.44 -22.31 9.63
N ASN H 152 13.68 -21.27 9.25
CA ASN H 152 14.13 -19.90 9.43
C ASN H 152 13.32 -19.24 10.54
N LEU H 153 13.94 -19.13 11.71
CA LEU H 153 13.29 -18.55 12.88
C LEU H 153 12.69 -17.15 12.73
N SER H 154 13.20 -16.36 11.80
CA SER H 154 12.67 -15.01 11.65
C SER H 154 11.70 -14.87 10.47
N ASP H 155 11.38 -15.99 9.83
CA ASP H 155 10.47 -15.97 8.68
C ASP H 155 9.20 -16.79 8.93
N ALA H 156 8.06 -16.11 8.98
CA ALA H 156 6.78 -16.77 9.22
C ALA H 156 6.48 -17.90 8.25
N GLY H 157 7.11 -17.88 7.08
CA GLY H 157 6.88 -18.93 6.11
C GLY H 157 7.28 -20.30 6.61
N THR H 158 8.17 -20.34 7.60
CA THR H 158 8.62 -21.60 8.16
C THR H 158 7.47 -22.34 8.81
N ALA H 159 6.58 -21.58 9.46
CA ALA H 159 5.44 -22.16 10.15
C ALA H 159 4.62 -23.11 9.28
N PRO H 160 4.04 -22.62 8.17
CA PRO H 160 3.28 -23.56 7.36
C PRO H 160 4.09 -24.72 6.80
N THR H 161 5.41 -24.53 6.65
CA THR H 161 6.27 -25.59 6.12
C THR H 161 6.45 -26.69 7.16
N LEU H 162 6.56 -26.30 8.44
CA LEU H 162 6.72 -27.29 9.49
C LEU H 162 5.47 -28.15 9.55
N GLU H 163 4.30 -27.50 9.50
CA GLU H 163 3.03 -28.21 9.56
C GLU H 163 2.80 -29.11 8.35
N ALA H 164 3.15 -28.63 7.16
CA ALA H 164 2.97 -29.41 5.94
C ALA H 164 3.90 -30.62 5.95
N THR H 165 5.10 -30.44 6.50
CA THR H 165 6.06 -31.52 6.59
C THR H 165 5.53 -32.58 7.56
N ALA H 166 4.91 -32.13 8.65
CA ALA H 166 4.35 -33.05 9.63
C ALA H 166 3.26 -33.89 8.96
N HIS H 167 2.45 -33.25 8.13
CA HIS H 167 1.39 -33.95 7.43
C HIS H 167 1.98 -34.98 6.45
N ALA H 168 3.07 -34.60 5.78
CA ALA H 168 3.71 -35.51 4.84
C ALA H 168 4.17 -36.77 5.57
N VAL H 169 4.76 -36.59 6.75
CA VAL H 169 5.24 -37.73 7.53
C VAL H 169 4.06 -38.57 7.98
N ASN H 170 2.96 -37.93 8.38
CA ASN H 170 1.77 -38.65 8.80
C ASN H 170 1.39 -39.64 7.70
N GLU H 171 1.24 -39.12 6.49
CA GLU H 171 0.87 -39.94 5.34
C GLU H 171 1.90 -40.97 4.97
N ALA H 172 3.17 -40.58 4.94
CA ALA H 172 4.25 -41.51 4.59
C ALA H 172 4.30 -42.68 5.57
N ALA H 173 4.25 -42.37 6.87
CA ALA H 173 4.30 -43.40 7.90
C ALA H 173 3.12 -44.34 7.79
N ALA H 174 1.92 -43.78 7.66
CA ALA H 174 0.70 -44.56 7.56
C ALA H 174 0.73 -45.51 6.35
N ALA H 175 1.47 -45.13 5.32
CA ALA H 175 1.57 -45.95 4.11
C ALA H 175 2.82 -46.83 4.18
N GLN H 176 3.56 -46.73 5.28
CA GLN H 176 4.78 -47.49 5.47
C GLN H 176 5.78 -47.19 4.36
N LEU H 177 5.83 -45.91 4.00
CA LEU H 177 6.73 -45.42 2.97
C LEU H 177 7.85 -44.63 3.62
N PRO H 178 9.10 -45.11 3.50
CA PRO H 178 10.22 -44.38 4.11
C PRO H 178 10.23 -42.93 3.65
N ILE H 179 10.44 -42.01 4.59
CA ILE H 179 10.48 -40.60 4.25
C ILE H 179 11.74 -39.93 4.79
N MSE H 180 12.46 -39.33 3.86
CA MSE H 180 13.74 -38.65 4.06
C MSE H 180 13.56 -37.14 4.27
O MSE H 180 13.03 -36.46 3.39
CB MSE H 180 14.57 -38.92 2.80
CG MSE H 180 16.04 -38.64 2.83
SE MSE H 180 16.68 -38.90 1.00
CE MSE H 180 16.53 -40.81 0.86
N LEU H 181 13.97 -36.63 5.43
CA LEU H 181 13.84 -35.19 5.69
C LEU H 181 15.22 -34.52 5.65
N GLU H 182 15.33 -33.44 4.90
CA GLU H 182 16.58 -32.70 4.78
C GLU H 182 16.39 -31.40 5.58
N PRO H 183 16.82 -31.39 6.85
CA PRO H 183 16.69 -30.21 7.70
C PRO H 183 17.85 -29.23 7.62
N PHE H 184 17.57 -27.99 8.00
CA PHE H 184 18.55 -26.92 7.99
C PHE H 184 18.01 -25.76 8.82
N MSE H 185 18.91 -25.01 9.43
CA MSE H 185 18.52 -23.82 10.15
C MSE H 185 18.94 -22.81 9.08
O MSE H 185 20.03 -22.93 8.51
CB MSE H 185 19.35 -23.62 11.41
CG MSE H 185 19.11 -24.64 12.51
SE MSE H 185 17.30 -24.62 13.24
CE MSE H 185 16.51 -25.82 12.00
N SER H 186 18.07 -21.87 8.75
CA SER H 186 18.40 -20.89 7.72
C SER H 186 18.14 -19.47 8.17
N ASN H 187 18.90 -18.53 7.62
CA ASN H 187 18.75 -17.13 7.97
C ASN H 187 18.78 -16.26 6.73
N TRP H 188 18.19 -15.08 6.84
CA TRP H 188 18.20 -14.13 5.75
C TRP H 188 19.44 -13.30 5.97
N VAL H 189 20.34 -13.29 4.99
CA VAL H 189 21.57 -12.53 5.07
C VAL H 189 21.77 -11.76 3.77
N ASN H 190 21.65 -10.44 3.84
CA ASN H 190 21.80 -9.60 2.65
C ASN H 190 20.77 -9.95 1.60
N GLY H 191 19.53 -10.18 2.04
CA GLY H 191 18.46 -10.50 1.12
C GLY H 191 18.50 -11.89 0.51
N LYS H 192 19.37 -12.75 1.01
CA LYS H 192 19.46 -14.11 0.49
C LYS H 192 19.39 -15.12 1.63
N VAL H 193 18.93 -16.32 1.31
CA VAL H 193 18.82 -17.38 2.31
C VAL H 193 20.11 -18.18 2.40
N VAL H 194 20.71 -18.23 3.59
CA VAL H 194 21.94 -18.98 3.79
C VAL H 194 21.73 -20.01 4.90
N ASN H 195 22.03 -21.26 4.61
CA ASN H 195 21.87 -22.31 5.61
C ASN H 195 23.02 -22.21 6.60
N ASP H 196 22.71 -22.36 7.88
CA ASP H 196 23.72 -22.30 8.92
C ASP H 196 24.34 -23.68 9.07
N LEU H 197 25.57 -23.84 8.58
CA LEU H 197 26.24 -25.13 8.65
C LEU H 197 27.07 -25.38 9.90
N SER H 198 26.89 -24.57 10.94
CA SER H 198 27.65 -24.76 12.16
C SER H 198 27.11 -26.02 12.85
N THR H 199 27.98 -26.73 13.54
CA THR H 199 27.61 -27.97 14.22
C THR H 199 26.33 -27.87 15.05
N ASP H 200 26.24 -26.85 15.90
CA ASP H 200 25.06 -26.70 16.75
C ASP H 200 23.77 -26.43 15.99
N ALA H 201 23.85 -25.73 14.86
CA ALA H 201 22.66 -25.44 14.08
C ALA H 201 22.12 -26.73 13.47
N VAL H 202 23.02 -27.54 12.93
CA VAL H 202 22.61 -28.81 12.33
C VAL H 202 21.94 -29.67 13.37
N ILE H 203 22.53 -29.72 14.56
CA ILE H 203 21.98 -30.51 15.65
C ILE H 203 20.58 -30.02 16.02
N GLN H 204 20.41 -28.71 16.13
CA GLN H 204 19.12 -28.15 16.47
C GLN H 204 18.07 -28.47 15.41
N SER H 205 18.48 -28.45 14.15
CA SER H 205 17.54 -28.74 13.06
C SER H 205 17.08 -30.19 13.09
N VAL H 206 17.97 -31.08 13.49
CA VAL H 206 17.64 -32.49 13.56
C VAL H 206 16.63 -32.75 14.67
N ALA H 207 16.85 -32.13 15.83
CA ALA H 207 15.95 -32.31 16.97
C ALA H 207 14.55 -31.85 16.60
N ILE H 208 14.46 -30.81 15.77
CA ILE H 208 13.17 -30.29 15.35
C ILE H 208 12.51 -31.17 14.30
N ALA H 209 13.26 -31.51 13.25
CA ALA H 209 12.74 -32.35 12.18
C ALA H 209 12.28 -33.71 12.69
N ALA H 210 13.08 -34.33 13.55
CA ALA H 210 12.77 -35.63 14.10
C ALA H 210 11.40 -35.65 14.78
N GLY H 211 11.00 -34.51 15.35
CA GLY H 211 9.73 -34.44 16.04
C GLY H 211 8.52 -34.17 15.17
N LEU H 212 8.73 -34.05 13.86
CA LEU H 212 7.62 -33.79 12.94
C LEU H 212 6.93 -35.07 12.50
N GLY H 213 5.61 -35.10 12.62
CA GLY H 213 4.85 -36.29 12.24
C GLY H 213 4.22 -36.91 13.46
N ASN H 214 3.20 -37.75 13.24
CA ASN H 214 2.52 -38.40 14.36
C ASN H 214 3.01 -39.83 14.54
N ASP H 215 4.06 -40.17 13.79
CA ASP H 215 4.67 -41.49 13.81
C ASP H 215 6.01 -41.28 13.13
N SER H 216 7.10 -41.36 13.89
CA SER H 216 8.41 -41.19 13.28
C SER H 216 9.19 -42.49 13.27
N SER H 217 8.59 -43.52 12.70
CA SER H 217 9.23 -44.83 12.61
C SER H 217 9.67 -45.13 11.19
N TYR H 218 9.35 -44.21 10.27
CA TYR H 218 9.74 -44.37 8.88
C TYR H 218 10.52 -43.17 8.38
N THR H 219 10.98 -42.32 9.28
CA THR H 219 11.70 -41.14 8.85
C THR H 219 13.21 -41.25 8.93
N TRP H 220 13.86 -40.81 7.86
CA TRP H 220 15.30 -40.80 7.72
C TRP H 220 15.77 -39.36 7.73
N MSE H 221 17.07 -39.16 7.88
CA MSE H 221 17.64 -37.83 7.86
C MSE H 221 18.62 -37.72 6.70
O MSE H 221 19.33 -38.68 6.39
CB MSE H 221 18.40 -37.55 9.17
CG MSE H 221 17.52 -37.44 10.42
SE MSE H 221 16.55 -35.78 10.55
CE MSE H 221 14.78 -36.43 10.18
N LYS H 222 18.63 -36.57 6.06
CA LYS H 222 19.54 -36.31 4.95
C LYS H 222 20.29 -35.09 5.49
N LEU H 223 21.50 -35.32 5.99
CA LEU H 223 22.28 -34.24 6.59
C LEU H 223 23.54 -33.85 5.83
N PRO H 224 24.04 -32.62 6.09
CA PRO H 224 25.25 -32.12 5.43
C PRO H 224 26.46 -32.53 6.26
N VAL H 225 27.56 -32.86 5.60
CA VAL H 225 28.77 -33.24 6.32
C VAL H 225 29.35 -31.95 6.87
N VAL H 226 29.30 -31.81 8.20
CA VAL H 226 29.75 -30.60 8.86
C VAL H 226 30.85 -30.85 9.90
N GLU H 227 31.36 -29.76 10.46
CA GLU H 227 32.39 -29.81 11.48
C GLU H 227 31.88 -30.63 12.68
N GLU H 228 32.77 -31.42 13.29
CA GLU H 228 32.40 -32.24 14.46
C GLU H 228 31.16 -33.18 14.29
N MSE H 229 31.17 -34.02 13.22
CA MSE H 229 30.10 -34.93 12.76
C MSE H 229 29.71 -36.15 13.55
O MSE H 229 28.81 -36.93 13.13
CB MSE H 229 30.46 -35.48 11.40
CG MSE H 229 29.94 -34.64 10.21
SE MSE H 229 28.05 -34.52 10.17
CE MSE H 229 27.69 -35.99 8.95
N GLU H 230 30.35 -36.37 14.68
CA GLU H 230 30.12 -37.60 15.41
C GLU H 230 29.33 -37.17 16.61
N ARG H 231 29.27 -35.85 16.68
CA ARG H 231 28.58 -35.13 17.69
C ARG H 231 27.22 -34.77 17.09
N VAL H 232 27.17 -34.57 15.78
CA VAL H 232 25.92 -34.27 15.10
C VAL H 232 25.15 -35.57 15.09
N MSE H 233 25.86 -36.68 14.89
CA MSE H 233 25.22 -37.99 14.85
C MSE H 233 24.70 -38.46 16.21
O MSE H 233 23.96 -39.44 16.28
CB MSE H 233 26.18 -39.03 14.29
CG MSE H 233 26.43 -38.90 12.79
SE MSE H 233 24.79 -38.65 11.79
CE MSE H 233 25.13 -36.85 11.16
N GLU H 234 25.08 -37.76 17.27
CA GLU H 234 24.59 -38.12 18.60
C GLU H 234 23.25 -37.42 18.78
N SER H 235 22.78 -36.79 17.71
CA SER H 235 21.50 -36.07 17.70
C SER H 235 20.30 -36.98 17.48
N THR H 236 20.49 -38.03 16.70
CA THR H 236 19.40 -38.97 16.43
C THR H 236 19.83 -40.42 16.39
N THR H 237 18.82 -41.27 16.39
CA THR H 237 18.98 -42.71 16.33
C THR H 237 18.47 -43.14 14.96
N MSE H 238 18.08 -42.16 14.16
CA MSE H 238 17.52 -42.42 12.85
C MSE H 238 18.52 -42.64 11.73
O MSE H 238 19.62 -42.07 11.72
CB MSE H 238 16.57 -41.29 12.47
CG MSE H 238 15.45 -41.14 13.46
SE MSE H 238 14.39 -39.58 13.16
CE MSE H 238 12.73 -40.22 13.92
N PRO H 239 18.15 -43.49 10.76
CA PRO H 239 19.03 -43.78 9.62
C PRO H 239 19.33 -42.48 8.90
N THR H 240 20.60 -42.24 8.63
CA THR H 240 21.02 -41.00 7.99
C THR H 240 21.77 -41.19 6.68
N LEU H 241 21.53 -40.27 5.76
CA LEU H 241 22.20 -40.27 4.46
C LEU H 241 22.87 -38.90 4.33
N LEU H 242 24.08 -38.89 3.80
CA LEU H 242 24.82 -37.65 3.65
C LEU H 242 24.62 -36.99 2.29
N LEU H 243 24.65 -35.66 2.28
CA LEU H 243 24.48 -34.90 1.05
C LEU H 243 25.76 -34.13 0.74
N GLY H 244 26.00 -33.89 -0.54
CA GLY H 244 27.18 -33.15 -0.96
C GLY H 244 26.74 -31.86 -1.62
N GLY H 245 26.65 -30.80 -0.83
CA GLY H 245 26.20 -29.52 -1.34
C GLY H 245 26.97 -28.86 -2.48
N GLU H 246 27.29 -27.59 -2.28
CA GLU H 246 28.01 -26.75 -3.23
C GLU H 246 29.08 -27.43 -4.08
N GLY H 247 30.14 -27.92 -3.44
CA GLY H 247 31.20 -28.58 -4.18
C GLY H 247 32.61 -28.33 -3.66
N GLY H 248 33.08 -27.09 -3.78
CA GLY H 248 34.42 -26.77 -3.31
C GLY H 248 35.46 -26.86 -4.41
N PRO H 251 37.93 -30.97 -3.59
CA PRO H 251 37.41 -32.17 -4.27
C PRO H 251 37.85 -33.45 -3.56
N ASP H 252 39.15 -33.63 -3.40
CA ASP H 252 39.66 -34.80 -2.70
C ASP H 252 39.29 -34.66 -1.24
N ALA H 253 39.38 -33.43 -0.75
CA ALA H 253 39.04 -33.13 0.63
C ALA H 253 37.58 -33.47 0.90
N THR H 254 36.74 -33.19 -0.09
CA THR H 254 35.31 -33.47 0.02
C THR H 254 35.07 -34.96 0.22
N PHE H 255 35.64 -35.78 -0.66
CA PHE H 255 35.48 -37.23 -0.57
C PHE H 255 35.99 -37.76 0.76
N ALA H 256 37.04 -37.14 1.29
CA ALA H 256 37.63 -37.57 2.55
C ALA H 256 36.68 -37.32 3.73
N SER H 257 35.99 -36.19 3.71
CA SER H 257 35.07 -35.88 4.79
C SER H 257 33.89 -36.85 4.79
N TRP H 258 33.46 -37.26 3.59
CA TRP H 258 32.37 -38.22 3.47
C TRP H 258 32.81 -39.55 4.02
N GLU H 259 34.01 -39.97 3.62
CA GLU H 259 34.57 -41.24 4.06
C GLU H 259 34.59 -41.33 5.58
N HIS H 260 34.95 -40.24 6.24
CA HIS H 260 34.99 -40.24 7.70
C HIS H 260 33.59 -40.32 8.30
N ALA H 261 32.72 -39.42 7.87
CA ALA H 261 31.34 -39.38 8.36
C ALA H 261 30.63 -40.70 8.11
N LEU H 262 30.97 -41.32 6.99
CA LEU H 262 30.37 -42.59 6.60
C LEU H 262 30.60 -43.70 7.63
N THR H 263 31.55 -43.50 8.52
CA THR H 263 31.86 -44.50 9.55
C THR H 263 31.08 -44.28 10.83
N LEU H 264 30.46 -43.11 10.96
CA LEU H 264 29.70 -42.77 12.16
C LEU H 264 28.44 -43.60 12.37
N PRO H 265 28.04 -43.77 13.65
CA PRO H 265 26.85 -44.54 14.04
C PRO H 265 25.57 -44.04 13.37
N GLY H 266 24.85 -44.96 12.73
CA GLY H 266 23.60 -44.57 12.09
C GLY H 266 23.68 -44.12 10.65
N VAL H 267 24.87 -43.71 10.19
CA VAL H 267 25.00 -43.27 8.81
C VAL H 267 24.87 -44.48 7.90
N ARG H 268 23.95 -44.41 6.94
CA ARG H 268 23.67 -45.50 6.02
C ARG H 268 24.11 -45.29 4.58
N GLY H 269 24.66 -44.11 4.27
CA GLY H 269 25.09 -43.88 2.91
C GLY H 269 25.08 -42.45 2.40
N LEU H 270 24.92 -42.31 1.09
CA LEU H 270 24.93 -41.01 0.43
C LEU H 270 23.72 -40.73 -0.46
N THR H 271 23.38 -39.45 -0.59
CA THR H 271 22.31 -38.98 -1.45
C THR H 271 22.87 -37.65 -1.94
N VAL H 272 23.78 -37.77 -2.91
CA VAL H 272 24.47 -36.62 -3.50
C VAL H 272 24.05 -36.34 -4.92
N GLY H 273 24.07 -35.06 -5.29
CA GLY H 273 23.69 -34.67 -6.64
C GLY H 273 24.66 -33.75 -7.36
N ARG H 274 24.57 -32.46 -7.06
CA ARG H 274 25.42 -31.44 -7.67
C ARG H 274 26.89 -31.86 -7.92
N THR H 275 27.53 -32.42 -6.90
CA THR H 275 28.93 -32.83 -7.01
C THR H 275 29.26 -34.02 -7.90
N LEU H 276 28.41 -35.04 -7.87
CA LEU H 276 28.65 -36.22 -8.68
C LEU H 276 28.27 -35.96 -10.12
N LEU H 277 27.12 -35.33 -10.34
CA LEU H 277 26.69 -34.97 -11.68
C LEU H 277 27.40 -33.64 -11.88
N TYR H 278 27.81 -33.31 -13.10
CA TYR H 278 28.50 -32.03 -13.32
C TYR H 278 29.79 -31.93 -12.52
N PRO H 279 30.66 -32.94 -12.60
CA PRO H 279 31.91 -32.86 -11.85
C PRO H 279 32.74 -31.72 -12.42
N GLN H 280 33.62 -31.15 -11.61
CA GLN H 280 34.47 -30.06 -12.06
C GLN H 280 35.18 -30.45 -13.35
N ASP H 281 35.79 -31.64 -13.36
CA ASP H 281 36.47 -32.11 -14.56
C ASP H 281 35.44 -32.78 -15.45
N GLY H 282 35.88 -33.42 -16.53
CA GLY H 282 34.93 -34.05 -17.41
C GLY H 282 34.86 -35.56 -17.26
N ASP H 283 34.12 -36.04 -16.25
CA ASP H 283 33.99 -37.47 -16.04
C ASP H 283 33.01 -37.80 -14.92
N VAL H 284 31.75 -38.02 -15.29
CA VAL H 284 30.73 -38.35 -14.29
C VAL H 284 31.00 -39.74 -13.72
N ALA H 285 31.34 -40.68 -14.60
CA ALA H 285 31.63 -42.05 -14.19
C ALA H 285 32.71 -42.12 -13.12
N ALA H 286 33.78 -41.37 -13.32
CA ALA H 286 34.89 -41.35 -12.37
C ALA H 286 34.45 -40.84 -11.00
N ALA H 287 33.79 -39.69 -10.99
CA ALA H 287 33.33 -39.10 -9.73
C ALA H 287 32.30 -39.99 -9.07
N VAL H 288 31.36 -40.49 -9.86
CA VAL H 288 30.33 -41.37 -9.33
C VAL H 288 30.99 -42.63 -8.77
N ASP H 289 32.07 -43.08 -9.41
CA ASP H 289 32.76 -44.28 -8.97
C ASP H 289 33.51 -44.04 -7.67
N THR H 290 34.14 -42.88 -7.54
CA THR H 290 34.87 -42.55 -6.33
C THR H 290 33.95 -42.67 -5.13
N ALA H 291 32.77 -42.06 -5.24
CA ALA H 291 31.78 -42.07 -4.16
C ALA H 291 31.23 -43.46 -3.91
N ALA H 292 30.91 -44.17 -5.00
CA ALA H 292 30.34 -45.51 -4.90
C ALA H 292 31.23 -46.45 -4.08
N ARG H 293 32.52 -46.48 -4.41
CA ARG H 293 33.46 -47.34 -3.71
C ARG H 293 33.64 -46.90 -2.25
N LEU H 294 33.14 -45.70 -1.94
CA LEU H 294 33.24 -45.16 -0.60
C LEU H 294 32.02 -45.62 0.20
N VAL H 295 30.90 -45.82 -0.49
CA VAL H 295 29.67 -46.27 0.15
C VAL H 295 29.59 -47.80 0.20
N HIS H 296 30.10 -48.45 -0.84
CA HIS H 296 30.12 -49.91 -0.89
C HIS H 296 31.56 -50.36 -1.11
N THR H 297 32.23 -50.76 -0.04
CA THR H 297 33.62 -51.18 -0.12
C THR H 297 33.78 -52.52 -0.87
N ASP H 298 32.81 -52.84 -1.72
CA ASP H 298 32.83 -54.07 -2.50
C ASP H 298 33.31 -55.28 -1.69
N ILE H 299 32.80 -55.42 -0.46
CA ILE H 299 33.21 -56.53 0.40
C ILE H 299 32.95 -57.88 -0.28
N PRO I 3 4.27 33.43 -56.34
CA PRO I 3 4.95 34.62 -55.78
C PRO I 3 5.07 34.51 -54.26
N PRO I 4 6.04 33.70 -53.78
CA PRO I 4 6.29 33.47 -52.36
C PRO I 4 6.87 34.67 -51.59
N ILE I 5 6.20 35.05 -50.50
CA ILE I 5 6.64 36.17 -49.68
C ILE I 5 8.07 35.98 -49.18
N ILE I 6 8.42 34.75 -48.83
CA ILE I 6 9.77 34.46 -48.34
C ILE I 6 10.56 33.60 -49.31
N SER I 7 11.63 34.17 -49.84
CA SER I 7 12.48 33.48 -50.79
C SER I 7 13.52 32.64 -50.05
N PRO I 8 14.06 31.62 -50.71
CA PRO I 8 15.07 30.77 -50.07
C PRO I 8 16.25 31.59 -49.53
N GLU I 9 16.56 32.71 -50.19
CA GLU I 9 17.67 33.57 -49.75
C GLU I 9 17.45 34.00 -48.31
N SER I 10 16.21 34.34 -47.97
CA SER I 10 15.86 34.77 -46.64
C SER I 10 15.95 33.61 -45.65
N PHE I 11 15.28 32.50 -45.98
CA PHE I 11 15.32 31.33 -45.12
C PHE I 11 16.76 30.86 -44.90
N GLU I 12 17.63 31.16 -45.85
CA GLU I 12 19.03 30.77 -45.71
C GLU I 12 19.66 31.72 -44.70
N ALA I 13 19.30 32.99 -44.80
CA ALA I 13 19.83 33.99 -43.89
C ALA I 13 19.28 33.78 -42.48
N LEU I 14 18.02 33.36 -42.38
CA LEU I 14 17.42 33.12 -41.07
C LEU I 14 18.25 32.04 -40.35
N ARG I 15 18.46 30.92 -41.01
CA ARG I 15 19.24 29.83 -40.45
C ARG I 15 20.63 30.32 -40.10
N ARG I 16 21.28 30.97 -41.05
CA ARG I 16 22.63 31.46 -40.84
C ARG I 16 22.70 32.43 -39.66
N MSE I 17 21.61 33.14 -39.41
CA MSE I 17 21.59 34.09 -38.30
C MSE I 17 21.51 33.34 -36.97
O MSE I 17 22.25 33.65 -36.03
CB MSE I 17 20.41 35.04 -38.42
CG MSE I 17 20.47 36.22 -37.47
SE MSE I 17 18.79 37.15 -37.32
CE MSE I 17 18.67 37.89 -39.09
N ARG I 18 20.61 32.37 -36.89
CA ARG I 18 20.42 31.59 -35.67
C ARG I 18 21.68 30.82 -35.26
N ALA I 19 22.45 30.39 -36.25
CA ALA I 19 23.66 29.63 -35.99
C ALA I 19 24.88 30.47 -35.66
N ALA I 20 25.10 31.53 -36.43
CA ALA I 20 26.28 32.37 -36.25
C ALA I 20 26.10 33.75 -35.62
N GLU I 21 24.88 34.27 -35.57
CA GLU I 21 24.64 35.58 -34.96
C GLU I 21 23.34 35.60 -34.18
N PRO I 22 23.16 34.67 -33.23
CA PRO I 22 21.92 34.66 -32.45
C PRO I 22 21.57 36.00 -31.80
N THR I 23 22.58 36.84 -31.61
CA THR I 23 22.35 38.15 -30.99
C THR I 23 21.42 39.00 -31.84
N MSE I 24 21.45 38.80 -33.15
CA MSE I 24 20.61 39.58 -34.05
C MSE I 24 19.11 39.32 -33.92
O MSE I 24 18.30 40.19 -34.22
CB MSE I 24 21.03 39.37 -35.51
CG MSE I 24 22.23 40.20 -35.93
SE MSE I 24 22.04 42.07 -35.46
CE MSE I 24 23.31 42.14 -34.02
N VAL I 25 18.73 38.12 -33.48
CA VAL I 25 17.32 37.83 -33.32
C VAL I 25 16.70 38.85 -32.37
N ALA I 26 17.28 38.97 -31.18
CA ALA I 26 16.79 39.92 -30.18
C ALA I 26 16.93 41.36 -30.66
N GLU I 27 18.02 41.66 -31.35
CA GLU I 27 18.25 43.02 -31.84
C GLU I 27 17.18 43.43 -32.85
N ARG I 28 16.93 42.58 -33.85
CA ARG I 28 15.92 42.88 -34.84
C ARG I 28 14.54 42.95 -34.20
N PHE I 29 14.36 42.19 -33.14
CA PHE I 29 13.09 42.17 -32.43
C PHE I 29 12.82 43.52 -31.76
N LYS I 30 13.85 44.09 -31.16
CA LYS I 30 13.71 45.37 -30.47
C LYS I 30 13.69 46.58 -31.39
N GLN I 31 14.24 46.45 -32.60
CA GLN I 31 14.24 47.56 -33.55
C GLN I 31 12.92 47.59 -34.30
N ARG I 32 12.07 46.64 -33.95
CA ARG I 32 10.74 46.48 -34.52
C ARG I 32 9.86 47.72 -34.30
N ARG I 33 9.14 48.12 -35.35
CA ARG I 33 8.25 49.27 -35.26
C ARG I 33 7.00 48.85 -34.51
N LYS I 34 6.73 49.50 -33.38
CA LYS I 34 5.57 49.15 -32.59
C LYS I 34 4.35 50.00 -32.91
N ARG I 35 3.18 49.52 -32.50
CA ARG I 35 1.92 50.23 -32.74
C ARG I 35 1.03 50.14 -31.52
N GLU I 36 -0.03 50.95 -31.52
CA GLU I 36 -0.99 50.94 -30.42
C GLU I 36 -1.71 49.60 -30.49
N LEU I 37 -2.17 49.12 -29.34
CA LEU I 37 -2.88 47.85 -29.28
C LEU I 37 -4.12 47.93 -30.15
N LEU I 38 -5.00 48.88 -29.83
CA LEU I 38 -6.24 49.05 -30.56
C LEU I 38 -6.16 50.18 -31.58
N GLY I 39 -6.63 49.91 -32.79
CA GLY I 39 -6.62 50.91 -33.83
C GLY I 39 -7.77 51.88 -33.67
N GLU I 40 -8.05 52.63 -34.72
CA GLU I 40 -9.13 53.60 -34.70
C GLU I 40 -10.51 52.99 -34.53
N ASP I 41 -10.73 51.82 -35.12
CA ASP I 41 -12.03 51.17 -35.01
C ASP I 41 -12.13 50.29 -33.76
N GLY I 42 -11.07 50.29 -32.96
CA GLY I 42 -11.07 49.52 -31.72
C GLY I 42 -11.16 48.01 -31.86
N LYS I 43 -11.03 47.50 -33.08
CA LYS I 43 -11.09 46.06 -33.31
C LYS I 43 -9.70 45.45 -33.47
N LEU I 44 -9.61 44.14 -33.27
CA LEU I 44 -8.34 43.44 -33.36
C LEU I 44 -8.50 42.12 -34.10
N PHE I 45 -7.57 41.83 -35.01
CA PHE I 45 -7.58 40.58 -35.77
C PHE I 45 -6.18 39.98 -35.70
N ILE I 46 -6.08 38.83 -35.04
CA ILE I 46 -4.81 38.15 -34.85
C ILE I 46 -4.80 36.71 -35.36
N VAL I 47 -3.74 36.35 -36.08
CA VAL I 47 -3.62 35.00 -36.61
C VAL I 47 -2.78 34.16 -35.65
N ALA I 48 -3.31 33.00 -35.27
CA ALA I 48 -2.64 32.11 -34.33
C ALA I 48 -1.88 30.93 -34.92
N ALA I 49 -0.73 30.64 -34.33
CA ALA I 49 0.11 29.53 -34.80
C ALA I 49 0.94 28.94 -33.66
N ASP I 50 0.35 28.79 -32.47
CA ASP I 50 1.08 28.24 -31.34
C ASP I 50 0.73 26.77 -31.09
N HIS I 51 0.07 26.14 -32.05
CA HIS I 51 -0.34 24.74 -31.92
C HIS I 51 0.79 23.70 -31.93
N PRO I 52 1.75 23.84 -32.87
CA PRO I 52 2.85 22.88 -32.95
C PRO I 52 3.53 22.59 -31.61
N ALA I 53 3.89 23.65 -30.90
CA ALA I 53 4.57 23.53 -29.61
C ALA I 53 3.80 22.69 -28.60
N ARG I 54 2.50 22.51 -28.85
CA ARG I 54 1.67 21.72 -27.94
C ARG I 54 1.51 20.30 -28.47
N GLY I 55 2.23 20.00 -29.55
CA GLY I 55 2.17 18.68 -30.14
C GLY I 55 0.92 18.46 -30.98
N ALA I 56 0.35 19.53 -31.50
CA ALA I 56 -0.86 19.44 -32.31
C ALA I 56 -0.65 19.97 -33.73
N LEU I 57 -0.26 19.10 -34.65
CA LEU I 57 -0.03 19.50 -36.03
C LEU I 57 -1.22 19.31 -36.98
N ALA I 58 -2.31 18.73 -36.50
CA ALA I 58 -3.45 18.46 -37.37
C ALA I 58 -4.40 19.63 -37.72
N VAL I 59 -5.09 19.45 -38.85
CA VAL I 59 -6.06 20.42 -39.36
C VAL I 59 -7.21 19.62 -40.02
N GLY I 60 -6.84 18.49 -40.61
CA GLY I 60 -7.78 17.60 -41.29
C GLY I 60 -6.83 16.53 -41.79
N ASP I 61 -5.58 16.97 -41.78
CA ASP I 61 -4.39 16.22 -42.19
C ASP I 61 -3.60 16.11 -40.88
N ASN I 62 -3.41 14.90 -40.37
CA ASN I 62 -2.67 14.71 -39.13
C ASN I 62 -1.22 15.19 -39.23
N GLU I 63 -0.35 14.27 -39.64
CA GLU I 63 1.08 14.55 -39.78
C GLU I 63 1.35 15.90 -40.41
N THR I 64 1.31 15.96 -41.75
CA THR I 64 1.56 17.21 -42.45
C THR I 64 0.70 18.31 -41.84
N ALA I 65 0.74 19.49 -42.44
CA ALA I 65 -0.01 20.63 -41.94
C ALA I 65 0.65 21.02 -40.62
N MSE I 66 1.39 22.12 -40.65
CA MSE I 66 2.09 22.64 -39.49
C MSE I 66 3.39 21.87 -39.21
O MSE I 66 4.31 22.41 -38.59
CB MSE I 66 1.18 22.61 -38.26
CG MSE I 66 -0.18 23.26 -38.52
SE MSE I 66 -1.07 23.97 -36.93
CE MSE I 66 -0.46 25.81 -37.10
N ALA I 67 3.47 20.63 -39.68
CA ALA I 67 4.68 19.83 -39.48
C ALA I 67 5.83 20.49 -40.21
N ASN I 68 5.55 21.06 -41.38
CA ASN I 68 6.57 21.75 -42.16
C ASN I 68 6.63 23.19 -41.70
N ARG I 69 7.66 23.51 -40.91
CA ARG I 69 7.81 24.86 -40.37
C ARG I 69 8.03 25.93 -41.43
N TYR I 70 8.69 25.59 -42.53
CA TYR I 70 8.93 26.56 -43.59
C TYR I 70 7.63 26.98 -44.25
N GLU I 71 6.72 26.03 -44.46
CA GLU I 71 5.44 26.37 -45.07
C GLU I 71 4.59 27.12 -44.06
N LEU I 72 4.72 26.75 -42.79
CA LEU I 72 3.95 27.41 -41.74
C LEU I 72 4.31 28.89 -41.76
N LEU I 73 5.61 29.17 -41.83
CA LEU I 73 6.09 30.55 -41.86
C LEU I 73 5.60 31.29 -43.11
N GLU I 74 5.60 30.60 -44.25
CA GLU I 74 5.14 31.21 -45.50
C GLU I 74 3.67 31.58 -45.37
N ARG I 75 2.86 30.63 -44.93
CA ARG I 75 1.43 30.85 -44.76
C ARG I 75 1.20 32.01 -43.79
N MSE I 76 2.08 32.12 -42.80
CA MSE I 76 1.98 33.20 -41.82
C MSE I 76 2.34 34.52 -42.47
O MSE I 76 1.64 35.53 -42.29
CB MSE I 76 2.93 32.93 -40.64
CG MSE I 76 2.25 32.68 -39.31
SE MSE I 76 1.13 34.15 -38.73
CE MSE I 76 -0.44 33.73 -39.77
N ALA I 77 3.43 34.53 -43.25
CA ALA I 77 3.88 35.72 -43.93
C ALA I 77 2.78 36.27 -44.83
N ILE I 78 2.08 35.37 -45.52
CA ILE I 78 0.99 35.75 -46.39
C ILE I 78 -0.11 36.44 -45.57
N ALA I 79 -0.54 35.78 -44.52
CA ALA I 79 -1.59 36.33 -43.66
C ALA I 79 -1.21 37.73 -43.16
N LEU I 80 0.02 37.86 -42.68
CA LEU I 80 0.51 39.14 -42.16
C LEU I 80 0.62 40.24 -43.22
N SER I 81 0.72 39.84 -44.49
CA SER I 81 0.84 40.82 -45.56
C SER I 81 -0.50 41.37 -45.99
N ARG I 82 -1.57 40.64 -45.70
CA ARG I 82 -2.91 41.07 -46.07
C ARG I 82 -3.38 42.22 -45.19
N PRO I 83 -3.98 43.26 -45.80
CA PRO I 83 -4.45 44.39 -44.99
C PRO I 83 -5.52 43.89 -44.04
N GLY I 84 -5.53 44.45 -42.83
CA GLY I 84 -6.53 44.04 -41.86
C GLY I 84 -5.99 43.16 -40.73
N VAL I 85 -4.87 42.48 -40.95
CA VAL I 85 -4.30 41.62 -39.92
C VAL I 85 -3.40 42.44 -38.99
N ASP I 86 -3.86 42.62 -37.75
CA ASP I 86 -3.14 43.41 -36.77
C ASP I 86 -1.95 42.71 -36.11
N GLY I 87 -1.97 41.38 -36.09
CA GLY I 87 -0.86 40.69 -35.46
C GLY I 87 -0.89 39.18 -35.49
N VAL I 88 0.02 38.59 -34.74
CA VAL I 88 0.15 37.14 -34.67
C VAL I 88 0.35 36.63 -33.26
N LEU I 89 -0.13 35.42 -33.01
CA LEU I 89 0.02 34.76 -31.71
C LEU I 89 0.90 33.54 -31.93
N GLY I 90 1.99 33.46 -31.19
CA GLY I 90 2.86 32.31 -31.33
C GLY I 90 3.76 32.06 -30.15
N THR I 91 4.42 30.91 -30.18
CA THR I 91 5.36 30.52 -29.15
C THR I 91 6.65 31.25 -29.51
N PRO I 92 7.62 31.35 -28.58
CA PRO I 92 8.87 32.05 -28.89
C PRO I 92 9.59 31.65 -30.18
N ASP I 93 9.56 30.37 -30.52
CA ASP I 93 10.24 29.92 -31.71
C ASP I 93 9.55 30.41 -33.00
N ILE I 94 8.23 30.59 -32.92
CA ILE I 94 7.46 31.07 -34.07
C ILE I 94 7.66 32.58 -34.26
N ILE I 95 7.52 33.32 -33.16
CA ILE I 95 7.67 34.77 -33.20
C ILE I 95 9.10 35.17 -33.57
N ASP I 96 10.08 34.57 -32.91
CA ASP I 96 11.48 34.87 -33.19
C ASP I 96 11.78 34.82 -34.68
N ASP I 97 11.43 33.71 -35.32
CA ASP I 97 11.67 33.56 -36.75
C ASP I 97 10.98 34.67 -37.54
N LEU I 98 9.69 34.86 -37.28
CA LEU I 98 8.93 35.89 -37.97
C LEU I 98 9.59 37.25 -37.78
N ALA I 99 10.08 37.51 -36.58
CA ALA I 99 10.72 38.79 -36.27
C ALA I 99 12.11 38.89 -36.89
N ALA I 100 12.77 37.76 -37.09
CA ALA I 100 14.10 37.75 -37.69
C ALA I 100 14.00 38.05 -39.17
N LEU I 101 12.85 37.70 -39.75
CA LEU I 101 12.58 37.93 -41.16
C LEU I 101 12.00 39.34 -41.32
N GLY I 102 11.86 40.04 -40.20
CA GLY I 102 11.31 41.39 -40.23
C GLY I 102 9.91 41.45 -40.82
N LEU I 103 9.03 40.58 -40.34
CA LEU I 103 7.66 40.53 -40.82
C LEU I 103 6.70 40.98 -39.74
N LEU I 104 7.24 41.65 -38.72
CA LEU I 104 6.42 42.10 -37.60
C LEU I 104 6.39 43.60 -37.31
N ASP I 105 6.72 44.44 -38.28
CA ASP I 105 6.67 45.88 -38.04
C ASP I 105 5.20 46.31 -38.02
N ASP I 106 4.84 47.13 -37.04
CA ASP I 106 3.48 47.61 -36.87
C ASP I 106 2.45 46.50 -36.71
N LYS I 107 2.87 45.42 -36.05
CA LYS I 107 1.98 44.29 -35.79
C LYS I 107 1.92 44.08 -34.29
N ILE I 108 0.82 43.49 -33.83
CA ILE I 108 0.63 43.21 -32.41
C ILE I 108 1.09 41.77 -32.17
N VAL I 109 2.13 41.60 -31.36
CA VAL I 109 2.64 40.26 -31.06
C VAL I 109 2.10 39.69 -29.76
N VAL I 110 1.47 38.52 -29.86
CA VAL I 110 0.90 37.83 -28.71
C VAL I 110 1.72 36.56 -28.52
N GLY I 111 2.25 36.35 -27.31
CA GLY I 111 3.05 35.16 -27.07
C GLY I 111 2.35 34.13 -26.22
N SER I 112 2.45 32.87 -26.62
CA SER I 112 1.82 31.80 -25.86
C SER I 112 2.71 31.48 -24.68
N MSE I 113 2.10 31.20 -23.53
CA MSE I 113 2.87 30.93 -22.32
C MSE I 113 2.99 29.45 -21.95
O MSE I 113 4.09 28.97 -21.67
CB MSE I 113 2.25 31.71 -21.15
CG MSE I 113 2.25 33.21 -21.36
SE MSE I 113 1.46 34.21 -19.89
CE MSE I 113 2.93 34.18 -18.66
N ASN I 114 1.86 28.74 -21.94
CA ASN I 114 1.87 27.33 -21.57
C ASN I 114 1.47 26.37 -22.69
N ARG I 115 2.32 25.36 -22.87
CA ARG I 115 2.14 24.33 -23.89
C ARG I 115 2.39 22.95 -23.28
N GLY I 116 2.52 22.90 -21.96
CA GLY I 116 2.78 21.64 -21.29
C GLY I 116 1.78 20.52 -21.51
N GLY I 117 0.50 20.85 -21.54
CA GLY I 117 -0.53 19.84 -21.75
C GLY I 117 -0.55 19.36 -23.19
N LEU I 118 0.46 18.57 -23.56
CA LEU I 118 0.59 18.05 -24.91
C LEU I 118 -0.61 17.24 -25.38
N ARG I 119 -0.93 17.37 -26.66
CA ARG I 119 -2.05 16.66 -27.24
C ARG I 119 -1.82 15.15 -27.13
N GLY I 120 -2.81 14.45 -26.60
CA GLY I 120 -2.71 13.00 -26.47
C GLY I 120 -1.97 12.50 -25.24
N ALA I 121 -1.53 13.41 -24.39
CA ALA I 121 -0.79 13.03 -23.19
C ALA I 121 -1.73 12.65 -22.05
N SER I 122 -1.31 11.70 -21.23
CA SER I 122 -2.12 11.28 -20.09
C SER I 122 -2.16 12.45 -19.13
N PHE I 123 -1.20 13.35 -19.29
CA PHE I 123 -1.07 14.53 -18.44
C PHE I 123 -1.43 15.83 -19.14
N GLU I 124 -2.23 15.80 -20.20
CA GLU I 124 -2.50 17.08 -20.85
C GLU I 124 -3.41 18.07 -20.12
N MSE I 125 -3.98 17.66 -18.99
CA MSE I 125 -4.79 18.60 -18.22
C MSE I 125 -3.84 19.41 -17.33
O MSE I 125 -4.19 20.46 -16.82
CB MSE I 125 -5.84 17.88 -17.37
CG MSE I 125 -7.00 17.30 -18.17
SE MSE I 125 -7.66 18.51 -19.55
CE MSE I 125 -8.20 20.00 -18.44
N ASP I 126 -2.63 18.88 -17.17
CA ASP I 126 -1.59 19.52 -16.36
C ASP I 126 -0.76 20.37 -17.33
N ASP I 127 -1.42 21.39 -17.88
CA ASP I 127 -0.85 22.31 -18.86
C ASP I 127 0.17 23.29 -18.28
N ARG I 128 1.38 22.82 -18.03
CA ARG I 128 2.43 23.64 -17.45
C ARG I 128 2.94 24.79 -18.34
N TYR I 129 3.47 25.83 -17.69
CA TYR I 129 3.99 27.00 -18.39
C TYR I 129 5.40 26.75 -18.91
N THR I 130 5.47 26.48 -20.21
CA THR I 130 6.71 26.14 -20.90
C THR I 130 7.21 27.12 -21.95
N GLY I 131 6.45 28.18 -22.23
CA GLY I 131 6.88 29.12 -23.25
C GLY I 131 7.24 30.49 -22.74
N TYR I 132 6.59 31.51 -23.28
CA TYR I 132 6.81 32.89 -22.89
C TYR I 132 6.40 33.11 -21.45
N ASN I 133 7.10 34.00 -20.76
CA ASN I 133 6.73 34.39 -19.41
C ASN I 133 6.73 35.92 -19.49
N VAL I 134 6.06 36.57 -18.54
CA VAL I 134 5.98 38.02 -18.56
C VAL I 134 7.33 38.71 -18.67
N SER I 135 8.31 38.21 -17.92
CA SER I 135 9.64 38.79 -17.94
C SER I 135 10.21 38.94 -19.35
N SER I 136 10.21 37.85 -20.11
CA SER I 136 10.75 37.88 -21.47
C SER I 136 9.88 38.68 -22.44
N MSE I 137 8.58 38.72 -22.20
CA MSE I 137 7.69 39.46 -23.07
C MSE I 137 7.91 40.96 -22.88
O MSE I 137 8.00 41.71 -23.85
CB MSE I 137 6.24 39.09 -22.77
CG MSE I 137 5.93 37.64 -23.05
SE MSE I 137 4.05 37.26 -23.09
CE MSE I 137 3.82 37.16 -24.96
N VAL I 138 8.00 41.38 -21.62
CA VAL I 138 8.24 42.79 -21.33
C VAL I 138 9.57 43.22 -21.92
N ASP I 139 10.61 42.39 -21.72
CA ASP I 139 11.93 42.67 -22.24
C ASP I 139 11.98 42.74 -23.76
N ARG I 140 11.29 41.80 -24.41
CA ARG I 140 11.28 41.71 -25.86
C ARG I 140 10.36 42.72 -26.52
N GLY I 141 9.30 43.10 -25.81
CA GLY I 141 8.35 44.04 -26.37
C GLY I 141 7.12 43.40 -26.96
N VAL I 142 6.81 42.16 -26.61
CA VAL I 142 5.61 41.55 -27.16
C VAL I 142 4.47 42.37 -26.54
N ASP I 143 3.38 42.50 -27.28
CA ASP I 143 2.26 43.32 -26.83
C ASP I 143 1.16 42.63 -26.04
N PHE I 144 1.07 41.32 -26.16
CA PHE I 144 -0.02 40.59 -25.54
C PHE I 144 0.43 39.20 -25.05
N ALA I 145 -0.20 38.73 -23.98
CA ALA I 145 0.13 37.40 -23.44
C ALA I 145 -1.12 36.52 -23.62
N LYS I 146 -0.93 35.22 -23.82
CA LYS I 146 -2.07 34.33 -23.98
C LYS I 146 -1.85 33.01 -23.25
N THR I 147 -2.93 32.48 -22.70
CA THR I 147 -2.91 31.24 -21.93
C THR I 147 -4.05 30.32 -22.30
N LEU I 148 -3.82 29.01 -22.18
CA LEU I 148 -4.86 28.03 -22.46
C LEU I 148 -5.27 27.52 -21.08
N VAL I 149 -6.54 27.69 -20.72
CA VAL I 149 -7.01 27.25 -19.42
C VAL I 149 -8.15 26.25 -19.55
N ARG I 150 -7.79 24.98 -19.76
CA ARG I 150 -8.80 23.94 -19.86
C ARG I 150 -9.09 23.44 -18.46
N ILE I 151 -10.38 23.42 -18.11
CA ILE I 151 -10.81 23.01 -16.79
C ILE I 151 -11.52 21.66 -16.80
N ASN I 152 -10.82 20.64 -16.33
CA ASN I 152 -11.39 19.29 -16.29
C ASN I 152 -11.67 18.91 -14.84
N LEU I 153 -12.93 18.98 -14.46
CA LEU I 153 -13.36 18.69 -13.10
C LEU I 153 -12.96 17.33 -12.52
N SER I 154 -12.73 16.34 -13.37
CA SER I 154 -12.37 15.03 -12.85
C SER I 154 -10.87 14.74 -12.93
N ASP I 155 -10.09 15.73 -13.34
CA ASP I 155 -8.64 15.55 -13.47
C ASP I 155 -7.86 16.49 -12.56
N ALA I 156 -7.16 15.92 -11.58
CA ALA I 156 -6.37 16.70 -10.62
C ALA I 156 -5.37 17.64 -11.28
N GLY I 157 -4.99 17.35 -12.51
CA GLY I 157 -4.04 18.20 -13.21
C GLY I 157 -4.55 19.62 -13.41
N THR I 158 -5.87 19.78 -13.38
CA THR I 158 -6.48 21.09 -13.55
C THR I 158 -6.07 22.02 -12.41
N ALA I 159 -5.98 21.46 -11.20
CA ALA I 159 -5.61 22.25 -10.03
C ALA I 159 -4.34 23.07 -10.22
N PRO I 160 -3.19 22.41 -10.46
CA PRO I 160 -2.00 23.24 -10.63
C PRO I 160 -2.07 24.22 -11.81
N THR I 161 -2.90 23.91 -12.81
CA THR I 161 -3.03 24.78 -13.97
C THR I 161 -3.81 26.04 -13.60
N LEU I 162 -4.82 25.90 -12.75
CA LEU I 162 -5.59 27.06 -12.33
C LEU I 162 -4.67 28.00 -11.56
N GLU I 163 -3.89 27.44 -10.65
CA GLU I 163 -2.98 28.23 -9.82
C GLU I 163 -1.88 28.90 -10.65
N ALA I 164 -1.32 28.16 -11.62
CA ALA I 164 -0.26 28.71 -12.46
C ALA I 164 -0.82 29.84 -13.33
N THR I 165 -2.07 29.68 -13.76
CA THR I 165 -2.70 30.70 -14.60
C THR I 165 -2.92 31.95 -13.76
N ALA I 166 -3.30 31.76 -12.49
CA ALA I 166 -3.52 32.89 -11.59
C ALA I 166 -2.21 33.66 -11.44
N HIS I 167 -1.11 32.93 -11.31
CA HIS I 167 0.19 33.56 -11.17
C HIS I 167 0.55 34.33 -12.42
N ALA I 168 0.24 33.76 -13.59
CA ALA I 168 0.54 34.42 -14.85
C ALA I 168 -0.20 35.76 -14.91
N VAL I 169 -1.46 35.77 -14.50
CA VAL I 169 -2.25 37.00 -14.52
C VAL I 169 -1.66 38.00 -13.51
N ASN I 170 -1.23 37.51 -12.36
CA ASN I 170 -0.63 38.39 -11.35
C ASN I 170 0.49 39.18 -12.01
N GLU I 171 1.41 38.45 -12.63
CA GLU I 171 2.55 39.05 -13.30
C GLU I 171 2.18 39.93 -14.48
N ALA I 172 1.28 39.46 -15.32
CA ALA I 172 0.87 40.22 -16.49
C ALA I 172 0.23 41.55 -16.07
N ALA I 173 -0.68 41.48 -15.10
CA ALA I 173 -1.36 42.70 -14.64
C ALA I 173 -0.36 43.68 -14.04
N ALA I 174 0.51 43.19 -13.17
CA ALA I 174 1.51 44.03 -12.52
C ALA I 174 2.42 44.71 -13.54
N ALA I 175 2.61 44.09 -14.69
CA ALA I 175 3.46 44.67 -15.73
C ALA I 175 2.62 45.45 -16.73
N GLN I 176 1.32 45.51 -16.49
CA GLN I 176 0.39 46.21 -17.37
C GLN I 176 0.45 45.63 -18.77
N LEU I 177 0.57 44.31 -18.84
CA LEU I 177 0.63 43.57 -20.07
C LEU I 177 -0.70 42.85 -20.29
N PRO I 178 -1.44 43.20 -21.34
CA PRO I 178 -2.72 42.53 -21.58
C PRO I 178 -2.54 41.02 -21.65
N ILE I 179 -3.43 40.29 -20.99
CA ILE I 179 -3.34 38.83 -20.99
C ILE I 179 -4.66 38.19 -21.39
N MSE I 180 -4.56 37.37 -22.43
CA MSE I 180 -5.66 36.66 -23.07
C MSE I 180 -5.80 35.24 -22.52
O MSE I 180 -4.87 34.44 -22.60
CB MSE I 180 -5.32 36.62 -24.56
CG MSE I 180 -6.40 36.25 -25.55
SE MSE I 180 -5.54 36.10 -27.30
CE MSE I 180 -5.13 37.97 -27.62
N LEU I 181 -6.95 34.91 -21.94
CA LEU I 181 -7.18 33.57 -21.41
C LEU I 181 -8.17 32.81 -22.29
N GLU I 182 -7.81 31.59 -22.69
CA GLU I 182 -8.68 30.76 -23.52
C GLU I 182 -9.22 29.66 -22.62
N PRO I 183 -10.43 29.87 -22.06
CA PRO I 183 -11.04 28.88 -21.17
C PRO I 183 -11.88 27.83 -21.87
N PHE I 184 -12.07 26.70 -21.19
CA PHE I 184 -12.84 25.58 -21.69
C PHE I 184 -13.15 24.65 -20.54
N MSE I 185 -14.27 23.95 -20.62
CA MSE I 185 -14.61 22.95 -19.64
C MSE I 185 -14.24 21.74 -20.47
O MSE I 185 -14.60 21.67 -21.64
CB MSE I 185 -16.12 22.94 -19.33
CG MSE I 185 -16.64 24.17 -18.61
SE MSE I 185 -15.91 24.38 -16.83
CE MSE I 185 -14.35 25.41 -17.31
N SER I 186 -13.48 20.81 -19.90
CA SER I 186 -13.07 19.64 -20.66
C SER I 186 -13.35 18.35 -19.91
N ASN I 187 -13.56 17.27 -20.66
CA ASN I 187 -13.82 15.97 -20.06
C ASN I 187 -13.05 14.88 -20.77
N TRP I 188 -12.80 13.79 -20.05
CA TRP I 188 -12.13 12.65 -20.62
C TRP I 188 -13.23 11.78 -21.21
N VAL I 189 -13.15 11.53 -22.51
CA VAL I 189 -14.15 10.71 -23.19
C VAL I 189 -13.43 9.71 -24.09
N ASN I 190 -13.51 8.44 -23.71
CA ASN I 190 -12.86 7.38 -24.47
C ASN I 190 -11.35 7.60 -24.51
N GLY I 191 -10.77 7.98 -23.37
CA GLY I 191 -9.34 8.20 -23.29
C GLY I 191 -8.81 9.45 -23.99
N LYS I 192 -9.71 10.32 -24.43
CA LYS I 192 -9.28 11.56 -25.10
C LYS I 192 -9.95 12.76 -24.46
N VAL I 193 -9.30 13.92 -24.56
CA VAL I 193 -9.84 15.15 -23.99
C VAL I 193 -10.74 15.84 -25.00
N VAL I 194 -11.99 16.07 -24.62
CA VAL I 194 -12.92 16.77 -25.51
C VAL I 194 -13.47 17.99 -24.78
N ASN I 195 -13.36 19.15 -25.42
CA ASN I 195 -13.87 20.37 -24.82
C ASN I 195 -15.39 20.40 -24.95
N ASP I 196 -16.07 20.80 -23.89
CA ASP I 196 -17.52 20.87 -23.89
C ASP I 196 -17.94 22.21 -24.49
N LEU I 197 -18.43 22.19 -25.71
CA LEU I 197 -18.83 23.42 -26.38
C LEU I 197 -20.29 23.84 -26.17
N SER I 198 -20.97 23.25 -25.19
CA SER I 198 -22.35 23.62 -24.93
C SER I 198 -22.34 25.02 -24.32
N THR I 199 -23.39 25.79 -24.59
CA THR I 199 -23.50 27.16 -24.09
C THR I 199 -23.21 27.32 -22.60
N ASP I 200 -23.83 26.48 -21.77
CA ASP I 200 -23.61 26.57 -20.34
C ASP I 200 -22.20 26.25 -19.88
N ALA I 201 -21.53 25.35 -20.57
CA ALA I 201 -20.16 25.00 -20.21
C ALA I 201 -19.24 26.18 -20.47
N VAL I 202 -19.41 26.82 -21.63
CA VAL I 202 -18.58 27.96 -21.98
C VAL I 202 -18.78 29.07 -20.95
N ILE I 203 -20.03 29.30 -20.56
CA ILE I 203 -20.35 30.32 -19.58
C ILE I 203 -19.68 30.01 -18.24
N GLN I 204 -19.75 28.76 -17.81
CA GLN I 204 -19.14 28.37 -16.55
C GLN I 204 -17.63 28.54 -16.58
N SER I 205 -17.01 28.26 -17.73
CA SER I 205 -15.56 28.40 -17.85
C SER I 205 -15.14 29.85 -17.78
N VAL I 206 -15.97 30.75 -18.31
CA VAL I 206 -15.66 32.17 -18.28
C VAL I 206 -15.71 32.71 -16.85
N ALA I 207 -16.74 32.30 -16.11
CA ALA I 207 -16.90 32.75 -14.73
C ALA I 207 -15.70 32.32 -13.89
N ILE I 208 -15.15 31.16 -14.21
CA ILE I 208 -13.99 30.65 -13.48
C ILE I 208 -12.71 31.38 -13.89
N ALA I 209 -12.46 31.45 -15.21
CA ALA I 209 -11.27 32.11 -15.70
C ALA I 209 -11.19 33.56 -15.27
N ALA I 210 -12.31 34.27 -15.39
CA ALA I 210 -12.36 35.68 -15.02
C ALA I 210 -11.88 35.92 -13.58
N GLY I 211 -12.11 34.94 -12.71
CA GLY I 211 -11.70 35.09 -11.32
C GLY I 211 -10.27 34.74 -11.01
N LEU I 212 -9.50 34.36 -12.02
CA LEU I 212 -8.09 34.01 -11.82
C LEU I 212 -7.18 35.23 -11.86
N GLY I 213 -6.34 35.36 -10.84
CA GLY I 213 -5.44 36.51 -10.77
C GLY I 213 -5.81 37.40 -9.61
N ASN I 214 -4.87 38.25 -9.17
CA ASN I 214 -5.12 39.15 -8.06
C ASN I 214 -5.48 40.55 -8.55
N ASP I 215 -5.63 40.67 -9.86
CA ASP I 215 -5.97 41.92 -10.52
C ASP I 215 -6.44 41.50 -11.91
N SER I 216 -7.73 41.64 -12.18
CA SER I 216 -8.24 41.27 -13.50
C SER I 216 -8.66 42.48 -14.29
N SER I 217 -7.74 43.42 -14.45
CA SER I 217 -8.02 44.65 -15.19
C SER I 217 -7.29 44.63 -16.53
N TYR I 218 -6.51 43.59 -16.76
CA TYR I 218 -5.78 43.46 -18.01
C TYR I 218 -6.07 42.13 -18.69
N THR I 219 -7.11 41.44 -18.24
CA THR I 219 -7.41 40.15 -18.83
C THR I 219 -8.52 40.17 -19.88
N TRP I 220 -8.24 39.48 -20.98
CA TRP I 220 -9.16 39.35 -22.10
C TRP I 220 -9.62 37.91 -22.16
N MSE I 221 -10.65 37.65 -22.95
CA MSE I 221 -11.16 36.31 -23.12
C MSE I 221 -11.02 35.92 -24.58
O MSE I 221 -11.19 36.75 -25.48
CB MSE I 221 -12.64 36.22 -22.72
CG MSE I 221 -12.92 36.42 -21.23
SE MSE I 221 -12.50 34.88 -20.12
CE MSE I 221 -10.90 35.56 -19.26
N LYS I 222 -10.68 34.66 -24.82
CA LYS I 222 -10.55 34.12 -26.17
C LYS I 222 -11.56 32.98 -26.12
N LEU I 223 -12.75 33.22 -26.67
CA LEU I 223 -13.81 32.23 -26.63
C LEU I 223 -14.19 31.60 -27.97
N PRO I 224 -14.83 30.42 -27.93
CA PRO I 224 -15.25 29.72 -29.13
C PRO I 224 -16.66 30.19 -29.51
N VAL I 225 -16.92 30.32 -30.81
CA VAL I 225 -18.24 30.74 -31.25
C VAL I 225 -19.16 29.53 -31.05
N VAL I 226 -20.07 29.65 -30.09
CA VAL I 226 -20.97 28.58 -29.73
C VAL I 226 -22.44 28.94 -29.85
N GLU I 227 -23.30 27.94 -29.63
CA GLU I 227 -24.74 28.11 -29.68
C GLU I 227 -25.16 29.17 -28.66
N GLU I 228 -26.14 30.01 -29.02
CA GLU I 228 -26.65 31.06 -28.11
C GLU I 228 -25.57 32.04 -27.53
N MSE I 229 -24.76 32.64 -28.41
CA MSE I 229 -23.60 33.53 -28.13
C MSE I 229 -23.77 34.90 -27.55
O MSE I 229 -22.78 35.65 -27.33
CB MSE I 229 -22.83 33.77 -29.41
CG MSE I 229 -21.71 32.76 -29.70
SE MSE I 229 -20.32 32.76 -28.38
CE MSE I 229 -19.11 34.02 -29.20
N GLU I 230 -25.00 35.28 -27.27
CA GLU I 230 -25.26 36.64 -26.83
C GLU I 230 -25.59 36.50 -25.37
N ARG I 231 -25.70 35.23 -25.05
CA ARG I 231 -26.00 34.77 -23.74
C ARG I 231 -24.66 34.39 -23.11
N VAL I 232 -23.71 33.96 -23.93
CA VAL I 232 -22.38 33.62 -23.45
C VAL I 232 -21.73 34.95 -23.14
N MSE I 233 -21.98 35.95 -23.98
CA MSE I 233 -21.40 37.27 -23.79
C MSE I 233 -21.94 38.01 -22.58
O MSE I 233 -21.39 39.03 -22.18
CB MSE I 233 -21.57 38.12 -25.05
CG MSE I 233 -20.71 37.68 -26.22
SE MSE I 233 -18.86 37.36 -25.70
CE MSE I 233 -18.82 35.45 -26.03
N GLU I 234 -23.03 37.52 -22.01
CA GLU I 234 -23.60 38.15 -20.83
C GLU I 234 -22.85 37.59 -19.62
N SER I 235 -21.81 36.80 -19.90
CA SER I 235 -20.98 36.18 -18.86
C SER I 235 -19.91 37.11 -18.33
N THR I 236 -19.38 37.97 -19.18
CA THR I 236 -18.35 38.92 -18.76
C THR I 236 -18.49 40.30 -19.36
N THR I 237 -17.71 41.21 -18.80
CA THR I 237 -17.67 42.59 -19.22
C THR I 237 -16.30 42.79 -19.87
N MSE I 238 -15.54 41.71 -19.94
CA MSE I 238 -14.20 41.76 -20.49
C MSE I 238 -14.09 41.68 -22.00
O MSE I 238 -14.89 41.04 -22.67
CB MSE I 238 -13.37 40.64 -19.87
CG MSE I 238 -13.29 40.76 -18.37
SE MSE I 238 -12.50 39.24 -17.53
CE MSE I 238 -11.80 40.13 -15.95
N PRO I 239 -13.07 42.36 -22.55
CA PRO I 239 -12.85 42.38 -24.00
C PRO I 239 -12.65 40.94 -24.47
N THR I 240 -13.38 40.56 -25.51
CA THR I 240 -13.33 39.20 -26.02
C THR I 240 -12.90 39.08 -27.47
N LEU I 241 -12.17 38.02 -27.77
CA LEU I 241 -11.71 37.72 -29.11
C LEU I 241 -12.21 36.32 -29.43
N LEU I 242 -12.67 36.12 -30.65
CA LEU I 242 -13.21 34.82 -31.05
C LEU I 242 -12.15 33.93 -31.70
N LEU I 243 -12.30 32.62 -31.50
CA LEU I 243 -11.37 31.65 -32.07
C LEU I 243 -12.10 30.75 -33.05
N GLY I 244 -11.39 30.26 -34.05
CA GLY I 244 -11.99 29.37 -35.04
C GLY I 244 -11.31 28.01 -34.93
N GLY I 245 -11.91 27.13 -34.14
CA GLY I 245 -11.35 25.81 -33.94
C GLY I 245 -11.13 24.90 -35.14
N GLU I 246 -11.62 23.67 -35.00
CA GLU I 246 -11.52 22.62 -36.01
C GLU I 246 -11.61 23.05 -37.47
N GLY I 247 -12.75 23.58 -37.88
CA GLY I 247 -12.90 24.01 -39.25
C GLY I 247 -14.28 23.77 -39.85
N GLY I 248 -14.63 22.49 -40.04
CA GLY I 248 -15.93 22.17 -40.61
C GLY I 248 -15.88 21.99 -42.12
N PRO I 251 -17.82 25.99 -44.07
CA PRO I 251 -16.89 27.08 -44.39
C PRO I 251 -17.57 28.44 -44.44
N ASP I 252 -18.58 28.55 -45.30
CA ASP I 252 -19.32 29.80 -45.40
C ASP I 252 -20.11 29.96 -44.12
N ALA I 253 -20.64 28.84 -43.62
CA ALA I 253 -21.42 28.83 -42.39
C ALA I 253 -20.55 29.31 -41.24
N THR I 254 -19.27 28.91 -41.25
CA THR I 254 -18.34 29.31 -40.21
C THR I 254 -18.18 30.82 -40.17
N PHE I 255 -17.89 31.41 -41.34
CA PHE I 255 -17.71 32.86 -41.42
C PHE I 255 -18.97 33.61 -40.97
N ALA I 256 -20.13 33.03 -41.26
CA ALA I 256 -21.40 33.63 -40.90
C ALA I 256 -21.58 33.69 -39.38
N SER I 257 -21.20 32.62 -38.68
CA SER I 257 -21.34 32.59 -37.23
C SER I 257 -20.42 33.63 -36.58
N TRP I 258 -19.24 33.83 -37.17
CA TRP I 258 -18.30 34.82 -36.65
C TRP I 258 -18.89 36.20 -36.83
N GLU I 259 -19.40 36.45 -38.03
CA GLU I 259 -20.00 37.74 -38.37
C GLU I 259 -21.09 38.12 -37.36
N HIS I 260 -21.91 37.14 -36.98
CA HIS I 260 -22.96 37.41 -36.01
C HIS I 260 -22.40 37.72 -34.63
N ALA I 261 -21.56 36.81 -34.13
CA ALA I 261 -20.95 36.96 -32.81
C ALA I 261 -20.17 38.25 -32.71
N LEU I 262 -19.55 38.64 -33.83
CA LEU I 262 -18.74 39.84 -33.90
C LEU I 262 -19.53 41.11 -33.56
N THR I 263 -20.85 41.01 -33.60
CA THR I 263 -21.70 42.17 -33.31
C THR I 263 -22.09 42.25 -31.83
N LEU I 264 -21.85 41.17 -31.09
CA LEU I 264 -22.19 41.11 -29.68
C LEU I 264 -21.40 42.05 -28.78
N PRO I 265 -22.00 42.48 -27.67
CA PRO I 265 -21.39 43.40 -26.70
C PRO I 265 -20.06 42.89 -26.15
N GLY I 266 -19.02 43.70 -26.25
CA GLY I 266 -17.73 43.29 -25.73
C GLY I 266 -16.79 42.57 -26.67
N VAL I 267 -17.33 41.99 -27.75
CA VAL I 267 -16.49 41.29 -28.71
C VAL I 267 -15.65 42.32 -29.46
N ARG I 268 -14.33 42.12 -29.43
CA ARG I 268 -13.39 43.05 -30.06
C ARG I 268 -12.68 42.52 -31.30
N GLY I 269 -12.96 41.29 -31.70
CA GLY I 269 -12.31 40.77 -32.89
C GLY I 269 -12.08 39.27 -32.96
N LEU I 270 -11.05 38.90 -33.71
CA LEU I 270 -10.70 37.50 -33.93
C LEU I 270 -9.25 37.15 -33.62
N THR I 271 -9.04 35.89 -33.24
CA THR I 271 -7.71 35.33 -32.97
C THR I 271 -7.86 33.90 -33.47
N VAL I 272 -7.81 33.77 -34.79
CA VAL I 272 -7.99 32.50 -35.47
C VAL I 272 -6.70 31.96 -36.09
N GLY I 273 -6.57 30.63 -36.11
CA GLY I 273 -5.38 30.03 -36.68
C GLY I 273 -5.64 28.92 -37.69
N ARG I 274 -5.90 27.72 -37.20
CA ARG I 274 -6.15 26.55 -38.04
C ARG I 274 -6.96 26.81 -39.31
N THR I 275 -8.07 27.53 -39.19
CA THR I 275 -8.94 27.81 -40.33
C THR I 275 -8.45 28.80 -41.40
N LEU I 276 -7.83 29.90 -41.00
CA LEU I 276 -7.35 30.87 -41.99
C LEU I 276 -6.04 30.41 -42.62
N LEU I 277 -5.24 29.84 -41.85
CA LEU I 277 -4.02 29.39 -42.27
C LEU I 277 -4.49 28.00 -42.53
N TYR I 278 -4.09 27.37 -43.57
CA TYR I 278 -4.62 26.01 -43.73
C TYR I 278 -6.06 25.80 -44.12
N PRO I 279 -6.54 26.62 -45.04
CA PRO I 279 -7.98 26.54 -45.29
C PRO I 279 -8.25 25.28 -46.12
N GLN I 280 -9.53 24.96 -46.33
CA GLN I 280 -9.88 23.78 -47.12
C GLN I 280 -9.05 23.76 -48.40
N ASP I 281 -8.76 24.96 -48.91
CA ASP I 281 -7.96 25.14 -50.12
C ASP I 281 -6.75 26.01 -49.77
N GLY I 282 -5.63 25.75 -50.43
CA GLY I 282 -4.42 26.50 -50.15
C GLY I 282 -4.50 28.01 -50.28
N ASP I 283 -5.70 28.55 -50.47
CA ASP I 283 -5.84 29.99 -50.61
C ASP I 283 -5.85 30.67 -49.25
N VAL I 284 -4.68 30.72 -48.64
CA VAL I 284 -4.53 31.35 -47.33
C VAL I 284 -4.86 32.83 -47.43
N ALA I 285 -4.43 33.45 -48.53
CA ALA I 285 -4.65 34.87 -48.75
C ALA I 285 -6.13 35.28 -48.79
N ALA I 286 -6.92 34.62 -49.63
CA ALA I 286 -8.33 34.95 -49.72
C ALA I 286 -9.04 34.87 -48.36
N ALA I 287 -8.90 33.74 -47.68
CA ALA I 287 -9.52 33.53 -46.37
C ALA I 287 -9.16 34.61 -45.37
N VAL I 288 -7.88 34.92 -45.25
CA VAL I 288 -7.42 35.96 -44.33
C VAL I 288 -8.22 37.23 -44.57
N ASP I 289 -8.30 37.63 -45.83
CA ASP I 289 -9.03 38.83 -46.21
C ASP I 289 -10.53 38.74 -45.90
N THR I 290 -11.09 37.54 -46.08
CA THR I 290 -12.50 37.33 -45.80
C THR I 290 -12.74 37.66 -44.33
N ALA I 291 -11.85 37.16 -43.47
CA ALA I 291 -11.95 37.40 -42.05
C ALA I 291 -11.65 38.87 -41.75
N ALA I 292 -10.57 39.37 -42.33
CA ALA I 292 -10.16 40.76 -42.14
C ALA I 292 -11.34 41.72 -42.25
N ARG I 293 -11.97 41.73 -43.41
CA ARG I 293 -13.11 42.62 -43.66
C ARG I 293 -14.24 42.37 -42.66
N LEU I 294 -14.32 41.14 -42.15
CA LEU I 294 -15.35 40.78 -41.19
C LEU I 294 -15.05 41.46 -39.85
N VAL I 295 -13.77 41.74 -39.61
CA VAL I 295 -13.33 42.39 -38.37
C VAL I 295 -13.29 43.92 -38.51
N HIS I 296 -12.61 44.39 -39.55
CA HIS I 296 -12.52 45.82 -39.82
C HIS I 296 -13.38 46.10 -41.05
N THR I 297 -14.62 46.49 -40.81
CA THR I 297 -15.55 46.78 -41.90
C THR I 297 -15.00 47.72 -42.98
N ASP I 298 -13.77 48.17 -42.79
CA ASP I 298 -13.11 49.07 -43.75
C ASP I 298 -13.83 50.39 -43.93
N ILE I 299 -14.43 50.91 -42.86
CA ILE I 299 -15.15 52.17 -42.94
C ILE I 299 -14.19 53.33 -43.23
N PRO J 3 -36.57 51.96 -13.03
CA PRO J 3 -35.27 52.58 -13.37
C PRO J 3 -34.11 51.71 -12.90
N PRO J 4 -33.28 51.23 -13.84
CA PRO J 4 -32.14 50.37 -13.48
C PRO J 4 -31.05 51.18 -12.77
N ILE J 5 -30.36 50.55 -11.82
CA ILE J 5 -29.30 51.24 -11.09
C ILE J 5 -28.10 51.52 -11.99
N ILE J 6 -27.78 50.58 -12.87
CA ILE J 6 -26.68 50.76 -13.78
C ILE J 6 -27.21 51.00 -15.18
N SER J 7 -27.05 52.22 -15.66
CA SER J 7 -27.51 52.59 -16.99
C SER J 7 -26.73 51.82 -18.02
N PRO J 8 -27.41 51.29 -19.05
CA PRO J 8 -26.70 50.52 -20.08
C PRO J 8 -25.52 51.27 -20.71
N GLU J 9 -25.52 52.59 -20.59
CA GLU J 9 -24.44 53.39 -21.16
C GLU J 9 -23.20 53.28 -20.27
N SER J 10 -23.42 53.02 -18.98
CA SER J 10 -22.33 52.87 -18.03
C SER J 10 -21.58 51.58 -18.31
N PHE J 11 -22.33 50.52 -18.62
CA PHE J 11 -21.71 49.23 -18.93
C PHE J 11 -20.83 49.39 -20.16
N GLU J 12 -21.34 50.07 -21.17
CA GLU J 12 -20.55 50.29 -22.38
C GLU J 12 -19.24 50.95 -21.92
N ALA J 13 -19.37 51.93 -21.03
CA ALA J 13 -18.21 52.63 -20.50
C ALA J 13 -17.28 51.66 -19.79
N LEU J 14 -17.85 50.79 -18.95
CA LEU J 14 -17.04 49.80 -18.24
C LEU J 14 -16.28 49.00 -19.30
N ARG J 15 -17.02 48.40 -20.23
CA ARG J 15 -16.43 47.60 -21.30
C ARG J 15 -15.32 48.31 -22.08
N ARG J 16 -15.54 49.56 -22.45
CA ARG J 16 -14.53 50.28 -23.22
C ARG J 16 -13.29 50.61 -22.40
N MSE J 17 -13.47 50.82 -21.10
CA MSE J 17 -12.34 51.14 -20.23
C MSE J 17 -11.40 49.93 -20.19
O MSE J 17 -10.18 50.08 -20.29
CB MSE J 17 -12.84 51.47 -18.82
CG MSE J 17 -11.75 51.88 -17.86
SE MSE J 17 -12.46 52.37 -16.14
CE MSE J 17 -12.66 54.28 -16.45
N ARG J 18 -11.98 48.75 -20.05
CA ARG J 18 -11.24 47.49 -19.99
C ARG J 18 -10.49 47.15 -21.27
N ALA J 19 -10.90 47.74 -22.38
CA ALA J 19 -10.27 47.46 -23.65
C ALA J 19 -9.26 48.52 -24.09
N ALA J 20 -9.59 49.79 -23.91
CA ALA J 20 -8.70 50.86 -24.33
C ALA J 20 -7.98 51.59 -23.18
N GLU J 21 -8.58 51.63 -22.00
CA GLU J 21 -7.97 52.31 -20.87
C GLU J 21 -7.89 51.46 -19.60
N PRO J 22 -7.22 50.31 -19.65
CA PRO J 22 -7.14 49.48 -18.45
C PRO J 22 -6.56 50.18 -17.23
N THR J 23 -5.53 51.01 -17.42
CA THR J 23 -4.93 51.71 -16.28
C THR J 23 -5.96 52.44 -15.45
N MSE J 24 -7.04 52.89 -16.10
CA MSE J 24 -8.07 53.63 -15.39
C MSE J 24 -8.78 52.80 -14.33
O MSE J 24 -9.24 53.35 -13.32
CB MSE J 24 -9.09 54.21 -16.37
CG MSE J 24 -8.57 55.42 -17.12
SE MSE J 24 -7.90 56.82 -15.93
CE MSE J 24 -6.01 56.44 -16.05
N VAL J 25 -8.87 51.50 -14.53
CA VAL J 25 -9.55 50.65 -13.56
C VAL J 25 -8.88 50.80 -12.20
N ALA J 26 -7.57 50.59 -12.15
CA ALA J 26 -6.84 50.71 -10.91
C ALA J 26 -6.90 52.14 -10.37
N GLU J 27 -6.82 53.12 -11.25
CA GLU J 27 -6.87 54.50 -10.82
C GLU J 27 -8.17 54.81 -10.08
N ARG J 28 -9.29 54.39 -10.63
CA ARG J 28 -10.59 54.63 -10.01
C ARG J 28 -10.72 53.91 -8.67
N PHE J 29 -9.92 52.88 -8.48
CA PHE J 29 -9.93 52.09 -7.26
C PHE J 29 -9.18 52.82 -6.14
N LYS J 30 -8.00 53.35 -6.48
CA LYS J 30 -7.16 54.06 -5.51
C LYS J 30 -7.70 55.45 -5.16
N GLN J 31 -8.55 56.01 -6.02
CA GLN J 31 -9.14 57.33 -5.78
C GLN J 31 -10.36 57.16 -4.89
N ARG J 32 -10.86 55.93 -4.85
CA ARG J 32 -12.02 55.54 -4.05
C ARG J 32 -11.96 56.10 -2.63
N ARG J 33 -13.04 56.76 -2.18
CA ARG J 33 -13.06 57.32 -0.84
C ARG J 33 -13.23 56.21 0.21
N LYS J 34 -12.12 55.83 0.84
CA LYS J 34 -12.12 54.78 1.86
C LYS J 34 -12.78 55.20 3.16
N ARG J 35 -13.17 54.22 3.96
CA ARG J 35 -13.82 54.46 5.24
C ARG J 35 -13.23 53.55 6.32
N GLU J 36 -13.70 53.71 7.54
CA GLU J 36 -13.25 52.89 8.66
C GLU J 36 -13.89 51.51 8.55
N LEU J 37 -13.29 50.53 9.21
CA LEU J 37 -13.80 49.17 9.17
C LEU J 37 -15.08 49.08 9.98
N LEU J 38 -15.07 49.67 11.17
CA LEU J 38 -16.24 49.65 12.03
C LEU J 38 -16.69 51.06 12.41
N GLY J 39 -18.00 51.28 12.31
CA GLY J 39 -18.57 52.58 12.63
C GLY J 39 -18.95 52.70 14.09
N GLU J 40 -20.06 53.38 14.34
CA GLU J 40 -20.56 53.61 15.69
C GLU J 40 -21.01 52.34 16.39
N ASP J 41 -21.97 51.63 15.79
CA ASP J 41 -22.48 50.41 16.39
C ASP J 41 -21.45 49.28 16.40
N GLY J 42 -20.32 49.50 15.74
CA GLY J 42 -19.28 48.49 15.70
C GLY J 42 -19.72 47.22 14.98
N LYS J 43 -20.69 47.36 14.09
CA LYS J 43 -21.21 46.24 13.33
C LYS J 43 -20.84 46.33 11.86
N LEU J 44 -20.77 45.18 11.20
CA LEU J 44 -20.43 45.14 9.79
C LEU J 44 -21.44 44.31 9.03
N PHE J 45 -21.84 44.80 7.84
CA PHE J 45 -22.80 44.10 6.99
C PHE J 45 -22.30 44.08 5.56
N ILE J 46 -21.88 42.91 5.10
CA ILE J 46 -21.34 42.76 3.76
C ILE J 46 -22.10 41.77 2.90
N VAL J 47 -22.19 42.06 1.60
CA VAL J 47 -22.88 41.21 0.66
C VAL J 47 -21.86 40.43 -0.19
N ALA J 48 -21.91 39.11 -0.09
CA ALA J 48 -20.98 38.25 -0.81
C ALA J 48 -21.40 37.89 -2.23
N ALA J 49 -20.41 37.85 -3.12
CA ALA J 49 -20.62 37.51 -4.53
C ALA J 49 -19.36 36.91 -5.14
N ASP J 50 -18.76 35.95 -4.45
CA ASP J 50 -17.54 35.32 -4.97
C ASP J 50 -17.77 33.87 -5.40
N HIS J 51 -19.04 33.49 -5.54
CA HIS J 51 -19.40 32.13 -5.93
C HIS J 51 -19.09 31.82 -7.40
N PRO J 52 -19.39 32.74 -8.32
CA PRO J 52 -19.09 32.43 -9.72
C PRO J 52 -17.67 31.90 -9.93
N ALA J 53 -16.67 32.66 -9.48
CA ALA J 53 -15.27 32.26 -9.63
C ALA J 53 -14.97 30.83 -9.19
N ARG J 54 -15.78 30.29 -8.27
CA ARG J 54 -15.55 28.93 -7.80
C ARG J 54 -16.33 27.94 -8.65
N GLY J 55 -17.01 28.45 -9.66
CA GLY J 55 -17.78 27.59 -10.56
C GLY J 55 -19.16 27.21 -10.03
N ALA J 56 -19.70 28.02 -9.12
CA ALA J 56 -21.01 27.76 -8.54
C ALA J 56 -21.99 28.88 -8.88
N LEU J 57 -22.73 28.73 -9.97
CA LEU J 57 -23.70 29.74 -10.39
C LEU J 57 -25.11 29.44 -9.84
N ALA J 58 -25.26 28.29 -9.21
CA ALA J 58 -26.56 27.89 -8.66
C ALA J 58 -27.09 28.74 -7.51
N VAL J 59 -28.41 28.67 -7.33
CA VAL J 59 -29.14 29.37 -6.28
C VAL J 59 -30.42 28.55 -6.08
N GLY J 60 -31.09 28.27 -7.18
CA GLY J 60 -32.32 27.48 -7.19
C GLY J 60 -32.33 26.77 -8.53
N ASP J 61 -31.52 27.30 -9.43
CA ASP J 61 -31.36 26.77 -10.78
C ASP J 61 -29.86 26.90 -11.06
N ASN J 62 -29.22 25.77 -11.33
CA ASN J 62 -27.79 25.75 -11.59
C ASN J 62 -27.34 26.76 -12.63
N GLU J 63 -27.35 26.35 -13.90
CA GLU J 63 -26.93 27.20 -15.02
C GLU J 63 -27.22 28.69 -14.84
N THR J 64 -28.48 29.07 -14.99
CA THR J 64 -28.86 30.47 -14.83
C THR J 64 -28.50 30.91 -13.41
N ALA J 65 -28.72 32.19 -13.11
CA ALA J 65 -28.41 32.74 -11.80
C ALA J 65 -26.90 32.88 -11.69
N MSE J 66 -26.43 34.10 -11.47
CA MSE J 66 -25.01 34.38 -11.35
C MSE J 66 -24.29 34.08 -12.65
O MSE J 66 -23.11 34.38 -12.81
CB MSE J 66 -24.41 33.57 -10.19
CG MSE J 66 -25.16 33.74 -8.89
SE MSE J 66 -24.11 33.37 -7.32
CE MSE J 66 -23.37 35.12 -7.01
N ALA J 67 -25.01 33.48 -13.60
CA ALA J 67 -24.45 33.14 -14.89
C ALA J 67 -24.23 34.41 -15.71
N ASN J 68 -25.17 35.33 -15.61
CA ASN J 68 -25.12 36.61 -16.33
C ASN J 68 -24.44 37.66 -15.45
N ARG J 69 -23.22 38.05 -15.81
CA ARG J 69 -22.51 39.04 -15.00
C ARG J 69 -23.30 40.34 -14.88
N TYR J 70 -23.77 40.86 -16.00
CA TYR J 70 -24.53 42.11 -15.98
C TYR J 70 -25.63 42.16 -14.93
N GLU J 71 -26.39 41.08 -14.78
CA GLU J 71 -27.44 41.08 -13.77
C GLU J 71 -26.82 40.93 -12.41
N LEU J 72 -25.75 40.15 -12.31
CA LEU J 72 -25.09 39.96 -11.03
C LEU J 72 -24.69 41.33 -10.53
N LEU J 73 -24.03 42.10 -11.39
CA LEU J 73 -23.58 43.44 -11.06
C LEU J 73 -24.74 44.38 -10.72
N GLU J 74 -25.85 44.23 -11.45
CA GLU J 74 -27.03 45.06 -11.22
C GLU J 74 -27.54 44.84 -9.80
N ARG J 75 -27.83 43.59 -9.48
CA ARG J 75 -28.32 43.21 -8.16
C ARG J 75 -27.37 43.72 -7.09
N MSE J 76 -26.07 43.62 -7.37
CA MSE J 76 -25.05 44.08 -6.43
C MSE J 76 -25.22 45.57 -6.20
O MSE J 76 -25.31 46.03 -5.06
CB MSE J 76 -23.65 43.80 -6.98
CG MSE J 76 -22.88 42.71 -6.24
SE MSE J 76 -22.60 43.14 -4.37
CE MSE J 76 -24.12 42.25 -3.64
N ALA J 77 -25.27 46.33 -7.29
CA ALA J 77 -25.44 47.77 -7.21
C ALA J 77 -26.63 48.12 -6.33
N ILE J 78 -27.68 47.30 -6.41
CA ILE J 78 -28.88 47.52 -5.61
C ILE J 78 -28.58 47.40 -4.12
N ALA J 79 -28.08 46.24 -3.71
CA ALA J 79 -27.77 46.02 -2.30
C ALA J 79 -26.88 47.14 -1.75
N LEU J 80 -25.90 47.58 -2.55
CA LEU J 80 -24.98 48.63 -2.12
C LEU J 80 -25.62 50.02 -2.08
N SER J 81 -26.68 50.21 -2.86
CA SER J 81 -27.36 51.50 -2.88
C SER J 81 -28.21 51.70 -1.64
N ARG J 82 -28.52 50.60 -0.96
CA ARG J 82 -29.35 50.65 0.23
C ARG J 82 -28.56 51.12 1.45
N PRO J 83 -29.26 51.73 2.41
CA PRO J 83 -28.57 52.19 3.62
C PRO J 83 -28.30 50.97 4.49
N GLY J 84 -27.26 51.04 5.30
CA GLY J 84 -26.93 49.92 6.16
C GLY J 84 -25.83 49.02 5.64
N VAL J 85 -25.85 48.73 4.33
CA VAL J 85 -24.83 47.85 3.76
C VAL J 85 -23.45 48.51 3.77
N ASP J 86 -22.53 47.90 4.51
CA ASP J 86 -21.18 48.42 4.64
C ASP J 86 -20.26 48.03 3.49
N GLY J 87 -20.49 46.88 2.87
CA GLY J 87 -19.61 46.49 1.78
C GLY J 87 -19.90 45.23 0.99
N VAL J 88 -18.95 44.89 0.12
CA VAL J 88 -19.06 43.73 -0.74
C VAL J 88 -17.83 42.83 -0.76
N LEU J 89 -18.09 41.53 -0.73
CA LEU J 89 -17.06 40.51 -0.77
C LEU J 89 -17.08 39.90 -2.17
N GLY J 90 -15.92 39.87 -2.82
CA GLY J 90 -15.88 39.31 -4.15
C GLY J 90 -14.48 39.04 -4.67
N THR J 91 -14.43 38.41 -5.84
CA THR J 91 -13.18 38.10 -6.49
C THR J 91 -12.73 39.36 -7.23
N PRO J 92 -11.45 39.46 -7.59
CA PRO J 92 -10.92 40.64 -8.29
C PRO J 92 -11.70 41.11 -9.53
N ASP J 93 -12.33 40.18 -10.24
CA ASP J 93 -13.09 40.52 -11.44
C ASP J 93 -14.41 41.20 -11.06
N ILE J 94 -14.96 40.83 -9.90
CA ILE J 94 -16.19 41.44 -9.43
C ILE J 94 -15.90 42.82 -8.87
N ILE J 95 -14.84 42.92 -8.07
CA ILE J 95 -14.48 44.19 -7.48
C ILE J 95 -14.04 45.21 -8.52
N ASP J 96 -13.34 44.76 -9.56
CA ASP J 96 -12.88 45.68 -10.59
C ASP J 96 -14.03 46.39 -11.27
N ASP J 97 -15.06 45.64 -11.68
CA ASP J 97 -16.19 46.26 -12.35
C ASP J 97 -16.88 47.29 -11.45
N LEU J 98 -17.16 46.91 -10.21
CA LEU J 98 -17.81 47.81 -9.25
C LEU J 98 -17.01 49.09 -9.04
N ALA J 99 -15.71 48.94 -8.79
CA ALA J 99 -14.82 50.06 -8.57
C ALA J 99 -14.79 51.04 -9.74
N ALA J 100 -14.88 50.50 -10.95
CA ALA J 100 -14.87 51.33 -12.17
C ALA J 100 -16.24 51.97 -12.36
N LEU J 101 -17.27 51.25 -11.94
CA LEU J 101 -18.64 51.75 -12.03
C LEU J 101 -18.85 52.80 -10.93
N GLY J 102 -17.77 53.09 -10.19
CA GLY J 102 -17.81 54.07 -9.13
C GLY J 102 -18.82 53.86 -8.02
N LEU J 103 -19.11 52.60 -7.70
CA LEU J 103 -20.09 52.29 -6.66
C LEU J 103 -19.42 51.85 -5.36
N LEU J 104 -18.11 52.08 -5.24
CA LEU J 104 -17.39 51.65 -4.05
C LEU J 104 -16.84 52.74 -3.13
N ASP J 105 -17.49 53.91 -3.10
CA ASP J 105 -17.04 54.98 -2.23
C ASP J 105 -17.61 54.76 -0.83
N ASP J 106 -16.81 55.00 0.19
CA ASP J 106 -17.23 54.82 1.58
C ASP J 106 -17.70 53.39 1.84
N LYS J 107 -17.17 52.45 1.06
CA LYS J 107 -17.55 51.05 1.19
C LYS J 107 -16.38 50.17 1.61
N ILE J 108 -16.70 49.07 2.31
CA ILE J 108 -15.70 48.11 2.76
C ILE J 108 -15.56 46.99 1.72
N VAL J 109 -14.39 46.90 1.06
CA VAL J 109 -14.16 45.86 0.06
C VAL J 109 -13.47 44.63 0.64
N VAL J 110 -14.06 43.46 0.43
CA VAL J 110 -13.46 42.21 0.91
C VAL J 110 -13.12 41.33 -0.29
N GLY J 111 -11.84 41.00 -0.44
CA GLY J 111 -11.44 40.19 -1.58
C GLY J 111 -11.31 38.71 -1.29
N SER J 112 -11.85 37.90 -2.19
CA SER J 112 -11.77 36.46 -2.06
C SER J 112 -10.35 36.05 -2.47
N MSE J 113 -9.76 35.13 -1.74
CA MSE J 113 -8.39 34.70 -2.03
C MSE J 113 -8.24 33.36 -2.74
O MSE J 113 -7.45 33.24 -3.67
CB MSE J 113 -7.56 34.64 -0.74
CG MSE J 113 -7.40 35.96 -0.01
SE MSE J 113 -6.12 35.76 1.44
CE MSE J 113 -4.51 36.05 0.43
N ASN J 114 -8.98 32.36 -2.28
CA ASN J 114 -8.88 31.02 -2.88
C ASN J 114 -10.19 30.54 -3.51
N ARG J 115 -10.10 30.09 -4.75
CA ARG J 115 -11.26 29.59 -5.51
C ARG J 115 -10.89 28.29 -6.26
N GLY J 116 -9.70 27.76 -5.98
CA GLY J 116 -9.25 26.56 -6.65
C GLY J 116 -10.13 25.33 -6.52
N GLY J 117 -10.70 25.12 -5.34
CA GLY J 117 -11.57 23.96 -5.13
C GLY J 117 -12.90 24.14 -5.81
N LEU J 118 -12.90 24.03 -7.14
CA LEU J 118 -14.10 24.19 -7.95
C LEU J 118 -15.22 23.24 -7.58
N ARG J 119 -16.44 23.75 -7.66
CA ARG J 119 -17.62 22.95 -7.35
C ARG J 119 -17.71 21.75 -8.28
N GLY J 120 -17.87 20.56 -7.71
CA GLY J 120 -17.99 19.35 -8.50
C GLY J 120 -16.68 18.74 -8.97
N ALA J 121 -15.56 19.32 -8.57
CA ALA J 121 -14.25 18.81 -8.98
C ALA J 121 -13.80 17.67 -8.09
N SER J 122 -13.06 16.72 -8.65
CA SER J 122 -12.56 15.60 -7.87
C SER J 122 -11.52 16.17 -6.91
N PHE J 123 -11.02 17.35 -7.25
CA PHE J 123 -10.00 18.02 -6.46
C PHE J 123 -10.52 19.24 -5.70
N GLU J 124 -11.81 19.34 -5.43
CA GLU J 124 -12.26 20.54 -4.75
C GLU J 124 -11.87 20.71 -3.28
N MSE J 125 -11.24 19.70 -2.69
CA MSE J 125 -10.79 19.85 -1.31
C MSE J 125 -9.41 20.52 -1.35
O MSE J 125 -8.94 21.06 -0.35
CB MSE J 125 -10.69 18.49 -0.60
CG MSE J 125 -12.05 17.89 -0.24
SE MSE J 125 -13.31 19.19 0.52
CE MSE J 125 -12.31 19.75 2.06
N ASP J 126 -8.80 20.50 -2.53
CA ASP J 126 -7.49 21.11 -2.77
C ASP J 126 -7.77 22.52 -3.27
N ASP J 127 -8.35 23.32 -2.38
CA ASP J 127 -8.76 24.70 -2.66
C ASP J 127 -7.58 25.69 -2.76
N ARG J 128 -6.88 25.67 -3.89
CA ARG J 128 -5.74 26.53 -4.10
C ARG J 128 -6.03 28.04 -4.17
N TYR J 129 -5.02 28.84 -3.85
CA TYR J 129 -5.14 30.29 -3.85
C TYR J 129 -4.96 30.85 -5.26
N THR J 130 -6.11 31.17 -5.86
CA THR J 130 -6.18 31.66 -7.23
C THR J 130 -6.65 33.10 -7.44
N GLY J 131 -7.04 33.78 -6.38
CA GLY J 131 -7.52 35.14 -6.55
C GLY J 131 -6.65 36.21 -5.94
N TYR J 132 -7.23 37.02 -5.05
CA TYR J 132 -6.51 38.09 -4.38
C TYR J 132 -5.43 37.52 -3.47
N ASN J 133 -4.33 38.26 -3.35
CA ASN J 133 -3.27 37.89 -2.42
C ASN J 133 -3.04 39.18 -1.64
N VAL J 134 -2.41 39.08 -0.47
CA VAL J 134 -2.20 40.25 0.35
C VAL J 134 -1.50 41.40 -0.39
N SER J 135 -0.50 41.06 -1.19
CA SER J 135 0.23 42.07 -1.94
C SER J 135 -0.68 42.99 -2.75
N SER J 136 -1.55 42.39 -3.57
CA SER J 136 -2.45 43.18 -4.40
C SER J 136 -3.54 43.90 -3.61
N MSE J 137 -3.94 43.31 -2.47
CA MSE J 137 -4.97 43.93 -1.65
C MSE J 137 -4.40 45.18 -0.98
O MSE J 137 -5.05 46.23 -0.96
CB MSE J 137 -5.48 42.95 -0.61
CG MSE J 137 -6.14 41.73 -1.21
SE MSE J 137 -7.14 40.69 0.09
CE MSE J 137 -8.89 41.27 -0.40
N VAL J 138 -3.21 45.06 -0.43
CA VAL J 138 -2.56 46.20 0.22
C VAL J 138 -2.36 47.31 -0.80
N ASP J 139 -1.87 46.95 -1.98
CA ASP J 139 -1.62 47.92 -3.04
C ASP J 139 -2.90 48.60 -3.52
N ARG J 140 -3.96 47.82 -3.68
CA ARG J 140 -5.23 48.34 -4.18
C ARG J 140 -6.04 49.06 -3.13
N GLY J 141 -5.86 48.69 -1.87
CA GLY J 141 -6.59 49.31 -0.80
C GLY J 141 -7.81 48.54 -0.34
N VAL J 142 -7.90 47.24 -0.65
CA VAL J 142 -9.06 46.50 -0.19
C VAL J 142 -8.91 46.48 1.32
N ASP J 143 -10.03 46.46 2.03
CA ASP J 143 -10.01 46.51 3.48
C ASP J 143 -9.99 45.19 4.23
N PHE J 144 -10.39 44.12 3.57
CA PHE J 144 -10.53 42.83 4.23
C PHE J 144 -10.16 41.68 3.30
N ALA J 145 -9.63 40.60 3.88
CA ALA J 145 -9.28 39.41 3.10
C ALA J 145 -10.19 38.28 3.56
N LYS J 146 -10.53 37.36 2.66
CA LYS J 146 -11.39 36.24 3.04
C LYS J 146 -10.91 34.93 2.40
N THR J 147 -11.05 33.85 3.15
CA THR J 147 -10.62 32.52 2.71
C THR J 147 -11.66 31.46 3.01
N LEU J 148 -11.70 30.43 2.18
CA LEU J 148 -12.62 29.32 2.39
C LEU J 148 -11.73 28.18 2.87
N VAL J 149 -11.99 27.67 4.08
CA VAL J 149 -11.18 26.60 4.64
C VAL J 149 -12.02 25.38 4.96
N ARG J 150 -12.28 24.55 3.94
CA ARG J 150 -13.05 23.34 4.15
C ARG J 150 -12.08 22.24 4.56
N ILE J 151 -12.40 21.59 5.68
CA ILE J 151 -11.55 20.54 6.22
C ILE J 151 -12.17 19.16 6.07
N ASN J 152 -11.64 18.40 5.12
CA ASN J 152 -12.13 17.03 4.86
C ASN J 152 -11.08 16.03 5.33
N LEU J 153 -11.34 15.43 6.49
CA LEU J 153 -10.43 14.48 7.10
C LEU J 153 -10.01 13.28 6.26
N SER J 154 -10.82 12.89 5.28
CA SER J 154 -10.46 11.74 4.46
C SER J 154 -9.88 12.12 3.10
N ASP J 155 -9.67 13.42 2.87
CA ASP J 155 -9.13 13.89 1.61
C ASP J 155 -7.79 14.61 1.77
N ALA J 156 -6.73 14.01 1.23
CA ALA J 156 -5.39 14.58 1.32
C ALA J 156 -5.28 16.02 0.83
N GLY J 157 -6.22 16.43 -0.01
CA GLY J 157 -6.21 17.78 -0.53
C GLY J 157 -6.35 18.83 0.55
N THR J 158 -6.91 18.42 1.69
CA THR J 158 -7.09 19.35 2.81
C THR J 158 -5.73 19.81 3.33
N ALA J 159 -4.77 18.91 3.35
CA ALA J 159 -3.43 19.21 3.84
C ALA J 159 -2.83 20.47 3.21
N PRO J 160 -2.63 20.49 1.88
CA PRO J 160 -2.06 21.71 1.32
C PRO J 160 -2.91 22.96 1.52
N THR J 161 -4.21 22.78 1.70
CA THR J 161 -5.11 23.92 1.91
C THR J 161 -4.90 24.51 3.30
N LEU J 162 -4.67 23.65 4.29
CA LEU J 162 -4.46 24.13 5.65
C LEU J 162 -3.17 24.96 5.66
N GLU J 163 -2.13 24.43 5.04
CA GLU J 163 -0.84 25.11 4.99
C GLU J 163 -0.90 26.43 4.21
N ALA J 164 -1.61 26.43 3.09
CA ALA J 164 -1.72 27.65 2.29
C ALA J 164 -2.52 28.71 3.04
N THR J 165 -3.51 28.27 3.80
CA THR J 165 -4.33 29.19 4.58
C THR J 165 -3.46 29.80 5.67
N ALA J 166 -2.60 28.99 6.28
CA ALA J 166 -1.71 29.47 7.32
C ALA J 166 -0.80 30.55 6.75
N HIS J 167 -0.32 30.32 5.53
CA HIS J 167 0.55 31.29 4.89
C HIS J 167 -0.22 32.59 4.60
N ALA J 168 -1.48 32.47 4.20
CA ALA J 168 -2.28 33.65 3.92
C ALA J 168 -2.42 34.49 5.18
N VAL J 169 -2.67 33.83 6.31
CA VAL J 169 -2.81 34.54 7.58
C VAL J 169 -1.49 35.20 7.95
N ASN J 170 -0.38 34.49 7.73
CA ASN J 170 0.95 35.04 8.03
C ASN J 170 1.07 36.40 7.35
N GLU J 171 0.82 36.41 6.05
CA GLU J 171 0.92 37.63 5.25
C GLU J 171 -0.11 38.69 5.63
N ALA J 172 -1.35 38.28 5.85
CA ALA J 172 -2.40 39.22 6.20
C ALA J 172 -2.10 39.90 7.54
N ALA J 173 -1.71 39.11 8.53
CA ALA J 173 -1.38 39.64 9.84
C ALA J 173 -0.20 40.60 9.77
N ALA J 174 0.86 40.18 9.08
CA ALA J 174 2.05 41.01 8.95
C ALA J 174 1.75 42.36 8.27
N ALA J 175 0.72 42.39 7.44
CA ALA J 175 0.34 43.61 6.74
C ALA J 175 -0.77 44.33 7.50
N GLN J 176 -1.16 43.77 8.64
CA GLN J 176 -2.22 44.34 9.46
C GLN J 176 -3.52 44.45 8.66
N LEU J 177 -3.76 43.43 7.86
CA LEU J 177 -4.95 43.35 7.02
C LEU J 177 -5.89 42.32 7.61
N PRO J 178 -7.08 42.74 8.06
CA PRO J 178 -8.03 41.79 8.65
C PRO J 178 -8.29 40.63 7.68
N ILE J 179 -8.29 39.40 8.20
CA ILE J 179 -8.53 38.24 7.36
C ILE J 179 -9.63 37.35 7.94
N MSE J 180 -10.64 37.14 7.10
CA MSE J 180 -11.85 36.39 7.39
C MSE J 180 -11.72 34.93 6.92
O MSE J 180 -11.51 34.67 5.74
CB MSE J 180 -12.97 37.09 6.63
CG MSE J 180 -14.40 36.75 6.97
SE MSE J 180 -15.51 37.68 5.64
CE MSE J 180 -15.25 39.51 6.23
N LEU J 181 -11.84 33.97 7.85
CA LEU J 181 -11.74 32.56 7.47
C LEU J 181 -13.12 31.90 7.58
N GLU J 182 -13.53 31.20 6.54
CA GLU J 182 -14.82 30.51 6.51
C GLU J 182 -14.51 29.02 6.64
N PRO J 183 -14.55 28.49 7.88
CA PRO J 183 -14.27 27.07 8.12
C PRO J 183 -15.48 26.16 8.00
N PHE J 184 -15.20 24.88 7.78
CA PHE J 184 -16.22 23.85 7.63
C PHE J 184 -15.55 22.49 7.75
N MSE J 185 -16.30 21.51 8.24
CA MSE J 185 -15.81 20.15 8.29
C MSE J 185 -16.59 19.64 7.09
O MSE J 185 -17.78 19.91 6.95
CB MSE J 185 -16.26 19.44 9.57
CG MSE J 185 -15.64 19.95 10.86
SE MSE J 185 -13.70 19.73 10.97
CE MSE J 185 -13.20 21.35 10.11
N SER J 186 -15.93 18.93 6.18
CA SER J 186 -16.61 18.43 4.99
C SER J 186 -16.34 16.95 4.77
N ASN J 187 -17.30 16.29 4.13
CA ASN J 187 -17.16 14.87 3.85
C ASN J 187 -17.61 14.55 2.44
N TRP J 188 -17.09 13.46 1.90
CA TRP J 188 -17.49 13.01 0.58
C TRP J 188 -18.68 12.10 0.80
N VAL J 189 -19.81 12.45 0.20
CA VAL J 189 -21.03 11.66 0.33
C VAL J 189 -21.66 11.47 -1.04
N ASN J 190 -21.61 10.23 -1.54
CA ASN J 190 -22.16 9.93 -2.85
C ASN J 190 -21.44 10.72 -3.93
N GLY J 191 -20.12 10.80 -3.82
CA GLY J 191 -19.33 11.51 -4.81
C GLY J 191 -19.42 13.02 -4.79
N LYS J 192 -20.06 13.58 -3.76
CA LYS J 192 -20.19 15.03 -3.66
C LYS J 192 -19.72 15.51 -2.29
N VAL J 193 -19.28 16.76 -2.22
CA VAL J 193 -18.81 17.33 -0.98
C VAL J 193 -19.96 17.97 -0.22
N VAL J 194 -20.19 17.52 1.02
CA VAL J 194 -21.25 18.08 1.83
C VAL J 194 -20.65 18.59 3.14
N ASN J 195 -20.92 19.85 3.47
CA ASN J 195 -20.41 20.42 4.71
C ASN J 195 -21.24 19.89 5.87
N ASP J 196 -20.56 19.53 6.96
CA ASP J 196 -21.24 19.02 8.14
C ASP J 196 -21.69 20.20 8.99
N LEU J 197 -22.99 20.48 8.98
CA LEU J 197 -23.51 21.62 9.75
C LEU J 197 -23.94 21.30 11.17
N SER J 198 -23.52 20.15 11.70
CA SER J 198 -23.89 19.81 13.08
C SER J 198 -23.09 20.72 14.00
N THR J 199 -23.66 21.06 15.15
CA THR J 199 -23.02 21.94 16.11
C THR J 199 -21.57 21.58 16.43
N ASP J 200 -21.32 20.31 16.75
CA ASP J 200 -19.96 19.90 17.09
C ASP J 200 -18.95 20.00 15.94
N ALA J 201 -19.41 19.80 14.71
CA ALA J 201 -18.52 19.89 13.57
C ALA J 201 -18.08 21.35 13.38
N VAL J 202 -19.03 22.27 13.49
CA VAL J 202 -18.72 23.68 13.33
C VAL J 202 -17.71 24.10 14.39
N ILE J 203 -17.93 23.64 15.62
CA ILE J 203 -17.04 23.97 16.72
C ILE J 203 -15.63 23.43 16.44
N GLN J 204 -15.54 22.19 15.98
CA GLN J 204 -14.25 21.60 15.68
C GLN J 204 -13.52 22.36 14.58
N SER J 205 -14.28 22.83 13.58
CA SER J 205 -13.67 23.56 12.47
C SER J 205 -13.11 24.90 12.93
N VAL J 206 -13.79 25.53 13.89
CA VAL J 206 -13.33 26.81 14.40
C VAL J 206 -12.03 26.65 15.18
N ALA J 207 -11.96 25.62 16.02
CA ALA J 207 -10.77 25.36 16.81
C ALA J 207 -9.56 25.15 15.91
N ILE J 208 -9.79 24.54 14.76
CA ILE J 208 -8.72 24.27 13.81
C ILE J 208 -8.33 25.54 13.05
N ALA J 209 -9.32 26.22 12.48
CA ALA J 209 -9.06 27.44 11.72
C ALA J 209 -8.37 28.51 12.57
N ALA J 210 -8.86 28.69 13.80
CA ALA J 210 -8.28 29.69 14.69
C ALA J 210 -6.79 29.49 14.90
N GLY J 211 -6.33 28.24 14.82
CA GLY J 211 -4.93 27.96 15.04
C GLY J 211 -4.04 28.11 13.81
N LEU J 212 -4.61 28.52 12.68
CA LEU J 212 -3.85 28.69 11.45
C LEU J 212 -3.20 30.06 11.37
N GLY J 213 -1.91 30.11 11.10
CA GLY J 213 -1.20 31.37 11.01
C GLY J 213 -0.20 31.51 12.14
N ASN J 214 0.78 32.39 11.99
CA ASN J 214 1.79 32.60 13.02
C ASN J 214 1.47 33.81 13.87
N ASP J 215 0.30 34.37 13.65
CA ASP J 215 -0.18 35.54 14.35
C ASP J 215 -1.68 35.57 14.08
N SER J 216 -2.50 35.28 15.09
CA SER J 216 -3.94 35.31 14.87
C SER J 216 -4.59 36.47 15.60
N SER J 217 -4.11 37.68 15.32
CA SER J 217 -4.63 38.87 15.95
C SER J 217 -5.44 39.69 14.96
N TYR J 218 -5.48 39.23 13.70
CA TYR J 218 -6.23 39.91 12.66
C TYR J 218 -7.20 38.97 11.98
N THR J 219 -7.44 37.81 12.58
CA THR J 219 -8.35 36.87 11.94
C THR J 219 -9.76 36.86 12.49
N TRP J 220 -10.72 36.85 11.57
CA TRP J 220 -12.14 36.84 11.88
C TRP J 220 -12.68 35.49 11.46
N MSE J 221 -13.91 35.19 11.88
CA MSE J 221 -14.56 33.94 11.53
C MSE J 221 -15.83 34.27 10.76
O MSE J 221 -16.52 35.24 11.06
CB MSE J 221 -14.93 33.14 12.78
CG MSE J 221 -13.75 32.60 13.57
SE MSE J 221 -12.92 31.04 12.74
CE MSE J 221 -11.27 31.87 12.15
N LYS J 222 -16.11 33.47 9.74
CA LYS J 222 -17.31 33.62 8.94
C LYS J 222 -17.97 32.26 9.14
N LEU J 223 -18.97 32.21 10.02
CA LEU J 223 -19.63 30.96 10.35
C LEU J 223 -21.07 30.83 9.89
N PRO J 224 -21.57 29.59 9.79
CA PRO J 224 -22.95 29.34 9.38
C PRO J 224 -23.85 29.32 10.61
N VAL J 225 -25.06 29.84 10.48
CA VAL J 225 -25.99 29.85 11.61
C VAL J 225 -26.47 28.42 11.75
N VAL J 226 -26.06 27.78 12.84
CA VAL J 226 -26.39 26.38 13.09
C VAL J 226 -27.12 26.16 14.41
N GLU J 227 -27.53 24.91 14.62
CA GLU J 227 -28.23 24.50 15.84
C GLU J 227 -27.35 24.80 17.04
N GLU J 228 -27.94 25.24 18.16
CA GLU J 228 -27.20 25.55 19.39
C GLU J 228 -26.00 26.55 19.25
N MSE J 229 -26.26 27.72 18.64
CA MSE J 229 -25.29 28.80 18.28
C MSE J 229 -24.59 29.63 19.33
O MSE J 229 -23.80 30.54 19.01
CB MSE J 229 -25.98 29.82 17.41
CG MSE J 229 -25.88 29.55 15.91
SE MSE J 229 -24.08 29.56 15.26
CE MSE J 229 -23.98 31.39 14.67
N GLU J 230 -24.87 29.35 20.59
CA GLU J 230 -24.35 30.20 21.65
C GLU J 230 -23.28 29.36 22.30
N ARG J 231 -23.31 28.13 21.82
CA ARG J 231 -22.42 27.10 22.21
C ARG J 231 -21.32 27.07 21.17
N VAL J 232 -21.66 27.41 19.93
CA VAL J 232 -20.68 27.45 18.86
C VAL J 232 -19.84 28.69 19.13
N MSE J 233 -20.50 29.75 19.60
CA MSE J 233 -19.80 31.00 19.89
C MSE J 233 -18.87 30.91 21.10
O MSE J 233 -18.07 31.81 21.33
CB MSE J 233 -20.80 32.13 20.09
CG MSE J 233 -21.47 32.58 18.80
SE MSE J 233 -20.22 32.82 17.35
CE MSE J 233 -20.85 31.41 16.19
N GLU J 234 -18.99 29.84 21.88
CA GLU J 234 -18.12 29.66 23.02
C GLU J 234 -16.83 29.01 22.53
N SER J 235 -16.73 28.87 21.20
CA SER J 235 -15.58 28.27 20.54
C SER J 235 -14.43 29.25 20.36
N THR J 236 -14.75 30.52 20.13
CA THR J 236 -13.71 31.53 19.95
C THR J 236 -14.02 32.86 20.61
N THR J 237 -13.00 33.70 20.63
CA THR J 237 -13.06 35.02 21.20
C THR J 237 -12.93 35.97 20.04
N MSE J 238 -12.84 35.41 18.84
CA MSE J 238 -12.67 36.20 17.63
C MSE J 238 -13.93 36.79 17.03
O MSE J 238 -15.01 36.21 17.10
CB MSE J 238 -11.96 35.35 16.57
CG MSE J 238 -10.61 34.87 17.05
SE MSE J 238 -9.79 33.60 15.86
CE MSE J 238 -7.95 33.97 16.30
N PRO J 239 -13.80 37.99 16.41
CA PRO J 239 -14.93 38.65 15.78
C PRO J 239 -15.51 37.74 14.73
N THR J 240 -16.83 37.55 14.77
CA THR J 240 -17.51 36.66 13.85
C THR J 240 -18.58 37.32 12.99
N LEU J 241 -18.69 36.84 11.76
CA LEU J 241 -19.69 37.33 10.83
C LEU J 241 -20.47 36.10 10.37
N LEU J 242 -21.78 36.24 10.25
CA LEU J 242 -22.62 35.13 9.85
C LEU J 242 -22.86 35.07 8.35
N LEU J 243 -23.01 33.86 7.83
CA LEU J 243 -23.25 33.64 6.41
C LEU J 243 -24.62 33.01 6.21
N GLY J 244 -25.23 33.28 5.06
CA GLY J 244 -26.54 32.72 4.76
C GLY J 244 -26.39 31.82 3.55
N GLY J 245 -26.17 30.53 3.80
CA GLY J 245 -25.99 29.58 2.72
C GLY J 245 -27.10 29.40 1.70
N GLU J 246 -27.44 28.14 1.47
CA GLU J 246 -28.46 27.71 0.51
C GLU J 246 -29.68 28.62 0.36
N GLY J 247 -30.47 28.77 1.41
CA GLY J 247 -31.64 29.63 1.33
C GLY J 247 -32.85 29.12 2.10
N GLY J 248 -33.43 28.01 1.64
CA GLY J 248 -34.60 27.47 2.31
C GLY J 248 -35.90 27.94 1.69
N PRO J 251 -37.72 31.29 4.72
CA PRO J 251 -37.34 32.67 4.47
C PRO J 251 -37.45 33.55 5.71
N ASP J 252 -38.63 33.59 6.30
CA ASP J 252 -38.83 34.38 7.51
C ASP J 252 -38.07 33.67 8.62
N ALA J 253 -38.11 32.35 8.60
CA ALA J 253 -37.42 31.53 9.59
C ALA J 253 -35.92 31.81 9.53
N THR J 254 -35.41 31.98 8.31
CA THR J 254 -34.00 32.26 8.11
C THR J 254 -33.59 33.56 8.79
N PHE J 255 -34.33 34.63 8.51
CA PHE J 255 -34.05 35.93 9.11
C PHE J 255 -34.12 35.87 10.63
N ALA J 256 -35.03 35.05 11.15
CA ALA J 256 -35.19 34.90 12.59
C ALA J 256 -33.97 34.27 13.24
N SER J 257 -33.40 33.26 12.59
CA SER J 257 -32.22 32.59 13.14
C SER J 257 -31.03 33.54 13.17
N TRP J 258 -30.93 34.41 12.17
CA TRP J 258 -29.85 35.39 12.10
C TRP J 258 -30.01 36.38 13.25
N GLU J 259 -31.23 36.87 13.40
CA GLU J 259 -31.56 37.83 14.45
C GLU J 259 -31.13 37.30 15.82
N HIS J 260 -31.38 36.02 16.08
CA HIS J 260 -31.00 35.45 17.36
C HIS J 260 -29.49 35.35 17.50
N ALA J 261 -28.84 34.73 16.53
CA ALA J 261 -27.39 34.55 16.54
C ALA J 261 -26.69 35.91 16.63
N LEU J 262 -27.27 36.91 15.98
CA LEU J 262 -26.72 38.25 15.97
C LEU J 262 -26.55 38.85 17.37
N THR J 263 -27.23 38.27 18.35
CA THR J 263 -27.16 38.77 19.73
C THR J 263 -26.05 38.09 20.54
N LEU J 264 -25.53 36.99 20.02
CA LEU J 264 -24.48 36.23 20.70
C LEU J 264 -23.15 36.97 20.85
N PRO J 265 -22.39 36.64 21.90
CA PRO J 265 -21.10 37.25 22.21
C PRO J 265 -20.09 37.12 21.07
N GLY J 266 -19.53 38.24 20.64
CA GLY J 266 -18.54 38.20 19.58
C GLY J 266 -19.06 38.35 18.16
N VAL J 267 -20.35 38.11 17.95
CA VAL J 267 -20.91 38.24 16.60
C VAL J 267 -20.95 39.72 16.24
N ARG J 268 -20.35 40.06 15.11
CA ARG J 268 -20.26 41.44 14.66
C ARG J 268 -21.10 41.79 13.43
N GLY J 269 -21.82 40.83 12.89
CA GLY J 269 -22.63 41.14 11.71
C GLY J 269 -22.87 40.02 10.72
N LEU J 270 -23.10 40.42 9.47
CA LEU J 270 -23.40 39.48 8.39
C LEU J 270 -22.51 39.64 7.15
N THR J 271 -22.32 38.54 6.44
CA THR J 271 -21.58 38.48 5.19
C THR J 271 -22.35 37.44 4.40
N VAL J 272 -23.49 37.88 3.87
CA VAL J 272 -24.41 37.03 3.12
C VAL J 272 -24.43 37.35 1.63
N GLY J 273 -24.65 36.31 0.82
CA GLY J 273 -24.69 36.51 -0.62
C GLY J 273 -25.90 35.91 -1.31
N ARG J 274 -25.83 34.60 -1.59
CA ARG J 274 -26.90 33.88 -2.28
C ARG J 274 -28.33 34.30 -1.90
N THR J 275 -28.61 34.40 -0.61
CA THR J 275 -29.94 34.76 -0.12
C THR J 275 -30.43 36.19 -0.32
N LEU J 276 -29.55 37.17 -0.10
CA LEU J 276 -29.94 38.56 -0.26
C LEU J 276 -30.01 38.91 -1.74
N LEU J 277 -29.05 38.51 -2.50
CA LEU J 277 -28.93 38.79 -3.89
C LEU J 277 -29.64 37.61 -4.44
N TYR J 278 -30.34 37.67 -5.52
CA TYR J 278 -31.07 36.43 -5.77
C TYR J 278 -32.16 35.86 -4.80
N PRO J 279 -33.11 36.60 -4.34
CA PRO J 279 -34.08 36.09 -3.37
C PRO J 279 -35.16 35.25 -4.05
N GLN J 280 -35.93 34.52 -3.25
CA GLN J 280 -37.01 33.68 -3.75
C GLN J 280 -37.84 34.50 -4.73
N ASP J 281 -38.10 35.75 -4.36
CA ASP J 281 -38.84 36.68 -5.20
C ASP J 281 -37.87 37.71 -5.75
N GLY J 282 -38.32 38.47 -6.76
CA GLY J 282 -37.45 39.46 -7.37
C GLY J 282 -37.34 40.76 -6.58
N ASP J 283 -37.08 40.67 -5.29
CA ASP J 283 -36.95 41.87 -4.48
C ASP J 283 -35.63 41.88 -3.71
N VAL J 284 -34.60 42.39 -4.37
CA VAL J 284 -33.28 42.48 -3.77
C VAL J 284 -33.35 43.51 -2.67
N ALA J 285 -33.60 44.76 -3.06
CA ALA J 285 -33.70 45.88 -2.13
C ALA J 285 -34.52 45.52 -0.90
N ALA J 286 -35.54 44.69 -1.07
CA ALA J 286 -36.38 44.29 0.06
C ALA J 286 -35.62 43.38 1.01
N ALA J 287 -35.05 42.30 0.46
CA ALA J 287 -34.30 41.33 1.23
C ALA J 287 -33.07 41.96 1.90
N VAL J 288 -32.45 42.90 1.21
CA VAL J 288 -31.27 43.57 1.71
C VAL J 288 -31.62 44.56 2.82
N ASP J 289 -32.71 45.30 2.64
CA ASP J 289 -33.12 46.25 3.67
C ASP J 289 -33.55 45.53 4.95
N THR J 290 -34.04 44.31 4.79
CA THR J 290 -34.47 43.51 5.95
C THR J 290 -33.26 43.15 6.80
N ALA J 291 -32.24 42.58 6.17
CA ALA J 291 -31.02 42.19 6.85
C ALA J 291 -30.28 43.41 7.39
N ALA J 292 -30.24 44.46 6.57
CA ALA J 292 -29.56 45.68 6.96
C ALA J 292 -30.04 46.18 8.32
N ARG J 293 -31.36 46.20 8.51
CA ARG J 293 -31.94 46.66 9.76
C ARG J 293 -31.83 45.61 10.88
N LEU J 294 -31.35 44.42 10.52
CA LEU J 294 -31.18 43.34 11.46
C LEU J 294 -29.79 43.43 12.08
N VAL J 295 -28.90 44.12 11.38
CA VAL J 295 -27.53 44.32 11.82
C VAL J 295 -27.41 45.71 12.42
N HIS J 296 -27.93 46.71 11.72
CA HIS J 296 -27.91 48.09 12.16
C HIS J 296 -29.31 48.49 12.62
N THR J 297 -29.64 48.15 13.86
CA THR J 297 -30.95 48.46 14.42
C THR J 297 -31.20 49.96 14.61
N ASP J 298 -30.40 50.77 13.93
CA ASP J 298 -30.50 52.22 13.99
C ASP J 298 -30.40 52.78 15.41
N ILE J 299 -30.15 51.91 16.38
CA ILE J 299 -30.03 52.36 17.77
C ILE J 299 -28.60 52.84 18.05
#